data_8SMT
#
_entry.id   8SMT
#
_cell.length_a   143.190
_cell.length_b   154.430
_cell.length_c   165.250
_cell.angle_alpha   90.00
_cell.angle_beta   90.00
_cell.angle_gamma   90.00
#
_symmetry.space_group_name_H-M   'P 21 21 21'
#
loop_
_entity.id
_entity.type
_entity.pdbx_description
1 polymer 'WRAIR-2134 Fab heavy chain'
2 polymer 'WRAIR-2134 Fab light chain'
3 polymer 'Spike protein S1'
4 branched beta-D-mannopyranose-(1-4)-beta-D-mannopyranose-(1-4)-2-acetamido-2-deoxy-beta-D-glucopyranose
5 branched beta-D-mannopyranose-(1-4)-2-acetamido-2-deoxy-beta-D-glucopyranose-(1-4)-2-acetamido-2-deoxy-beta-D-glucopyranose
6 non-polymer 2-acetamido-2-deoxy-beta-D-glucopyranose
#
loop_
_entity_poly.entity_id
_entity_poly.type
_entity_poly.pdbx_seq_one_letter_code
_entity_poly.pdbx_strand_id
1 'polypeptide(L)'
;EVQLVESGGGVVQPGRSLRLSCAASGFIFSSYGMYWVRQAPGKGLEWVAVIWYDGSNKYYADSVKGRFTISRDNSKNTLY
LQMNSLRAEDTAVYYCARDLSSSSGWDDYYYYYGMDVWGQGTTVTVSSASTKGPSVFPLAPSSKSTSGGTAALGCLVKDY
FPEPVTVSWNSGALTSGVHTFPAVLQSSGLYSLSSVVTVPSSSLGTQTYICNVNHKPSNTKVDKRVEPKSC
;
A,D,H,I
2 'polypeptide(L)'
;SYELTQPPSVSVSPGQTASITCSGDKLGDKYACWYQQKPGQSPVLVIYQDSKRPSGIPERFSGSNSGNTATLTISGTQAM
DEADYYCQAWDSSTSYVVFGGGTKLTVLGQPKAAPSVTLFPPSSEELQANKATLVCLISDFYPGAVTVAWKADSSPVKAG
VETTTPSKQSNNKYAASSYLSLTPEQWKSHRSYSCQVTHEGSTVEKTVAPTECS
;
B,F,J,L
3 'polypeptide(L)'
;NITNLCPFGEVFNATRFASVYAWNRKRISNCVADYSVLYNSASFSTFKCYGVSPTKLNDLCFTNVYADSFVIRGDEVRQI
APGQTGKIADYNYKLPDDFTGCVIAWNSNNLDSKVGGNYNYLYRLFRKSNLKPFERDISTEIYQAGSTPCNGVEGFNCYF
PLQSYGFQPTNGVGYQPYRVVVLSFELLHAPATVCGPGSHHHHHH
;
C,E,G,K
#
loop_
_chem_comp.id
_chem_comp.type
_chem_comp.name
_chem_comp.formula
BMA D-saccharide, beta linking beta-D-mannopyranose 'C6 H12 O6'
NAG D-saccharide, beta linking 2-acetamido-2-deoxy-beta-D-glucopyranose 'C8 H15 N O6'
#
# COMPACT_ATOMS: atom_id res chain seq x y z
N GLU A 1 46.74 -34.27 -34.87
CA GLU A 1 46.31 -34.40 -33.48
C GLU A 1 45.00 -33.65 -33.20
N VAL A 2 44.01 -34.39 -32.69
CA VAL A 2 42.77 -33.78 -32.25
C VAL A 2 43.05 -32.93 -31.01
N GLN A 3 42.55 -31.70 -31.01
CA GLN A 3 42.90 -30.73 -29.99
C GLN A 3 41.75 -29.76 -29.76
N LEU A 4 41.40 -29.58 -28.49
CA LEU A 4 40.49 -28.55 -28.03
C LEU A 4 41.25 -27.63 -27.08
N VAL A 5 41.14 -26.32 -27.27
CA VAL A 5 41.85 -25.35 -26.44
C VAL A 5 40.87 -24.30 -25.95
N GLU A 6 40.61 -24.29 -24.65
CA GLU A 6 39.77 -23.26 -24.05
C GLU A 6 40.56 -21.99 -23.79
N SER A 7 39.86 -20.86 -23.84
CA SER A 7 40.46 -19.57 -23.52
C SER A 7 39.37 -18.60 -23.12
N GLY A 8 39.78 -17.54 -22.42
CA GLY A 8 38.92 -16.42 -22.09
C GLY A 8 38.49 -16.39 -20.65
N GLY A 9 38.88 -17.35 -19.84
CA GLY A 9 38.64 -17.28 -18.42
C GLY A 9 39.50 -16.23 -17.75
N GLY A 10 39.25 -16.05 -16.45
CA GLY A 10 39.95 -15.05 -15.68
C GLY A 10 39.18 -14.71 -14.43
N VAL A 11 39.60 -13.62 -13.81
CA VAL A 11 38.90 -13.07 -12.66
C VAL A 11 37.87 -12.06 -13.18
N VAL A 12 36.64 -12.14 -12.66
CA VAL A 12 35.56 -11.29 -13.12
C VAL A 12 34.62 -11.07 -11.94
N GLN A 13 33.99 -9.91 -11.92
CA GLN A 13 33.14 -9.48 -10.82
C GLN A 13 31.72 -10.03 -10.99
N PRO A 14 31.05 -10.41 -9.90
CA PRO A 14 29.69 -10.96 -10.04
C PRO A 14 28.72 -9.96 -10.67
N GLY A 15 27.70 -10.50 -11.32
CA GLY A 15 26.76 -9.69 -12.08
C GLY A 15 27.25 -9.25 -13.43
N ARG A 16 28.57 -9.25 -13.65
CA ARG A 16 29.18 -8.91 -14.93
C ARG A 16 29.05 -10.12 -15.86
N SER A 17 29.77 -10.11 -16.98
CA SER A 17 29.62 -11.16 -17.98
C SER A 17 30.95 -11.39 -18.69
N LEU A 18 31.02 -12.49 -19.43
CA LEU A 18 32.30 -13.04 -19.90
C LEU A 18 32.04 -14.04 -21.02
N ARG A 19 32.94 -14.08 -22.01
CA ARG A 19 32.74 -14.94 -23.18
C ARG A 19 33.93 -15.88 -23.34
N LEU A 20 33.69 -17.18 -23.21
CA LEU A 20 34.70 -18.22 -23.35
C LEU A 20 34.73 -18.74 -24.78
N SER A 21 35.93 -19.09 -25.23
CA SER A 21 36.15 -19.70 -26.53
C SER A 21 36.79 -21.08 -26.38
N CYS A 22 36.53 -21.93 -27.37
CA CYS A 22 37.14 -23.25 -27.46
C CYS A 22 37.52 -23.45 -28.91
N ALA A 23 38.81 -23.61 -29.17
CA ALA A 23 39.35 -23.75 -30.51
C ALA A 23 39.63 -25.21 -30.80
N ALA A 24 39.01 -25.74 -31.85
CA ALA A 24 39.19 -27.11 -32.27
C ALA A 24 40.17 -27.20 -33.43
N SER A 25 40.91 -28.29 -33.48
CA SER A 25 41.84 -28.52 -34.59
C SER A 25 42.10 -30.02 -34.70
N GLY A 26 42.27 -30.49 -35.94
CA GLY A 26 42.61 -31.87 -36.18
C GLY A 26 41.43 -32.81 -36.35
N PHE A 27 40.22 -32.29 -36.52
CA PHE A 27 39.07 -33.11 -36.85
C PHE A 27 38.02 -32.22 -37.50
N ILE A 28 37.06 -32.84 -38.19
CA ILE A 28 36.06 -32.06 -38.89
C ILE A 28 35.04 -31.54 -37.88
N PHE A 29 35.35 -30.38 -37.32
CA PHE A 29 34.58 -29.78 -36.23
C PHE A 29 33.11 -29.68 -36.56
N SER A 30 32.78 -29.30 -37.80
CA SER A 30 31.40 -29.02 -38.19
C SER A 30 30.49 -30.24 -38.12
N SER A 31 31.05 -31.41 -37.80
CA SER A 31 30.31 -32.67 -37.85
C SER A 31 30.14 -33.32 -36.47
N TYR A 32 30.29 -32.56 -35.39
CA TYR A 32 30.25 -33.14 -34.05
C TYR A 32 29.44 -32.25 -33.12
N GLY A 33 28.54 -32.86 -32.35
CA GLY A 33 27.99 -32.20 -31.18
C GLY A 33 29.08 -31.78 -30.20
N MET A 34 28.88 -30.62 -29.56
CA MET A 34 29.87 -30.08 -28.63
C MET A 34 29.22 -29.78 -27.27
N TYR A 35 30.03 -29.87 -26.22
CA TYR A 35 29.61 -29.72 -24.83
C TYR A 35 30.43 -28.66 -24.11
N TRP A 36 29.78 -27.98 -23.17
CA TRP A 36 30.45 -27.27 -22.09
C TRP A 36 30.13 -27.97 -20.76
N VAL A 37 31.19 -28.28 -20.00
CA VAL A 37 31.10 -28.95 -18.70
C VAL A 37 32.02 -28.22 -17.73
N ARG A 38 31.57 -27.97 -16.51
CA ARG A 38 32.40 -27.26 -15.56
C ARG A 38 32.65 -28.07 -14.29
N GLN A 39 33.66 -27.64 -13.54
CA GLN A 39 34.06 -28.29 -12.29
C GLN A 39 34.47 -27.19 -11.32
N ALA A 40 33.65 -26.95 -10.30
CA ALA A 40 34.02 -26.06 -9.22
C ALA A 40 35.16 -26.67 -8.41
N PRO A 41 35.94 -25.86 -7.70
CA PRO A 41 37.08 -26.41 -6.94
C PRO A 41 36.61 -27.43 -5.91
N GLY A 42 37.20 -28.63 -5.99
CA GLY A 42 36.90 -29.71 -5.07
C GLY A 42 35.54 -30.35 -5.23
N LYS A 43 34.79 -29.99 -6.27
CA LYS A 43 33.51 -30.60 -6.56
C LYS A 43 33.62 -31.52 -7.78
N GLY A 44 32.48 -32.06 -8.19
CA GLY A 44 32.42 -32.96 -9.33
C GLY A 44 32.20 -32.23 -10.64
N LEU A 45 32.03 -33.02 -11.69
CA LEU A 45 31.77 -32.47 -13.02
C LEU A 45 30.30 -32.09 -13.13
N GLU A 46 30.05 -30.86 -13.58
CA GLU A 46 28.69 -30.37 -13.79
C GLU A 46 28.49 -30.10 -15.27
N TRP A 47 27.48 -30.73 -15.85
CA TRP A 47 27.11 -30.40 -17.23
C TRP A 47 26.57 -28.97 -17.29
N VAL A 48 26.98 -28.24 -18.32
CA VAL A 48 26.55 -26.86 -18.52
C VAL A 48 25.68 -26.71 -19.76
N ALA A 49 26.19 -27.13 -20.91
CA ALA A 49 25.39 -26.97 -22.13
C ALA A 49 25.87 -27.93 -23.21
N VAL A 50 25.04 -28.06 -24.25
CA VAL A 50 25.36 -28.91 -25.40
C VAL A 50 24.70 -28.31 -26.63
N ILE A 51 25.37 -28.47 -27.77
CA ILE A 51 24.94 -27.90 -29.05
C ILE A 51 25.17 -28.91 -30.17
N TRP A 52 24.25 -28.94 -31.12
CA TRP A 52 24.30 -29.87 -32.25
C TRP A 52 25.44 -29.50 -33.20
N TYR A 53 25.81 -30.47 -34.04
CA TYR A 53 26.92 -30.30 -34.98
C TYR A 53 26.79 -29.06 -35.83
N ASP A 54 25.56 -28.58 -36.06
CA ASP A 54 25.33 -27.41 -36.89
C ASP A 54 24.80 -26.21 -36.11
N GLY A 55 24.66 -26.32 -34.79
CA GLY A 55 24.15 -25.23 -33.98
C GLY A 55 22.64 -25.10 -33.97
N SER A 56 21.92 -26.04 -34.57
CA SER A 56 20.47 -25.94 -34.65
C SER A 56 19.83 -26.08 -33.28
N ASN A 57 20.22 -27.10 -32.52
CA ASN A 57 19.61 -27.40 -31.24
C ASN A 57 20.59 -27.15 -30.12
N LYS A 58 20.11 -26.52 -29.05
CA LYS A 58 20.93 -26.16 -27.89
C LYS A 58 20.18 -26.55 -26.63
N TYR A 59 20.89 -27.19 -25.70
CA TYR A 59 20.30 -27.58 -24.43
C TYR A 59 21.19 -27.11 -23.29
N TYR A 60 20.56 -26.62 -22.21
CA TYR A 60 21.26 -26.05 -21.08
C TYR A 60 20.85 -26.73 -19.79
N ALA A 61 21.76 -26.72 -18.82
CA ALA A 61 21.42 -27.14 -17.47
C ALA A 61 20.59 -26.06 -16.78
N ASP A 62 19.73 -26.51 -15.86
CA ASP A 62 18.82 -25.58 -15.17
C ASP A 62 19.57 -24.48 -14.44
N SER A 63 20.73 -24.80 -13.86
CA SER A 63 21.47 -23.81 -13.08
C SER A 63 21.87 -22.59 -13.92
N VAL A 64 22.00 -22.75 -15.23
CA VAL A 64 22.44 -21.68 -16.12
C VAL A 64 21.38 -21.28 -17.14
N LYS A 65 20.19 -21.90 -17.11
CA LYS A 65 19.15 -21.56 -18.07
C LYS A 65 18.81 -20.08 -18.03
N GLY A 66 18.73 -19.46 -19.20
CA GLY A 66 18.43 -18.05 -19.31
C GLY A 66 19.60 -17.12 -19.12
N ARG A 67 20.68 -17.58 -18.49
CA ARG A 67 21.85 -16.76 -18.24
C ARG A 67 22.99 -17.01 -19.23
N PHE A 68 23.18 -18.26 -19.65
CA PHE A 68 24.26 -18.63 -20.55
C PHE A 68 23.73 -18.87 -21.96
N THR A 69 24.61 -18.72 -22.94
CA THR A 69 24.29 -18.94 -24.34
C THR A 69 25.42 -19.73 -24.98
N ILE A 70 25.12 -20.88 -25.57
CA ILE A 70 26.11 -21.68 -26.29
C ILE A 70 25.98 -21.40 -27.78
N SER A 71 27.11 -21.34 -28.47
CA SER A 71 27.07 -21.10 -29.91
C SER A 71 28.33 -21.65 -30.54
N ARG A 72 28.33 -21.78 -31.87
CA ARG A 72 29.51 -22.23 -32.57
C ARG A 72 29.65 -21.54 -33.91
N ASP A 73 30.90 -21.27 -34.30
CA ASP A 73 31.23 -20.83 -35.64
C ASP A 73 31.93 -22.02 -36.30
N ASN A 74 31.18 -22.71 -37.18
CA ASN A 74 31.72 -23.88 -37.86
C ASN A 74 32.77 -23.51 -38.90
N SER A 75 32.66 -22.31 -39.49
CA SER A 75 33.67 -21.87 -40.44
C SER A 75 35.01 -21.63 -39.76
N LYS A 76 34.99 -21.18 -38.51
CA LYS A 76 36.20 -20.82 -37.78
C LYS A 76 36.61 -21.88 -36.77
N ASN A 77 35.96 -23.04 -36.76
CA ASN A 77 36.32 -24.16 -35.89
C ASN A 77 36.23 -23.79 -34.40
N THR A 78 35.19 -23.04 -34.02
CA THR A 78 35.18 -22.48 -32.67
C THR A 78 33.85 -22.70 -31.97
N LEU A 79 33.93 -22.97 -30.67
CA LEU A 79 32.76 -23.06 -29.78
C LEU A 79 32.82 -21.91 -28.77
N TYR A 80 31.68 -21.26 -28.54
CA TYR A 80 31.60 -20.14 -27.61
C TYR A 80 30.59 -20.42 -26.51
N LEU A 81 30.92 -19.93 -25.31
CA LEU A 81 29.97 -19.84 -24.21
C LEU A 81 29.89 -18.39 -23.73
N GLN A 82 28.75 -17.76 -23.93
CA GLN A 82 28.46 -16.43 -23.40
C GLN A 82 27.83 -16.57 -22.01
N MET A 83 28.59 -16.19 -20.97
CA MET A 83 28.12 -16.25 -19.60
C MET A 83 27.69 -14.85 -19.16
N ASN A 84 26.42 -14.69 -18.84
CA ASN A 84 25.87 -13.42 -18.38
C ASN A 84 25.34 -13.56 -16.97
N SER A 85 25.30 -12.43 -16.25
CA SER A 85 24.79 -12.36 -14.88
C SER A 85 25.51 -13.37 -13.99
N LEU A 86 26.84 -13.33 -14.06
CA LEU A 86 27.66 -14.30 -13.34
C LEU A 86 27.42 -14.23 -11.84
N ARG A 87 27.08 -15.37 -11.25
CA ARG A 87 26.99 -15.50 -9.80
C ARG A 87 28.30 -16.05 -9.26
N ALA A 88 28.44 -16.05 -7.93
CA ALA A 88 29.67 -16.54 -7.33
C ALA A 88 29.82 -18.05 -7.51
N GLU A 89 28.71 -18.79 -7.45
CA GLU A 89 28.74 -20.24 -7.59
C GLU A 89 29.04 -20.69 -9.01
N ASP A 90 29.32 -19.75 -9.92
CA ASP A 90 29.80 -20.09 -11.26
C ASP A 90 31.31 -20.28 -11.30
N THR A 91 32.04 -19.89 -10.25
CA THR A 91 33.48 -20.08 -10.20
C THR A 91 33.81 -21.55 -10.43
N ALA A 92 34.64 -21.82 -11.44
CA ALA A 92 34.93 -23.20 -11.81
C ALA A 92 35.91 -23.22 -12.98
N VAL A 93 36.47 -24.39 -13.23
CA VAL A 93 37.13 -24.67 -14.50
C VAL A 93 36.07 -25.07 -15.52
N TYR A 94 36.13 -24.48 -16.70
CA TYR A 94 35.20 -24.73 -17.78
C TYR A 94 35.93 -25.49 -18.88
N TYR A 95 35.44 -26.69 -19.18
CA TYR A 95 35.95 -27.55 -20.23
C TYR A 95 34.98 -27.53 -21.41
N CYS A 96 35.53 -27.48 -22.62
CA CYS A 96 34.77 -27.88 -23.78
C CYS A 96 35.11 -29.32 -24.13
N ALA A 97 34.12 -30.02 -24.71
CA ALA A 97 34.28 -31.44 -24.97
C ALA A 97 33.52 -31.81 -26.23
N ARG A 98 34.05 -32.79 -26.95
CA ARG A 98 33.45 -33.22 -28.20
C ARG A 98 32.79 -34.58 -28.02
N ASP A 99 31.61 -34.76 -28.62
CA ASP A 99 30.97 -36.05 -28.64
C ASP A 99 31.62 -36.95 -29.67
N LEU A 100 31.67 -38.25 -29.37
CA LEU A 100 32.38 -39.17 -30.25
C LEU A 100 31.62 -39.51 -31.51
N SER A 101 30.34 -39.17 -31.60
CA SER A 101 29.53 -39.46 -32.77
C SER A 101 29.54 -38.28 -33.72
N SER A 102 29.54 -38.57 -35.01
CA SER A 102 29.60 -37.53 -36.03
C SER A 102 28.46 -37.71 -37.00
N SER A 103 27.86 -36.58 -37.43
CA SER A 103 26.80 -36.63 -38.41
C SER A 103 27.40 -36.58 -39.80
N SER A 104 26.87 -37.41 -40.71
CA SER A 104 27.32 -37.37 -42.08
C SER A 104 26.78 -36.17 -42.83
N GLY A 105 25.76 -35.50 -42.29
CA GLY A 105 25.17 -34.33 -42.92
C GLY A 105 23.84 -34.53 -43.59
N TRP A 106 23.34 -35.76 -43.73
CA TRP A 106 22.26 -35.95 -44.70
C TRP A 106 20.83 -35.87 -44.15
N ASP A 107 20.55 -36.08 -42.86
CA ASP A 107 19.14 -36.08 -42.46
C ASP A 107 18.84 -35.73 -40.99
N ASP A 108 19.36 -34.60 -40.49
CA ASP A 108 18.98 -34.07 -39.16
C ASP A 108 18.92 -35.13 -38.04
N TYR A 109 19.70 -36.20 -38.10
CA TYR A 109 19.68 -37.21 -37.05
C TYR A 109 20.97 -37.15 -36.25
N TYR A 110 20.86 -37.16 -34.92
CA TYR A 110 22.08 -37.18 -34.08
C TYR A 110 21.83 -37.89 -32.74
N TYR A 111 22.67 -38.85 -32.40
CA TYR A 111 22.60 -39.54 -31.12
C TYR A 111 23.89 -39.29 -30.37
N TYR A 112 23.78 -38.76 -29.16
CA TYR A 112 24.94 -38.45 -28.34
C TYR A 112 25.42 -39.68 -27.58
N TYR A 113 26.69 -40.02 -27.79
CA TYR A 113 27.36 -41.06 -27.02
C TYR A 113 28.38 -40.34 -26.13
N GLY A 114 29.45 -41.02 -25.73
CA GLY A 114 30.39 -40.42 -24.81
C GLY A 114 31.14 -39.21 -25.34
N MET A 115 31.70 -38.42 -24.42
CA MET A 115 32.47 -37.22 -24.78
C MET A 115 33.92 -37.69 -24.74
N ASP A 116 34.50 -37.93 -25.91
CA ASP A 116 35.81 -38.58 -25.99
C ASP A 116 36.98 -37.59 -26.04
N VAL A 117 36.75 -36.35 -26.43
CA VAL A 117 37.80 -35.33 -26.47
C VAL A 117 37.47 -34.23 -25.47
N TRP A 118 38.46 -33.85 -24.68
CA TRP A 118 38.33 -32.78 -23.71
C TRP A 118 39.47 -31.79 -23.87
N GLY A 119 39.16 -30.50 -23.74
CA GLY A 119 40.19 -29.50 -23.61
C GLY A 119 40.87 -29.59 -22.25
N GLN A 120 41.83 -28.68 -22.06
CA GLN A 120 42.55 -28.65 -20.79
C GLN A 120 41.84 -27.78 -19.75
N GLY A 121 40.88 -26.97 -20.15
CA GLY A 121 40.07 -26.18 -19.24
C GLY A 121 40.51 -24.72 -19.21
N THR A 122 39.57 -23.86 -18.84
CA THR A 122 39.87 -22.46 -18.56
C THR A 122 39.18 -22.06 -17.27
N THR A 123 39.88 -21.33 -16.42
CA THR A 123 39.42 -21.09 -15.05
C THR A 123 38.71 -19.75 -14.96
N VAL A 124 37.53 -19.73 -14.35
CA VAL A 124 36.73 -18.53 -14.19
C VAL A 124 36.47 -18.35 -12.71
N THR A 125 37.08 -17.32 -12.11
CA THR A 125 36.85 -16.94 -10.73
C THR A 125 35.98 -15.69 -10.70
N VAL A 126 34.82 -15.78 -10.08
CA VAL A 126 33.88 -14.67 -10.00
C VAL A 126 33.81 -14.25 -8.54
N SER A 127 34.57 -13.21 -8.20
CA SER A 127 34.67 -12.67 -6.84
C SER A 127 34.46 -11.16 -6.87
N SER A 128 34.03 -10.63 -5.72
CA SER A 128 33.79 -9.19 -5.58
C SER A 128 35.09 -8.47 -5.22
N ALA A 129 35.88 -8.16 -6.25
CA ALA A 129 37.08 -7.33 -6.14
C ALA A 129 38.05 -7.66 -5.00
N SER A 130 38.65 -6.61 -4.43
CA SER A 130 39.55 -6.69 -3.26
C SER A 130 40.88 -7.37 -3.60
N THR A 131 41.50 -6.94 -4.71
CA THR A 131 42.76 -7.53 -5.17
C THR A 131 43.91 -6.95 -4.35
N LYS A 132 44.30 -7.66 -3.29
CA LYS A 132 45.34 -7.23 -2.39
C LYS A 132 46.46 -8.26 -2.27
N GLY A 133 47.62 -7.79 -1.84
CA GLY A 133 48.74 -8.65 -1.58
C GLY A 133 48.69 -9.16 -0.16
N PRO A 134 49.41 -10.25 0.12
CA PRO A 134 49.27 -10.91 1.42
C PRO A 134 50.14 -10.32 2.51
N SER A 135 49.75 -10.63 3.75
CA SER A 135 50.58 -10.36 4.92
C SER A 135 51.21 -11.67 5.37
N VAL A 136 52.53 -11.68 5.50
CA VAL A 136 53.29 -12.90 5.79
C VAL A 136 53.77 -12.83 7.24
N PHE A 137 53.36 -13.82 8.03
CA PHE A 137 53.78 -13.94 9.42
C PHE A 137 54.56 -15.22 9.64
N PRO A 138 55.58 -15.21 10.50
CA PRO A 138 56.38 -16.42 10.71
C PRO A 138 55.74 -17.34 11.74
N LEU A 139 55.86 -18.66 11.49
CA LEU A 139 55.44 -19.71 12.41
C LEU A 139 56.73 -20.28 13.01
N ALA A 140 57.11 -19.76 14.16
CA ALA A 140 58.35 -20.14 14.81
C ALA A 140 58.30 -21.59 15.30
N PRO A 141 59.43 -22.29 15.34
CA PRO A 141 59.47 -23.63 15.92
C PRO A 141 59.52 -23.56 17.44
N SER A 142 58.60 -24.28 18.09
CA SER A 142 58.39 -24.17 19.53
C SER A 142 59.27 -25.17 20.28
N SER A 143 59.09 -25.25 21.60
CA SER A 143 59.88 -26.14 22.44
C SER A 143 59.44 -27.59 22.36
N LYS A 144 58.21 -27.86 21.91
CA LYS A 144 57.78 -29.23 21.71
C LYS A 144 58.10 -29.76 20.31
N SER A 145 58.40 -28.86 19.38
CA SER A 145 59.06 -29.29 18.15
C SER A 145 60.52 -29.68 18.42
N THR A 146 61.14 -29.05 19.42
CA THR A 146 62.56 -29.23 19.70
C THR A 146 62.91 -30.62 20.23
N SER A 147 61.95 -31.36 20.80
CA SER A 147 62.28 -32.55 21.56
C SER A 147 62.06 -33.85 20.80
N GLY A 148 61.48 -33.81 19.61
CA GLY A 148 61.59 -34.93 18.70
C GLY A 148 62.99 -35.01 18.11
N GLY A 149 63.12 -35.91 17.14
CA GLY A 149 64.31 -35.89 16.30
C GLY A 149 64.47 -34.56 15.58
N THR A 150 63.38 -34.05 15.02
CA THR A 150 63.38 -32.85 14.18
C THR A 150 62.25 -31.92 14.62
N ALA A 151 62.15 -30.76 13.96
CA ALA A 151 61.23 -29.71 14.38
C ALA A 151 60.64 -29.03 13.15
N ALA A 152 59.46 -28.44 13.31
CA ALA A 152 58.73 -27.83 12.20
C ALA A 152 58.75 -26.31 12.31
N LEU A 153 58.83 -25.64 11.16
CA LEU A 153 58.69 -24.18 11.13
C LEU A 153 58.06 -23.76 9.82
N GLY A 154 57.48 -22.54 9.80
CA GLY A 154 56.72 -22.21 8.60
C GLY A 154 56.44 -20.73 8.39
N CYS A 155 55.66 -20.48 7.33
CA CYS A 155 55.18 -19.15 6.98
C CYS A 155 53.66 -19.20 6.78
N LEU A 156 52.95 -18.29 7.45
CA LEU A 156 51.54 -18.03 7.19
C LEU A 156 51.40 -16.87 6.20
N VAL A 157 50.76 -17.13 5.07
CA VAL A 157 50.53 -16.11 4.05
C VAL A 157 49.04 -15.82 4.05
N LYS A 158 48.64 -14.69 4.65
CA LYS A 158 47.23 -14.43 4.95
C LYS A 158 46.65 -13.30 4.10
N ASP A 159 45.37 -13.47 3.74
CA ASP A 159 44.50 -12.42 3.22
C ASP A 159 44.98 -11.76 1.91
N TYR A 160 44.96 -12.57 0.83
CA TYR A 160 45.35 -12.08 -0.52
C TYR A 160 44.32 -12.58 -1.54
N PHE A 161 43.54 -11.67 -2.14
CA PHE A 161 42.45 -12.10 -3.06
C PHE A 161 42.91 -12.81 -4.34
N PRO A 162 43.98 -12.40 -5.06
CA PRO A 162 44.38 -13.14 -6.26
C PRO A 162 44.90 -14.52 -5.88
N GLU A 163 44.14 -15.58 -6.17
CA GLU A 163 44.52 -16.97 -5.79
C GLU A 163 46.00 -17.26 -6.05
N PRO A 164 46.61 -16.97 -7.22
CA PRO A 164 48.02 -17.36 -7.47
C PRO A 164 49.09 -16.76 -6.54
N VAL A 165 49.68 -17.59 -5.66
CA VAL A 165 50.81 -17.12 -4.79
C VAL A 165 51.96 -18.13 -4.87
N THR A 166 53.22 -17.66 -4.80
CA THR A 166 54.40 -18.55 -4.92
C THR A 166 55.26 -18.48 -3.65
N VAL A 167 55.67 -19.62 -3.10
CA VAL A 167 56.43 -19.60 -1.81
C VAL A 167 57.64 -20.54 -1.85
N SER A 168 58.86 -19.99 -1.81
CA SER A 168 60.09 -20.76 -1.73
C SER A 168 60.78 -20.52 -0.39
N TRP A 169 61.89 -21.21 -0.18
CA TRP A 169 62.67 -21.08 1.04
C TRP A 169 64.14 -20.89 0.68
N ASN A 170 64.75 -19.86 1.26
CA ASN A 170 66.16 -19.56 1.04
C ASN A 170 66.47 -19.46 -0.45
N SER A 171 65.63 -18.72 -1.16
CA SER A 171 65.77 -18.57 -2.61
C SER A 171 65.88 -19.92 -3.32
N GLY A 172 65.07 -20.88 -2.87
CA GLY A 172 65.03 -22.18 -3.50
C GLY A 172 66.09 -23.14 -3.03
N ALA A 173 67.06 -22.67 -2.23
CA ALA A 173 68.12 -23.56 -1.74
C ALA A 173 67.54 -24.66 -0.85
N LEU A 174 66.47 -24.38 -0.12
CA LEU A 174 65.87 -25.33 0.80
C LEU A 174 64.66 -25.93 0.10
N THR A 175 64.71 -27.24 -0.17
CA THR A 175 63.68 -27.90 -0.96
C THR A 175 63.04 -29.08 -0.25
N SER A 176 63.82 -29.95 0.38
CA SER A 176 63.30 -31.17 0.99
C SER A 176 62.75 -30.89 2.38
N GLY A 177 61.68 -31.59 2.74
CA GLY A 177 60.98 -31.35 3.97
C GLY A 177 59.93 -30.27 3.88
N VAL A 178 59.72 -29.71 2.70
CA VAL A 178 58.88 -28.54 2.49
C VAL A 178 57.56 -28.99 1.88
N HIS A 179 56.46 -28.69 2.56
CA HIS A 179 55.13 -28.75 1.97
C HIS A 179 54.48 -27.38 2.02
N THR A 180 54.10 -26.86 0.86
CA THR A 180 53.27 -25.68 0.77
C THR A 180 51.84 -26.12 0.50
N PHE A 181 50.90 -25.61 1.27
CA PHE A 181 49.54 -26.11 1.24
C PHE A 181 48.70 -25.39 0.20
N PRO A 182 47.62 -26.03 -0.28
CA PRO A 182 46.60 -25.28 -1.01
C PRO A 182 45.99 -24.21 -0.12
N ALA A 183 45.44 -23.19 -0.76
CA ALA A 183 44.88 -22.07 -0.02
C ALA A 183 43.45 -22.39 0.42
N VAL A 184 43.04 -21.76 1.51
CA VAL A 184 41.64 -21.72 1.89
C VAL A 184 41.04 -20.43 1.36
N LEU A 185 39.81 -20.51 0.87
CA LEU A 185 39.04 -19.32 0.53
C LEU A 185 38.20 -18.94 1.73
N GLN A 186 38.59 -17.87 2.41
CA GLN A 186 37.83 -17.42 3.56
C GLN A 186 36.50 -16.82 3.07
N SER A 187 35.49 -16.84 3.95
CA SER A 187 34.22 -16.20 3.61
C SER A 187 34.40 -14.72 3.33
N SER A 188 35.48 -14.12 3.81
CA SER A 188 35.82 -12.75 3.46
C SER A 188 36.04 -12.57 1.96
N GLY A 189 36.27 -13.66 1.23
CA GLY A 189 36.58 -13.60 -0.18
C GLY A 189 38.06 -13.61 -0.49
N LEU A 190 38.92 -13.53 0.51
CA LEU A 190 40.36 -13.51 0.35
C LEU A 190 40.94 -14.90 0.62
N TYR A 191 42.07 -15.19 -0.02
CA TYR A 191 42.74 -16.47 0.14
C TYR A 191 43.82 -16.40 1.22
N SER A 192 44.23 -17.58 1.69
CA SER A 192 45.20 -17.68 2.77
C SER A 192 45.77 -19.10 2.76
N LEU A 193 47.09 -19.21 2.97
CA LEU A 193 47.73 -20.53 2.95
C LEU A 193 48.92 -20.53 3.90
N SER A 194 49.53 -21.71 4.03
CA SER A 194 50.73 -21.89 4.84
C SER A 194 51.75 -22.73 4.08
N SER A 195 53.03 -22.43 4.32
CA SER A 195 54.13 -23.27 3.89
C SER A 195 54.90 -23.73 5.12
N VAL A 196 55.36 -24.98 5.14
CA VAL A 196 56.05 -25.52 6.30
C VAL A 196 57.24 -26.38 5.87
N VAL A 197 58.26 -26.41 6.71
CA VAL A 197 59.45 -27.23 6.49
C VAL A 197 59.82 -27.91 7.80
N THR A 198 60.02 -29.22 7.74
CA THR A 198 60.63 -29.99 8.82
C THR A 198 62.14 -29.92 8.71
N VAL A 199 62.81 -29.81 9.85
CA VAL A 199 64.20 -29.37 9.86
C VAL A 199 64.89 -29.84 11.15
N PRO A 200 66.17 -30.22 11.10
CA PRO A 200 66.84 -30.68 12.32
C PRO A 200 66.78 -29.68 13.47
N SER A 201 66.44 -30.19 14.67
CA SER A 201 66.35 -29.34 15.85
C SER A 201 67.65 -28.59 16.13
N SER A 202 68.79 -29.26 15.99
CA SER A 202 70.07 -28.68 16.36
C SER A 202 70.57 -27.64 15.36
N SER A 203 69.94 -27.52 14.20
CA SER A 203 70.34 -26.54 13.19
C SER A 203 69.66 -25.20 13.38
N LEU A 204 68.81 -25.06 14.40
CA LEU A 204 68.08 -23.80 14.59
C LEU A 204 68.99 -22.67 15.03
N GLY A 205 70.18 -22.98 15.55
CA GLY A 205 71.15 -21.96 15.87
C GLY A 205 71.98 -21.56 14.68
N THR A 206 72.45 -22.54 13.90
CA THR A 206 73.37 -22.26 12.81
C THR A 206 72.64 -21.80 11.55
N GLN A 207 71.76 -22.64 11.00
CA GLN A 207 71.22 -22.42 9.68
C GLN A 207 70.05 -21.45 9.73
N THR A 208 70.12 -20.38 8.95
CA THR A 208 69.03 -19.42 8.85
C THR A 208 67.95 -19.93 7.89
N TYR A 209 66.70 -19.56 8.20
CA TYR A 209 65.55 -19.96 7.39
C TYR A 209 64.71 -18.74 7.05
N ILE A 210 64.66 -18.38 5.77
CA ILE A 210 63.81 -17.31 5.26
C ILE A 210 62.84 -17.89 4.26
N CYS A 211 61.58 -17.47 4.33
CA CYS A 211 60.60 -17.84 3.31
C CYS A 211 60.37 -16.65 2.39
N ASN A 212 60.35 -16.93 1.09
CA ASN A 212 60.16 -15.94 0.05
C ASN A 212 58.78 -16.12 -0.56
N VAL A 213 57.99 -15.05 -0.55
CA VAL A 213 56.59 -15.07 -1.00
C VAL A 213 56.46 -14.09 -2.15
N ASN A 214 55.95 -14.58 -3.29
CA ASN A 214 55.75 -13.78 -4.49
C ASN A 214 54.27 -13.85 -4.86
N HIS A 215 53.59 -12.70 -4.78
CA HIS A 215 52.23 -12.54 -5.27
C HIS A 215 52.32 -11.60 -6.46
N LYS A 216 52.46 -12.19 -7.65
CA LYS A 216 52.59 -11.46 -8.91
C LYS A 216 51.48 -10.43 -9.15
N PRO A 217 50.19 -10.81 -9.08
CA PRO A 217 49.14 -9.86 -9.47
C PRO A 217 49.13 -8.54 -8.70
N SER A 218 49.56 -8.55 -7.44
CA SER A 218 49.68 -7.32 -6.67
C SER A 218 51.10 -6.79 -6.68
N ASN A 219 51.99 -7.44 -7.43
CA ASN A 219 53.41 -7.09 -7.49
C ASN A 219 54.02 -7.02 -6.10
N THR A 220 53.71 -8.04 -5.30
CA THR A 220 54.18 -8.13 -3.93
C THR A 220 55.28 -9.19 -3.84
N LYS A 221 56.36 -8.84 -3.14
CA LYS A 221 57.41 -9.79 -2.81
C LYS A 221 57.86 -9.54 -1.38
N VAL A 222 57.90 -10.61 -0.58
CA VAL A 222 58.19 -10.50 0.85
C VAL A 222 59.11 -11.63 1.26
N ASP A 223 60.22 -11.29 1.92
CA ASP A 223 61.06 -12.27 2.58
C ASP A 223 60.87 -12.15 4.08
N LYS A 224 60.71 -13.28 4.75
CA LYS A 224 60.47 -13.27 6.19
C LYS A 224 61.33 -14.34 6.83
N ARG A 225 62.20 -13.93 7.76
CA ARG A 225 63.04 -14.85 8.50
C ARG A 225 62.26 -15.44 9.66
N VAL A 226 62.35 -16.75 9.82
CA VAL A 226 61.63 -17.48 10.85
C VAL A 226 62.63 -17.83 11.96
N GLU A 227 62.65 -17.02 13.03
CA GLU A 227 63.49 -17.33 14.18
C GLU A 227 62.68 -18.07 15.24
N PRO A 228 63.34 -18.71 16.19
CA PRO A 228 62.61 -19.36 17.29
C PRO A 228 62.35 -18.48 18.49
N LYS A 229 62.25 -17.16 18.30
CA LYS A 229 62.05 -16.22 19.40
C LYS A 229 60.97 -16.65 20.40
N TYR B 2 16.18 -35.98 -12.57
CA TYR B 2 16.91 -37.22 -12.80
C TYR B 2 18.30 -37.13 -12.18
N GLU B 3 18.67 -38.13 -11.39
CA GLU B 3 19.95 -38.13 -10.69
C GLU B 3 20.66 -39.47 -10.81
N LEU B 4 21.98 -39.42 -11.00
CA LEU B 4 22.82 -40.60 -11.02
C LEU B 4 23.67 -40.58 -9.76
N THR B 5 23.63 -41.67 -9.00
CA THR B 5 24.18 -41.68 -7.65
C THR B 5 25.23 -42.78 -7.53
N GLN B 6 26.43 -42.39 -7.12
CA GLN B 6 27.63 -43.22 -7.07
C GLN B 6 28.09 -43.41 -5.64
N PRO B 7 28.87 -44.46 -5.37
CA PRO B 7 29.55 -44.55 -4.08
C PRO B 7 30.58 -43.44 -3.95
N PRO B 8 30.68 -42.79 -2.78
CA PRO B 8 31.63 -41.67 -2.68
C PRO B 8 33.08 -42.10 -2.80
N SER B 9 33.45 -43.23 -2.21
CA SER B 9 34.82 -43.70 -2.24
C SER B 9 34.84 -45.22 -2.35
N VAL B 10 35.91 -45.73 -2.98
CA VAL B 10 36.16 -47.14 -3.18
C VAL B 10 37.67 -47.36 -3.14
N SER B 11 38.16 -48.15 -2.18
CA SER B 11 39.58 -48.47 -2.12
C SER B 11 39.80 -49.94 -2.44
N VAL B 12 41.02 -50.24 -2.89
CA VAL B 12 41.33 -51.55 -3.46
C VAL B 12 42.85 -51.73 -3.43
N SER B 13 43.28 -52.93 -3.12
CA SER B 13 44.71 -53.24 -3.19
C SER B 13 45.14 -53.47 -4.63
N PRO B 14 46.40 -53.20 -4.96
CA PRO B 14 46.86 -53.38 -6.33
C PRO B 14 46.69 -54.83 -6.77
N GLY B 15 46.23 -55.01 -8.01
CA GLY B 15 45.96 -56.32 -8.54
C GLY B 15 44.54 -56.81 -8.32
N GLN B 16 43.88 -56.33 -7.27
CA GLN B 16 42.51 -56.74 -6.99
C GLN B 16 41.56 -56.15 -8.02
N THR B 17 40.37 -56.74 -8.11
CA THR B 17 39.32 -56.20 -8.95
C THR B 17 38.56 -55.11 -8.21
N ALA B 18 38.23 -54.04 -8.91
CA ALA B 18 37.52 -52.91 -8.33
C ALA B 18 36.24 -52.65 -9.12
N SER B 19 35.16 -52.33 -8.41
CA SER B 19 33.88 -52.10 -9.05
C SER B 19 33.26 -50.80 -8.53
N ILE B 20 32.74 -49.99 -9.46
CA ILE B 20 32.09 -48.74 -9.13
C ILE B 20 30.69 -48.78 -9.73
N THR B 21 29.68 -48.49 -8.91
CA THR B 21 28.29 -48.57 -9.33
C THR B 21 27.71 -47.19 -9.64
N CYS B 22 26.60 -47.19 -10.38
CA CYS B 22 25.95 -45.97 -10.83
C CYS B 22 24.47 -46.27 -10.99
N SER B 23 23.63 -45.63 -10.17
CA SER B 23 22.21 -45.96 -10.10
C SER B 23 21.35 -44.78 -10.49
N GLY B 24 20.35 -45.04 -11.33
CA GLY B 24 19.38 -44.04 -11.75
C GLY B 24 18.12 -44.72 -12.24
N ASP B 25 17.08 -43.92 -12.41
CA ASP B 25 15.77 -44.46 -12.78
C ASP B 25 15.77 -44.89 -14.24
N LYS B 26 15.44 -46.17 -14.47
CA LYS B 26 15.48 -46.80 -15.80
C LYS B 26 16.79 -46.46 -16.51
N LEU B 27 17.89 -46.58 -15.77
CA LEU B 27 19.21 -46.36 -16.37
C LEU B 27 19.55 -47.42 -17.40
N GLY B 28 19.03 -48.64 -17.24
CA GLY B 28 19.20 -49.66 -18.26
C GLY B 28 18.70 -49.23 -19.63
N ASP B 29 17.77 -48.28 -19.67
CA ASP B 29 17.16 -47.84 -20.92
C ASP B 29 17.97 -46.74 -21.61
N LYS B 30 19.03 -46.25 -20.97
CA LYS B 30 19.95 -45.31 -21.57
C LYS B 30 21.35 -45.89 -21.59
N TYR B 31 22.23 -45.28 -22.39
CA TYR B 31 23.63 -45.66 -22.40
C TYR B 31 24.38 -44.94 -21.29
N ALA B 32 25.33 -45.65 -20.68
CA ALA B 32 26.17 -45.09 -19.62
C ALA B 32 27.61 -44.94 -20.11
N CYS B 33 28.23 -43.82 -19.74
CA CYS B 33 29.63 -43.56 -19.96
C CYS B 33 30.37 -43.51 -18.63
N TRP B 34 31.66 -43.80 -18.69
CA TRP B 34 32.56 -43.70 -17.54
C TRP B 34 33.80 -42.93 -17.92
N TYR B 35 34.13 -41.93 -17.09
CA TYR B 35 35.27 -41.04 -17.24
C TYR B 35 36.21 -41.15 -16.05
N GLN B 36 37.51 -41.11 -16.33
CA GLN B 36 38.57 -41.10 -15.34
C GLN B 36 39.19 -39.71 -15.28
N GLN B 37 39.40 -39.20 -14.07
CA GLN B 37 40.03 -37.90 -13.86
C GLN B 37 41.06 -38.03 -12.74
N LYS B 38 42.33 -37.94 -13.11
CA LYS B 38 43.42 -37.82 -12.15
C LYS B 38 43.58 -36.37 -11.72
N PRO B 39 44.28 -36.12 -10.60
CA PRO B 39 44.32 -34.75 -10.08
C PRO B 39 45.02 -33.80 -11.03
N GLY B 40 44.42 -32.61 -11.20
CA GLY B 40 44.94 -31.62 -12.11
C GLY B 40 45.04 -32.05 -13.56
N GLN B 41 44.23 -33.02 -13.97
CA GLN B 41 44.12 -33.42 -15.36
C GLN B 41 42.67 -33.33 -15.81
N SER B 42 42.49 -33.25 -17.12
CA SER B 42 41.16 -33.31 -17.71
C SER B 42 40.58 -34.72 -17.62
N PRO B 43 39.26 -34.86 -17.71
CA PRO B 43 38.67 -36.20 -17.79
C PRO B 43 39.09 -36.91 -19.06
N VAL B 44 39.08 -38.24 -19.00
CA VAL B 44 39.26 -39.10 -20.17
C VAL B 44 38.17 -40.15 -20.17
N LEU B 45 37.65 -40.46 -21.36
CA LEU B 45 36.63 -41.48 -21.51
C LEU B 45 37.27 -42.86 -21.43
N VAL B 46 36.77 -43.68 -20.50
CA VAL B 46 37.23 -45.06 -20.41
C VAL B 46 36.16 -46.06 -20.82
N ILE B 47 34.87 -45.72 -20.69
CA ILE B 47 33.82 -46.61 -21.18
C ILE B 47 32.70 -45.77 -21.81
N TYR B 48 32.18 -46.23 -22.94
CA TYR B 48 31.00 -45.64 -23.54
C TYR B 48 30.09 -46.77 -24.01
N GLN B 49 28.85 -46.40 -24.35
CA GLN B 49 27.86 -47.35 -24.84
C GLN B 49 27.73 -48.55 -23.90
N ASP B 50 27.67 -48.27 -22.59
CA ASP B 50 27.52 -49.23 -21.50
C ASP B 50 28.80 -50.00 -21.26
N SER B 51 29.42 -50.50 -22.32
CA SER B 51 30.43 -51.54 -22.23
C SER B 51 31.56 -51.38 -23.23
N LYS B 52 31.38 -50.53 -24.23
CA LYS B 52 32.46 -50.35 -25.24
C LYS B 52 33.61 -49.57 -24.61
N ARG B 53 34.82 -49.81 -25.07
CA ARG B 53 36.04 -49.21 -24.55
C ARG B 53 36.72 -48.41 -25.65
N PRO B 54 36.97 -47.11 -25.47
CA PRO B 54 37.50 -46.28 -26.55
C PRO B 54 38.89 -46.74 -26.98
N SER B 55 39.30 -46.21 -28.13
CA SER B 55 40.59 -46.58 -28.70
C SER B 55 41.73 -46.15 -27.80
N GLY B 56 42.62 -47.09 -27.49
CA GLY B 56 43.77 -46.84 -26.64
C GLY B 56 43.53 -46.99 -25.15
N ILE B 57 42.35 -47.44 -24.74
CA ILE B 57 42.05 -47.66 -23.32
C ILE B 57 42.39 -49.10 -22.94
N PRO B 58 43.16 -49.31 -21.88
CA PRO B 58 43.52 -50.67 -21.47
C PRO B 58 42.31 -51.59 -21.35
N GLU B 59 42.54 -52.86 -21.69
CA GLU B 59 41.45 -53.84 -21.73
C GLU B 59 40.93 -54.21 -20.35
N ARG B 60 41.67 -53.91 -19.28
CA ARG B 60 41.20 -54.26 -17.95
C ARG B 60 39.98 -53.45 -17.53
N PHE B 61 39.69 -52.34 -18.22
CA PHE B 61 38.47 -51.59 -18.01
C PHE B 61 37.30 -52.23 -18.76
N SER B 62 36.30 -52.69 -18.02
CA SER B 62 35.05 -53.17 -18.61
C SER B 62 33.87 -52.43 -17.98
N GLY B 63 32.71 -52.55 -18.61
CA GLY B 63 31.51 -51.89 -18.11
C GLY B 63 30.27 -52.68 -18.44
N SER B 64 29.29 -52.60 -17.54
CA SER B 64 27.97 -53.19 -17.74
C SER B 64 26.88 -52.19 -17.39
N ASN B 65 25.65 -52.51 -17.80
CA ASN B 65 24.47 -51.71 -17.44
C ASN B 65 23.25 -52.61 -17.55
N SER B 66 22.51 -52.76 -16.45
CA SER B 66 21.30 -53.55 -16.50
C SER B 66 20.37 -53.09 -15.38
N GLY B 67 19.07 -53.23 -15.63
CA GLY B 67 18.11 -52.73 -14.66
C GLY B 67 18.30 -51.24 -14.51
N ASN B 68 18.58 -50.81 -13.28
CA ASN B 68 18.86 -49.41 -12.98
C ASN B 68 20.31 -49.19 -12.58
N THR B 69 21.21 -50.15 -12.83
CA THR B 69 22.57 -50.06 -12.34
C THR B 69 23.57 -50.29 -13.46
N ALA B 70 24.43 -49.29 -13.69
CA ALA B 70 25.65 -49.45 -14.47
C ALA B 70 26.83 -49.72 -13.53
N THR B 71 27.78 -50.51 -14.02
CA THR B 71 28.92 -50.91 -13.21
C THR B 71 30.20 -50.85 -14.03
N LEU B 72 31.16 -50.04 -13.57
CA LEU B 72 32.51 -50.02 -14.10
C LEU B 72 33.40 -50.99 -13.33
N THR B 73 34.05 -51.90 -14.03
CA THR B 73 34.92 -52.89 -13.41
C THR B 73 36.35 -52.74 -13.93
N ILE B 74 37.31 -52.69 -13.02
CA ILE B 74 38.73 -52.67 -13.34
C ILE B 74 39.33 -53.94 -12.73
N SER B 75 39.60 -54.93 -13.58
CA SER B 75 40.34 -56.11 -13.13
C SER B 75 41.83 -55.79 -13.11
N GLY B 76 42.54 -56.38 -12.15
CA GLY B 76 43.97 -56.15 -12.02
C GLY B 76 44.28 -54.68 -11.81
N THR B 77 43.62 -54.07 -10.83
CA THR B 77 43.78 -52.64 -10.58
C THR B 77 45.23 -52.28 -10.29
N GLN B 78 45.70 -51.18 -10.88
CA GLN B 78 47.09 -50.77 -10.81
C GLN B 78 47.20 -49.37 -10.19
N ALA B 79 48.41 -49.07 -9.70
CA ALA B 79 48.71 -47.76 -9.12
C ALA B 79 48.21 -46.62 -10.01
N MET B 80 48.47 -46.70 -11.32
CA MET B 80 48.12 -45.62 -12.23
C MET B 80 46.62 -45.53 -12.48
N ASP B 81 45.80 -46.38 -11.85
CA ASP B 81 44.35 -46.27 -11.97
C ASP B 81 43.71 -45.47 -10.85
N GLU B 82 44.47 -45.10 -9.82
CA GLU B 82 43.96 -44.28 -8.74
C GLU B 82 43.46 -42.93 -9.26
N ALA B 83 42.17 -42.66 -9.11
CA ALA B 83 41.61 -41.45 -9.70
C ALA B 83 40.16 -41.29 -9.26
N ASP B 84 39.57 -40.15 -9.62
CA ASP B 84 38.13 -40.00 -9.53
C ASP B 84 37.47 -40.57 -10.79
N TYR B 85 36.38 -41.31 -10.61
CA TYR B 85 35.63 -41.88 -11.72
C TYR B 85 34.20 -41.38 -11.67
N TYR B 86 33.73 -40.83 -12.79
CA TYR B 86 32.36 -40.35 -12.93
C TYR B 86 31.61 -41.18 -13.96
N CYS B 87 30.37 -41.55 -13.64
CA CYS B 87 29.47 -42.05 -14.67
C CYS B 87 28.64 -40.91 -15.25
N GLN B 88 28.07 -41.16 -16.42
CA GLN B 88 27.31 -40.14 -17.10
C GLN B 88 26.27 -40.81 -17.98
N ALA B 89 25.12 -40.16 -18.12
CA ALA B 89 24.05 -40.66 -18.98
C ALA B 89 23.45 -39.48 -19.71
N TRP B 90 23.29 -39.66 -21.02
CA TRP B 90 22.59 -38.70 -21.88
C TRP B 90 21.20 -39.27 -22.14
N ASP B 91 20.19 -38.64 -21.55
CA ASP B 91 18.81 -39.07 -21.71
C ASP B 91 18.42 -39.03 -23.19
N SER B 92 17.88 -40.13 -23.68
CA SER B 92 17.41 -40.15 -25.10
C SER B 92 16.35 -39.06 -25.26
N SER B 93 15.89 -38.49 -24.14
CA SER B 93 14.78 -37.50 -24.21
C SER B 93 15.23 -36.13 -23.69
N THR B 94 15.12 -35.10 -24.52
CA THR B 94 15.45 -33.70 -24.13
C THR B 94 16.96 -33.52 -24.27
N SER B 95 17.67 -34.56 -24.69
CA SER B 95 19.13 -34.43 -24.93
C SER B 95 19.79 -33.87 -23.67
N TYR B 96 19.35 -34.34 -22.49
CA TYR B 96 19.89 -33.77 -21.22
C TYR B 96 21.03 -34.66 -20.72
N VAL B 97 22.13 -34.03 -20.31
CA VAL B 97 23.26 -34.79 -19.80
C VAL B 97 23.27 -34.80 -18.27
N VAL B 98 23.70 -35.92 -17.68
CA VAL B 98 23.67 -36.11 -16.24
C VAL B 98 24.93 -36.85 -15.81
N PHE B 99 25.72 -36.25 -14.93
CA PHE B 99 26.88 -36.92 -14.34
C PHE B 99 26.52 -37.51 -12.98
N GLY B 100 27.32 -38.47 -12.56
CA GLY B 100 27.28 -38.93 -11.19
C GLY B 100 28.11 -38.06 -10.27
N GLY B 101 27.94 -38.27 -8.97
CA GLY B 101 28.69 -37.52 -7.98
C GLY B 101 30.18 -37.84 -7.96
N GLY B 102 30.60 -38.89 -8.65
CA GLY B 102 32.00 -39.28 -8.68
C GLY B 102 32.36 -40.25 -7.56
N THR B 103 33.49 -40.94 -7.78
CA THR B 103 33.98 -41.94 -6.84
C THR B 103 35.50 -41.84 -6.77
N LYS B 104 36.03 -41.68 -5.56
CA LYS B 104 37.47 -41.60 -5.35
C LYS B 104 38.03 -43.00 -5.23
N LEU B 105 38.48 -43.56 -6.34
CA LEU B 105 39.05 -44.92 -6.28
C LEU B 105 40.46 -44.77 -5.74
N THR B 106 40.75 -45.43 -4.62
CA THR B 106 42.10 -45.36 -4.03
C THR B 106 42.73 -46.74 -4.14
N VAL B 107 43.97 -46.78 -4.60
CA VAL B 107 44.74 -48.05 -4.71
C VAL B 107 45.73 -48.01 -3.55
N LEU B 108 45.69 -49.01 -2.68
CA LEU B 108 46.55 -48.96 -1.48
C LEU B 108 47.93 -49.48 -1.85
N GLY B 109 48.81 -48.56 -2.24
CA GLY B 109 50.19 -48.89 -2.66
C GLY B 109 51.16 -48.56 -1.55
N GLN B 110 50.62 -48.30 -0.36
CA GLN B 110 51.48 -47.89 0.79
C GLN B 110 50.89 -48.48 2.08
N PRO B 111 51.65 -48.49 3.19
CA PRO B 111 51.16 -48.97 4.47
C PRO B 111 50.56 -47.79 5.22
N LYS B 112 49.60 -48.05 6.11
CA LYS B 112 48.91 -46.97 6.87
C LYS B 112 49.94 -46.21 7.71
N ALA B 113 49.79 -44.89 7.78
CA ALA B 113 50.69 -44.03 8.57
C ALA B 113 49.85 -43.04 9.37
N ALA B 114 50.12 -42.91 10.67
CA ALA B 114 49.41 -41.98 11.52
C ALA B 114 49.90 -40.55 11.27
N PRO B 115 49.02 -39.56 11.43
CA PRO B 115 49.41 -38.17 11.14
C PRO B 115 50.33 -37.59 12.21
N SER B 116 51.11 -36.60 11.78
CA SER B 116 52.01 -35.84 12.64
C SER B 116 51.45 -34.42 12.73
N VAL B 117 50.94 -34.05 13.90
CA VAL B 117 50.22 -32.81 14.10
C VAL B 117 51.11 -31.82 14.83
N THR B 118 51.18 -30.60 14.31
CA THR B 118 51.95 -29.52 14.91
C THR B 118 51.06 -28.29 15.00
N LEU B 119 50.85 -27.80 16.22
CA LEU B 119 49.98 -26.65 16.45
C LEU B 119 50.83 -25.43 16.79
N PHE B 120 50.68 -24.35 16.00
CA PHE B 120 51.36 -23.08 16.11
C PHE B 120 50.43 -22.04 16.71
N PRO B 121 50.87 -21.37 17.77
CA PRO B 121 50.10 -20.24 18.32
C PRO B 121 50.32 -18.99 17.48
N PRO B 122 49.49 -17.96 17.65
CA PRO B 122 49.65 -16.74 16.83
C PRO B 122 51.02 -16.11 17.02
N SER B 123 51.62 -15.71 15.90
CA SER B 123 52.88 -14.98 15.93
C SER B 123 52.70 -13.63 16.61
N SER B 124 53.77 -13.15 17.26
CA SER B 124 53.72 -11.85 17.91
C SER B 124 53.61 -10.72 16.88
N GLU B 125 54.08 -10.93 15.65
CA GLU B 125 53.83 -9.96 14.59
C GLU B 125 52.34 -9.82 14.32
N GLU B 126 51.65 -10.95 14.20
CA GLU B 126 50.22 -10.93 13.92
C GLU B 126 49.44 -10.33 15.10
N LEU B 127 49.86 -10.64 16.33
CA LEU B 127 49.25 -10.03 17.49
C LEU B 127 49.44 -8.51 17.47
N GLN B 128 50.67 -8.05 17.20
CA GLN B 128 50.92 -6.63 17.02
C GLN B 128 50.09 -6.02 15.90
N ALA B 129 49.63 -6.84 14.96
CA ALA B 129 48.71 -6.39 13.92
C ALA B 129 47.25 -6.54 14.32
N ASN B 130 46.97 -6.91 15.57
CA ASN B 130 45.62 -6.95 16.14
C ASN B 130 44.77 -8.07 15.57
N LYS B 131 45.40 -9.20 15.22
CA LYS B 131 44.70 -10.40 14.81
C LYS B 131 45.41 -11.60 15.43
N ALA B 132 44.77 -12.77 15.36
CA ALA B 132 45.40 -13.96 15.95
C ALA B 132 44.92 -15.19 15.19
N THR B 133 45.87 -15.99 14.69
CA THR B 133 45.54 -17.18 13.92
C THR B 133 46.29 -18.39 14.49
N LEU B 134 45.54 -19.39 14.94
CA LEU B 134 46.12 -20.69 15.28
C LEU B 134 46.24 -21.55 14.04
N VAL B 135 47.39 -22.22 13.90
CA VAL B 135 47.71 -22.97 12.70
C VAL B 135 47.99 -24.42 13.07
N CYS B 136 47.17 -25.34 12.58
CA CYS B 136 47.31 -26.77 12.87
C CYS B 136 47.73 -27.47 11.59
N LEU B 137 48.96 -27.97 11.56
CA LEU B 137 49.56 -28.57 10.37
C LEU B 137 49.70 -30.08 10.58
N ILE B 138 49.13 -30.86 9.67
CA ILE B 138 49.06 -32.31 9.77
C ILE B 138 49.84 -32.89 8.60
N SER B 139 50.78 -33.78 8.87
CA SER B 139 51.68 -34.24 7.83
C SER B 139 51.92 -35.74 7.94
N ASP B 140 52.33 -36.36 6.83
CA ASP B 140 52.73 -37.79 6.85
C ASP B 140 51.59 -38.72 7.28
N PHE B 141 50.42 -38.62 6.65
CA PHE B 141 49.34 -39.61 6.89
C PHE B 141 49.09 -40.27 5.55
N TYR B 142 49.56 -41.50 5.35
CA TYR B 142 49.45 -42.08 3.99
C TYR B 142 47.98 -42.20 3.57
N PRO B 143 47.07 -42.77 4.39
CA PRO B 143 45.65 -42.77 4.04
C PRO B 143 45.29 -41.29 4.02
N GLY B 144 44.76 -40.80 2.90
CA GLY B 144 44.49 -39.35 2.75
C GLY B 144 43.48 -38.80 3.73
N ALA B 145 42.41 -39.53 4.03
CA ALA B 145 41.33 -38.94 4.85
C ALA B 145 41.80 -38.56 6.26
N VAL B 146 41.40 -37.39 6.75
CA VAL B 146 41.70 -36.95 8.14
C VAL B 146 40.51 -36.09 8.59
N THR B 147 40.26 -35.97 9.90
CA THR B 147 39.18 -35.07 10.38
C THR B 147 39.73 -34.09 11.42
N VAL B 148 39.34 -32.80 11.35
CA VAL B 148 39.89 -31.85 12.30
C VAL B 148 38.78 -31.29 13.20
N ALA B 149 39.11 -31.05 14.47
CA ALA B 149 38.18 -30.48 15.44
C ALA B 149 38.92 -29.54 16.39
N TRP B 150 38.41 -28.32 16.56
CA TRP B 150 39.02 -27.33 17.43
C TRP B 150 38.29 -27.22 18.76
N LYS B 151 39.04 -26.89 19.82
CA LYS B 151 38.46 -26.77 21.15
C LYS B 151 39.12 -25.64 21.93
N ALA B 152 38.32 -24.93 22.72
CA ALA B 152 38.79 -23.97 23.71
C ALA B 152 38.48 -24.53 25.10
N ASP B 153 39.49 -25.17 25.73
CA ASP B 153 39.39 -25.70 27.08
C ASP B 153 38.37 -26.84 27.15
N SER B 154 38.52 -27.79 26.22
CA SER B 154 37.66 -28.96 26.06
C SER B 154 36.24 -28.59 25.63
N SER B 155 36.00 -27.31 25.35
CA SER B 155 34.72 -26.83 24.83
C SER B 155 34.85 -26.61 23.32
N PRO B 156 33.97 -27.20 22.50
CA PRO B 156 34.25 -27.28 21.06
C PRO B 156 34.03 -25.94 20.37
N VAL B 157 34.99 -25.56 19.53
CA VAL B 157 34.95 -24.28 18.84
C VAL B 157 33.95 -24.38 17.70
N LYS B 158 33.11 -23.36 17.56
CA LYS B 158 31.95 -23.36 16.67
C LYS B 158 32.28 -22.85 15.27
N ALA B 159 32.85 -21.65 15.16
CA ALA B 159 33.10 -21.01 13.88
C ALA B 159 34.50 -20.39 13.89
N GLY B 160 34.91 -19.88 12.74
CA GLY B 160 36.25 -19.35 12.55
C GLY B 160 37.27 -20.37 12.10
N VAL B 161 36.83 -21.55 11.66
CA VAL B 161 37.69 -22.63 11.26
C VAL B 161 37.62 -22.78 9.74
N GLU B 162 38.78 -22.81 9.09
CA GLU B 162 38.86 -23.25 7.71
C GLU B 162 39.88 -24.37 7.60
N THR B 163 39.52 -25.42 6.87
CA THR B 163 40.36 -26.61 6.78
C THR B 163 40.54 -27.04 5.34
N THR B 164 41.78 -27.35 4.96
CA THR B 164 42.12 -27.84 3.65
C THR B 164 41.78 -29.32 3.50
N THR B 165 41.58 -29.73 2.25
CA THR B 165 41.51 -31.15 1.95
C THR B 165 42.93 -31.70 1.78
N PRO B 166 43.18 -32.94 2.24
CA PRO B 166 44.51 -33.55 2.09
C PRO B 166 45.13 -33.40 0.72
N SER B 167 46.46 -33.21 0.68
CA SER B 167 47.21 -33.06 -0.56
C SER B 167 48.50 -33.85 -0.47
N LYS B 168 48.86 -34.52 -1.56
CA LYS B 168 50.10 -35.28 -1.59
C LYS B 168 51.30 -34.37 -1.35
N GLN B 169 52.19 -34.81 -0.48
CA GLN B 169 53.50 -34.19 -0.34
C GLN B 169 54.46 -34.94 -1.26
N SER B 170 55.75 -34.64 -1.18
CA SER B 170 56.69 -35.22 -2.13
C SER B 170 56.93 -36.70 -1.90
N ASN B 171 56.82 -37.17 -0.66
CA ASN B 171 57.03 -38.58 -0.34
C ASN B 171 55.79 -39.46 -0.54
N ASN B 172 54.84 -39.02 -1.37
CA ASN B 172 53.61 -39.76 -1.68
C ASN B 172 52.67 -39.92 -0.48
N LYS B 173 53.02 -39.35 0.68
CA LYS B 173 52.06 -39.27 1.76
C LYS B 173 51.25 -37.98 1.62
N TYR B 174 50.30 -37.77 2.53
CA TYR B 174 49.38 -36.65 2.43
C TYR B 174 49.53 -35.73 3.65
N ALA B 175 49.13 -34.48 3.46
CA ALA B 175 49.17 -33.47 4.51
C ALA B 175 47.98 -32.53 4.36
N ALA B 176 47.55 -31.96 5.48
CA ALA B 176 46.42 -31.05 5.52
C ALA B 176 46.68 -29.94 6.54
N SER B 177 45.94 -28.85 6.42
CA SER B 177 46.07 -27.73 7.34
C SER B 177 44.71 -27.24 7.78
N SER B 178 44.62 -26.81 9.04
CA SER B 178 43.43 -26.13 9.55
C SER B 178 43.83 -24.84 10.26
N TYR B 179 43.02 -23.79 10.07
CA TYR B 179 43.27 -22.50 10.68
C TYR B 179 42.07 -22.08 11.53
N LEU B 180 42.37 -21.51 12.70
CA LEU B 180 41.36 -20.93 13.59
C LEU B 180 41.66 -19.46 13.79
N SER B 181 40.71 -18.60 13.40
CA SER B 181 40.83 -17.15 13.56
C SER B 181 40.25 -16.69 14.90
N LEU B 182 40.97 -15.81 15.58
CA LEU B 182 40.53 -15.22 16.82
C LEU B 182 40.98 -13.76 16.89
N THR B 183 40.17 -12.94 17.56
CA THR B 183 40.66 -11.66 18.05
C THR B 183 41.63 -11.89 19.20
N PRO B 184 42.61 -11.00 19.38
CA PRO B 184 43.59 -11.23 20.46
C PRO B 184 42.96 -11.30 21.85
N GLU B 185 41.86 -10.58 22.08
CA GLU B 185 41.10 -10.74 23.31
C GLU B 185 40.79 -12.20 23.59
N GLN B 186 40.05 -12.85 22.68
CA GLN B 186 39.60 -14.21 22.94
C GLN B 186 40.73 -15.23 22.88
N TRP B 187 41.83 -14.90 22.19
CA TRP B 187 43.05 -15.67 22.35
C TRP B 187 43.51 -15.66 23.80
N LYS B 188 43.73 -14.47 24.36
CA LYS B 188 44.26 -14.37 25.71
C LYS B 188 43.26 -14.80 26.78
N SER B 189 41.98 -14.95 26.44
CA SER B 189 40.92 -15.13 27.44
C SER B 189 40.45 -16.57 27.58
N HIS B 190 41.25 -17.54 27.12
CA HIS B 190 41.01 -18.95 27.40
C HIS B 190 42.29 -19.58 27.91
N ARG B 191 42.14 -20.62 28.72
CA ARG B 191 43.31 -21.28 29.30
C ARG B 191 44.17 -21.90 28.21
N SER B 192 43.55 -22.61 27.27
CA SER B 192 44.29 -23.27 26.20
C SER B 192 43.35 -23.52 25.03
N TYR B 193 43.95 -23.73 23.86
CA TYR B 193 43.24 -24.22 22.69
C TYR B 193 43.86 -25.54 22.24
N SER B 194 43.04 -26.37 21.60
CA SER B 194 43.46 -27.72 21.22
C SER B 194 42.95 -28.07 19.82
N CYS B 195 43.79 -28.78 19.07
CA CYS B 195 43.48 -29.29 17.74
C CYS B 195 43.46 -30.81 17.78
N GLN B 196 42.32 -31.40 17.43
CA GLN B 196 42.10 -32.84 17.46
C GLN B 196 42.01 -33.36 16.03
N VAL B 197 42.88 -34.30 15.69
CA VAL B 197 43.01 -34.84 14.34
C VAL B 197 42.71 -36.33 14.37
N THR B 198 41.76 -36.76 13.54
CA THR B 198 41.27 -38.14 13.55
C THR B 198 41.62 -38.79 12.22
N HIS B 199 42.27 -39.96 12.28
CA HIS B 199 42.78 -40.67 11.12
C HIS B 199 42.53 -42.16 11.34
N GLU B 200 41.63 -42.72 10.54
CA GLU B 200 41.27 -44.14 10.58
C GLU B 200 40.94 -44.59 12.00
N GLY B 201 40.05 -43.83 12.65
CA GLY B 201 39.59 -44.19 13.97
C GLY B 201 40.54 -43.84 15.10
N SER B 202 41.72 -43.29 14.80
CA SER B 202 42.71 -42.98 15.82
C SER B 202 42.86 -41.47 15.89
N THR B 203 42.60 -40.90 17.06
CA THR B 203 42.61 -39.46 17.26
C THR B 203 43.82 -39.04 18.08
N VAL B 204 44.48 -37.97 17.65
CA VAL B 204 45.57 -37.34 18.39
C VAL B 204 45.29 -35.86 18.50
N GLU B 205 45.59 -35.27 19.67
CA GLU B 205 45.35 -33.85 19.87
C GLU B 205 46.63 -33.16 20.30
N LYS B 206 46.72 -31.87 19.98
CA LYS B 206 47.84 -31.04 20.40
C LYS B 206 47.30 -29.72 20.92
N THR B 207 47.97 -29.15 21.91
CA THR B 207 47.42 -28.02 22.66
C THR B 207 48.45 -26.91 22.82
N VAL B 208 47.95 -25.67 22.77
CA VAL B 208 48.75 -24.47 23.04
C VAL B 208 48.01 -23.61 24.05
N ALA B 209 48.77 -22.77 24.75
CA ALA B 209 48.22 -21.85 25.73
C ALA B 209 48.74 -20.44 25.48
N PRO B 210 47.96 -19.40 25.84
CA PRO B 210 48.48 -18.04 25.67
C PRO B 210 49.74 -17.77 26.46
N THR B 211 49.91 -18.43 27.61
CA THR B 211 51.12 -18.24 28.40
C THR B 211 52.35 -18.79 27.69
N GLU B 212 52.29 -20.03 27.23
CA GLU B 212 53.47 -20.74 26.72
C GLU B 212 53.68 -20.43 25.25
N GLU C 1 28.47 -8.08 3.78
CA GLU C 1 27.13 -7.54 3.69
C GLU C 1 27.18 -6.14 3.08
N VAL C 2 26.13 -5.78 2.34
CA VAL C 2 26.04 -4.46 1.72
C VAL C 2 25.89 -3.36 2.77
N GLN C 3 26.67 -2.29 2.63
CA GLN C 3 26.75 -1.21 3.61
C GLN C 3 27.07 0.12 2.94
N LEU C 4 26.29 1.15 3.28
CA LEU C 4 26.58 2.54 2.94
C LEU C 4 26.73 3.34 4.22
N VAL C 5 27.78 4.15 4.31
CA VAL C 5 28.07 4.93 5.51
C VAL C 5 28.30 6.38 5.13
N GLU C 6 27.39 7.27 5.56
CA GLU C 6 27.56 8.70 5.35
C GLU C 6 28.45 9.31 6.43
N SER C 7 29.14 10.39 6.04
CA SER C 7 29.96 11.14 6.98
C SER C 7 30.17 12.55 6.46
N GLY C 8 30.53 13.45 7.37
CA GLY C 8 30.95 14.79 7.03
C GLY C 8 29.92 15.87 7.35
N GLY C 9 28.75 15.50 7.86
CA GLY C 9 27.81 16.48 8.31
C GLY C 9 28.25 17.19 9.58
N GLY C 10 27.46 18.18 9.97
CA GLY C 10 27.79 18.99 11.13
C GLY C 10 27.04 20.31 11.09
N VAL C 11 27.50 21.22 11.93
CA VAL C 11 27.00 22.58 11.95
C VAL C 11 27.85 23.42 11.01
N VAL C 12 27.21 24.24 10.20
CA VAL C 12 27.90 25.05 9.20
C VAL C 12 27.10 26.33 8.99
N GLN C 13 27.81 27.39 8.66
CA GLN C 13 27.21 28.72 8.58
C GLN C 13 26.55 28.91 7.21
N PRO C 14 25.42 29.60 7.15
CA PRO C 14 24.76 29.82 5.86
C PRO C 14 25.67 30.58 4.92
N GLY C 15 25.49 30.35 3.63
CA GLY C 15 26.34 30.92 2.62
C GLY C 15 27.68 30.22 2.46
N ARG C 16 28.14 29.48 3.48
CA ARG C 16 29.38 28.71 3.40
C ARG C 16 29.06 27.34 2.78
N SER C 17 30.04 26.43 2.81
CA SER C 17 29.96 25.18 2.04
C SER C 17 30.56 24.03 2.85
N LEU C 18 30.30 22.81 2.37
CA LEU C 18 30.47 21.58 3.14
C LEU C 18 30.46 20.39 2.19
N ARG C 19 31.28 19.38 2.46
CA ARG C 19 31.44 18.23 1.57
C ARG C 19 31.14 16.92 2.31
N LEU C 20 30.10 16.23 1.86
CA LEU C 20 29.69 14.94 2.43
C LEU C 20 30.31 13.77 1.67
N SER C 21 30.63 12.70 2.42
CA SER C 21 31.14 11.46 1.86
C SER C 21 30.19 10.31 2.17
N CYS C 22 30.19 9.31 1.30
CA CYS C 22 29.43 8.08 1.49
C CYS C 22 30.31 6.91 1.07
N ALA C 23 30.60 6.01 2.01
CA ALA C 23 31.48 4.89 1.79
C ALA C 23 30.65 3.63 1.56
N ALA C 24 30.87 2.98 0.43
CA ALA C 24 30.18 1.75 0.07
C ALA C 24 31.08 0.55 0.36
N SER C 25 30.45 -0.56 0.73
CA SER C 25 31.19 -1.79 0.97
C SER C 25 30.24 -2.97 0.82
N GLY C 26 30.77 -4.07 0.29
CA GLY C 26 30.00 -5.29 0.16
C GLY C 26 29.24 -5.43 -1.14
N PHE C 27 29.51 -4.58 -2.12
CA PHE C 27 28.95 -4.72 -3.44
C PHE C 27 29.84 -3.98 -4.43
N ILE C 28 29.64 -4.29 -5.71
CA ILE C 28 30.47 -3.73 -6.77
C ILE C 28 30.02 -2.30 -7.04
N PHE C 29 30.58 -1.36 -6.26
CA PHE C 29 30.12 0.02 -6.29
C PHE C 29 30.10 0.59 -7.70
N SER C 30 31.12 0.30 -8.50
CA SER C 30 31.28 0.90 -9.82
C SER C 30 30.16 0.54 -10.80
N SER C 31 29.22 -0.32 -10.39
CA SER C 31 28.22 -0.84 -11.31
C SER C 31 26.80 -0.40 -10.95
N TYR C 32 26.66 0.66 -10.16
CA TYR C 32 25.35 1.10 -9.69
C TYR C 32 25.24 2.61 -9.74
N GLY C 33 24.12 3.10 -10.28
CA GLY C 33 23.73 4.49 -10.05
C GLY C 33 23.59 4.79 -8.56
N MET C 34 23.97 6.00 -8.17
CA MET C 34 23.92 6.41 -6.77
C MET C 34 23.12 7.70 -6.61
N TYR C 35 22.47 7.83 -5.45
CA TYR C 35 21.57 8.93 -5.11
C TYR C 35 22.02 9.62 -3.83
N TRP C 36 21.76 10.93 -3.77
CA TRP C 36 21.68 11.67 -2.52
C TRP C 36 20.23 12.12 -2.31
N VAL C 37 19.69 11.81 -1.13
CA VAL C 37 18.32 12.17 -0.74
C VAL C 37 18.35 12.74 0.66
N ARG C 38 17.59 13.81 0.90
CA ARG C 38 17.60 14.44 2.22
C ARG C 38 16.21 14.46 2.84
N GLN C 39 16.20 14.71 4.14
CA GLN C 39 14.97 14.79 4.94
C GLN C 39 15.13 15.90 5.96
N ALA C 40 14.42 17.01 5.75
CA ALA C 40 14.40 18.06 6.75
C ALA C 40 13.72 17.55 8.02
N PRO C 41 13.99 18.16 9.17
CA PRO C 41 13.40 17.64 10.43
C PRO C 41 11.88 17.66 10.37
N GLY C 42 11.28 16.49 10.59
CA GLY C 42 9.84 16.35 10.61
C GLY C 42 9.16 16.50 9.27
N LYS C 43 9.91 16.59 8.18
CA LYS C 43 9.35 16.68 6.84
C LYS C 43 9.56 15.35 6.10
N GLY C 44 9.20 15.34 4.82
CA GLY C 44 9.33 14.15 4.01
C GLY C 44 10.69 14.02 3.35
N LEU C 45 10.80 12.98 2.53
CA LEU C 45 12.04 12.72 1.80
C LEU C 45 12.08 13.58 0.55
N GLU C 46 13.21 14.27 0.37
CA GLU C 46 13.43 15.09 -0.82
C GLU C 46 14.61 14.52 -1.62
N TRP C 47 14.37 14.23 -2.89
CA TRP C 47 15.46 13.87 -3.77
C TRP C 47 16.40 15.06 -3.96
N VAL C 48 17.70 14.80 -3.94
CA VAL C 48 18.71 15.83 -4.10
C VAL C 48 19.49 15.65 -5.40
N ALA C 49 20.10 14.48 -5.60
CA ALA C 49 20.89 14.31 -6.81
C ALA C 49 21.04 12.82 -7.13
N VAL C 50 21.50 12.56 -8.35
CA VAL C 50 21.75 11.19 -8.81
C VAL C 50 22.89 11.23 -9.82
N ILE C 51 23.69 10.16 -9.82
CA ILE C 51 24.87 10.05 -10.67
C ILE C 51 24.92 8.63 -11.22
N TRP C 52 25.32 8.50 -12.48
CA TRP C 52 25.35 7.20 -13.14
C TRP C 52 26.48 6.34 -12.59
N TYR C 53 26.39 5.03 -12.84
CA TYR C 53 27.37 4.08 -12.32
C TYR C 53 28.81 4.48 -12.63
N ASP C 54 29.04 5.23 -13.71
CA ASP C 54 30.38 5.62 -14.10
C ASP C 54 30.65 7.11 -13.95
N GLY C 55 29.69 7.89 -13.45
CA GLY C 55 29.89 9.31 -13.29
C GLY C 55 29.68 10.13 -14.56
N SER C 56 29.22 9.49 -15.65
CA SER C 56 29.08 10.20 -16.91
C SER C 56 27.99 11.27 -16.82
N ASN C 57 26.82 10.90 -16.30
CA ASN C 57 25.67 11.79 -16.25
C ASN C 57 25.27 12.06 -14.81
N LYS C 58 24.91 13.31 -14.53
CA LYS C 58 24.49 13.74 -13.20
C LYS C 58 23.22 14.56 -13.32
N TYR C 59 22.26 14.31 -12.43
CA TYR C 59 21.02 15.07 -12.39
C TYR C 59 20.78 15.61 -10.99
N TYR C 60 20.30 16.86 -10.92
CA TYR C 60 20.07 17.57 -9.67
C TYR C 60 18.63 18.06 -9.61
N ALA C 61 18.12 18.22 -8.38
CA ALA C 61 16.85 18.89 -8.16
C ALA C 61 17.00 20.40 -8.35
N ASP C 62 15.89 21.04 -8.74
CA ASP C 62 15.94 22.49 -8.99
C ASP C 62 16.41 23.26 -7.76
N SER C 63 15.99 22.82 -6.56
CA SER C 63 16.32 23.56 -5.35
C SER C 63 17.82 23.67 -5.12
N VAL C 64 18.61 22.73 -5.65
CA VAL C 64 20.05 22.71 -5.43
C VAL C 64 20.84 22.91 -6.72
N LYS C 65 20.18 23.09 -7.85
CA LYS C 65 20.88 23.30 -9.11
C LYS C 65 21.82 24.49 -9.03
N GLY C 66 23.05 24.30 -9.52
CA GLY C 66 24.07 25.33 -9.49
C GLY C 66 24.81 25.48 -8.19
N ARG C 67 24.26 24.92 -7.10
CA ARG C 67 24.89 25.08 -5.77
C ARG C 67 25.54 23.77 -5.31
N PHE C 68 24.98 22.61 -5.69
CA PHE C 68 25.54 21.33 -5.29
C PHE C 68 26.25 20.65 -6.46
N THR C 69 27.18 19.76 -6.12
CA THR C 69 27.91 18.97 -7.09
C THR C 69 28.01 17.54 -6.59
N ILE C 70 27.51 16.58 -7.38
CA ILE C 70 27.62 15.17 -7.03
C ILE C 70 28.79 14.56 -7.80
N SER C 71 29.52 13.66 -7.16
CA SER C 71 30.64 13.00 -7.84
C SER C 71 30.92 11.67 -7.17
N ARG C 72 31.71 10.83 -7.83
CA ARG C 72 32.08 9.55 -7.25
C ARG C 72 33.49 9.18 -7.64
N ASP C 73 34.17 8.52 -6.69
CA ASP C 73 35.46 7.87 -6.93
C ASP C 73 35.16 6.38 -6.92
N ASN C 74 35.12 5.79 -8.12
CA ASN C 74 34.84 4.37 -8.24
C ASN C 74 36.01 3.52 -7.74
N SER C 75 37.24 4.05 -7.83
CA SER C 75 38.38 3.31 -7.33
C SER C 75 38.35 3.18 -5.81
N LYS C 76 37.82 4.18 -5.11
CA LYS C 76 37.78 4.19 -3.66
C LYS C 76 36.42 3.82 -3.08
N ASN C 77 35.47 3.40 -3.91
CA ASN C 77 34.14 3.01 -3.43
C ASN C 77 33.44 4.16 -2.72
N THR C 78 33.54 5.37 -3.26
CA THR C 78 33.09 6.55 -2.52
C THR C 78 32.20 7.44 -3.37
N LEU C 79 31.16 7.99 -2.73
CA LEU C 79 30.28 9.00 -3.31
C LEU C 79 30.42 10.31 -2.56
N TYR C 80 30.51 11.43 -3.27
CA TYR C 80 30.67 12.75 -2.67
C TYR C 80 29.52 13.67 -3.06
N LEU C 81 29.11 14.51 -2.11
CA LEU C 81 28.23 15.65 -2.36
C LEU C 81 28.91 16.94 -1.87
N GLN C 82 29.25 17.82 -2.81
CA GLN C 82 29.77 19.14 -2.51
C GLN C 82 28.60 20.12 -2.43
N MET C 83 28.28 20.59 -1.22
CA MET C 83 27.21 21.54 -1.00
C MET C 83 27.80 22.93 -0.84
N ASN C 84 27.45 23.84 -1.76
CA ASN C 84 27.94 25.21 -1.72
C ASN C 84 26.79 26.18 -1.54
N SER C 85 27.11 27.37 -1.00
CA SER C 85 26.15 28.44 -0.79
C SER C 85 24.94 27.95 0.00
N LEU C 86 25.22 27.29 1.12
CA LEU C 86 24.19 26.63 1.91
C LEU C 86 23.14 27.62 2.40
N ARG C 87 21.88 27.34 2.09
CA ARG C 87 20.74 28.09 2.60
C ARG C 87 20.19 27.39 3.83
N ALA C 88 19.24 28.07 4.51
CA ALA C 88 18.66 27.50 5.72
C ALA C 88 17.82 26.27 5.43
N GLU C 89 17.11 26.26 4.31
CA GLU C 89 16.25 25.13 3.96
C GLU C 89 17.04 23.90 3.52
N ASP C 90 18.37 23.97 3.56
CA ASP C 90 19.19 22.79 3.33
C ASP C 90 19.41 21.97 4.59
N THR C 91 19.09 22.52 5.76
CA THR C 91 19.22 21.77 7.01
C THR C 91 18.41 20.48 6.93
N ALA C 92 19.07 19.35 7.12
CA ALA C 92 18.41 18.06 6.93
C ALA C 92 19.37 16.93 7.24
N VAL C 93 18.81 15.73 7.35
CA VAL C 93 19.59 14.50 7.29
C VAL C 93 19.82 14.16 5.83
N TYR C 94 21.06 13.84 5.48
CA TYR C 94 21.45 13.50 4.12
C TYR C 94 21.80 12.02 4.06
N TYR C 95 21.07 11.29 3.23
CA TYR C 95 21.26 9.87 2.97
C TYR C 95 21.91 9.70 1.61
N CYS C 96 22.86 8.78 1.51
CA CYS C 96 23.22 8.22 0.22
C CYS C 96 22.46 6.92 0.02
N ALA C 97 22.15 6.61 -1.23
CA ALA C 97 21.33 5.45 -1.53
C ALA C 97 21.75 4.87 -2.88
N ARG C 98 21.63 3.56 -3.00
CA ARG C 98 22.01 2.87 -4.23
C ARG C 98 20.75 2.40 -4.94
N ASP C 99 20.73 2.53 -6.27
CA ASP C 99 19.64 1.99 -7.03
C ASP C 99 19.82 0.49 -7.20
N LEU C 100 18.71 -0.26 -7.21
CA LEU C 100 18.83 -1.70 -7.22
C LEU C 100 19.26 -2.24 -8.57
N SER C 101 19.28 -1.41 -9.60
CA SER C 101 19.59 -1.85 -10.93
C SER C 101 21.10 -1.82 -11.13
N SER C 102 21.61 -2.81 -11.85
CA SER C 102 23.03 -2.96 -12.07
C SER C 102 23.27 -2.88 -13.57
N SER C 103 24.34 -2.18 -13.95
CA SER C 103 24.63 -2.00 -15.36
C SER C 103 24.92 -3.34 -15.99
N SER C 104 24.45 -3.51 -17.22
CA SER C 104 24.72 -4.74 -17.94
C SER C 104 26.19 -4.80 -18.30
N GLY C 105 26.74 -6.02 -18.30
CA GLY C 105 28.14 -6.14 -18.62
C GLY C 105 28.44 -6.02 -20.10
N TRP C 106 27.44 -6.21 -20.95
CA TRP C 106 27.66 -6.29 -22.39
C TRP C 106 27.41 -5.00 -23.17
N ASP C 107 26.66 -4.05 -22.62
CA ASP C 107 26.37 -2.81 -23.34
C ASP C 107 26.18 -1.68 -22.33
N ASP C 108 26.10 -0.45 -22.87
CA ASP C 108 25.96 0.76 -22.08
C ASP C 108 24.54 1.12 -21.65
N TYR C 109 23.72 0.14 -21.32
CA TYR C 109 22.31 0.37 -20.99
C TYR C 109 22.12 0.33 -19.48
N TYR C 110 21.37 1.32 -18.97
CA TYR C 110 20.99 1.41 -17.57
C TYR C 110 19.58 1.95 -17.44
N TYR C 111 18.78 1.32 -16.58
CA TYR C 111 17.46 1.82 -16.22
C TYR C 111 17.34 1.85 -14.70
N TYR C 112 16.96 3.00 -14.14
CA TYR C 112 16.80 3.14 -12.70
C TYR C 112 15.44 2.59 -12.28
N TYR C 113 15.42 1.61 -11.37
CA TYR C 113 14.16 1.08 -10.88
C TYR C 113 13.86 1.34 -9.41
N GLY C 114 14.77 1.95 -8.65
CA GLY C 114 14.48 2.24 -7.25
C GLY C 114 15.67 2.04 -6.32
N MET C 115 15.57 2.68 -5.15
CA MET C 115 16.66 2.78 -4.19
C MET C 115 16.50 1.72 -3.11
N ASP C 116 17.27 0.64 -3.22
CA ASP C 116 17.13 -0.51 -2.31
C ASP C 116 18.09 -0.49 -1.13
N VAL C 117 19.21 0.20 -1.23
CA VAL C 117 20.18 0.32 -0.14
C VAL C 117 20.26 1.77 0.31
N TRP C 118 20.21 1.98 1.61
CA TRP C 118 20.31 3.31 2.21
C TRP C 118 21.34 3.30 3.32
N GLY C 119 22.13 4.37 3.41
CA GLY C 119 22.96 4.59 4.56
C GLY C 119 22.15 4.98 5.78
N GLN C 120 22.84 5.22 6.88
CA GLN C 120 22.17 5.60 8.12
C GLN C 120 21.94 7.10 8.23
N GLY C 121 22.57 7.91 7.39
CA GLY C 121 22.34 9.33 7.32
C GLY C 121 23.42 10.14 8.02
N THR C 122 23.58 11.38 7.58
CA THR C 122 24.44 12.34 8.27
C THR C 122 23.72 13.67 8.36
N THR C 123 23.80 14.33 9.51
CA THR C 123 22.96 15.49 9.79
C THR C 123 23.71 16.79 9.50
N VAL C 124 23.07 17.71 8.78
CA VAL C 124 23.65 18.98 8.41
C VAL C 124 22.73 20.09 8.91
N THR C 125 23.21 20.85 9.90
CA THR C 125 22.52 22.01 10.45
C THR C 125 23.20 23.29 9.98
N VAL C 126 22.45 24.16 9.32
CA VAL C 126 22.97 25.41 8.78
C VAL C 126 22.37 26.58 9.57
N SER C 127 23.12 27.09 10.54
CA SER C 127 22.69 28.26 11.29
C SER C 127 23.87 29.20 11.49
N SER C 128 23.58 30.49 11.70
CA SER C 128 24.63 31.43 12.08
C SER C 128 24.80 31.23 13.58
N ALA C 129 25.44 30.11 13.91
CA ALA C 129 25.67 29.71 15.29
C ALA C 129 26.21 30.84 16.14
N SER C 130 25.73 30.90 17.38
CA SER C 130 26.18 31.86 18.36
C SER C 130 26.58 31.20 19.66
N THR C 131 26.34 29.89 19.81
CA THR C 131 26.51 29.10 21.03
C THR C 131 26.19 29.75 22.37
N LYS C 132 24.94 30.20 22.52
CA LYS C 132 24.47 31.00 23.63
C LYS C 132 23.47 30.21 24.48
N GLY C 133 23.30 30.65 25.71
CA GLY C 133 22.38 30.04 26.64
C GLY C 133 20.97 30.58 26.52
N PRO C 134 20.02 29.85 27.10
CA PRO C 134 18.61 30.16 26.88
C PRO C 134 18.08 31.25 27.81
N SER C 135 16.97 31.85 27.38
CA SER C 135 16.17 32.74 28.19
C SER C 135 14.94 32.00 28.65
N VAL C 136 14.71 31.94 29.96
CA VAL C 136 13.63 31.14 30.52
C VAL C 136 12.51 32.06 30.97
N PHE C 137 11.32 31.86 30.42
CA PHE C 137 10.13 32.61 30.78
C PHE C 137 9.06 31.68 31.36
N PRO C 138 8.29 32.14 32.35
CA PRO C 138 7.28 31.28 32.96
C PRO C 138 5.96 31.29 32.21
N LEU C 139 5.33 30.11 32.15
CA LEU C 139 3.98 29.93 31.61
C LEU C 139 3.06 29.70 32.80
N ALA C 140 2.45 30.78 33.28
CA ALA C 140 1.63 30.75 34.47
C ALA C 140 0.33 29.96 34.23
N PRO C 141 -0.20 29.31 35.26
CA PRO C 141 -1.52 28.65 35.15
C PRO C 141 -2.64 29.67 35.29
N SER C 142 -3.56 29.66 34.32
CA SER C 142 -4.58 30.69 34.25
C SER C 142 -5.83 30.27 35.03
N SER C 143 -6.86 31.11 34.96
CA SER C 143 -8.12 30.84 35.63
C SER C 143 -8.96 29.80 34.90
N LYS C 144 -8.67 29.52 33.64
CA LYS C 144 -9.36 28.47 32.90
C LYS C 144 -8.70 27.10 33.11
N SER C 145 -7.44 27.09 33.53
CA SER C 145 -6.86 25.85 34.05
C SER C 145 -7.41 25.51 35.43
N THR C 146 -7.78 26.53 36.22
CA THR C 146 -8.19 26.35 37.60
C THR C 146 -9.52 25.59 37.73
N SER C 147 -10.35 25.59 36.69
CA SER C 147 -11.73 25.15 36.83
C SER C 147 -11.96 23.74 36.29
N GLY C 148 -10.97 23.12 35.65
CA GLY C 148 -11.00 21.70 35.43
C GLY C 148 -10.74 20.95 36.72
N GLY C 149 -10.57 19.64 36.58
CA GLY C 149 -10.04 18.86 37.70
C GLY C 149 -8.67 19.34 38.13
N THR C 150 -7.79 19.60 37.15
CA THR C 150 -6.39 19.96 37.36
C THR C 150 -6.05 21.13 36.46
N ALA C 151 -4.79 21.61 36.55
CA ALA C 151 -4.36 22.82 35.88
C ALA C 151 -2.96 22.64 35.33
N ALA C 152 -2.63 23.38 34.27
CA ALA C 152 -1.36 23.24 33.57
C ALA C 152 -0.45 24.45 33.83
N LEU C 153 0.85 24.19 33.95
CA LEU C 153 1.80 25.30 34.03
C LEU C 153 3.13 24.86 33.43
N GLY C 154 3.98 25.84 33.06
CA GLY C 154 5.18 25.44 32.34
C GLY C 154 6.31 26.45 32.31
N CYS C 155 7.35 26.08 31.57
CA CYS C 155 8.51 26.91 31.31
C CYS C 155 8.81 26.94 29.81
N LEU C 156 8.94 28.15 29.27
CA LEU C 156 9.44 28.37 27.92
C LEU C 156 10.95 28.63 27.97
N VAL C 157 11.72 27.80 27.28
CA VAL C 157 13.16 27.90 27.22
C VAL C 157 13.50 28.37 25.81
N LYS C 158 13.90 29.63 25.65
CA LYS C 158 14.07 30.14 24.26
C LYS C 158 15.46 30.65 23.92
N ASP C 159 15.73 30.87 22.63
CA ASP C 159 17.00 31.50 22.18
C ASP C 159 18.26 30.75 22.64
N TYR C 160 18.27 29.42 22.60
CA TYR C 160 19.54 28.70 22.92
C TYR C 160 20.03 28.00 21.63
N PHE C 161 21.29 28.22 21.24
CA PHE C 161 21.78 27.67 19.96
C PHE C 161 22.32 26.25 20.11
N PRO C 162 23.18 25.94 21.10
CA PRO C 162 23.63 24.56 21.28
C PRO C 162 22.41 23.71 21.59
N GLU C 163 22.25 22.56 20.93
CA GLU C 163 20.99 21.78 21.09
C GLU C 163 20.76 21.29 22.53
N PRO C 164 21.75 20.78 23.28
CA PRO C 164 21.42 19.94 24.44
C PRO C 164 21.03 20.77 25.67
N VAL C 165 19.74 20.74 26.04
CA VAL C 165 19.28 21.46 27.26
C VAL C 165 18.42 20.50 28.09
N THR C 166 18.58 20.52 29.43
CA THR C 166 17.83 19.62 30.28
C THR C 166 17.00 20.41 31.30
N VAL C 167 15.79 19.92 31.59
CA VAL C 167 14.84 20.62 32.44
C VAL C 167 14.31 19.67 33.51
N SER C 168 14.39 20.08 34.77
CA SER C 168 13.73 19.40 35.88
C SER C 168 12.78 20.36 36.57
N TRP C 169 12.05 19.86 37.57
CA TRP C 169 11.12 20.67 38.34
C TRP C 169 11.36 20.46 39.82
N ASN C 170 11.50 21.58 40.55
CA ASN C 170 11.77 21.56 41.99
C ASN C 170 12.99 20.71 42.29
N SER C 171 14.04 20.88 41.47
CA SER C 171 15.28 20.10 41.57
C SER C 171 15.00 18.61 41.66
N GLY C 172 14.09 18.14 40.80
CA GLY C 172 13.76 16.73 40.69
C GLY C 172 12.66 16.23 41.61
N ALA C 173 12.16 17.07 42.52
CA ALA C 173 11.08 16.63 43.40
C ALA C 173 9.79 16.33 42.62
N LEU C 174 9.52 17.08 41.57
CA LEU C 174 8.27 16.96 40.81
C LEU C 174 8.52 16.15 39.55
N THR C 175 7.87 14.99 39.43
CA THR C 175 8.14 14.06 38.35
C THR C 175 6.93 13.72 37.49
N SER C 176 5.81 13.35 38.09
CA SER C 176 4.66 12.89 37.32
C SER C 176 3.82 14.06 36.85
N GLY C 177 3.23 13.91 35.65
CA GLY C 177 2.52 14.99 35.00
C GLY C 177 3.39 15.89 34.17
N VAL C 178 4.68 15.58 34.06
CA VAL C 178 5.66 16.45 33.43
C VAL C 178 5.98 15.89 32.04
N HIS C 179 5.74 16.70 31.02
CA HIS C 179 6.28 16.44 29.69
C HIS C 179 7.17 17.61 29.27
N THR C 180 8.42 17.31 28.96
CA THR C 180 9.31 18.27 28.32
C THR C 180 9.40 17.92 26.85
N PHE C 181 9.20 18.92 25.99
CA PHE C 181 9.05 18.67 24.57
C PHE C 181 10.39 18.67 23.86
N PRO C 182 10.49 18.01 22.71
CA PRO C 182 11.63 18.23 21.83
C PRO C 182 11.70 19.68 21.36
N ALA C 183 12.90 20.12 21.01
CA ALA C 183 13.11 21.49 20.62
C ALA C 183 12.76 21.71 19.16
N VAL C 184 12.36 22.95 18.84
CA VAL C 184 12.26 23.41 17.46
C VAL C 184 13.53 24.15 17.11
N LEU C 185 13.99 24.01 15.87
CA LEU C 185 15.03 24.86 15.33
C LEU C 185 14.33 26.04 14.66
N GLN C 186 14.38 27.20 15.30
CA GLN C 186 13.76 28.37 14.70
C GLN C 186 14.54 28.81 13.46
N SER C 187 13.85 29.51 12.57
CA SER C 187 14.49 30.06 11.38
C SER C 187 15.60 31.03 11.77
N SER C 188 15.55 31.57 12.99
CA SER C 188 16.63 32.37 13.52
C SER C 188 17.93 31.59 13.63
N GLY C 189 17.87 30.26 13.60
CA GLY C 189 19.03 29.41 13.79
C GLY C 189 19.22 28.94 15.21
N LEU C 190 18.43 29.45 16.14
CA LEU C 190 18.47 29.09 17.55
C LEU C 190 17.35 28.13 17.91
N TYR C 191 17.58 27.33 18.95
CA TYR C 191 16.59 26.37 19.44
C TYR C 191 15.74 26.98 20.55
N SER C 192 14.59 26.36 20.79
CA SER C 192 13.63 26.78 21.80
C SER C 192 12.69 25.62 22.06
N LEU C 193 12.35 25.40 23.33
CA LEU C 193 11.47 24.30 23.69
C LEU C 193 10.64 24.70 24.92
N SER C 194 9.71 23.81 25.30
CA SER C 194 8.86 24.03 26.46
C SER C 194 8.79 22.79 27.32
N SER C 195 8.66 23.00 28.63
CA SER C 195 8.34 21.95 29.59
C SER C 195 7.03 22.30 30.29
N VAL C 196 6.20 21.30 30.55
CA VAL C 196 4.90 21.54 31.17
C VAL C 196 4.62 20.47 32.21
N VAL C 197 3.85 20.84 33.23
CA VAL C 197 3.40 19.93 34.27
C VAL C 197 1.92 20.18 34.55
N THR C 198 1.15 19.10 34.54
CA THR C 198 -0.23 19.10 35.04
C THR C 198 -0.22 18.89 36.55
N VAL C 199 -1.10 19.59 37.24
CA VAL C 199 -0.95 19.74 38.68
C VAL C 199 -2.29 20.10 39.33
N PRO C 200 -2.60 19.60 40.53
CA PRO C 200 -3.90 19.90 41.14
C PRO C 200 -4.19 21.38 41.25
N SER C 201 -5.41 21.76 40.85
CA SER C 201 -5.85 23.16 40.91
C SER C 201 -5.70 23.74 42.31
N SER C 202 -6.07 22.96 43.33
CA SER C 202 -6.09 23.47 44.70
C SER C 202 -4.71 23.64 45.30
N SER C 203 -3.66 23.14 44.65
CA SER C 203 -2.30 23.29 45.15
C SER C 203 -1.62 24.58 44.68
N LEU C 204 -2.32 25.39 43.88
CA LEU C 204 -1.72 26.60 43.34
C LEU C 204 -1.51 27.67 44.41
N GLY C 205 -2.21 27.55 45.54
CA GLY C 205 -1.97 28.44 46.66
C GLY C 205 -0.82 27.98 47.54
N THR C 206 -0.77 26.68 47.84
CA THR C 206 0.21 26.14 48.77
C THR C 206 1.55 25.83 48.09
N GLN C 207 1.54 24.92 47.13
CA GLN C 207 2.77 24.30 46.63
C GLN C 207 3.48 25.21 45.63
N THR C 208 4.76 25.47 45.88
CA THR C 208 5.61 26.25 44.99
C THR C 208 6.11 25.42 43.80
N TYR C 209 6.23 26.06 42.64
CA TYR C 209 6.69 25.39 41.42
C TYR C 209 7.80 26.23 40.77
N ILE C 210 9.01 25.69 40.76
CA ILE C 210 10.15 26.28 40.07
C ILE C 210 10.68 25.26 39.07
N CYS C 211 11.04 25.73 37.88
CA CYS C 211 11.65 24.88 36.86
C CYS C 211 13.15 25.17 36.77
N ASN C 212 13.93 24.10 36.67
CA ASN C 212 15.39 24.17 36.63
C ASN C 212 15.84 23.82 35.22
N VAL C 213 16.62 24.72 34.61
CA VAL C 213 17.07 24.61 33.23
C VAL C 213 18.59 24.62 33.23
N ASN C 214 19.18 23.59 32.63
CA ASN C 214 20.63 23.43 32.54
C ASN C 214 21.03 23.33 31.07
N HIS C 215 21.80 24.31 30.60
CA HIS C 215 22.42 24.29 29.28
C HIS C 215 23.93 24.19 29.47
N LYS C 216 24.43 22.95 29.47
CA LYS C 216 25.86 22.70 29.61
C LYS C 216 26.74 23.48 28.63
N PRO C 217 26.52 23.43 27.31
CA PRO C 217 27.48 24.07 26.38
C PRO C 217 27.76 25.53 26.67
N SER C 218 26.80 26.27 27.23
CA SER C 218 27.00 27.66 27.60
C SER C 218 27.27 27.83 29.09
N ASN C 219 27.36 26.73 29.85
CA ASN C 219 27.51 26.78 31.31
C ASN C 219 26.41 27.64 31.93
N THR C 220 25.18 27.44 31.47
CA THR C 220 24.04 28.20 31.96
C THR C 220 23.19 27.33 32.86
N LYS C 221 22.79 27.90 34.00
CA LYS C 221 21.85 27.24 34.89
C LYS C 221 20.87 28.31 35.38
N VAL C 222 19.57 28.02 35.25
CA VAL C 222 18.54 29.01 35.57
C VAL C 222 17.39 28.32 36.29
N ASP C 223 17.00 28.86 37.44
CA ASP C 223 15.78 28.45 38.12
C ASP C 223 14.72 29.53 37.98
N LYS C 224 13.48 29.14 37.67
CA LYS C 224 12.43 30.12 37.45
C LYS C 224 11.15 29.68 38.15
N ARG C 225 10.66 30.51 39.07
CA ARG C 225 9.40 30.23 39.75
C ARG C 225 8.22 30.62 38.87
N VAL C 226 7.24 29.72 38.78
CA VAL C 226 6.04 29.90 37.97
C VAL C 226 4.88 30.20 38.92
N GLU C 227 4.59 31.48 39.11
CA GLU C 227 3.46 31.94 39.92
C GLU C 227 2.26 32.25 39.05
N PRO C 228 1.05 32.23 39.61
CA PRO C 228 -0.12 32.70 38.85
C PRO C 228 -0.39 34.17 39.09
N LYS C 229 0.07 35.04 38.18
CA LYS C 229 -0.08 36.48 38.39
C LYS C 229 -1.52 36.94 38.16
N SER C 230 -1.97 37.82 39.05
CA SER C 230 -3.36 38.27 39.02
C SER C 230 -3.68 39.00 37.72
N CYS C 231 -2.77 39.86 37.26
CA CYS C 231 -2.97 40.59 36.03
C CYS C 231 -2.12 39.99 34.91
N TYR D 2 5.44 18.21 -11.25
CA TYR D 2 4.78 16.94 -11.01
C TYR D 2 4.72 16.63 -9.51
N GLU D 3 3.54 16.27 -9.01
CA GLU D 3 3.37 16.05 -7.58
C GLU D 3 2.62 14.75 -7.31
N LEU D 4 3.08 14.05 -6.28
CA LEU D 4 2.48 12.82 -5.78
C LEU D 4 1.85 13.09 -4.43
N THR D 5 0.58 12.69 -4.28
CA THR D 5 -0.18 12.93 -3.03
C THR D 5 -0.45 11.63 -2.26
N GLN D 6 -0.17 11.62 -0.94
CA GLN D 6 -0.43 10.43 -0.09
C GLN D 6 -1.27 10.85 1.11
N PRO D 7 -1.99 9.93 1.80
CA PRO D 7 -2.83 10.29 2.96
C PRO D 7 -1.88 10.70 4.10
N PRO D 8 -2.17 11.79 4.83
CA PRO D 8 -1.30 12.25 5.94
C PRO D 8 -1.23 11.25 7.11
N SER D 9 -2.31 10.51 7.34
CA SER D 9 -2.30 9.52 8.45
C SER D 9 -3.27 8.40 8.12
N VAL D 10 -2.83 7.16 8.22
CA VAL D 10 -3.71 5.98 7.99
C VAL D 10 -3.59 5.07 9.20
N SER D 11 -4.69 4.53 9.71
CA SER D 11 -4.61 3.65 10.91
C SER D 11 -5.27 2.30 10.63
N VAL D 12 -4.80 1.25 11.28
CA VAL D 12 -5.33 -0.11 11.01
C VAL D 12 -5.16 -0.97 12.25
N SER D 13 -6.18 -1.76 12.62
CA SER D 13 -6.04 -2.67 13.74
C SER D 13 -5.09 -3.80 13.36
N PRO D 14 -4.36 -4.36 14.33
CA PRO D 14 -3.40 -5.42 14.01
C PRO D 14 -4.09 -6.60 13.36
N GLY D 15 -3.46 -7.16 12.33
CA GLY D 15 -4.01 -8.27 11.59
C GLY D 15 -4.87 -7.86 10.41
N GLN D 16 -5.51 -6.70 10.49
CA GLN D 16 -6.33 -6.20 9.38
C GLN D 16 -5.46 -5.71 8.23
N THR D 17 -6.09 -5.57 7.07
CA THR D 17 -5.41 -5.06 5.89
C THR D 17 -5.38 -3.54 5.90
N ALA D 18 -4.24 -2.98 5.48
CA ALA D 18 -4.05 -1.54 5.42
C ALA D 18 -3.69 -1.13 4.01
N SER D 19 -4.22 0.00 3.55
CA SER D 19 -4.00 0.47 2.19
C SER D 19 -3.60 1.94 2.20
N ILE D 20 -2.55 2.27 1.44
CA ILE D 20 -2.05 3.62 1.30
C ILE D 20 -2.05 3.98 -0.17
N THR D 21 -2.64 5.13 -0.51
CA THR D 21 -2.76 5.55 -1.89
C THR D 21 -1.72 6.60 -2.24
N CYS D 22 -1.52 6.77 -3.55
CA CYS D 22 -0.50 7.66 -4.09
C CYS D 22 -1.03 8.16 -5.43
N SER D 23 -1.33 9.45 -5.54
CA SER D 23 -2.04 9.97 -6.69
C SER D 23 -1.20 11.00 -7.44
N GLY D 24 -1.16 10.85 -8.76
CA GLY D 24 -0.49 11.78 -9.66
C GLY D 24 -1.08 11.64 -11.04
N ASP D 25 -0.76 12.60 -11.91
CA ASP D 25 -1.36 12.62 -13.24
C ASP D 25 -0.75 11.52 -14.10
N LYS D 26 -1.62 10.61 -14.58
CA LYS D 26 -1.21 9.39 -15.30
C LYS D 26 -0.04 8.71 -14.63
N LEU D 27 -0.17 8.52 -13.31
CA LEU D 27 0.82 7.78 -12.56
C LEU D 27 0.90 6.33 -13.01
N GLY D 28 -0.20 5.78 -13.51
CA GLY D 28 -0.22 4.44 -14.09
C GLY D 28 0.80 4.24 -15.21
N ASP D 29 1.18 5.32 -15.86
CA ASP D 29 2.09 5.27 -17.00
C ASP D 29 3.56 5.30 -16.58
N LYS D 30 3.84 5.44 -15.30
CA LYS D 30 5.18 5.37 -14.74
C LYS D 30 5.26 4.26 -13.71
N TYR D 31 6.48 3.87 -13.34
CA TYR D 31 6.67 2.93 -12.26
C TYR D 31 6.63 3.65 -10.91
N ALA D 32 6.01 2.99 -9.92
CA ALA D 32 5.94 3.51 -8.56
C ALA D 32 6.76 2.64 -7.61
N CYS D 33 7.47 3.29 -6.70
CA CYS D 33 8.17 2.64 -5.60
C CYS D 33 7.52 3.02 -4.28
N TRP D 34 7.69 2.16 -3.28
CA TRP D 34 7.24 2.39 -1.92
C TRP D 34 8.36 2.08 -0.94
N TYR D 35 8.60 3.03 -0.03
CA TYR D 35 9.62 2.96 1.01
C TYR D 35 8.97 3.04 2.39
N GLN D 36 9.52 2.26 3.32
CA GLN D 36 9.14 2.26 4.72
C GLN D 36 10.23 2.92 5.56
N GLN D 37 9.82 3.77 6.50
CA GLN D 37 10.75 4.45 7.40
C GLN D 37 10.17 4.40 8.80
N LYS D 38 10.81 3.62 9.67
CA LYS D 38 10.49 3.61 11.09
C LYS D 38 11.20 4.76 11.78
N PRO D 39 10.77 5.14 12.99
CA PRO D 39 11.31 6.36 13.62
C PRO D 39 12.81 6.24 13.88
N GLY D 40 13.52 7.31 13.53
CA GLY D 40 14.97 7.33 13.69
C GLY D 40 15.69 6.24 12.93
N GLN D 41 15.11 5.72 11.85
CA GLN D 41 15.77 4.76 10.98
C GLN D 41 15.80 5.27 9.55
N SER D 42 16.69 4.69 8.76
CA SER D 42 16.75 4.98 7.34
C SER D 42 15.56 4.35 6.61
N PRO D 43 15.23 4.86 5.42
CA PRO D 43 14.22 4.19 4.59
C PRO D 43 14.69 2.83 4.12
N VAL D 44 13.71 1.96 3.86
CA VAL D 44 13.94 0.68 3.20
C VAL D 44 12.94 0.54 2.07
N LEU D 45 13.37 -0.05 0.96
CA LEU D 45 12.51 -0.30 -0.17
C LEU D 45 11.61 -1.49 0.12
N VAL D 46 10.29 -1.30 0.03
CA VAL D 46 9.35 -2.39 0.19
C VAL D 46 8.65 -2.75 -1.11
N ILE D 47 8.51 -1.81 -2.05
CA ILE D 47 7.93 -2.12 -3.35
C ILE D 47 8.67 -1.33 -4.43
N TYR D 48 8.94 -1.99 -5.56
CA TYR D 48 9.45 -1.30 -6.73
C TYR D 48 8.75 -1.86 -7.96
N GLN D 49 8.92 -1.17 -9.08
CA GLN D 49 8.32 -1.58 -10.35
C GLN D 49 6.82 -1.86 -10.21
N ASP D 50 6.13 -0.95 -9.50
CA ASP D 50 4.69 -0.99 -9.26
C ASP D 50 4.31 -2.04 -8.21
N SER D 51 4.84 -3.25 -8.34
CA SER D 51 4.25 -4.39 -7.65
C SER D 51 5.32 -5.37 -7.19
N LYS D 52 6.54 -5.23 -7.68
CA LYS D 52 7.61 -6.13 -7.32
C LYS D 52 8.13 -5.83 -5.91
N ARG D 53 8.51 -6.89 -5.21
CA ARG D 53 8.89 -6.82 -3.81
C ARG D 53 10.37 -7.17 -3.66
N PRO D 54 11.20 -6.30 -3.09
CA PRO D 54 12.64 -6.56 -3.03
C PRO D 54 12.97 -7.80 -2.20
N SER D 55 14.21 -8.25 -2.34
CA SER D 55 14.67 -9.45 -1.66
C SER D 55 14.63 -9.26 -0.15
N GLY D 56 13.98 -10.18 0.54
CA GLY D 56 13.88 -10.14 1.99
C GLY D 56 12.73 -9.34 2.54
N ILE D 57 11.84 -8.82 1.70
CA ILE D 57 10.67 -8.08 2.17
C ILE D 57 9.52 -9.07 2.34
N PRO D 58 8.86 -9.08 3.51
CA PRO D 58 7.72 -9.99 3.72
C PRO D 58 6.70 -9.92 2.58
N GLU D 59 6.09 -11.08 2.31
CA GLU D 59 5.16 -11.21 1.18
C GLU D 59 3.85 -10.48 1.41
N ARG D 60 3.53 -10.11 2.65
CA ARG D 60 2.28 -9.41 2.92
C ARG D 60 2.26 -8.01 2.31
N PHE D 61 3.43 -7.46 1.96
CA PHE D 61 3.52 -6.20 1.24
C PHE D 61 3.25 -6.44 -0.25
N SER D 62 2.17 -5.88 -0.76
CA SER D 62 1.88 -5.88 -2.19
C SER D 62 1.66 -4.46 -2.67
N GLY D 63 1.69 -4.28 -3.98
CA GLY D 63 1.51 -2.96 -4.57
C GLY D 63 0.85 -3.05 -5.93
N SER D 64 0.06 -2.03 -6.24
CA SER D 64 -0.56 -1.90 -7.55
C SER D 64 -0.35 -0.47 -8.05
N ASN D 65 -0.58 -0.26 -9.34
CA ASN D 65 -0.54 1.07 -9.93
C ASN D 65 -1.36 1.08 -11.22
N SER D 66 -2.39 1.92 -11.28
CA SER D 66 -3.19 2.06 -12.48
C SER D 66 -3.88 3.41 -12.48
N GLY D 67 -4.16 3.92 -13.68
CA GLY D 67 -4.80 5.22 -13.78
C GLY D 67 -3.93 6.28 -13.15
N ASN D 68 -4.47 6.96 -12.15
CA ASN D 68 -3.73 7.97 -11.42
C ASN D 68 -3.34 7.52 -10.02
N THR D 69 -3.50 6.25 -9.68
CA THR D 69 -3.31 5.82 -8.30
C THR D 69 -2.43 4.58 -8.22
N ALA D 70 -1.33 4.69 -7.48
CA ALA D 70 -0.60 3.55 -6.97
C ALA D 70 -1.09 3.27 -5.55
N THR D 71 -1.14 1.99 -5.17
CA THR D 71 -1.65 1.60 -3.87
C THR D 71 -0.75 0.55 -3.25
N LEU D 72 -0.22 0.87 -2.06
CA LEU D 72 0.52 -0.07 -1.23
C LEU D 72 -0.45 -0.76 -0.28
N THR D 73 -0.48 -2.09 -0.30
CA THR D 73 -1.35 -2.87 0.56
C THR D 73 -0.53 -3.77 1.48
N ILE D 74 -0.85 -3.75 2.77
CA ILE D 74 -0.25 -4.63 3.77
C ILE D 74 -1.38 -5.48 4.33
N SER D 75 -1.48 -6.73 3.88
CA SER D 75 -2.42 -7.66 4.49
C SER D 75 -1.83 -8.23 5.78
N GLY D 76 -2.68 -8.48 6.76
CA GLY D 76 -2.23 -8.99 8.03
C GLY D 76 -1.22 -8.08 8.67
N THR D 77 -1.57 -6.80 8.77
CA THR D 77 -0.65 -5.79 9.29
C THR D 77 -0.19 -6.15 10.69
N GLN D 78 1.09 -5.94 10.96
CA GLN D 78 1.71 -6.33 12.21
C GLN D 78 2.20 -5.09 12.92
N ALA D 79 2.38 -5.22 14.25
CA ALA D 79 2.92 -4.12 15.05
C ALA D 79 4.18 -3.54 14.42
N MET D 80 5.09 -4.40 13.96
CA MET D 80 6.37 -3.93 13.45
C MET D 80 6.24 -3.22 12.10
N ASP D 81 5.01 -3.09 11.57
CA ASP D 81 4.80 -2.36 10.33
C ASP D 81 4.44 -0.89 10.54
N GLU D 82 4.20 -0.47 11.79
CA GLU D 82 3.90 0.93 12.08
C GLU D 82 5.06 1.81 11.67
N ALA D 83 4.82 2.72 10.71
CA ALA D 83 5.92 3.51 10.17
C ALA D 83 5.37 4.57 9.22
N ASP D 84 6.26 5.45 8.76
CA ASP D 84 5.95 6.32 7.64
C ASP D 84 6.21 5.59 6.32
N TYR D 85 5.30 5.75 5.37
CA TYR D 85 5.45 5.14 4.06
C TYR D 85 5.41 6.24 3.00
N TYR D 86 6.42 6.25 2.13
CA TYR D 86 6.50 7.19 1.02
C TYR D 86 6.44 6.46 -0.31
N CYS D 87 5.65 7.00 -1.25
CA CYS D 87 5.74 6.56 -2.64
C CYS D 87 6.70 7.45 -3.42
N GLN D 88 7.14 6.94 -4.58
CA GLN D 88 8.10 7.65 -5.41
C GLN D 88 7.95 7.24 -6.87
N ALA D 89 8.11 8.21 -7.77
CA ALA D 89 8.09 7.94 -9.21
C ALA D 89 9.09 8.86 -9.90
N TRP D 90 9.03 8.88 -11.23
CA TRP D 90 9.84 9.75 -12.06
C TRP D 90 8.94 10.79 -12.74
N ASP D 91 9.47 12.01 -12.88
CA ASP D 91 8.70 13.10 -13.46
C ASP D 91 8.56 12.92 -14.97
N SER D 92 7.30 12.93 -15.44
CA SER D 92 6.97 12.81 -16.86
C SER D 92 7.93 13.61 -17.74
N SER D 93 8.64 12.89 -18.61
CA SER D 93 9.55 13.46 -19.61
C SER D 93 10.86 13.93 -19.02
N THR D 94 10.80 14.88 -18.09
CA THR D 94 12.04 15.42 -17.52
C THR D 94 12.70 14.42 -16.57
N SER D 95 13.92 14.77 -16.15
CA SER D 95 14.78 13.95 -15.30
C SER D 95 14.63 14.38 -13.85
N TYR D 96 13.76 13.70 -13.11
CA TYR D 96 13.43 14.17 -11.77
C TYR D 96 12.82 13.08 -10.89
N VAL D 97 13.39 12.81 -9.72
CA VAL D 97 12.81 11.80 -8.82
C VAL D 97 11.80 12.53 -7.95
N VAL D 98 10.68 11.87 -7.62
CA VAL D 98 9.57 12.55 -6.97
C VAL D 98 8.99 11.66 -5.89
N PHE D 99 8.99 12.15 -4.65
CA PHE D 99 8.39 11.45 -3.53
C PHE D 99 6.99 11.99 -3.23
N GLY D 100 6.20 11.18 -2.52
CA GLY D 100 4.97 11.64 -1.94
C GLY D 100 5.18 12.31 -0.60
N GLY D 101 4.13 12.94 -0.09
CA GLY D 101 4.21 13.60 1.20
C GLY D 101 4.37 12.67 2.38
N GLY D 102 4.21 11.37 2.18
CA GLY D 102 4.35 10.40 3.24
C GLY D 102 3.04 10.13 3.97
N THR D 103 3.00 8.99 4.65
CA THR D 103 1.81 8.56 5.36
C THR D 103 2.22 7.88 6.66
N LYS D 104 1.67 8.35 7.78
CA LYS D 104 1.96 7.77 9.09
C LYS D 104 0.99 6.61 9.31
N LEU D 105 1.44 5.40 9.00
CA LEU D 105 0.67 4.19 9.28
C LEU D 105 0.81 3.84 10.76
N THR D 106 -0.27 4.02 11.50
CA THR D 106 -0.40 3.60 12.89
C THR D 106 -1.03 2.21 12.96
N VAL D 107 -0.46 1.35 13.78
CA VAL D 107 -1.10 0.02 14.00
C VAL D 107 -1.71 0.16 15.38
N LEU D 108 -3.02 0.06 15.49
CA LEU D 108 -3.65 0.40 16.78
C LEU D 108 -3.34 -0.65 17.84
N GLY D 109 -2.65 -0.20 18.89
CA GLY D 109 -2.32 -1.00 20.07
C GLY D 109 -3.01 -0.43 21.29
N GLN D 110 -3.79 0.64 21.08
CA GLN D 110 -4.55 1.27 22.19
C GLN D 110 -5.76 2.01 21.61
N PRO D 111 -6.66 2.57 22.45
CA PRO D 111 -7.86 3.24 21.96
C PRO D 111 -7.57 4.68 21.51
N LYS D 112 -8.38 5.19 20.56
CA LYS D 112 -8.25 6.58 20.05
C LYS D 112 -8.43 7.55 21.21
N ALA D 113 -7.64 8.62 21.23
CA ALA D 113 -7.66 9.58 22.34
C ALA D 113 -7.60 11.00 21.79
N ALA D 114 -8.63 11.79 22.06
CA ALA D 114 -8.65 13.17 21.62
C ALA D 114 -7.59 13.99 22.36
N PRO D 115 -7.01 14.99 21.71
CA PRO D 115 -5.94 15.77 22.35
C PRO D 115 -6.45 16.73 23.41
N SER D 116 -5.54 17.07 24.32
CA SER D 116 -5.77 18.02 25.41
C SER D 116 -4.89 19.23 25.12
N VAL D 117 -5.52 20.34 24.76
CA VAL D 117 -4.84 21.54 24.28
C VAL D 117 -4.86 22.61 25.35
N THR D 118 -3.69 23.18 25.65
CA THR D 118 -3.56 24.29 26.58
C THR D 118 -2.74 25.39 25.92
N LEU D 119 -3.32 26.58 25.81
CA LEU D 119 -2.68 27.73 25.16
C LEU D 119 -2.26 28.75 26.21
N PHE D 120 -0.96 29.09 26.23
CA PHE D 120 -0.36 30.07 27.11
C PHE D 120 -0.07 31.36 26.36
N PRO D 121 -0.53 32.50 26.90
CA PRO D 121 -0.19 33.79 26.32
C PRO D 121 1.23 34.20 26.72
N PRO D 122 1.79 35.20 26.05
CA PRO D 122 3.16 35.62 26.38
C PRO D 122 3.28 36.08 27.82
N SER D 123 4.34 35.64 28.48
CA SER D 123 4.64 36.11 29.83
C SER D 123 4.96 37.60 29.80
N SER D 124 4.61 38.28 30.90
CA SER D 124 4.92 39.70 31.00
C SER D 124 6.42 39.95 31.07
N GLU D 125 7.21 38.97 31.52
CA GLU D 125 8.67 39.09 31.40
C GLU D 125 9.08 39.19 29.95
N GLU D 126 8.53 38.31 29.10
CA GLU D 126 8.90 38.31 27.69
C GLU D 126 8.44 39.60 27.01
N LEU D 127 7.25 40.08 27.38
CA LEU D 127 6.78 41.36 26.86
C LEU D 127 7.73 42.49 27.24
N GLN D 128 8.10 42.55 28.53
CA GLN D 128 9.10 43.51 28.98
C GLN D 128 10.44 43.34 28.27
N ALA D 129 10.70 42.16 27.71
CA ALA D 129 11.88 41.93 26.89
C ALA D 129 11.61 42.22 25.42
N ASN D 130 10.44 42.76 25.10
CA ASN D 130 10.07 43.27 23.78
C ASN D 130 9.87 42.16 22.74
N LYS D 131 9.41 40.99 23.19
CA LYS D 131 8.99 39.91 22.29
C LYS D 131 7.75 39.26 22.89
N ALA D 132 7.09 38.40 22.10
CA ALA D 132 5.87 37.77 22.58
C ALA D 132 5.73 36.41 21.92
N THR D 133 5.58 35.36 22.72
CA THR D 133 5.45 34.00 22.18
C THR D 133 4.22 33.33 22.77
N LEU D 134 3.30 32.94 21.90
CA LEU D 134 2.18 32.09 22.29
C LEU D 134 2.60 30.63 22.23
N VAL D 135 2.23 29.87 23.26
CA VAL D 135 2.69 28.49 23.42
C VAL D 135 1.48 27.57 23.46
N CYS D 136 1.35 26.68 22.48
CA CYS D 136 0.23 25.75 22.38
C CYS D 136 0.74 24.34 22.66
N LEU D 137 0.31 23.76 23.77
CA LEU D 137 0.77 22.47 24.23
C LEU D 137 -0.35 21.45 24.07
N ILE D 138 -0.07 20.37 23.34
CA ILE D 138 -1.05 19.35 22.98
C ILE D 138 -0.59 18.04 23.58
N SER D 139 -1.46 17.37 24.34
CA SER D 139 -1.05 16.17 25.07
C SER D 139 -2.11 15.10 25.00
N ASP D 140 -1.67 13.84 25.19
CA ASP D 140 -2.54 12.70 25.45
C ASP D 140 -3.46 12.38 24.26
N PHE D 141 -2.87 12.17 23.09
CA PHE D 141 -3.66 11.77 21.89
C PHE D 141 -3.00 10.51 21.30
N TYR D 142 -3.59 9.34 21.52
CA TYR D 142 -2.90 8.09 21.08
C TYR D 142 -2.72 8.03 19.56
N PRO D 143 -3.69 8.38 18.71
CA PRO D 143 -3.42 8.42 17.28
C PRO D 143 -2.37 9.52 17.15
N GLY D 144 -1.12 9.16 16.85
CA GLY D 144 -0.06 10.19 16.83
C GLY D 144 -0.07 10.88 15.49
N ALA D 145 -1.11 11.68 15.26
CA ALA D 145 -1.27 12.40 13.97
C ALA D 145 -2.16 13.61 14.28
N VAL D 146 -1.66 14.81 14.05
CA VAL D 146 -2.42 16.02 14.47
C VAL D 146 -1.96 17.24 13.68
N THR D 147 -2.91 18.08 13.26
CA THR D 147 -2.55 19.33 12.60
C THR D 147 -2.85 20.52 13.50
N VAL D 148 -2.03 21.57 13.39
CA VAL D 148 -2.18 22.78 14.18
C VAL D 148 -2.42 23.96 13.22
N ALA D 149 -3.28 24.87 13.64
CA ALA D 149 -3.61 26.06 12.86
C ALA D 149 -3.78 27.24 13.81
N TRP D 150 -3.09 28.34 13.53
CA TRP D 150 -3.18 29.52 14.37
C TRP D 150 -4.10 30.56 13.73
N LYS D 151 -4.76 31.34 14.58
CA LYS D 151 -5.68 32.36 14.09
C LYS D 151 -5.62 33.60 14.96
N ALA D 152 -5.73 34.76 14.32
CA ALA D 152 -5.95 36.03 14.99
C ALA D 152 -7.35 36.51 14.64
N ASP D 153 -8.32 36.21 15.52
CA ASP D 153 -9.70 36.67 15.38
C ASP D 153 -10.35 36.05 14.13
N SER D 154 -10.24 34.73 14.02
CA SER D 154 -10.75 33.95 12.89
C SER D 154 -10.01 34.26 11.60
N SER D 155 -8.94 35.05 11.66
CA SER D 155 -8.10 35.30 10.51
C SER D 155 -6.88 34.42 10.60
N PRO D 156 -6.58 33.60 9.59
CA PRO D 156 -5.59 32.52 9.77
C PRO D 156 -4.16 33.05 9.70
N VAL D 157 -3.35 32.70 10.70
CA VAL D 157 -1.98 33.17 10.78
C VAL D 157 -1.08 32.31 9.90
N LYS D 158 -0.27 32.96 9.07
CA LYS D 158 0.65 32.32 8.16
C LYS D 158 2.05 32.19 8.74
N ALA D 159 2.61 33.28 9.27
CA ALA D 159 4.01 33.30 9.65
C ALA D 159 4.18 33.46 11.15
N GLY D 160 5.40 33.16 11.60
CA GLY D 160 5.71 33.11 13.01
C GLY D 160 5.38 31.80 13.69
N VAL D 161 5.08 30.73 12.95
CA VAL D 161 4.64 29.47 13.52
C VAL D 161 5.76 28.44 13.38
N GLU D 162 6.12 27.80 14.49
CA GLU D 162 6.99 26.63 14.48
C GLU D 162 6.29 25.49 15.21
N THR D 163 6.31 24.28 14.66
CA THR D 163 5.56 23.20 15.28
C THR D 163 6.39 21.91 15.36
N THR D 164 6.29 21.26 16.52
CA THR D 164 6.94 19.98 16.78
C THR D 164 6.16 18.84 16.13
N THR D 165 6.89 17.74 15.79
CA THR D 165 6.21 16.51 15.41
C THR D 165 5.82 15.73 16.66
N PRO D 166 4.64 15.08 16.65
CA PRO D 166 4.23 14.28 17.82
C PRO D 166 5.35 13.37 18.34
N SER D 167 5.44 13.26 19.66
CA SER D 167 6.44 12.42 20.30
C SER D 167 5.77 11.66 21.44
N LYS D 168 6.13 10.38 21.56
CA LYS D 168 5.55 9.55 22.61
C LYS D 168 5.85 10.14 23.98
N GLN D 169 4.83 10.24 24.82
CA GLN D 169 5.09 10.49 26.22
C GLN D 169 5.14 9.13 26.93
N SER D 170 5.22 9.16 28.26
CA SER D 170 5.28 7.91 29.00
C SER D 170 3.94 7.18 28.97
N ASN D 171 2.84 7.86 28.60
CA ASN D 171 1.56 7.18 28.52
C ASN D 171 1.43 6.32 27.28
N ASN D 172 2.51 6.18 26.50
CA ASN D 172 2.49 5.50 25.22
C ASN D 172 1.59 6.27 24.25
N LYS D 173 1.02 7.38 24.73
CA LYS D 173 0.33 8.36 23.92
C LYS D 173 1.33 9.39 23.40
N TYR D 174 0.85 10.33 22.59
CA TYR D 174 1.71 11.32 21.94
C TYR D 174 1.37 12.73 22.39
N ALA D 175 2.35 13.62 22.25
CA ALA D 175 2.20 15.02 22.58
C ALA D 175 3.00 15.86 21.59
N ALA D 176 2.54 17.09 21.36
CA ALA D 176 3.18 18.00 20.40
C ALA D 176 3.11 19.44 20.93
N SER D 177 3.96 20.29 20.38
CA SER D 177 3.98 21.70 20.74
C SER D 177 4.02 22.57 19.49
N SER D 178 3.32 23.71 19.56
CA SER D 178 3.43 24.74 18.53
C SER D 178 3.65 26.10 19.17
N TYR D 179 4.47 26.92 18.53
CA TYR D 179 4.79 28.25 19.01
C TYR D 179 4.45 29.28 17.95
N LEU D 180 3.88 30.40 18.38
CA LEU D 180 3.62 31.54 17.51
C LEU D 180 4.37 32.76 18.03
N SER D 181 5.30 33.26 17.22
CA SER D 181 6.07 34.46 17.57
C SER D 181 5.37 35.71 17.06
N LEU D 182 5.31 36.72 17.93
CA LEU D 182 4.74 38.01 17.59
C LEU D 182 5.55 39.11 18.25
N THR D 183 5.58 40.26 17.57
CA THR D 183 5.96 41.49 18.24
C THR D 183 4.86 41.90 19.22
N PRO D 184 5.22 42.58 20.31
CA PRO D 184 4.18 42.96 21.28
C PRO D 184 3.10 43.84 20.68
N GLU D 185 3.44 44.66 19.68
CA GLU D 185 2.44 45.40 18.92
C GLU D 185 1.31 44.50 18.48
N GLN D 186 1.63 43.50 17.64
CA GLN D 186 0.61 42.67 17.03
C GLN D 186 -0.03 41.71 18.03
N TRP D 187 0.66 41.40 19.13
CA TRP D 187 -0.01 40.74 20.25
C TRP D 187 -1.16 41.60 20.76
N LYS D 188 -0.86 42.83 21.17
CA LYS D 188 -1.86 43.68 21.78
C LYS D 188 -2.92 44.18 20.79
N SER D 189 -2.69 44.04 19.49
CA SER D 189 -3.52 44.69 18.47
C SER D 189 -4.51 43.74 17.82
N HIS D 190 -4.79 42.60 18.44
CA HIS D 190 -5.87 41.73 18.02
C HIS D 190 -6.71 41.42 19.24
N ARG D 191 -8.01 41.20 19.00
CA ARG D 191 -8.91 40.95 20.11
C ARG D 191 -8.57 39.64 20.81
N SER D 192 -8.23 38.59 20.04
CA SER D 192 -7.85 37.30 20.59
C SER D 192 -7.01 36.53 19.59
N TYR D 193 -6.24 35.56 20.09
CA TYR D 193 -5.58 34.55 19.28
C TYR D 193 -6.07 33.17 19.67
N SER D 194 -6.02 32.24 18.72
CA SER D 194 -6.56 30.91 18.91
C SER D 194 -5.64 29.86 18.29
N CYS D 195 -5.54 28.73 18.98
CA CYS D 195 -4.80 27.56 18.52
C CYS D 195 -5.81 26.45 18.27
N GLN D 196 -5.89 25.98 17.02
CA GLN D 196 -6.84 24.97 16.57
C GLN D 196 -6.07 23.68 16.27
N VAL D 197 -6.45 22.61 16.95
CA VAL D 197 -5.77 21.33 16.89
C VAL D 197 -6.76 20.30 16.32
N THR D 198 -6.38 19.66 15.22
CA THR D 198 -7.27 18.76 14.50
C THR D 198 -6.74 17.34 14.56
N HIS D 199 -7.59 16.42 15.03
CA HIS D 199 -7.24 15.03 15.33
C HIS D 199 -8.41 14.14 14.94
N GLU D 200 -8.18 13.25 13.97
CA GLU D 200 -9.19 12.28 13.54
C GLU D 200 -10.51 12.96 13.21
N GLY D 201 -10.43 13.99 12.38
CA GLY D 201 -11.61 14.68 11.90
C GLY D 201 -12.24 15.64 12.87
N SER D 202 -11.72 15.75 14.10
CA SER D 202 -12.32 16.57 15.13
C SER D 202 -11.36 17.68 15.52
N THR D 203 -11.83 18.92 15.46
CA THR D 203 -11.01 20.08 15.76
C THR D 203 -11.39 20.61 17.14
N VAL D 204 -10.37 20.91 17.95
CA VAL D 204 -10.55 21.54 19.25
C VAL D 204 -9.67 22.78 19.29
N GLU D 205 -10.19 23.88 19.82
CA GLU D 205 -9.44 25.11 19.85
C GLU D 205 -9.39 25.69 21.25
N LYS D 206 -8.34 26.46 21.51
CA LYS D 206 -8.20 27.21 22.74
C LYS D 206 -7.75 28.62 22.40
N THR D 207 -8.21 29.59 23.19
CA THR D 207 -8.07 30.99 22.83
C THR D 207 -7.56 31.80 24.02
N VAL D 208 -6.72 32.78 23.72
CA VAL D 208 -6.23 33.75 24.70
C VAL D 208 -6.44 35.15 24.16
N ALA D 209 -6.53 36.11 25.08
CA ALA D 209 -6.70 37.50 24.70
C ALA D 209 -5.68 38.37 25.42
N PRO D 210 -5.27 39.48 24.79
CA PRO D 210 -4.31 40.38 25.46
C PRO D 210 -4.84 40.98 26.75
N THR D 211 -6.15 41.22 26.83
CA THR D 211 -6.74 41.82 28.02
C THR D 211 -6.71 40.87 29.21
N GLU D 212 -7.24 39.67 29.06
CA GLU D 212 -7.53 38.78 30.18
C GLU D 212 -6.38 37.91 30.63
N GLU E 1 -18.33 -30.89 38.51
CA GLU E 1 -18.38 -29.52 38.02
C GLU E 1 -19.63 -29.31 37.17
N VAL E 2 -19.68 -28.20 36.45
CA VAL E 2 -20.73 -27.96 35.47
C VAL E 2 -20.56 -28.89 34.28
N GLN E 3 -21.65 -29.56 33.90
CA GLN E 3 -21.60 -30.60 32.87
C GLN E 3 -22.93 -30.69 32.15
N LEU E 4 -22.88 -30.70 30.81
CA LEU E 4 -24.03 -30.97 29.97
C LEU E 4 -23.78 -32.22 29.14
N VAL E 5 -24.76 -33.13 29.08
CA VAL E 5 -24.61 -34.41 28.39
C VAL E 5 -25.79 -34.60 27.44
N GLU E 6 -25.51 -34.58 26.13
CA GLU E 6 -26.54 -34.86 25.13
C GLU E 6 -26.71 -36.36 24.93
N SER E 7 -27.93 -36.76 24.56
CA SER E 7 -28.22 -38.16 24.26
C SER E 7 -29.47 -38.24 23.38
N GLY E 8 -29.61 -39.39 22.71
CA GLY E 8 -30.81 -39.73 21.97
C GLY E 8 -30.69 -39.66 20.47
N GLY E 9 -29.54 -39.24 19.95
CA GLY E 9 -29.29 -39.28 18.53
C GLY E 9 -29.10 -40.69 17.97
N GLY E 10 -28.93 -40.75 16.66
CA GLY E 10 -28.74 -42.00 15.96
C GLY E 10 -29.02 -41.83 14.48
N VAL E 11 -29.07 -42.96 13.79
CA VAL E 11 -29.41 -42.98 12.37
C VAL E 11 -30.91 -43.22 12.24
N VAL E 12 -31.57 -42.43 11.39
CA VAL E 12 -33.02 -42.48 11.26
C VAL E 12 -33.40 -42.07 9.85
N GLN E 13 -34.53 -42.60 9.37
CA GLN E 13 -34.98 -42.37 8.01
C GLN E 13 -35.74 -41.05 7.91
N PRO E 14 -35.60 -40.33 6.79
CA PRO E 14 -36.27 -39.03 6.64
C PRO E 14 -37.78 -39.14 6.75
N GLY E 15 -38.39 -38.01 7.12
CA GLY E 15 -39.81 -37.96 7.39
C GLY E 15 -40.22 -38.46 8.75
N ARG E 16 -39.41 -39.29 9.40
CA ARG E 16 -39.71 -39.72 10.75
C ARG E 16 -39.27 -38.65 11.75
N SER E 17 -39.23 -39.01 13.03
CA SER E 17 -39.01 -38.04 14.08
C SER E 17 -38.22 -38.68 15.21
N LEU E 18 -37.71 -37.83 16.10
CA LEU E 18 -36.64 -38.20 17.02
C LEU E 18 -36.56 -37.17 18.15
N ARG E 19 -36.25 -37.63 19.36
CA ARG E 19 -36.26 -36.78 20.54
C ARG E 19 -34.89 -36.79 21.23
N LEU E 20 -34.25 -35.63 21.27
CA LEU E 20 -32.96 -35.45 21.92
C LEU E 20 -33.13 -34.96 23.35
N SER E 21 -32.24 -35.42 24.23
CA SER E 21 -32.18 -35.00 25.62
C SER E 21 -30.83 -34.38 25.92
N CYS E 22 -30.81 -33.48 26.91
CA CYS E 22 -29.60 -32.86 27.42
C CYS E 22 -29.71 -32.82 28.93
N ALA E 23 -28.79 -33.50 29.61
CA ALA E 23 -28.81 -33.62 31.07
C ALA E 23 -27.78 -32.65 31.65
N ALA E 24 -28.26 -31.75 32.51
CA ALA E 24 -27.42 -30.76 33.17
C ALA E 24 -27.07 -31.21 34.59
N SER E 25 -25.88 -30.82 35.04
CA SER E 25 -25.46 -31.13 36.40
C SER E 25 -24.39 -30.14 36.82
N GLY E 26 -24.41 -29.76 38.10
CA GLY E 26 -23.42 -28.88 38.67
C GLY E 26 -23.73 -27.41 38.62
N PHE E 27 -24.97 -27.04 38.31
CA PHE E 27 -25.41 -25.65 38.37
C PHE E 27 -26.93 -25.63 38.49
N ILE E 28 -27.45 -24.48 38.88
CA ILE E 28 -28.88 -24.34 39.10
C ILE E 28 -29.57 -24.24 37.74
N PHE E 29 -29.89 -25.40 37.16
CA PHE E 29 -30.40 -25.46 35.79
C PHE E 29 -31.60 -24.53 35.59
N SER E 30 -32.50 -24.48 36.56
CA SER E 30 -33.76 -23.76 36.42
C SER E 30 -33.58 -22.26 36.24
N SER E 31 -32.35 -21.75 36.30
CA SER E 31 -32.10 -20.32 36.29
C SER E 31 -31.33 -19.87 35.06
N TYR E 32 -31.28 -20.68 34.00
CA TYR E 32 -30.48 -20.33 32.83
C TYR E 32 -31.26 -20.60 31.55
N GLY E 33 -31.22 -19.64 30.63
CA GLY E 33 -31.61 -19.91 29.26
C GLY E 33 -30.77 -21.03 28.66
N MET E 34 -31.40 -21.86 27.83
CA MET E 34 -30.72 -22.98 27.18
C MET E 34 -30.88 -22.92 25.67
N TYR E 35 -29.87 -23.46 24.96
CA TYR E 35 -29.77 -23.41 23.51
C TYR E 35 -29.63 -24.81 22.94
N TRP E 36 -30.18 -25.00 21.75
CA TRP E 36 -29.79 -26.07 20.84
C TRP E 36 -29.11 -25.47 19.62
N VAL E 37 -27.92 -25.98 19.31
CA VAL E 37 -27.10 -25.55 18.18
C VAL E 37 -26.58 -26.79 17.46
N ARG E 38 -26.59 -26.77 16.14
CA ARG E 38 -26.13 -27.93 15.40
C ARG E 38 -24.98 -27.60 14.47
N GLN E 39 -24.28 -28.64 14.04
CA GLN E 39 -23.15 -28.52 13.13
C GLN E 39 -23.19 -29.70 12.16
N ALA E 40 -23.54 -29.43 10.90
CA ALA E 40 -23.46 -30.44 9.87
C ALA E 40 -22.00 -30.82 9.64
N PRO E 41 -21.74 -32.02 9.10
CA PRO E 41 -20.35 -32.43 8.88
C PRO E 41 -19.61 -31.46 7.97
N GLY E 42 -18.49 -30.93 8.47
CA GLY E 42 -17.70 -30.00 7.71
C GLY E 42 -18.31 -28.63 7.51
N LYS E 43 -19.42 -28.33 8.18
CA LYS E 43 -20.05 -27.02 8.07
C LYS E 43 -19.82 -26.24 9.37
N GLY E 44 -20.42 -25.04 9.46
CA GLY E 44 -20.28 -24.21 10.64
C GLY E 44 -21.35 -24.48 11.68
N LEU E 45 -21.34 -23.67 12.73
CA LEU E 45 -22.34 -23.79 13.78
C LEU E 45 -23.61 -23.11 13.35
N GLU E 46 -24.74 -23.82 13.46
CA GLU E 46 -26.05 -23.31 13.11
C GLU E 46 -26.92 -23.24 14.36
N TRP E 47 -27.46 -22.07 14.65
CA TRP E 47 -28.44 -21.97 15.73
C TRP E 47 -29.70 -22.73 15.37
N VAL E 48 -30.24 -23.46 16.35
CA VAL E 48 -31.47 -24.23 16.18
C VAL E 48 -32.61 -23.67 17.02
N ALA E 49 -32.41 -23.56 18.32
CA ALA E 49 -33.49 -23.06 19.17
C ALA E 49 -32.95 -22.53 20.48
N VAL E 50 -33.80 -21.80 21.20
CA VAL E 50 -33.44 -21.27 22.51
C VAL E 50 -34.71 -21.20 23.36
N ILE E 51 -34.55 -21.40 24.66
CA ILE E 51 -35.66 -21.45 25.60
C ILE E 51 -35.26 -20.72 26.89
N TRP E 52 -36.23 -20.02 27.48
CA TRP E 52 -36.02 -19.22 28.68
C TRP E 52 -35.77 -20.12 29.89
N TYR E 53 -35.20 -19.51 30.94
CA TYR E 53 -34.84 -20.22 32.16
C TYR E 53 -36.01 -21.01 32.75
N ASP E 54 -37.24 -20.59 32.50
CA ASP E 54 -38.42 -21.24 33.05
C ASP E 54 -39.25 -21.95 32.00
N GLY E 55 -38.79 -21.96 30.74
CA GLY E 55 -39.50 -22.61 29.66
C GLY E 55 -40.64 -21.81 29.07
N SER E 56 -40.83 -20.56 29.51
CA SER E 56 -41.95 -19.77 29.06
C SER E 56 -41.84 -19.41 27.58
N ASN E 57 -40.67 -18.95 27.16
CA ASN E 57 -40.48 -18.45 25.80
C ASN E 57 -39.58 -19.39 25.03
N LYS E 58 -39.94 -19.63 23.78
CA LYS E 58 -39.21 -20.52 22.90
C LYS E 58 -39.03 -19.81 21.57
N TYR E 59 -37.80 -19.84 21.05
CA TYR E 59 -37.48 -19.19 19.79
C TYR E 59 -36.79 -20.21 18.90
N TYR E 60 -37.16 -20.22 17.62
CA TYR E 60 -36.66 -21.21 16.68
C TYR E 60 -36.03 -20.54 15.46
N ALA E 61 -35.07 -21.24 14.87
CA ALA E 61 -34.54 -20.84 13.57
C ALA E 61 -35.54 -21.16 12.47
N ASP E 62 -35.46 -20.39 11.39
CA ASP E 62 -36.42 -20.52 10.29
C ASP E 62 -36.42 -21.94 9.72
N SER E 63 -35.23 -22.54 9.62
CA SER E 63 -35.10 -23.86 9.01
C SER E 63 -35.87 -24.94 9.76
N VAL E 64 -36.10 -24.76 11.07
CA VAL E 64 -36.78 -25.75 11.88
C VAL E 64 -38.08 -25.23 12.47
N LYS E 65 -38.43 -23.97 12.24
CA LYS E 65 -39.65 -23.42 12.78
C LYS E 65 -40.85 -24.23 12.30
N GLY E 66 -41.73 -24.60 13.23
CA GLY E 66 -42.88 -25.42 12.92
C GLY E 66 -42.62 -26.91 12.89
N ARG E 67 -41.37 -27.34 12.73
CA ARG E 67 -41.01 -28.76 12.71
C ARG E 67 -40.42 -29.23 14.03
N PHE E 68 -39.64 -28.40 14.70
CA PHE E 68 -39.00 -28.76 15.96
C PHE E 68 -39.73 -28.11 17.13
N THR E 69 -39.57 -28.72 18.30
CA THR E 69 -40.17 -28.23 19.54
C THR E 69 -39.13 -28.30 20.64
N ILE E 70 -38.82 -27.17 21.27
CA ILE E 70 -37.87 -27.13 22.38
C ILE E 70 -38.66 -27.11 23.69
N SER E 71 -38.15 -27.80 24.69
CA SER E 71 -38.83 -27.81 25.99
C SER E 71 -37.81 -28.15 27.06
N ARG E 72 -38.19 -27.92 28.31
CA ARG E 72 -37.31 -28.27 29.42
C ARG E 72 -38.13 -28.76 30.61
N ASP E 73 -37.59 -29.74 31.32
CA ASP E 73 -38.10 -30.16 32.62
C ASP E 73 -37.09 -29.67 33.66
N ASN E 74 -37.46 -28.59 34.35
CA ASN E 74 -36.58 -28.00 35.35
C ASN E 74 -36.46 -28.89 36.57
N SER E 75 -37.50 -29.67 36.89
CA SER E 75 -37.43 -30.60 38.01
C SER E 75 -36.42 -31.71 37.75
N LYS E 76 -36.28 -32.12 36.49
CA LYS E 76 -35.40 -33.22 36.11
C LYS E 76 -34.09 -32.75 35.51
N ASN E 77 -33.81 -31.45 35.53
CA ASN E 77 -32.54 -30.90 35.04
C ASN E 77 -32.32 -31.25 33.56
N THR E 78 -33.37 -31.18 32.75
CA THR E 78 -33.29 -31.72 31.41
C THR E 78 -33.81 -30.76 30.36
N LEU E 79 -33.14 -30.72 29.22
CA LEU E 79 -33.57 -29.99 28.03
C LEU E 79 -33.90 -30.98 26.92
N TYR E 80 -35.02 -30.78 26.24
CA TYR E 80 -35.45 -31.66 25.16
C TYR E 80 -35.59 -30.90 23.85
N LEU E 81 -35.24 -31.58 22.77
CA LEU E 81 -35.56 -31.16 21.40
C LEU E 81 -36.34 -32.26 20.71
N GLN E 82 -37.60 -31.99 20.40
CA GLN E 82 -38.44 -32.88 19.61
C GLN E 82 -38.30 -32.49 18.14
N MET E 83 -37.64 -33.34 17.36
CA MET E 83 -37.42 -33.11 15.94
C MET E 83 -38.44 -33.94 15.16
N ASN E 84 -39.30 -33.26 14.40
CA ASN E 84 -40.32 -33.92 13.60
C ASN E 84 -40.09 -33.62 12.12
N SER E 85 -40.59 -34.52 11.27
CA SER E 85 -40.51 -34.38 9.82
C SER E 85 -39.07 -34.16 9.38
N LEU E 86 -38.19 -35.03 9.85
CA LEU E 86 -36.76 -34.88 9.60
C LEU E 86 -36.46 -34.93 8.11
N ARG E 87 -35.79 -33.89 7.63
CA ARG E 87 -35.26 -33.85 6.27
C ARG E 87 -33.81 -34.32 6.30
N ALA E 88 -33.24 -34.53 5.11
CA ALA E 88 -31.86 -35.01 5.05
C ALA E 88 -30.88 -33.94 5.53
N GLU E 89 -31.17 -32.68 5.21
CA GLU E 89 -30.29 -31.57 5.58
C GLU E 89 -30.30 -31.26 7.07
N ASP E 90 -31.00 -32.06 7.88
CA ASP E 90 -30.93 -31.96 9.33
C ASP E 90 -29.78 -32.76 9.93
N THR E 91 -29.14 -33.63 9.14
CA THR E 91 -28.01 -34.42 9.63
C THR E 91 -26.93 -33.51 10.19
N ALA E 92 -26.55 -33.76 11.44
CA ALA E 92 -25.60 -32.89 12.13
C ALA E 92 -25.33 -33.43 13.53
N VAL E 93 -24.29 -32.89 14.14
CA VAL E 93 -24.11 -33.00 15.58
C VAL E 93 -24.97 -31.94 16.26
N TYR E 94 -25.71 -32.33 17.28
CA TYR E 94 -26.58 -31.43 18.02
C TYR E 94 -26.00 -31.24 19.41
N TYR E 95 -25.67 -29.98 19.73
CA TYR E 95 -25.15 -29.54 21.01
C TYR E 95 -26.26 -28.82 21.77
N CYS E 96 -26.35 -29.09 23.07
CA CYS E 96 -27.03 -28.19 23.97
C CYS E 96 -26.00 -27.27 24.63
N ALA E 97 -26.43 -26.06 24.96
CA ALA E 97 -25.51 -25.08 25.49
C ALA E 97 -26.22 -24.17 26.47
N ARG E 98 -25.49 -23.71 27.48
CA ARG E 98 -26.05 -22.88 28.52
C ARG E 98 -25.57 -21.45 28.36
N ASP E 99 -26.49 -20.50 28.55
CA ASP E 99 -26.13 -19.09 28.57
C ASP E 99 -25.51 -18.74 29.91
N LEU E 100 -24.56 -17.80 29.88
CA LEU E 100 -23.78 -17.49 31.07
C LEU E 100 -24.52 -16.66 32.11
N SER E 101 -25.64 -16.02 31.78
CA SER E 101 -26.36 -15.21 32.75
C SER E 101 -27.53 -15.96 33.38
N SER E 102 -27.70 -15.79 34.69
CA SER E 102 -28.78 -16.40 35.46
C SER E 102 -29.43 -15.35 36.35
N SER E 103 -30.76 -15.37 36.41
CA SER E 103 -31.54 -14.43 37.26
C SER E 103 -32.57 -15.20 38.09
N SER E 104 -33.07 -14.59 39.17
CA SER E 104 -33.90 -15.26 40.23
C SER E 104 -35.43 -15.24 40.13
N GLY E 105 -36.10 -14.47 39.27
CA GLY E 105 -37.57 -14.60 39.29
C GLY E 105 -38.31 -13.34 39.73
N TRP E 106 -37.70 -12.48 40.53
CA TRP E 106 -38.34 -11.20 40.90
C TRP E 106 -38.87 -10.44 39.70
N ASP E 107 -38.29 -10.64 38.52
CA ASP E 107 -38.81 -9.96 37.35
C ASP E 107 -38.55 -10.82 36.12
N ASP E 108 -39.30 -10.53 35.06
CA ASP E 108 -39.21 -11.26 33.80
C ASP E 108 -38.14 -10.70 32.86
N TYR E 109 -37.01 -10.24 33.39
CA TYR E 109 -35.94 -9.69 32.56
C TYR E 109 -34.86 -10.75 32.41
N TYR E 110 -34.42 -10.95 31.17
CA TYR E 110 -33.32 -11.83 30.85
C TYR E 110 -32.58 -11.24 29.66
N TYR E 111 -31.25 -11.28 29.74
CA TYR E 111 -30.42 -10.88 28.62
C TYR E 111 -29.46 -12.01 28.31
N TYR E 112 -29.48 -12.46 27.06
CA TYR E 112 -28.58 -13.52 26.63
C TYR E 112 -27.22 -12.91 26.30
N TYR E 113 -26.18 -13.34 27.01
CA TYR E 113 -24.83 -12.85 26.79
C TYR E 113 -23.88 -13.87 26.17
N GLY E 114 -24.30 -15.11 25.93
CA GLY E 114 -23.40 -16.04 25.29
C GLY E 114 -23.28 -17.40 25.94
N MET E 115 -22.85 -18.37 25.13
CA MET E 115 -22.92 -19.78 25.51
C MET E 115 -21.58 -20.20 26.07
N ASP E 116 -21.49 -20.28 27.40
CA ASP E 116 -20.24 -20.58 28.08
C ASP E 116 -20.06 -22.06 28.40
N VAL E 117 -21.16 -22.82 28.46
CA VAL E 117 -21.12 -24.25 28.69
C VAL E 117 -21.69 -24.95 27.46
N TRP E 118 -20.99 -25.97 26.98
CA TRP E 118 -21.42 -26.77 25.85
C TRP E 118 -21.32 -28.25 26.21
N GLY E 119 -22.29 -29.04 25.78
CA GLY E 119 -22.18 -30.48 25.84
C GLY E 119 -21.18 -31.00 24.82
N GLN E 120 -21.02 -32.33 24.82
CA GLN E 120 -20.10 -32.95 23.88
C GLN E 120 -20.75 -33.26 22.54
N GLY E 121 -22.06 -33.17 22.45
CA GLY E 121 -22.78 -33.36 21.21
C GLY E 121 -23.40 -34.74 21.08
N THR E 122 -24.46 -34.83 20.28
CA THR E 122 -25.04 -36.10 19.89
C THR E 122 -25.30 -36.08 18.40
N THR E 123 -24.98 -37.17 17.72
CA THR E 123 -24.96 -37.17 16.26
C THR E 123 -26.27 -37.71 15.72
N VAL E 124 -26.85 -37.01 14.76
CA VAL E 124 -28.11 -37.40 14.13
C VAL E 124 -27.86 -37.48 12.63
N THR E 125 -27.89 -38.71 12.10
CA THR E 125 -27.78 -38.95 10.67
C THR E 125 -29.16 -39.30 10.14
N VAL E 126 -29.67 -38.48 9.24
CA VAL E 126 -30.99 -38.75 8.67
C VAL E 126 -30.81 -39.04 7.19
N SER E 127 -30.70 -40.33 6.87
CA SER E 127 -30.47 -40.76 5.51
C SER E 127 -31.50 -41.79 5.13
N SER E 128 -31.86 -41.78 3.85
CA SER E 128 -32.84 -42.71 3.31
C SER E 128 -32.23 -44.01 2.85
N ALA E 129 -30.92 -44.09 2.72
CA ALA E 129 -30.26 -45.33 2.31
C ALA E 129 -30.32 -46.37 3.41
N SER E 130 -30.45 -47.63 3.01
CA SER E 130 -30.46 -48.76 3.92
C SER E 130 -29.02 -49.08 4.38
N THR E 131 -28.93 -49.85 5.46
CA THR E 131 -27.63 -50.14 6.07
C THR E 131 -26.96 -51.30 5.34
N LYS E 132 -25.64 -51.22 5.21
CA LYS E 132 -24.90 -52.29 4.55
C LYS E 132 -23.46 -52.26 5.03
N GLY E 133 -22.82 -53.42 4.97
CA GLY E 133 -21.44 -53.56 5.36
C GLY E 133 -20.50 -53.32 4.19
N PRO E 134 -19.24 -53.06 4.49
CA PRO E 134 -18.30 -52.66 3.44
C PRO E 134 -17.72 -53.84 2.69
N SER E 135 -17.25 -53.54 1.47
CA SER E 135 -16.43 -54.45 0.70
C SER E 135 -14.99 -53.94 0.74
N VAL E 136 -14.07 -54.81 1.16
CA VAL E 136 -12.68 -54.41 1.38
C VAL E 136 -11.83 -54.97 0.26
N PHE E 137 -11.16 -54.09 -0.48
CA PHE E 137 -10.27 -54.48 -1.55
C PHE E 137 -8.84 -54.04 -1.21
N PRO E 138 -7.83 -54.85 -1.55
CA PRO E 138 -6.45 -54.49 -1.20
C PRO E 138 -5.82 -53.56 -2.21
N LEU E 139 -5.04 -52.61 -1.70
CA LEU E 139 -4.24 -51.70 -2.51
C LEU E 139 -2.78 -52.15 -2.38
N ALA E 140 -2.36 -52.99 -3.32
CA ALA E 140 -1.03 -53.57 -3.31
C ALA E 140 0.05 -52.52 -3.54
N PRO E 141 1.24 -52.72 -2.95
CA PRO E 141 2.36 -51.82 -3.25
C PRO E 141 3.02 -52.16 -4.58
N SER E 142 3.15 -51.16 -5.44
CA SER E 142 3.60 -51.38 -6.81
C SER E 142 5.11 -51.29 -6.93
N SER E 143 5.60 -51.37 -8.17
CA SER E 143 7.02 -51.29 -8.44
C SER E 143 7.55 -49.87 -8.37
N LYS E 144 6.67 -48.86 -8.42
CA LYS E 144 7.08 -47.48 -8.26
C LYS E 144 7.10 -47.06 -6.79
N SER E 145 6.40 -47.79 -5.93
CA SER E 145 6.60 -47.65 -4.49
C SER E 145 7.92 -48.30 -4.06
N THR E 146 8.37 -49.33 -4.77
CA THR E 146 9.54 -50.12 -4.38
C THR E 146 10.84 -49.36 -4.47
N SER E 147 10.91 -48.28 -5.26
CA SER E 147 12.20 -47.69 -5.61
C SER E 147 12.53 -46.43 -4.81
N GLY E 148 11.60 -45.93 -4.00
CA GLY E 148 11.97 -44.99 -2.96
C GLY E 148 12.70 -45.70 -1.83
N GLY E 149 12.92 -44.93 -0.76
CA GLY E 149 13.34 -45.56 0.48
C GLY E 149 12.31 -46.58 0.97
N THR E 150 11.03 -46.21 0.92
CA THR E 150 9.94 -46.99 1.46
C THR E 150 8.80 -47.05 0.44
N ALA E 151 7.72 -47.76 0.78
CA ALA E 151 6.63 -48.05 -0.14
C ALA E 151 5.30 -47.97 0.59
N ALA E 152 4.23 -47.70 -0.16
CA ALA E 152 2.91 -47.51 0.41
C ALA E 152 2.00 -48.69 0.09
N LEU E 153 1.14 -49.06 1.04
CA LEU E 153 0.12 -50.06 0.75
C LEU E 153 -1.12 -49.77 1.57
N GLY E 154 -2.26 -50.34 1.15
CA GLY E 154 -3.47 -49.94 1.84
C GLY E 154 -4.67 -50.86 1.67
N CYS E 155 -5.78 -50.42 2.24
CA CYS E 155 -7.08 -51.06 2.14
C CYS E 155 -8.12 -50.05 1.69
N LEU E 156 -8.86 -50.38 0.63
CA LEU E 156 -10.04 -49.62 0.23
C LEU E 156 -11.27 -50.25 0.87
N VAL E 157 -11.99 -49.47 1.68
CA VAL E 157 -13.20 -49.92 2.36
C VAL E 157 -14.37 -49.22 1.69
N LYS E 158 -15.10 -49.96 0.85
CA LYS E 158 -16.03 -49.40 -0.12
C LYS E 158 -17.48 -49.68 0.27
N ASP E 159 -18.34 -48.68 0.05
CA ASP E 159 -19.79 -48.82 -0.01
C ASP E 159 -20.45 -49.39 1.26
N TYR E 160 -20.41 -48.60 2.34
CA TYR E 160 -21.00 -49.02 3.65
C TYR E 160 -21.86 -47.86 4.20
N PHE E 161 -23.19 -48.00 4.19
CA PHE E 161 -24.07 -46.87 4.60
C PHE E 161 -23.94 -46.45 6.07
N PRO E 162 -23.92 -47.34 7.09
CA PRO E 162 -23.69 -46.89 8.47
C PRO E 162 -22.27 -46.32 8.48
N GLU E 163 -22.07 -45.09 8.98
CA GLU E 163 -20.76 -44.41 8.89
C GLU E 163 -19.66 -44.94 9.81
N PRO E 164 -19.90 -45.45 11.05
CA PRO E 164 -18.78 -45.86 11.92
C PRO E 164 -18.04 -47.15 11.48
N VAL E 165 -16.90 -47.02 10.81
CA VAL E 165 -16.07 -48.21 10.42
C VAL E 165 -14.68 -48.06 11.06
N THR E 166 -14.18 -49.13 11.70
CA THR E 166 -12.84 -49.09 12.35
C THR E 166 -11.84 -49.88 11.51
N VAL E 167 -10.57 -49.43 11.45
CA VAL E 167 -9.57 -50.17 10.69
C VAL E 167 -8.30 -50.25 11.50
N SER E 168 -7.80 -51.46 11.70
CA SER E 168 -6.49 -51.69 12.27
C SER E 168 -5.63 -52.48 11.29
N TRP E 169 -4.37 -52.67 11.66
CA TRP E 169 -3.42 -53.43 10.84
C TRP E 169 -2.70 -54.45 11.72
N ASN E 170 -2.69 -55.70 11.27
CA ASN E 170 -2.06 -56.80 11.99
C ASN E 170 -2.57 -56.87 13.43
N SER E 171 -3.90 -56.82 13.56
CA SER E 171 -4.60 -56.86 14.85
C SER E 171 -4.03 -55.82 15.82
N GLY E 172 -3.74 -54.62 15.31
CA GLY E 172 -3.28 -53.53 16.14
C GLY E 172 -1.80 -53.52 16.40
N ALA E 173 -1.07 -54.57 16.02
CA ALA E 173 0.37 -54.58 16.20
C ALA E 173 1.06 -53.50 15.39
N LEU E 174 0.51 -53.18 14.22
CA LEU E 174 1.10 -52.21 13.30
C LEU E 174 0.37 -50.88 13.43
N THR E 175 1.07 -49.88 13.93
CA THR E 175 0.49 -48.57 14.22
C THR E 175 1.28 -47.47 13.50
N SER E 176 2.60 -47.60 13.44
CA SER E 176 3.42 -46.52 12.92
C SER E 176 3.35 -46.49 11.41
N GLY E 177 3.30 -45.29 10.86
CA GLY E 177 3.14 -45.12 9.43
C GLY E 177 1.72 -45.19 8.93
N VAL E 178 0.73 -45.32 9.81
CA VAL E 178 -0.65 -45.62 9.43
C VAL E 178 -1.48 -44.34 9.46
N HIS E 179 -2.07 -44.00 8.32
CA HIS E 179 -3.12 -42.99 8.25
C HIS E 179 -4.39 -43.63 7.72
N THR E 180 -5.46 -43.57 8.50
CA THR E 180 -6.79 -43.93 8.04
C THR E 180 -7.56 -42.65 7.78
N PHE E 181 -8.17 -42.55 6.61
CA PHE E 181 -8.75 -41.30 6.15
C PHE E 181 -10.19 -41.15 6.62
N PRO E 182 -10.68 -39.91 6.70
CA PRO E 182 -12.13 -39.70 6.80
C PRO E 182 -12.84 -40.25 5.57
N ALA E 183 -14.12 -40.58 5.76
CA ALA E 183 -14.89 -41.19 4.70
C ALA E 183 -15.47 -40.13 3.76
N VAL E 184 -15.69 -40.52 2.51
CA VAL E 184 -16.49 -39.75 1.57
C VAL E 184 -17.91 -40.29 1.57
N LEU E 185 -18.89 -39.40 1.44
CA LEU E 185 -20.27 -39.77 1.23
C LEU E 185 -20.57 -39.77 -0.28
N GLN E 186 -20.73 -40.97 -0.85
CA GLN E 186 -21.03 -41.15 -2.26
C GLN E 186 -22.44 -40.68 -2.60
N SER E 187 -22.67 -40.47 -3.91
CA SER E 187 -23.96 -40.01 -4.37
C SER E 187 -25.10 -40.96 -4.00
N SER E 188 -24.81 -42.26 -3.92
CA SER E 188 -25.81 -43.21 -3.45
C SER E 188 -26.16 -43.04 -1.99
N GLY E 189 -25.36 -42.32 -1.21
CA GLY E 189 -25.57 -42.27 0.22
C GLY E 189 -24.70 -43.23 1.00
N LEU E 190 -23.90 -44.04 0.32
CA LEU E 190 -23.05 -45.01 1.00
C LEU E 190 -21.68 -44.37 1.20
N TYR E 191 -21.02 -44.72 2.30
CA TYR E 191 -19.73 -44.14 2.63
C TYR E 191 -18.60 -45.02 2.11
N SER E 192 -17.41 -44.43 2.01
CA SER E 192 -16.25 -45.10 1.45
C SER E 192 -14.99 -44.41 1.95
N LEU E 193 -13.98 -45.21 2.29
CA LEU E 193 -12.75 -44.66 2.83
C LEU E 193 -11.56 -45.54 2.47
N SER E 194 -10.37 -45.07 2.82
CA SER E 194 -9.14 -45.80 2.63
C SER E 194 -8.27 -45.73 3.88
N SER E 195 -7.52 -46.80 4.12
CA SER E 195 -6.47 -46.81 5.13
C SER E 195 -5.15 -47.12 4.43
N VAL E 196 -4.06 -46.48 4.85
CA VAL E 196 -2.77 -46.66 4.20
C VAL E 196 -1.67 -46.73 5.25
N VAL E 197 -0.62 -47.48 4.93
CA VAL E 197 0.57 -47.60 5.76
C VAL E 197 1.80 -47.49 4.85
N THR E 198 2.72 -46.61 5.25
CA THR E 198 4.06 -46.56 4.67
C THR E 198 4.95 -47.58 5.36
N VAL E 199 5.80 -48.25 4.58
CA VAL E 199 6.40 -49.48 5.06
C VAL E 199 7.70 -49.78 4.29
N PRO E 200 8.73 -50.33 4.94
CA PRO E 200 10.00 -50.59 4.24
C PRO E 200 9.85 -51.46 3.00
N SER E 201 10.47 -51.01 1.91
CA SER E 201 10.45 -51.78 0.65
C SER E 201 10.97 -53.20 0.86
N SER E 202 12.05 -53.34 1.63
CA SER E 202 12.71 -54.63 1.78
C SER E 202 11.94 -55.62 2.65
N SER E 203 10.88 -55.16 3.33
CA SER E 203 10.07 -56.04 4.16
C SER E 203 8.91 -56.69 3.41
N LEU E 204 8.75 -56.38 2.12
CA LEU E 204 7.61 -56.91 1.38
C LEU E 204 7.70 -58.41 1.13
N GLY E 205 8.89 -58.99 1.24
CA GLY E 205 9.03 -60.43 1.16
C GLY E 205 8.76 -61.10 2.48
N THR E 206 9.31 -60.53 3.56
CA THR E 206 9.23 -61.16 4.87
C THR E 206 7.91 -60.85 5.58
N GLN E 207 7.67 -59.57 5.88
CA GLN E 207 6.61 -59.20 6.81
C GLN E 207 5.25 -59.16 6.11
N THR E 208 4.29 -59.90 6.67
CA THR E 208 2.92 -59.93 6.19
C THR E 208 2.11 -58.72 6.68
N TYR E 209 1.18 -58.26 5.84
CA TYR E 209 0.33 -57.12 6.18
C TYR E 209 -1.13 -57.48 5.87
N ILE E 210 -1.94 -57.57 6.92
CA ILE E 210 -3.39 -57.75 6.79
C ILE E 210 -4.07 -56.57 7.46
N CYS E 211 -5.11 -56.05 6.84
CA CYS E 211 -5.91 -55.00 7.44
C CYS E 211 -7.22 -55.59 7.95
N ASN E 212 -7.59 -55.19 9.17
CA ASN E 212 -8.81 -55.64 9.82
C ASN E 212 -9.81 -54.50 9.85
N VAL E 213 -11.00 -54.77 9.33
CA VAL E 213 -12.07 -53.80 9.16
C VAL E 213 -13.25 -54.28 9.99
N ASN E 214 -13.72 -53.42 10.91
CA ASN E 214 -14.84 -53.72 11.78
C ASN E 214 -15.93 -52.70 11.55
N HIS E 215 -17.07 -53.16 11.04
CA HIS E 215 -18.27 -52.34 10.91
C HIS E 215 -19.31 -52.92 11.87
N LYS E 216 -19.34 -52.39 13.09
CA LYS E 216 -20.30 -52.82 14.10
C LYS E 216 -21.75 -52.76 13.60
N PRO E 217 -22.25 -51.65 13.04
CA PRO E 217 -23.69 -51.57 12.71
C PRO E 217 -24.20 -52.69 11.82
N SER E 218 -23.37 -53.24 10.94
CA SER E 218 -23.77 -54.35 10.08
C SER E 218 -23.27 -55.69 10.59
N ASN E 219 -22.65 -55.72 11.77
CA ASN E 219 -22.05 -56.94 12.32
C ASN E 219 -21.05 -57.54 11.35
N THR E 220 -20.23 -56.68 10.75
CA THR E 220 -19.25 -57.09 9.77
C THR E 220 -17.83 -57.01 10.33
N LYS E 221 -17.04 -58.05 10.07
CA LYS E 221 -15.61 -58.03 10.30
C LYS E 221 -14.92 -58.72 9.14
N VAL E 222 -13.89 -58.07 8.60
CA VAL E 222 -13.20 -58.51 7.40
C VAL E 222 -11.70 -58.35 7.59
N ASP E 223 -10.94 -59.41 7.35
CA ASP E 223 -9.49 -59.32 7.26
C ASP E 223 -9.08 -59.49 5.80
N LYS E 224 -8.19 -58.62 5.33
CA LYS E 224 -7.71 -58.69 3.96
C LYS E 224 -6.20 -58.57 3.94
N ARG E 225 -5.54 -59.59 3.38
CA ARG E 225 -4.10 -59.57 3.24
C ARG E 225 -3.73 -58.75 2.02
N VAL E 226 -2.78 -57.83 2.20
CA VAL E 226 -2.33 -56.97 1.11
C VAL E 226 -0.96 -57.44 0.65
N GLU E 227 -0.95 -58.28 -0.38
CA GLU E 227 0.29 -58.76 -0.99
C GLU E 227 0.60 -57.94 -2.23
N PRO E 228 1.83 -57.98 -2.71
CA PRO E 228 2.11 -57.35 -4.00
C PRO E 228 1.85 -58.33 -5.13
N LYS E 229 0.96 -57.99 -6.06
CA LYS E 229 0.61 -58.92 -7.13
C LYS E 229 1.72 -58.94 -8.17
N SER E 230 2.31 -60.12 -8.37
CA SER E 230 3.43 -60.26 -9.30
C SER E 230 2.98 -60.08 -10.74
N CYS E 231 1.89 -60.74 -11.12
CA CYS E 231 1.38 -60.66 -12.49
C CYS E 231 -0.14 -60.47 -12.50
N GLU F 1 -41.07 56.70 6.61
CA GLU F 1 -41.50 56.65 5.22
C GLU F 1 -40.37 57.09 4.29
N VAL F 2 -39.13 57.00 4.79
CA VAL F 2 -37.98 57.15 3.92
C VAL F 2 -37.93 55.92 3.04
N GLN F 3 -37.76 56.11 1.73
CA GLN F 3 -37.96 54.98 0.83
C GLN F 3 -37.07 55.05 -0.40
N LEU F 4 -36.42 53.93 -0.69
CA LEU F 4 -35.68 53.69 -1.92
C LEU F 4 -36.33 52.51 -2.63
N VAL F 5 -36.60 52.65 -3.92
CA VAL F 5 -37.28 51.60 -4.69
C VAL F 5 -36.46 51.33 -5.95
N GLU F 6 -35.87 50.14 -6.02
CA GLU F 6 -35.14 49.72 -7.21
C GLU F 6 -36.10 49.16 -8.26
N SER F 7 -35.71 49.31 -9.52
CA SER F 7 -36.48 48.75 -10.62
C SER F 7 -35.56 48.56 -11.82
N GLY F 8 -36.00 47.69 -12.74
CA GLY F 8 -35.37 47.50 -14.02
C GLY F 8 -34.55 46.25 -14.16
N GLY F 9 -34.44 45.45 -13.11
CA GLY F 9 -33.78 44.15 -13.23
C GLY F 9 -34.59 43.15 -14.03
N GLY F 10 -34.00 41.99 -14.24
CA GLY F 10 -34.63 40.96 -15.05
C GLY F 10 -33.60 39.96 -15.55
N VAL F 11 -34.06 39.17 -16.53
CA VAL F 11 -33.19 38.23 -17.23
C VAL F 11 -32.62 38.93 -18.44
N VAL F 12 -31.32 38.76 -18.67
CA VAL F 12 -30.63 39.45 -19.75
C VAL F 12 -29.48 38.58 -20.22
N GLN F 13 -29.14 38.70 -21.51
CA GLN F 13 -28.12 37.85 -22.12
C GLN F 13 -26.73 38.41 -21.83
N PRO F 14 -25.74 37.54 -21.61
CA PRO F 14 -24.38 38.04 -21.35
C PRO F 14 -23.85 38.84 -22.53
N GLY F 15 -22.96 39.78 -22.24
CA GLY F 15 -22.44 40.69 -23.22
C GLY F 15 -23.38 41.83 -23.57
N ARG F 16 -24.68 41.67 -23.35
CA ARG F 16 -25.65 42.73 -23.58
C ARG F 16 -25.63 43.68 -22.37
N SER F 17 -26.65 44.55 -22.26
CA SER F 17 -26.61 45.61 -21.26
C SER F 17 -28.03 45.92 -20.74
N LEU F 18 -28.07 46.69 -19.65
CA LEU F 18 -29.27 46.82 -18.80
C LEU F 18 -29.12 48.04 -17.91
N ARG F 19 -30.22 48.75 -17.66
CA ARG F 19 -30.20 50.00 -16.90
C ARG F 19 -31.15 49.92 -15.70
N LEU F 20 -30.58 50.01 -14.50
CA LEU F 20 -31.34 49.99 -13.25
C LEU F 20 -31.67 51.40 -12.77
N SER F 21 -32.84 51.54 -12.14
CA SER F 21 -33.29 52.78 -11.53
C SER F 21 -33.53 52.60 -10.04
N CYS F 22 -33.38 53.70 -9.30
CA CYS F 22 -33.66 53.74 -7.87
C CYS F 22 -34.39 55.05 -7.58
N ALA F 23 -35.61 54.95 -7.09
CA ALA F 23 -36.46 56.11 -6.81
C ALA F 23 -36.43 56.39 -5.32
N ALA F 24 -36.03 57.61 -4.95
CA ALA F 24 -35.96 58.04 -3.57
C ALA F 24 -37.18 58.88 -3.20
N SER F 25 -37.58 58.78 -1.94
CA SER F 25 -38.72 59.56 -1.43
C SER F 25 -38.59 59.69 0.07
N GLY F 26 -39.03 60.84 0.58
CA GLY F 26 -39.06 61.08 2.01
C GLY F 26 -37.80 61.67 2.58
N PHE F 27 -36.88 62.13 1.74
CA PHE F 27 -35.70 62.86 2.18
C PHE F 27 -35.19 63.68 1.01
N ILE F 28 -34.34 64.66 1.33
CA ILE F 28 -33.84 65.59 0.33
C ILE F 28 -32.73 64.89 -0.46
N PHE F 29 -33.15 64.18 -1.52
CA PHE F 29 -32.26 63.30 -2.28
C PHE F 29 -30.98 64.00 -2.71
N SER F 30 -31.09 65.26 -3.15
CA SER F 30 -29.96 65.99 -3.73
C SER F 30 -28.82 66.23 -2.73
N SER F 31 -28.99 65.84 -1.47
CA SER F 31 -28.04 66.18 -0.42
C SER F 31 -27.35 64.95 0.18
N TYR F 32 -27.35 63.82 -0.51
CA TYR F 32 -26.79 62.58 0.03
C TYR F 32 -25.99 61.86 -1.04
N GLY F 33 -24.78 61.42 -0.69
CA GLY F 33 -24.10 60.42 -1.48
C GLY F 33 -24.94 59.15 -1.62
N MET F 34 -24.87 58.51 -2.79
CA MET F 34 -25.65 57.32 -3.06
C MET F 34 -24.74 56.17 -3.53
N TYR F 35 -25.17 54.95 -3.21
CA TYR F 35 -24.40 53.73 -3.46
C TYR F 35 -25.22 52.73 -4.27
N TRP F 36 -24.52 51.95 -5.08
CA TRP F 36 -25.02 50.67 -5.59
C TRP F 36 -24.18 49.54 -4.99
N VAL F 37 -24.88 48.55 -4.41
CA VAL F 37 -24.27 47.37 -3.78
C VAL F 37 -25.02 46.13 -4.25
N ARG F 38 -24.29 45.05 -4.54
CA ARG F 38 -24.93 43.84 -5.03
C ARG F 38 -24.64 42.64 -4.13
N GLN F 39 -25.46 41.61 -4.30
CA GLN F 39 -25.36 40.36 -3.54
C GLN F 39 -25.70 39.21 -4.48
N ALA F 40 -24.69 38.42 -4.85
CA ALA F 40 -24.91 37.21 -5.62
C ALA F 40 -25.69 36.20 -4.78
N PRO F 41 -26.38 35.25 -5.41
CA PRO F 41 -27.17 34.28 -4.64
C PRO F 41 -26.30 33.49 -3.67
N GLY F 42 -26.67 33.55 -2.40
CA GLY F 42 -25.97 32.83 -1.36
C GLY F 42 -24.58 33.35 -1.02
N LYS F 43 -24.20 34.50 -1.57
CA LYS F 43 -22.93 35.13 -1.25
C LYS F 43 -23.14 36.36 -0.38
N GLY F 44 -22.06 37.09 -0.12
CA GLY F 44 -22.09 38.29 0.69
C GLY F 44 -22.35 39.54 -0.14
N LEU F 45 -22.28 40.67 0.56
CA LEU F 45 -22.51 41.97 -0.06
C LEU F 45 -21.25 42.44 -0.77
N GLU F 46 -21.41 42.86 -2.03
CA GLU F 46 -20.31 43.44 -2.81
C GLU F 46 -20.63 44.89 -3.14
N TRP F 47 -19.73 45.79 -2.77
CA TRP F 47 -19.85 47.17 -3.21
C TRP F 47 -19.66 47.26 -4.72
N VAL F 48 -20.48 48.08 -5.38
CA VAL F 48 -20.42 48.27 -6.82
C VAL F 48 -19.99 49.69 -7.18
N ALA F 49 -20.72 50.68 -6.69
CA ALA F 49 -20.35 52.05 -7.06
C ALA F 49 -20.89 53.05 -6.03
N VAL F 50 -20.40 54.28 -6.11
CA VAL F 50 -20.82 55.37 -5.25
C VAL F 50 -20.69 56.68 -6.00
N ILE F 51 -21.60 57.61 -5.70
CA ILE F 51 -21.69 58.90 -6.38
C ILE F 51 -21.98 59.98 -5.34
N TRP F 52 -21.38 61.16 -5.53
CA TRP F 52 -21.57 62.28 -4.61
C TRP F 52 -22.98 62.84 -4.70
N TYR F 53 -23.32 63.61 -3.66
CA TYR F 53 -24.65 64.21 -3.55
C TYR F 53 -25.02 65.01 -4.80
N ASP F 54 -24.04 65.54 -5.52
CA ASP F 54 -24.28 66.34 -6.71
C ASP F 54 -23.79 65.68 -7.99
N GLY F 55 -23.26 64.46 -7.91
CA GLY F 55 -22.74 63.81 -9.09
C GLY F 55 -21.34 64.21 -9.49
N SER F 56 -20.65 64.99 -8.64
CA SER F 56 -19.32 65.47 -9.00
C SER F 56 -18.32 64.33 -9.10
N ASN F 57 -18.29 63.46 -8.10
CA ASN F 57 -17.31 62.38 -8.01
C ASN F 57 -18.02 61.04 -8.06
N LYS F 58 -17.43 60.11 -8.81
CA LYS F 58 -17.97 58.76 -8.96
C LYS F 58 -16.84 57.76 -8.78
N TYR F 59 -17.07 56.73 -7.97
CA TYR F 59 -16.09 55.67 -7.76
C TYR F 59 -16.74 54.31 -7.98
N TYR F 60 -15.99 53.42 -8.62
CA TYR F 60 -16.46 52.10 -9.00
C TYR F 60 -15.54 51.02 -8.43
N ALA F 61 -16.09 49.84 -8.22
CA ALA F 61 -15.25 48.69 -7.93
C ALA F 61 -14.53 48.25 -9.20
N ASP F 62 -13.32 47.70 -9.01
CA ASP F 62 -12.52 47.27 -10.13
C ASP F 62 -13.24 46.24 -11.00
N SER F 63 -14.03 45.36 -10.37
CA SER F 63 -14.71 44.32 -11.14
C SER F 63 -15.65 44.90 -12.19
N VAL F 64 -16.16 46.12 -11.97
CA VAL F 64 -17.10 46.74 -12.89
C VAL F 64 -16.55 48.02 -13.51
N LYS F 65 -15.33 48.43 -13.15
CA LYS F 65 -14.75 49.65 -13.71
C LYS F 65 -14.69 49.57 -15.22
N GLY F 66 -15.12 50.64 -15.88
CA GLY F 66 -15.14 50.69 -17.33
C GLY F 66 -16.36 50.05 -17.97
N ARG F 67 -17.07 49.17 -17.27
CA ARG F 67 -18.26 48.51 -17.78
C ARG F 67 -19.54 49.14 -17.25
N PHE F 68 -19.55 49.60 -16.01
CA PHE F 68 -20.73 50.20 -15.40
C PHE F 68 -20.58 51.72 -15.33
N THR F 69 -21.73 52.39 -15.26
CA THR F 69 -21.77 53.84 -15.15
C THR F 69 -22.84 54.20 -14.12
N ILE F 70 -22.46 54.94 -13.08
CA ILE F 70 -23.41 55.42 -12.09
C ILE F 70 -23.76 56.87 -12.41
N SER F 71 -25.02 57.23 -12.20
CA SER F 71 -25.43 58.60 -12.46
C SER F 71 -26.66 58.91 -11.63
N ARG F 72 -26.99 60.19 -11.51
CA ARG F 72 -28.19 60.58 -10.78
C ARG F 72 -28.86 61.78 -11.44
N ASP F 73 -30.19 61.78 -11.40
CA ASP F 73 -31.00 62.95 -11.75
C ASP F 73 -31.55 63.48 -10.44
N ASN F 74 -30.96 64.57 -9.95
CA ASN F 74 -31.38 65.17 -8.69
C ASN F 74 -32.74 65.83 -8.82
N SER F 75 -33.08 66.32 -10.01
CA SER F 75 -34.40 66.91 -10.21
C SER F 75 -35.50 65.88 -10.11
N LYS F 76 -35.22 64.64 -10.52
CA LYS F 76 -36.22 63.57 -10.56
C LYS F 76 -36.09 62.60 -9.39
N ASN F 77 -35.23 62.89 -8.42
CA ASN F 77 -35.07 62.05 -7.23
C ASN F 77 -34.64 60.63 -7.61
N THR F 78 -33.74 60.50 -8.58
CA THR F 78 -33.47 59.18 -9.13
C THR F 78 -31.98 58.89 -9.24
N LEU F 79 -31.62 57.64 -8.96
CA LEU F 79 -30.27 57.12 -9.16
C LEU F 79 -30.30 56.04 -10.24
N TYR F 80 -29.33 56.07 -11.16
CA TYR F 80 -29.26 55.10 -12.24
C TYR F 80 -27.93 54.34 -12.20
N LEU F 81 -28.01 53.05 -12.57
CA LEU F 81 -26.83 52.23 -12.87
C LEU F 81 -26.97 51.67 -14.28
N GLN F 82 -26.10 52.13 -15.18
CA GLN F 82 -25.99 51.58 -16.53
C GLN F 82 -24.97 50.45 -16.52
N MET F 83 -25.44 49.21 -16.64
CA MET F 83 -24.59 48.03 -16.66
C MET F 83 -24.40 47.60 -18.11
N ASN F 84 -23.15 47.64 -18.58
CA ASN F 84 -22.83 47.25 -19.94
C ASN F 84 -21.89 46.05 -19.94
N SER F 85 -21.91 45.29 -21.03
CA SER F 85 -21.03 44.14 -21.22
C SER F 85 -21.15 43.16 -20.06
N LEU F 86 -22.39 42.81 -19.74
CA LEU F 86 -22.70 41.98 -18.57
C LEU F 86 -22.04 40.61 -18.66
N ARG F 87 -21.31 40.25 -17.61
CA ARG F 87 -20.77 38.91 -17.42
C ARG F 87 -21.73 38.07 -16.59
N ALA F 88 -21.44 36.77 -16.50
CA ALA F 88 -22.26 35.88 -15.70
C ALA F 88 -22.10 36.18 -14.22
N GLU F 89 -20.89 36.54 -13.79
CA GLU F 89 -20.62 36.84 -12.39
C GLU F 89 -21.25 38.15 -11.94
N ASP F 90 -22.00 38.83 -12.80
CA ASP F 90 -22.78 39.99 -12.42
C ASP F 90 -24.16 39.62 -11.88
N THR F 91 -24.60 38.38 -12.07
CA THR F 91 -25.89 37.93 -11.56
C THR F 91 -25.97 38.19 -10.06
N ALA F 92 -26.98 38.94 -9.64
CA ALA F 92 -27.07 39.33 -8.23
C ALA F 92 -28.34 40.14 -8.01
N VAL F 93 -28.67 40.32 -6.74
CA VAL F 93 -29.60 41.36 -6.33
C VAL F 93 -28.83 42.67 -6.22
N TYR F 94 -29.39 43.72 -6.81
CA TYR F 94 -28.77 45.04 -6.80
C TYR F 94 -29.60 45.97 -5.93
N TYR F 95 -28.96 46.50 -4.89
CA TYR F 95 -29.52 47.45 -3.95
C TYR F 95 -28.96 48.84 -4.23
N CYS F 96 -29.82 49.84 -4.16
CA CYS F 96 -29.34 51.21 -3.97
C CYS F 96 -29.41 51.55 -2.49
N ALA F 97 -28.49 52.41 -2.06
CA ALA F 97 -28.39 52.70 -0.64
C ALA F 97 -27.95 54.15 -0.46
N ARG F 98 -28.43 54.77 0.61
CA ARG F 98 -28.10 56.14 0.92
C ARG F 98 -27.14 56.18 2.09
N ASP F 99 -26.16 57.07 2.01
CA ASP F 99 -25.25 57.30 3.11
C ASP F 99 -25.92 58.16 4.16
N LEU F 100 -25.59 57.93 5.43
CA LEU F 100 -26.27 58.63 6.52
C LEU F 100 -25.81 60.07 6.64
N SER F 101 -24.79 60.46 5.89
CA SER F 101 -24.26 61.82 5.94
C SER F 101 -25.02 62.69 4.96
N SER F 102 -25.25 63.93 5.35
CA SER F 102 -26.03 64.87 4.57
C SER F 102 -25.17 66.09 4.27
N SER F 103 -25.32 66.63 3.06
CA SER F 103 -24.58 67.82 2.65
C SER F 103 -24.73 68.93 3.69
N SER F 104 -23.63 69.64 3.93
CA SER F 104 -23.67 70.78 4.82
C SER F 104 -24.37 71.94 4.14
N GLY F 105 -25.10 72.72 4.92
CA GLY F 105 -25.82 73.86 4.37
C GLY F 105 -24.92 74.96 3.85
N TRP F 106 -23.64 74.93 4.21
CA TRP F 106 -22.74 76.06 4.03
C TRP F 106 -21.38 75.68 3.47
N ASP F 107 -21.13 74.40 3.20
CA ASP F 107 -19.78 73.94 2.94
C ASP F 107 -19.77 72.81 1.92
N ASP F 108 -18.75 72.83 1.05
CA ASP F 108 -18.53 71.74 0.10
C ASP F 108 -17.75 70.65 0.83
N TYR F 109 -18.17 70.29 2.04
CA TYR F 109 -17.55 69.21 2.80
C TYR F 109 -18.51 68.04 2.91
N TYR F 110 -18.00 66.83 2.66
CA TYR F 110 -18.77 65.61 2.81
C TYR F 110 -17.85 64.51 3.32
N TYR F 111 -18.32 63.75 4.31
CA TYR F 111 -17.62 62.57 4.79
C TYR F 111 -18.58 61.39 4.82
N TYR F 112 -18.21 60.29 4.18
CA TYR F 112 -19.07 59.10 4.15
C TYR F 112 -18.91 58.30 5.44
N TYR F 113 -20.01 58.10 6.19
CA TYR F 113 -19.95 57.32 7.42
C TYR F 113 -20.71 56.00 7.41
N GLY F 114 -21.48 55.67 6.38
CA GLY F 114 -22.18 54.38 6.35
C GLY F 114 -23.57 54.42 5.78
N MET F 115 -24.03 53.27 5.32
CA MET F 115 -25.23 53.15 4.52
C MET F 115 -26.42 52.80 5.40
N ASP F 116 -27.25 53.80 5.72
CA ASP F 116 -28.35 53.64 6.66
C ASP F 116 -29.70 53.37 6.01
N VAL F 117 -29.88 53.73 4.75
CA VAL F 117 -31.13 53.47 4.02
C VAL F 117 -30.82 52.53 2.87
N TRP F 118 -31.63 51.48 2.73
CA TRP F 118 -31.50 50.49 1.66
C TRP F 118 -32.84 50.27 0.99
N GLY F 119 -32.82 50.12 -0.33
CA GLY F 119 -33.99 49.65 -1.04
C GLY F 119 -34.25 48.17 -0.79
N GLN F 120 -35.30 47.66 -1.43
CA GLN F 120 -35.64 46.25 -1.29
C GLN F 120 -34.90 45.37 -2.28
N GLY F 121 -34.26 45.95 -3.28
CA GLY F 121 -33.44 45.22 -4.23
C GLY F 121 -34.16 44.93 -5.54
N THR F 122 -33.36 44.77 -6.60
CA THR F 122 -33.88 44.28 -7.88
C THR F 122 -32.93 43.22 -8.41
N THR F 123 -33.49 42.13 -8.94
CA THR F 123 -32.71 40.95 -9.24
C THR F 123 -32.32 40.95 -10.72
N VAL F 124 -31.05 40.70 -11.00
CA VAL F 124 -30.52 40.67 -12.36
C VAL F 124 -29.86 39.31 -12.59
N THR F 125 -30.48 38.50 -13.44
CA THR F 125 -29.93 37.22 -13.86
C THR F 125 -29.41 37.33 -15.29
N VAL F 126 -28.13 37.04 -15.47
CA VAL F 126 -27.51 37.12 -16.79
C VAL F 126 -27.19 35.70 -17.25
N SER F 127 -28.08 35.12 -18.04
CA SER F 127 -27.99 33.74 -18.47
C SER F 127 -28.20 33.62 -19.98
N SER F 128 -27.68 32.54 -20.53
CA SER F 128 -27.92 32.22 -21.94
C SER F 128 -29.27 31.55 -22.14
N ALA F 129 -29.82 30.94 -21.09
CA ALA F 129 -31.19 30.42 -21.07
C ALA F 129 -31.78 29.62 -22.22
N SER F 130 -31.26 28.42 -22.48
CA SER F 130 -31.73 27.62 -23.62
C SER F 130 -33.14 27.07 -23.41
N THR F 131 -33.59 26.97 -22.16
CA THR F 131 -34.88 26.36 -21.79
C THR F 131 -34.93 24.90 -22.22
N LYS F 132 -33.99 24.12 -21.68
CA LYS F 132 -33.84 22.70 -21.94
C LYS F 132 -34.60 21.86 -20.91
N GLY F 133 -34.96 20.64 -21.30
CA GLY F 133 -35.57 19.68 -20.41
C GLY F 133 -34.52 18.82 -19.72
N PRO F 134 -34.90 18.18 -18.61
CA PRO F 134 -33.91 17.46 -17.79
C PRO F 134 -33.66 16.03 -18.25
N SER F 135 -32.50 15.52 -17.85
CA SER F 135 -32.16 14.11 -18.01
C SER F 135 -32.23 13.44 -16.65
N VAL F 136 -33.01 12.37 -16.52
CA VAL F 136 -33.25 11.72 -15.25
C VAL F 136 -32.50 10.39 -15.21
N PHE F 137 -31.61 10.24 -14.24
CA PHE F 137 -30.82 9.04 -13.98
C PHE F 137 -31.14 8.45 -12.61
N PRO F 138 -31.13 7.13 -12.48
CA PRO F 138 -31.43 6.50 -11.18
C PRO F 138 -30.22 6.40 -10.28
N LEU F 139 -30.44 6.61 -8.98
CA LEU F 139 -29.44 6.44 -7.94
C LEU F 139 -29.82 5.18 -7.17
N ALA F 140 -29.21 4.06 -7.56
CA ALA F 140 -29.52 2.76 -6.98
C ALA F 140 -29.07 2.68 -5.52
N PRO F 141 -29.78 1.90 -4.71
CA PRO F 141 -29.35 1.68 -3.32
C PRO F 141 -28.22 0.67 -3.25
N SER F 142 -27.12 1.06 -2.59
CA SER F 142 -25.90 0.27 -2.59
C SER F 142 -25.88 -0.75 -1.45
N SER F 143 -24.76 -1.46 -1.33
CA SER F 143 -24.58 -2.44 -0.27
C SER F 143 -24.31 -1.81 1.08
N LYS F 144 -23.91 -0.53 1.10
CA LYS F 144 -23.71 0.18 2.35
C LYS F 144 -24.99 0.81 2.88
N SER F 145 -25.97 1.03 2.00
CA SER F 145 -27.31 1.35 2.44
C SER F 145 -28.02 0.13 3.01
N THR F 146 -27.70 -1.06 2.51
CA THR F 146 -28.39 -2.29 2.88
C THR F 146 -28.15 -2.67 4.34
N SER F 147 -27.08 -2.14 4.94
CA SER F 147 -26.61 -2.64 6.23
C SER F 147 -27.03 -1.77 7.41
N GLY F 148 -27.64 -0.61 7.17
CA GLY F 148 -28.38 0.05 8.22
C GLY F 148 -29.69 -0.67 8.51
N GLY F 149 -30.50 -0.05 9.34
CA GLY F 149 -31.88 -0.47 9.45
C GLY F 149 -32.60 -0.39 8.11
N THR F 150 -32.39 0.70 7.39
CA THR F 150 -33.07 1.02 6.14
C THR F 150 -32.02 1.47 5.12
N ALA F 151 -32.47 1.78 3.90
CA ALA F 151 -31.57 2.05 2.79
C ALA F 151 -32.10 3.22 1.98
N ALA F 152 -31.20 3.91 1.28
CA ALA F 152 -31.53 5.11 0.52
C ALA F 152 -31.48 4.85 -0.98
N LEU F 153 -32.40 5.48 -1.72
CA LEU F 153 -32.34 5.43 -3.18
C LEU F 153 -32.91 6.73 -3.74
N GLY F 154 -32.58 7.04 -4.99
CA GLY F 154 -32.98 8.36 -5.47
C GLY F 154 -33.00 8.53 -6.97
N CYS F 155 -33.28 9.78 -7.37
CA CYS F 155 -33.29 10.23 -8.75
C CYS F 155 -32.45 11.49 -8.91
N LEU F 156 -31.51 11.46 -9.87
CA LEU F 156 -30.78 12.63 -10.32
C LEU F 156 -31.49 13.27 -11.51
N VAL F 157 -31.85 14.55 -11.38
CA VAL F 157 -32.51 15.32 -12.42
C VAL F 157 -31.51 16.36 -12.90
N LYS F 158 -30.93 16.14 -14.09
CA LYS F 158 -29.75 16.84 -14.55
C LYS F 158 -30.06 17.83 -15.67
N ASP F 159 -29.41 19.00 -15.62
CA ASP F 159 -29.28 19.92 -16.75
C ASP F 159 -30.59 20.42 -17.36
N TYR F 160 -31.31 21.27 -16.60
CA TYR F 160 -32.60 21.84 -17.09
C TYR F 160 -32.66 23.33 -16.79
N PHE F 161 -32.64 24.19 -17.83
CA PHE F 161 -32.59 25.66 -17.59
C PHE F 161 -33.82 26.22 -16.87
N PRO F 162 -35.07 25.83 -17.19
CA PRO F 162 -36.22 26.41 -16.49
C PRO F 162 -36.26 25.79 -15.09
N GLU F 163 -36.32 26.60 -14.04
CA GLU F 163 -36.23 26.05 -12.66
C GLU F 163 -37.38 25.09 -12.33
N PRO F 164 -38.66 25.34 -12.67
CA PRO F 164 -39.76 24.64 -12.01
C PRO F 164 -39.76 23.14 -12.34
N VAL F 165 -39.23 22.31 -11.44
CA VAL F 165 -39.25 20.84 -11.65
C VAL F 165 -39.84 20.18 -10.40
N THR F 166 -40.82 19.29 -10.56
CA THR F 166 -41.45 18.65 -9.41
C THR F 166 -41.29 17.14 -9.48
N VAL F 167 -41.08 16.52 -8.32
CA VAL F 167 -40.77 15.10 -8.22
C VAL F 167 -41.67 14.44 -7.20
N SER F 168 -42.34 13.37 -7.61
CA SER F 168 -43.07 12.49 -6.71
C SER F 168 -42.50 11.07 -6.82
N TRP F 169 -43.02 10.16 -6.00
CA TRP F 169 -42.59 8.77 -6.02
C TRP F 169 -43.81 7.87 -6.07
N ASN F 170 -43.81 6.93 -7.01
CA ASN F 170 -44.92 6.00 -7.23
C ASN F 170 -46.23 6.77 -7.40
N SER F 171 -46.18 7.83 -8.20
CA SER F 171 -47.30 8.73 -8.46
C SER F 171 -47.95 9.20 -7.16
N GLY F 172 -47.11 9.58 -6.19
CA GLY F 172 -47.58 10.16 -4.94
C GLY F 172 -47.91 9.19 -3.83
N ALA F 173 -47.89 7.88 -4.08
CA ALA F 173 -48.17 6.92 -3.02
C ALA F 173 -47.11 6.97 -1.92
N LEU F 174 -45.85 7.24 -2.28
CA LEU F 174 -44.74 7.24 -1.34
C LEU F 174 -44.40 8.68 -1.00
N THR F 175 -44.58 9.05 0.27
CA THR F 175 -44.43 10.45 0.68
C THR F 175 -43.40 10.65 1.77
N SER F 176 -43.47 9.88 2.85
CA SER F 176 -42.59 10.08 3.99
C SER F 176 -41.26 9.35 3.78
N GLY F 177 -40.20 9.94 4.33
CA GLY F 177 -38.85 9.46 4.08
C GLY F 177 -38.23 10.06 2.85
N VAL F 178 -38.94 10.97 2.18
CA VAL F 178 -38.52 11.55 0.91
C VAL F 178 -38.03 12.96 1.20
N HIS F 179 -36.79 13.24 0.82
CA HIS F 179 -36.31 14.61 0.77
C HIS F 179 -35.91 14.91 -0.67
N THR F 180 -36.54 15.91 -1.27
CA THR F 180 -36.12 16.44 -2.55
C THR F 180 -35.37 17.75 -2.30
N PHE F 181 -34.19 17.86 -2.87
CA PHE F 181 -33.32 18.98 -2.52
C PHE F 181 -33.57 20.16 -3.44
N PRO F 182 -33.25 21.38 -2.98
CA PRO F 182 -33.16 22.52 -3.89
C PRO F 182 -32.10 22.28 -4.95
N ALA F 183 -32.26 22.96 -6.07
CA ALA F 183 -31.39 22.79 -7.22
C ALA F 183 -30.13 23.63 -7.09
N VAL F 184 -29.07 23.18 -7.77
CA VAL F 184 -27.88 24.00 -8.00
C VAL F 184 -28.03 24.71 -9.33
N LEU F 185 -27.57 25.95 -9.39
CA LEU F 185 -27.38 26.65 -10.65
C LEU F 185 -25.94 26.43 -11.09
N GLN F 186 -25.75 25.58 -12.10
CA GLN F 186 -24.41 25.35 -12.59
C GLN F 186 -23.90 26.60 -13.31
N SER F 187 -22.58 26.74 -13.37
CA SER F 187 -21.99 27.86 -14.11
C SER F 187 -22.40 27.82 -15.58
N SER F 188 -22.80 26.65 -16.09
CA SER F 188 -23.37 26.54 -17.43
C SER F 188 -24.65 27.35 -17.58
N GLY F 189 -25.29 27.72 -16.47
CA GLY F 189 -26.57 28.39 -16.50
C GLY F 189 -27.76 27.47 -16.33
N LEU F 190 -27.55 26.16 -16.31
CA LEU F 190 -28.62 25.18 -16.19
C LEU F 190 -28.73 24.68 -14.75
N TYR F 191 -29.95 24.30 -14.37
CA TYR F 191 -30.22 23.77 -13.03
C TYR F 191 -30.14 22.25 -12.98
N SER F 192 -30.02 21.71 -11.76
CA SER F 192 -29.89 20.28 -11.52
C SER F 192 -30.23 20.01 -10.07
N LEU F 193 -30.95 18.91 -9.79
CA LEU F 193 -31.30 18.59 -8.42
C LEU F 193 -31.36 17.07 -8.24
N SER F 194 -31.56 16.67 -6.98
CA SER F 194 -31.69 15.26 -6.64
C SER F 194 -32.86 15.08 -5.68
N SER F 195 -33.53 13.93 -5.81
CA SER F 195 -34.53 13.49 -4.83
C SER F 195 -34.11 12.15 -4.25
N VAL F 196 -34.33 11.94 -2.95
CA VAL F 196 -33.93 10.70 -2.31
C VAL F 196 -35.03 10.25 -1.35
N VAL F 197 -35.14 8.94 -1.17
CA VAL F 197 -36.12 8.33 -0.27
C VAL F 197 -35.45 7.21 0.54
N THR F 198 -35.68 7.24 1.85
CA THR F 198 -35.35 6.14 2.74
C THR F 198 -36.46 5.09 2.74
N VAL F 199 -36.06 3.81 2.76
CA VAL F 199 -36.97 2.68 2.49
C VAL F 199 -36.42 1.43 3.15
N PRO F 200 -37.26 0.55 3.70
CA PRO F 200 -36.76 -0.67 4.35
C PRO F 200 -35.89 -1.49 3.42
N SER F 201 -34.74 -1.93 3.93
CA SER F 201 -33.81 -2.73 3.14
C SER F 201 -34.49 -3.98 2.56
N SER F 202 -35.27 -4.68 3.38
CA SER F 202 -35.83 -5.96 2.97
C SER F 202 -36.91 -5.81 1.92
N SER F 203 -37.35 -4.58 1.65
CA SER F 203 -38.34 -4.31 0.62
C SER F 203 -37.71 -4.14 -0.75
N LEU F 204 -36.38 -4.21 -0.85
CA LEU F 204 -35.75 -4.02 -2.14
C LEU F 204 -36.03 -5.18 -3.10
N GLY F 205 -36.44 -6.32 -2.58
CA GLY F 205 -36.86 -7.44 -3.40
C GLY F 205 -38.29 -7.34 -3.87
N THR F 206 -39.19 -6.98 -2.94
CA THR F 206 -40.62 -6.97 -3.26
C THR F 206 -41.05 -5.66 -3.94
N GLN F 207 -40.93 -4.54 -3.24
CA GLN F 207 -41.61 -3.31 -3.63
C GLN F 207 -40.85 -2.56 -4.71
N THR F 208 -41.54 -2.24 -5.80
CA THR F 208 -40.98 -1.44 -6.88
C THR F 208 -40.99 0.04 -6.55
N TYR F 209 -39.98 0.76 -7.02
CA TYR F 209 -39.84 2.20 -6.78
C TYR F 209 -39.54 2.92 -8.08
N ILE F 210 -40.48 3.76 -8.52
CA ILE F 210 -40.28 4.64 -9.67
C ILE F 210 -40.44 6.08 -9.21
N CYS F 211 -39.59 6.96 -9.72
CA CYS F 211 -39.68 8.38 -9.47
C CYS F 211 -40.32 9.07 -10.67
N ASN F 212 -41.25 9.99 -10.38
CA ASN F 212 -42.03 10.72 -11.36
C ASN F 212 -41.54 12.15 -11.40
N VAL F 213 -41.10 12.61 -12.56
CA VAL F 213 -40.49 13.93 -12.73
C VAL F 213 -41.27 14.72 -13.76
N ASN F 214 -41.72 15.92 -13.37
CA ASN F 214 -42.48 16.81 -14.24
C ASN F 214 -41.75 18.13 -14.36
N HIS F 215 -41.31 18.46 -15.58
CA HIS F 215 -40.75 19.77 -15.93
C HIS F 215 -41.75 20.43 -16.87
N LYS F 216 -42.67 21.20 -16.29
CA LYS F 216 -43.68 21.93 -17.06
C LYS F 216 -43.11 22.80 -18.18
N PRO F 217 -42.14 23.70 -17.93
CA PRO F 217 -41.73 24.64 -18.99
C PRO F 217 -41.27 23.97 -20.28
N SER F 218 -40.70 22.77 -20.22
CA SER F 218 -40.27 22.06 -21.43
C SER F 218 -41.25 20.99 -21.86
N ASN F 219 -42.41 20.90 -21.20
CA ASN F 219 -43.40 19.86 -21.47
C ASN F 219 -42.78 18.48 -21.33
N THR F 220 -41.98 18.29 -20.29
CA THR F 220 -41.30 17.02 -20.05
C THR F 220 -41.92 16.27 -18.87
N LYS F 221 -42.13 14.97 -19.06
CA LYS F 221 -42.51 14.08 -17.98
C LYS F 221 -41.77 12.76 -18.12
N VAL F 222 -41.16 12.30 -17.03
CA VAL F 222 -40.30 11.11 -17.05
C VAL F 222 -40.59 10.27 -15.81
N ASP F 223 -40.86 8.99 -16.03
CA ASP F 223 -40.91 8.02 -14.94
C ASP F 223 -39.68 7.12 -15.04
N LYS F 224 -39.00 6.91 -13.91
CA LYS F 224 -37.77 6.14 -13.89
C LYS F 224 -37.80 5.13 -12.74
N ARG F 225 -37.67 3.85 -13.07
CA ARG F 225 -37.57 2.80 -12.07
C ARG F 225 -36.14 2.71 -11.53
N VAL F 226 -36.02 2.67 -10.20
CA VAL F 226 -34.74 2.62 -9.51
C VAL F 226 -34.56 1.20 -8.98
N GLU F 227 -33.85 0.39 -9.75
CA GLU F 227 -33.50 -1.00 -9.46
C GLU F 227 -32.11 -1.11 -8.83
N PRO F 228 -31.79 -2.26 -8.21
CA PRO F 228 -30.43 -2.42 -7.66
C PRO F 228 -29.42 -3.00 -8.64
N LYS F 229 -28.22 -2.43 -8.70
CA LYS F 229 -27.16 -2.94 -9.56
C LYS F 229 -26.03 -3.48 -8.69
N SER F 230 -25.51 -4.64 -9.06
CA SER F 230 -24.41 -5.24 -8.30
C SER F 230 -23.15 -4.38 -8.37
N SER G 1 -6.83 43.86 -3.00
CA SER G 1 -6.90 45.13 -2.32
C SER G 1 -6.81 44.98 -0.81
N TYR G 2 -7.69 45.71 -0.12
CA TYR G 2 -7.86 45.64 1.32
C TYR G 2 -8.91 44.59 1.64
N GLU G 3 -8.64 43.74 2.61
CA GLU G 3 -9.58 42.66 2.91
C GLU G 3 -9.96 42.66 4.38
N LEU G 4 -11.25 42.47 4.62
CA LEU G 4 -11.83 42.35 5.95
C LEU G 4 -12.30 40.92 6.11
N THR G 5 -11.87 40.26 7.18
CA THR G 5 -12.08 38.82 7.31
C THR G 5 -12.85 38.54 8.60
N GLN G 6 -13.98 37.86 8.46
CA GLN G 6 -14.95 37.61 9.52
C GLN G 6 -15.02 36.11 9.79
N PRO G 7 -15.47 35.72 10.99
CA PRO G 7 -15.80 34.31 11.22
C PRO G 7 -17.00 33.90 10.37
N PRO G 8 -16.97 32.72 9.75
CA PRO G 8 -18.09 32.35 8.88
C PRO G 8 -19.40 32.17 9.64
N SER G 9 -19.36 31.57 10.82
CA SER G 9 -20.56 31.33 11.60
C SER G 9 -20.26 31.51 13.08
N VAL G 10 -21.30 31.90 13.83
CA VAL G 10 -21.26 32.11 15.27
C VAL G 10 -22.62 31.72 15.85
N SER G 11 -22.64 30.75 16.76
CA SER G 11 -23.89 30.37 17.42
C SER G 11 -23.85 30.77 18.89
N VAL G 12 -25.05 30.96 19.45
CA VAL G 12 -25.13 31.45 20.84
C VAL G 12 -26.50 31.08 21.39
N SER G 13 -26.57 30.68 22.66
CA SER G 13 -27.87 30.37 23.31
C SER G 13 -28.56 31.69 23.61
N PRO G 14 -29.91 31.77 23.67
CA PRO G 14 -30.57 33.04 23.90
C PRO G 14 -30.23 33.65 25.27
N GLY G 15 -30.16 34.97 25.32
CA GLY G 15 -29.90 35.65 26.60
C GLY G 15 -28.43 35.73 26.96
N GLN G 16 -27.54 35.25 26.09
CA GLN G 16 -26.10 35.33 26.42
C GLN G 16 -25.42 36.21 25.36
N THR G 17 -24.31 36.85 25.74
CA THR G 17 -23.58 37.78 24.85
C THR G 17 -23.02 37.05 23.64
N ALA G 18 -23.12 37.66 22.46
CA ALA G 18 -22.61 37.12 21.19
C ALA G 18 -21.61 38.11 20.61
N SER G 19 -20.44 37.65 20.19
CA SER G 19 -19.43 38.58 19.62
C SER G 19 -19.05 38.16 18.20
N ILE G 20 -19.03 39.11 17.28
CA ILE G 20 -18.63 38.87 15.87
C ILE G 20 -17.45 39.79 15.60
N THR G 21 -16.36 39.30 15.03
CA THR G 21 -15.16 40.15 14.82
C THR G 21 -14.88 40.38 13.34
N CYS G 22 -14.25 41.50 13.05
CA CYS G 22 -13.84 41.87 11.67
C CYS G 22 -12.36 42.22 11.77
N SER G 23 -11.50 41.58 10.98
CA SER G 23 -10.05 41.85 11.09
C SER G 23 -9.49 42.37 9.78
N GLY G 24 -8.71 43.43 9.84
CA GLY G 24 -8.06 44.02 8.65
C GLY G 24 -6.78 44.70 9.06
N ASP G 25 -5.84 44.86 8.16
CA ASP G 25 -4.56 45.47 8.59
C ASP G 25 -4.82 46.92 8.96
N LYS G 26 -4.42 47.33 10.15
CA LYS G 26 -4.59 48.73 10.61
C LYS G 26 -6.04 49.15 10.41
N LEU G 27 -6.98 48.35 10.89
CA LEU G 27 -8.44 48.63 10.76
C LEU G 27 -8.89 49.57 11.87
N GLY G 28 -8.03 49.81 12.86
CA GLY G 28 -8.30 50.76 13.95
C GLY G 28 -8.18 52.19 13.47
N ASP G 29 -7.44 52.40 12.39
CA ASP G 29 -7.19 53.72 11.77
C ASP G 29 -8.35 54.11 10.84
N LYS G 30 -9.32 53.23 10.66
CA LYS G 30 -10.47 53.58 9.80
C LYS G 30 -11.76 53.32 10.57
N TYR G 31 -12.86 53.92 10.11
CA TYR G 31 -14.16 53.69 10.76
C TYR G 31 -14.74 52.39 10.23
N ALA G 32 -15.46 51.66 11.10
CA ALA G 32 -16.07 50.36 10.76
C ALA G 32 -17.57 50.43 11.02
N CYS G 33 -18.37 49.84 10.12
CA CYS G 33 -19.84 49.82 10.20
C CYS G 33 -20.32 48.37 10.17
N TRP G 34 -21.41 48.06 10.85
CA TRP G 34 -21.97 46.70 10.88
C TRP G 34 -23.39 46.74 10.33
N TYR G 35 -23.73 45.80 9.45
CA TYR G 35 -25.07 45.73 8.83
C TYR G 35 -25.68 44.39 9.21
N GLN G 36 -26.98 44.36 9.46
CA GLN G 36 -27.66 43.10 9.82
C GLN G 36 -28.55 42.70 8.67
N GLN G 37 -28.48 41.46 8.19
CA GLN G 37 -29.36 41.05 7.09
C GLN G 37 -30.10 39.79 7.49
N LYS G 38 -31.42 39.81 7.41
CA LYS G 38 -32.24 38.61 7.73
C LYS G 38 -32.61 37.94 6.41
N PRO G 39 -32.96 36.64 6.38
CA PRO G 39 -33.22 35.98 5.11
C PRO G 39 -34.39 36.64 4.41
N GLY G 40 -34.23 36.95 3.12
CA GLY G 40 -35.32 37.55 2.33
C GLY G 40 -35.54 39.02 2.64
N GLN G 41 -34.60 39.68 3.31
CA GLN G 41 -34.79 41.10 3.66
C GLN G 41 -33.52 41.87 3.30
N SER G 42 -33.64 43.18 3.15
CA SER G 42 -32.52 44.07 2.83
C SER G 42 -31.65 44.27 4.08
N PRO G 43 -30.38 44.66 3.93
CA PRO G 43 -29.50 44.88 5.06
C PRO G 43 -29.91 46.13 5.83
N VAL G 44 -29.66 46.16 7.14
CA VAL G 44 -30.01 47.36 7.95
C VAL G 44 -28.76 47.77 8.73
N LEU G 45 -28.41 49.04 8.74
CA LEU G 45 -27.21 49.48 9.48
C LEU G 45 -27.49 49.38 10.97
N VAL G 46 -26.62 48.71 11.73
CA VAL G 46 -26.84 48.61 13.19
C VAL G 46 -25.73 49.34 13.93
N ILE G 47 -24.56 49.51 13.32
CA ILE G 47 -23.44 50.22 13.99
C ILE G 47 -22.73 51.05 12.93
N TYR G 48 -22.41 52.30 13.22
CA TYR G 48 -21.62 53.16 12.29
C TYR G 48 -20.59 53.94 13.10
N GLN G 49 -19.53 54.41 12.44
CA GLN G 49 -18.48 55.22 13.10
C GLN G 49 -17.92 54.48 14.30
N ASP G 50 -17.60 53.20 14.11
CA ASP G 50 -17.01 52.25 15.08
C ASP G 50 -18.02 51.79 16.15
N SER G 51 -18.56 52.72 16.94
CA SER G 51 -19.44 52.32 18.06
C SER G 51 -20.82 52.97 18.01
N LYS G 52 -21.03 53.96 17.16
CA LYS G 52 -22.32 54.69 17.17
C LYS G 52 -23.44 53.78 16.70
N ARG G 53 -24.59 53.89 17.35
CA ARG G 53 -25.77 53.06 17.04
C ARG G 53 -26.87 53.98 16.47
N PRO G 54 -27.42 53.69 15.28
CA PRO G 54 -28.41 54.53 14.64
C PRO G 54 -29.77 54.55 15.33
N SER G 55 -30.57 55.56 15.00
CA SER G 55 -31.90 55.66 15.63
C SER G 55 -32.71 54.42 15.28
N GLY G 56 -33.42 53.86 16.26
CA GLY G 56 -34.27 52.68 16.05
C GLY G 56 -33.54 51.38 16.31
N ILE G 57 -32.25 51.44 16.61
CA ILE G 57 -31.50 50.18 16.88
C ILE G 57 -31.47 49.97 18.39
N PRO G 58 -31.74 48.76 18.91
CA PRO G 58 -31.76 48.51 20.34
C PRO G 58 -30.39 48.71 20.99
N GLU G 59 -30.39 49.04 22.28
CA GLU G 59 -29.17 49.32 23.08
C GLU G 59 -28.26 48.10 23.21
N ARG G 60 -28.79 46.89 23.11
CA ARG G 60 -27.97 45.66 23.27
C ARG G 60 -26.86 45.59 22.22
N PHE G 61 -27.10 46.06 21.01
CA PHE G 61 -26.02 46.05 19.99
C PHE G 61 -25.00 47.12 20.34
N SER G 62 -23.73 46.76 20.39
CA SER G 62 -22.64 47.73 20.66
C SER G 62 -21.43 47.37 19.79
N GLY G 63 -20.53 48.32 19.51
CA GLY G 63 -19.37 48.01 18.67
C GLY G 63 -18.10 48.67 19.15
N SER G 64 -16.95 48.09 18.81
CA SER G 64 -15.64 48.64 19.19
C SER G 64 -14.67 48.48 18.02
N ASN G 65 -13.66 49.35 17.93
CA ASN G 65 -12.64 49.17 16.88
C ASN G 65 -11.31 49.70 17.38
N SER G 66 -10.29 48.86 17.39
CA SER G 66 -8.92 49.28 17.78
C SER G 66 -7.93 48.29 17.21
N GLY G 67 -6.68 48.68 17.03
CA GLY G 67 -5.72 47.74 16.44
C GLY G 67 -6.19 47.26 15.10
N ASN G 68 -6.19 45.94 14.88
CA ASN G 68 -6.61 45.36 13.59
C ASN G 68 -7.98 44.70 13.67
N THR G 69 -8.68 44.81 14.80
CA THR G 69 -9.99 44.12 14.92
C THR G 69 -11.11 45.05 15.35
N ALA G 70 -12.24 44.97 14.67
CA ALA G 70 -13.47 45.71 15.03
C ALA G 70 -14.48 44.67 15.49
N THR G 71 -15.07 44.81 16.67
CA THR G 71 -15.97 43.74 17.17
C THR G 71 -17.40 44.22 17.34
N LEU G 72 -18.35 43.36 16.97
CA LEU G 72 -19.79 43.66 17.16
C LEU G 72 -20.25 42.80 18.33
N THR G 73 -20.82 43.40 19.37
CA THR G 73 -21.28 42.63 20.53
C THR G 73 -22.79 42.84 20.69
N ILE G 74 -23.54 41.76 20.88
CA ILE G 74 -25.00 41.87 21.14
C ILE G 74 -25.26 41.20 22.47
N SER G 75 -25.38 41.97 23.56
CA SER G 75 -25.62 41.36 24.89
C SER G 75 -27.08 40.92 24.98
N GLY G 76 -27.38 39.94 25.81
CA GLY G 76 -28.78 39.48 25.93
C GLY G 76 -29.34 39.12 24.56
N THR G 77 -28.61 38.31 23.80
CA THR G 77 -29.03 37.96 22.43
C THR G 77 -30.43 37.34 22.47
N GLN G 78 -31.27 37.73 21.51
CA GLN G 78 -32.68 37.29 21.43
C GLN G 78 -32.91 36.51 20.14
N ALA G 79 -34.04 35.81 20.06
CA ALA G 79 -34.37 34.94 18.91
C ALA G 79 -34.39 35.75 17.62
N MET G 80 -34.90 36.98 17.64
CA MET G 80 -34.98 37.84 16.42
C MET G 80 -33.61 38.33 15.95
N ASP G 81 -32.58 38.28 16.80
CA ASP G 81 -31.21 38.70 16.42
C ASP G 81 -30.55 37.74 15.42
N GLU G 82 -31.01 36.49 15.33
CA GLU G 82 -30.33 35.56 14.40
C GLU G 82 -30.48 36.12 12.99
N ALA G 83 -29.34 36.35 12.34
CA ALA G 83 -29.24 36.91 10.98
C ALA G 83 -27.78 36.85 10.52
N ASP G 84 -27.50 37.31 9.31
CA ASP G 84 -26.11 37.36 8.77
C ASP G 84 -25.56 38.76 9.06
N TYR G 85 -24.38 38.88 9.65
CA TYR G 85 -23.86 40.23 9.98
C TYR G 85 -22.58 40.51 9.20
N TYR G 86 -22.50 41.69 8.58
CA TYR G 86 -21.32 42.06 7.76
C TYR G 86 -20.70 43.34 8.28
N CYS G 87 -19.38 43.42 8.27
CA CYS G 87 -18.69 44.68 8.64
C CYS G 87 -18.30 45.38 7.35
N GLN G 88 -18.17 46.71 7.39
CA GLN G 88 -17.81 47.49 6.19
C GLN G 88 -16.81 48.56 6.60
N ALA G 89 -15.93 48.96 5.69
CA ALA G 89 -14.92 50.00 5.93
C ALA G 89 -14.47 50.59 4.60
N TRP G 90 -13.77 51.70 4.63
CA TRP G 90 -13.24 52.34 3.40
C TRP G 90 -11.76 52.00 3.27
N ASP G 91 -11.20 52.04 2.06
CA ASP G 91 -9.76 51.69 1.90
C ASP G 91 -8.87 52.92 2.08
N SER G 92 -8.92 53.57 3.24
CA SER G 92 -8.11 54.76 3.58
C SER G 92 -8.31 55.87 2.54
N SER G 93 -7.21 56.47 2.09
CA SER G 93 -7.25 57.56 1.07
C SER G 93 -7.84 56.99 -0.23
N THR G 94 -7.46 55.76 -0.58
CA THR G 94 -7.99 55.10 -1.81
C THR G 94 -9.51 55.02 -1.67
N SER G 95 -10.24 55.32 -2.74
CA SER G 95 -11.70 55.27 -2.53
C SER G 95 -12.23 53.93 -3.01
N TYR G 96 -12.67 53.12 -2.05
CA TYR G 96 -13.18 51.75 -2.27
C TYR G 96 -13.91 51.36 -0.99
N VAL G 97 -15.02 50.66 -1.08
CA VAL G 97 -15.78 50.25 0.13
C VAL G 97 -15.49 48.77 0.29
N VAL G 98 -15.02 48.35 1.46
CA VAL G 98 -14.68 46.93 1.62
C VAL G 98 -15.67 46.30 2.57
N PHE G 99 -16.23 45.15 2.19
CA PHE G 99 -17.17 44.41 3.05
C PHE G 99 -16.49 43.14 3.49
N GLY G 100 -16.86 42.65 4.66
CA GLY G 100 -16.31 41.39 5.18
C GLY G 100 -17.04 40.22 4.57
N GLY G 101 -16.55 39.01 4.78
CA GLY G 101 -17.18 37.80 4.21
C GLY G 101 -18.58 37.56 4.72
N GLY G 102 -18.88 37.98 5.94
CA GLY G 102 -20.20 37.79 6.54
C GLY G 102 -20.12 36.77 7.63
N THR G 103 -21.03 36.84 8.58
CA THR G 103 -21.05 35.86 9.69
C THR G 103 -22.49 35.44 9.91
N LYS G 104 -22.75 34.14 10.02
CA LYS G 104 -24.12 33.64 10.22
C LYS G 104 -24.33 33.50 11.73
N LEU G 105 -25.14 34.37 12.32
CA LEU G 105 -25.37 34.27 13.77
C LEU G 105 -26.55 33.34 13.96
N THR G 106 -26.39 32.31 14.76
CA THR G 106 -27.50 31.39 15.01
C THR G 106 -27.84 31.48 16.48
N VAL G 107 -29.10 31.73 16.81
CA VAL G 107 -29.52 31.71 18.24
C VAL G 107 -30.01 30.29 18.44
N LEU G 108 -29.49 29.57 19.42
CA LEU G 108 -29.87 28.14 19.44
C LEU G 108 -31.29 27.95 19.95
N GLY G 109 -32.18 27.57 19.04
CA GLY G 109 -33.59 27.27 19.36
C GLY G 109 -33.78 25.79 19.56
N GLN G 110 -32.71 25.02 19.36
CA GLN G 110 -32.70 23.55 19.53
C GLN G 110 -31.25 23.08 19.68
N PRO G 111 -30.97 21.82 20.06
CA PRO G 111 -29.60 21.38 20.22
C PRO G 111 -28.88 21.17 18.88
N LYS G 112 -27.54 21.16 18.91
CA LYS G 112 -26.71 20.97 17.69
C LYS G 112 -26.98 19.61 17.07
N ALA G 113 -26.83 19.52 15.75
CA ALA G 113 -27.16 18.28 15.03
C ALA G 113 -26.15 18.07 13.91
N ALA G 114 -25.40 16.96 13.99
CA ALA G 114 -24.44 16.64 12.95
C ALA G 114 -25.16 16.24 11.66
N PRO G 115 -24.57 16.52 10.50
CA PRO G 115 -25.25 16.23 9.24
C PRO G 115 -25.27 14.74 8.91
N SER G 116 -26.24 14.39 8.07
CA SER G 116 -26.43 13.03 7.55
C SER G 116 -26.09 13.08 6.07
N VAL G 117 -24.95 12.47 5.72
CA VAL G 117 -24.35 12.56 4.39
C VAL G 117 -24.57 11.24 3.65
N THR G 118 -25.04 11.33 2.41
CA THR G 118 -25.26 10.18 1.55
C THR G 118 -24.61 10.45 0.19
N LEU G 119 -23.66 9.61 -0.21
CA LEU G 119 -22.93 9.80 -1.46
C LEU G 119 -23.34 8.73 -2.48
N PHE G 120 -23.82 9.19 -3.65
CA PHE G 120 -24.21 8.34 -4.78
C PHE G 120 -23.18 8.43 -5.90
N PRO G 121 -22.70 7.29 -6.40
CA PRO G 121 -21.81 7.27 -7.55
C PRO G 121 -22.59 7.46 -8.84
N PRO G 122 -21.91 7.73 -9.95
CA PRO G 122 -22.62 7.95 -11.22
C PRO G 122 -23.41 6.72 -11.65
N SER G 123 -24.63 6.96 -12.11
CA SER G 123 -25.45 5.90 -12.68
C SER G 123 -24.80 5.34 -13.94
N SER G 124 -25.02 4.04 -14.18
CA SER G 124 -24.49 3.42 -15.39
C SER G 124 -25.16 3.95 -16.65
N GLU G 125 -26.40 4.45 -16.54
CA GLU G 125 -27.03 5.14 -17.65
C GLU G 125 -26.23 6.38 -18.03
N GLU G 126 -25.84 7.17 -17.03
CA GLU G 126 -25.09 8.39 -17.28
C GLU G 126 -23.72 8.08 -17.84
N LEU G 127 -23.08 7.02 -17.34
CA LEU G 127 -21.80 6.59 -17.90
C LEU G 127 -21.95 6.21 -19.36
N GLN G 128 -22.96 5.39 -19.68
CA GLN G 128 -23.28 5.06 -21.07
C GLN G 128 -23.58 6.31 -21.88
N ALA G 129 -23.97 7.40 -21.24
CA ALA G 129 -24.16 8.68 -21.91
C ALA G 129 -22.90 9.54 -21.93
N ASN G 130 -21.76 8.98 -21.49
CA ASN G 130 -20.45 9.61 -21.59
C ASN G 130 -20.29 10.80 -20.65
N LYS G 131 -20.95 10.75 -19.49
CA LYS G 131 -20.77 11.74 -18.44
C LYS G 131 -20.77 11.01 -17.10
N ALA G 132 -20.38 11.71 -16.03
CA ALA G 132 -20.34 11.09 -14.72
C ALA G 132 -20.56 12.14 -13.64
N THR G 133 -21.57 11.94 -12.79
CA THR G 133 -21.88 12.91 -11.74
C THR G 133 -21.97 12.20 -10.39
N LEU G 134 -21.13 12.59 -9.45
CA LEU G 134 -21.24 12.17 -8.05
C LEU G 134 -22.17 13.10 -7.30
N VAL G 135 -23.05 12.53 -6.47
CA VAL G 135 -24.10 13.29 -5.79
C VAL G 135 -23.97 13.11 -4.28
N CYS G 136 -23.71 14.20 -3.56
CA CYS G 136 -23.52 14.18 -2.12
C CYS G 136 -24.68 14.94 -1.49
N LEU G 137 -25.54 14.23 -0.75
CA LEU G 137 -26.76 14.77 -0.18
C LEU G 137 -26.62 14.86 1.34
N ILE G 138 -26.79 16.06 1.89
CA ILE G 138 -26.52 16.37 3.30
C ILE G 138 -27.82 16.87 3.93
N SER G 139 -28.11 16.43 5.16
CA SER G 139 -29.32 16.98 5.82
C SER G 139 -29.25 16.96 7.36
N ASP G 140 -30.31 17.43 8.03
CA ASP G 140 -30.42 17.36 9.52
C ASP G 140 -29.29 18.04 10.30
N PHE G 141 -28.83 19.22 9.90
CA PHE G 141 -27.83 19.95 10.75
C PHE G 141 -28.47 21.22 11.33
N TYR G 142 -28.46 21.38 12.66
CA TYR G 142 -29.15 22.55 13.27
C TYR G 142 -28.48 23.90 13.00
N PRO G 143 -27.13 24.03 13.12
CA PRO G 143 -26.47 25.29 12.79
C PRO G 143 -26.36 25.24 11.27
N GLY G 144 -26.73 26.32 10.57
CA GLY G 144 -26.71 26.13 9.11
C GLY G 144 -25.41 26.67 8.58
N ALA G 145 -24.33 25.95 8.88
CA ALA G 145 -22.98 26.38 8.46
C ALA G 145 -22.17 25.11 8.23
N VAL G 146 -21.97 24.75 6.98
CA VAL G 146 -21.27 23.51 6.65
C VAL G 146 -20.30 23.79 5.50
N THR G 147 -19.18 23.08 5.48
CA THR G 147 -18.29 23.11 4.32
C THR G 147 -18.21 21.73 3.67
N VAL G 148 -18.09 21.74 2.34
CA VAL G 148 -18.00 20.51 1.56
C VAL G 148 -16.64 20.48 0.88
N ALA G 149 -16.05 19.29 0.81
CA ALA G 149 -14.75 19.10 0.18
C ALA G 149 -14.72 17.76 -0.54
N TRP G 150 -14.34 17.78 -1.81
CA TRP G 150 -14.25 16.54 -2.59
C TRP G 150 -12.81 16.08 -2.69
N LYS G 151 -12.62 14.75 -2.75
CA LYS G 151 -11.29 14.18 -2.84
C LYS G 151 -11.28 12.95 -3.73
N ALA G 152 -10.19 12.80 -4.48
CA ALA G 152 -9.88 11.57 -5.21
C ALA G 152 -8.65 10.92 -4.57
N ASP G 153 -8.90 9.96 -3.67
CA ASP G 153 -7.82 9.17 -3.04
C ASP G 153 -6.92 10.05 -2.17
N SER G 154 -7.55 10.82 -1.28
CA SER G 154 -6.89 11.75 -0.38
C SER G 154 -6.25 12.93 -1.10
N SER G 155 -6.45 13.04 -2.42
CA SER G 155 -6.01 14.16 -3.23
C SER G 155 -7.18 15.10 -3.52
N PRO G 156 -7.07 16.39 -3.23
CA PRO G 156 -8.26 17.26 -3.25
C PRO G 156 -8.63 17.67 -4.67
N VAL G 157 -9.93 17.55 -4.98
CA VAL G 157 -10.44 17.87 -6.30
C VAL G 157 -10.58 19.38 -6.45
N LYS G 158 -10.13 19.91 -7.59
CA LYS G 158 -10.13 21.36 -7.79
C LYS G 158 -11.44 21.87 -8.39
N ALA G 159 -11.88 21.28 -9.49
CA ALA G 159 -12.98 21.79 -10.27
C ALA G 159 -13.98 20.69 -10.57
N GLY G 160 -15.12 21.10 -11.12
CA GLY G 160 -16.24 20.21 -11.34
C GLY G 160 -17.19 20.11 -10.16
N VAL G 161 -17.08 21.01 -9.18
CA VAL G 161 -17.89 20.98 -7.97
C VAL G 161 -18.92 22.10 -8.03
N GLU G 162 -20.19 21.75 -7.81
CA GLU G 162 -21.25 22.73 -7.63
C GLU G 162 -21.95 22.42 -6.31
N THR G 163 -22.20 23.45 -5.49
CA THR G 163 -22.74 23.22 -4.16
C THR G 163 -23.85 24.21 -3.80
N THR G 164 -24.91 23.70 -3.18
CA THR G 164 -26.01 24.53 -2.68
C THR G 164 -25.65 25.27 -1.40
N THR G 165 -26.37 26.34 -1.16
CA THR G 165 -26.37 27.00 0.14
C THR G 165 -27.38 26.30 1.06
N PRO G 166 -27.05 26.18 2.36
CA PRO G 166 -27.99 25.57 3.31
C PRO G 166 -29.38 26.17 3.17
N SER G 167 -30.39 25.31 3.30
CA SER G 167 -31.78 25.74 3.25
C SER G 167 -32.56 25.02 4.34
N LYS G 168 -33.43 25.77 5.02
CA LYS G 168 -34.23 25.21 6.10
C LYS G 168 -35.08 24.03 5.63
N GLN G 169 -35.11 22.97 6.42
CA GLN G 169 -36.05 21.87 6.23
C GLN G 169 -37.32 22.16 7.02
N SER G 170 -38.23 21.19 7.08
CA SER G 170 -39.48 21.39 7.81
C SER G 170 -39.27 21.35 9.32
N ASN G 171 -38.23 20.65 9.79
CA ASN G 171 -37.93 20.59 11.21
C ASN G 171 -37.02 21.72 11.68
N ASN G 172 -36.92 22.81 10.90
CA ASN G 172 -36.05 23.96 11.19
C ASN G 172 -34.57 23.62 11.18
N LYS G 173 -34.23 22.39 10.80
CA LYS G 173 -32.84 22.06 10.51
C LYS G 173 -32.55 22.42 9.04
N TYR G 174 -31.31 22.27 8.62
CA TYR G 174 -30.88 22.68 7.29
C TYR G 174 -30.39 21.48 6.48
N ALA G 175 -30.39 21.65 5.16
CA ALA G 175 -29.91 20.61 4.24
C ALA G 175 -29.21 21.26 3.05
N ALA G 176 -28.25 20.52 2.48
CA ALA G 176 -27.48 21.01 1.35
C ALA G 176 -27.12 19.84 0.43
N SER G 177 -26.77 20.15 -0.82
CA SER G 177 -26.31 19.14 -1.77
C SER G 177 -25.08 19.64 -2.52
N SER G 178 -24.16 18.73 -2.82
CA SER G 178 -23.03 19.04 -3.68
C SER G 178 -22.87 17.99 -4.78
N TYR G 179 -22.50 18.45 -5.97
CA TYR G 179 -22.31 17.58 -7.12
C TYR G 179 -20.89 17.73 -7.65
N LEU G 180 -20.29 16.60 -8.05
CA LEU G 180 -18.99 16.58 -8.68
C LEU G 180 -19.11 16.01 -10.09
N SER G 181 -18.75 16.82 -11.09
CA SER G 181 -18.78 16.40 -12.49
C SER G 181 -17.43 15.81 -12.88
N LEU G 182 -17.47 14.68 -13.58
CA LEU G 182 -16.28 14.02 -14.09
C LEU G 182 -16.57 13.42 -15.46
N THR G 183 -15.54 13.39 -16.30
CA THR G 183 -15.56 12.51 -17.46
C THR G 183 -15.43 11.06 -16.97
N PRO G 184 -16.01 10.10 -17.69
CA PRO G 184 -15.93 8.70 -17.22
C PRO G 184 -14.51 8.19 -17.09
N GLU G 185 -13.59 8.68 -17.93
CA GLU G 185 -12.16 8.39 -17.76
C GLU G 185 -11.72 8.67 -16.32
N GLN G 186 -11.84 9.91 -15.87
CA GLN G 186 -11.30 10.28 -14.57
C GLN G 186 -12.12 9.70 -13.43
N TRP G 187 -13.40 9.37 -13.67
CA TRP G 187 -14.13 8.55 -12.72
C TRP G 187 -13.44 7.21 -12.50
N LYS G 188 -13.28 6.43 -13.57
CA LYS G 188 -12.74 5.09 -13.41
C LYS G 188 -11.24 5.06 -13.08
N SER G 189 -10.54 6.19 -13.17
CA SER G 189 -9.08 6.20 -13.08
C SER G 189 -8.59 6.62 -11.69
N HIS G 190 -9.44 6.56 -10.68
CA HIS G 190 -9.05 6.70 -9.30
C HIS G 190 -9.67 5.55 -8.50
N ARG G 191 -8.99 5.16 -7.42
CA ARG G 191 -9.50 4.05 -6.61
C ARG G 191 -10.83 4.41 -5.98
N SER G 192 -10.96 5.62 -5.45
CA SER G 192 -12.20 6.03 -4.82
C SER G 192 -12.31 7.54 -4.84
N TYR G 193 -13.55 8.02 -4.69
CA TYR G 193 -13.83 9.42 -4.43
C TYR G 193 -14.55 9.55 -3.10
N SER G 194 -14.38 10.71 -2.48
CA SER G 194 -14.91 10.95 -1.15
C SER G 194 -15.49 12.35 -1.04
N CYS G 195 -16.59 12.46 -0.30
CA CYS G 195 -17.26 13.72 0.03
C CYS G 195 -17.10 13.94 1.53
N GLN G 196 -16.44 15.04 1.89
CA GLN G 196 -16.13 15.39 3.28
C GLN G 196 -16.97 16.60 3.67
N VAL G 197 -17.78 16.45 4.72
CA VAL G 197 -18.70 17.47 5.16
C VAL G 197 -18.28 17.88 6.58
N THR G 198 -18.00 19.16 6.77
CA THR G 198 -17.46 19.66 8.02
C THR G 198 -18.48 20.60 8.67
N HIS G 199 -18.80 20.30 9.93
CA HIS G 199 -19.88 20.97 10.67
C HIS G 199 -19.46 21.13 12.12
N GLU G 200 -19.28 22.38 12.56
CA GLU G 200 -18.93 22.68 13.96
C GLU G 200 -17.73 21.88 14.44
N GLY G 201 -16.64 21.96 13.66
CA GLY G 201 -15.38 21.35 14.03
C GLY G 201 -15.29 19.85 13.80
N SER G 202 -16.37 19.20 13.36
CA SER G 202 -16.42 17.76 13.19
C SER G 202 -16.66 17.43 11.72
N THR G 203 -15.77 16.62 11.15
CA THR G 203 -15.86 16.22 9.76
C THR G 203 -16.36 14.79 9.64
N VAL G 204 -17.27 14.56 8.71
CA VAL G 204 -17.71 13.21 8.36
C VAL G 204 -17.56 13.05 6.85
N GLU G 205 -17.05 11.89 6.42
CA GLU G 205 -16.86 11.67 5.00
C GLU G 205 -17.56 10.39 4.56
N LYS G 206 -17.93 10.36 3.28
CA LYS G 206 -18.51 9.17 2.68
C LYS G 206 -17.84 8.93 1.33
N THR G 207 -17.70 7.66 0.95
CA THR G 207 -16.83 7.30 -0.18
C THR G 207 -17.51 6.32 -1.12
N VAL G 208 -17.21 6.46 -2.43
CA VAL G 208 -17.65 5.53 -3.46
C VAL G 208 -16.47 5.13 -4.35
N ALA G 209 -16.58 3.95 -4.96
CA ALA G 209 -15.59 3.42 -5.89
C ALA G 209 -16.25 2.92 -7.16
N PRO G 210 -15.56 3.03 -8.31
CA PRO G 210 -16.14 2.56 -9.57
C PRO G 210 -16.37 1.06 -9.69
N THR G 211 -15.55 0.23 -9.04
CA THR G 211 -15.63 -1.21 -9.26
C THR G 211 -16.98 -1.78 -8.85
N GLU G 212 -17.39 -1.52 -7.62
CA GLU G 212 -18.56 -2.15 -7.01
C GLU G 212 -19.82 -2.05 -7.84
N TYR H 2 -31.17 -11.84 9.02
CA TYR H 2 -29.96 -11.27 9.60
C TYR H 2 -28.79 -12.23 9.42
N GLU H 3 -27.67 -11.72 8.92
CA GLU H 3 -26.49 -12.54 8.65
C GLU H 3 -25.23 -11.89 9.19
N LEU H 4 -24.35 -12.72 9.76
CA LEU H 4 -23.02 -12.32 10.21
C LEU H 4 -22.01 -12.97 9.28
N THR H 5 -21.10 -12.18 8.71
CA THR H 5 -20.25 -12.66 7.64
C THR H 5 -18.79 -12.49 8.04
N GLN H 6 -18.05 -13.60 8.01
CA GLN H 6 -16.68 -13.71 8.49
C GLN H 6 -15.74 -14.01 7.32
N PRO H 7 -14.46 -13.71 7.45
CA PRO H 7 -13.48 -14.21 6.48
C PRO H 7 -13.39 -15.72 6.54
N PRO H 8 -13.33 -16.41 5.41
CA PRO H 8 -13.30 -17.88 5.47
C PRO H 8 -12.05 -18.44 6.10
N SER H 9 -10.89 -17.83 5.83
CA SER H 9 -9.62 -18.32 6.36
C SER H 9 -8.70 -17.17 6.73
N VAL H 10 -7.83 -17.45 7.70
CA VAL H 10 -6.81 -16.54 8.21
C VAL H 10 -5.61 -17.35 8.66
N SER H 11 -4.45 -17.15 8.04
CA SER H 11 -3.23 -17.83 8.48
C SER H 11 -2.25 -16.82 9.07
N VAL H 12 -1.37 -17.31 9.92
CA VAL H 12 -0.51 -16.44 10.72
C VAL H 12 0.67 -17.25 11.23
N SER H 13 1.85 -16.62 11.24
CA SER H 13 3.05 -17.22 11.79
C SER H 13 3.04 -17.15 13.33
N PRO H 14 3.69 -18.11 13.99
CA PRO H 14 3.70 -18.09 15.47
C PRO H 14 4.30 -16.80 16.00
N GLY H 15 3.67 -16.25 17.04
CA GLY H 15 4.10 -15.01 17.62
C GLY H 15 3.46 -13.78 17.01
N GLN H 16 3.04 -13.85 15.75
CA GLN H 16 2.37 -12.74 15.10
C GLN H 16 0.98 -12.53 15.65
N THR H 17 0.45 -11.34 15.42
CA THR H 17 -0.92 -11.02 15.81
C THR H 17 -1.89 -11.43 14.69
N ALA H 18 -3.04 -11.98 15.08
CA ALA H 18 -4.04 -12.45 14.15
C ALA H 18 -5.39 -11.79 14.43
N SER H 19 -6.12 -11.43 13.38
CA SER H 19 -7.40 -10.75 13.53
C SER H 19 -8.47 -11.39 12.65
N ILE H 20 -9.65 -11.59 13.22
CA ILE H 20 -10.81 -12.14 12.54
C ILE H 20 -11.97 -11.17 12.67
N THR H 21 -12.59 -10.83 11.55
CA THR H 21 -13.68 -9.87 11.53
C THR H 21 -15.04 -10.54 11.43
N CYS H 22 -16.07 -9.76 11.76
CA CYS H 22 -17.45 -10.25 11.82
C CYS H 22 -18.35 -9.07 11.50
N SER H 23 -19.05 -9.10 10.37
CA SER H 23 -19.78 -7.95 9.87
C SER H 23 -21.28 -8.24 9.81
N GLY H 24 -22.08 -7.30 10.32
CA GLY H 24 -23.53 -7.42 10.28
C GLY H 24 -24.20 -6.07 10.42
N ASP H 25 -25.50 -6.06 10.17
CA ASP H 25 -26.28 -4.82 10.16
C ASP H 25 -26.48 -4.32 11.58
N LYS H 26 -26.00 -3.11 11.84
CA LYS H 26 -26.01 -2.52 13.19
C LYS H 26 -25.58 -3.55 14.23
N LEU H 27 -24.48 -4.25 13.93
CA LEU H 27 -23.90 -5.19 14.87
C LEU H 27 -23.37 -4.48 16.11
N GLY H 28 -22.95 -3.21 15.96
CA GLY H 28 -22.58 -2.40 17.11
C GLY H 28 -23.66 -2.32 18.16
N ASP H 29 -24.92 -2.52 17.77
CA ASP H 29 -26.06 -2.41 18.68
C ASP H 29 -26.34 -3.71 19.42
N LYS H 30 -25.63 -4.79 19.12
CA LYS H 30 -25.70 -6.03 19.87
C LYS H 30 -24.33 -6.38 20.42
N TYR H 31 -24.31 -7.27 21.41
CA TYR H 31 -23.07 -7.81 21.93
C TYR H 31 -22.62 -8.98 21.06
N ALA H 32 -21.30 -9.08 20.85
CA ALA H 32 -20.73 -10.15 20.06
C ALA H 32 -19.96 -11.12 20.94
N CYS H 33 -20.11 -12.40 20.65
CA CYS H 33 -19.34 -13.47 21.26
C CYS H 33 -18.42 -14.09 20.22
N TRP H 34 -17.33 -14.66 20.70
CA TRP H 34 -16.39 -15.42 19.90
C TRP H 34 -16.12 -16.76 20.55
N TYR H 35 -16.25 -17.82 19.76
CA TYR H 35 -16.04 -19.21 20.16
C TYR H 35 -14.90 -19.82 19.36
N GLN H 36 -14.11 -20.62 20.06
CA GLN H 36 -13.02 -21.40 19.49
C GLN H 36 -13.44 -22.86 19.43
N GLN H 37 -13.17 -23.51 18.30
CA GLN H 37 -13.48 -24.93 18.10
C GLN H 37 -12.28 -25.59 17.45
N LYS H 38 -11.59 -26.42 18.22
CA LYS H 38 -10.56 -27.29 17.69
C LYS H 38 -11.22 -28.54 17.11
N PRO H 39 -10.51 -29.29 16.26
CA PRO H 39 -11.16 -30.40 15.54
C PRO H 39 -11.64 -31.49 16.49
N GLY H 40 -12.85 -31.97 16.25
CA GLY H 40 -13.47 -32.97 17.10
C GLY H 40 -13.64 -32.56 18.54
N GLN H 41 -13.72 -31.26 18.80
CA GLN H 41 -14.03 -30.77 20.14
C GLN H 41 -15.26 -29.87 20.07
N SER H 42 -15.89 -29.69 21.21
CA SER H 42 -17.00 -28.74 21.31
C SER H 42 -16.46 -27.31 21.25
N PRO H 43 -17.32 -26.33 20.93
CA PRO H 43 -16.91 -24.93 21.03
C PRO H 43 -16.61 -24.55 22.47
N VAL H 44 -15.74 -23.55 22.63
CA VAL H 44 -15.51 -22.93 23.93
C VAL H 44 -15.60 -21.42 23.74
N LEU H 45 -16.14 -20.74 24.74
CA LEU H 45 -16.26 -19.29 24.70
C LEU H 45 -14.92 -18.65 24.99
N VAL H 46 -14.45 -17.81 24.08
CA VAL H 46 -13.23 -17.04 24.31
C VAL H 46 -13.50 -15.55 24.48
N ILE H 47 -14.58 -15.02 23.90
CA ILE H 47 -14.94 -13.62 24.12
C ILE H 47 -16.45 -13.50 24.24
N TYR H 48 -16.91 -12.69 25.19
CA TYR H 48 -18.32 -12.33 25.29
C TYR H 48 -18.43 -10.85 25.60
N GLN H 49 -19.64 -10.31 25.46
CA GLN H 49 -19.91 -8.90 25.73
C GLN H 49 -18.92 -7.99 24.98
N ASP H 50 -18.69 -8.33 23.70
CA ASP H 50 -17.83 -7.61 22.76
C ASP H 50 -16.35 -7.86 23.06
N SER H 51 -15.97 -7.74 24.33
CA SER H 51 -14.58 -7.60 24.72
C SER H 51 -14.24 -8.32 26.00
N LYS H 52 -15.21 -8.77 26.78
CA LYS H 52 -14.95 -9.48 28.01
C LYS H 52 -14.48 -10.89 27.73
N ARG H 53 -13.58 -11.38 28.58
CA ARG H 53 -12.91 -12.66 28.40
C ARG H 53 -13.30 -13.59 29.53
N PRO H 54 -13.86 -14.77 29.24
CA PRO H 54 -14.34 -15.64 30.33
C PRO H 54 -13.18 -16.10 31.22
N SER H 55 -13.56 -16.63 32.38
CA SER H 55 -12.58 -17.06 33.37
C SER H 55 -11.75 -18.22 32.82
N GLY H 56 -10.43 -18.08 32.91
CA GLY H 56 -9.51 -19.10 32.43
C GLY H 56 -9.13 -19.00 30.97
N ILE H 57 -9.57 -17.95 30.27
CA ILE H 57 -9.18 -17.74 28.88
C ILE H 57 -7.92 -16.87 28.84
N PRO H 58 -6.88 -17.30 28.12
CA PRO H 58 -5.65 -16.50 28.04
C PRO H 58 -5.90 -15.02 27.71
N GLU H 59 -5.07 -14.16 28.27
CA GLU H 59 -5.20 -12.68 28.11
C GLU H 59 -4.86 -12.25 26.68
N ARG H 60 -4.18 -13.09 25.91
CA ARG H 60 -3.84 -12.68 24.55
C ARG H 60 -5.06 -12.59 23.65
N PHE H 61 -6.18 -13.19 24.04
CA PHE H 61 -7.44 -13.03 23.33
C PHE H 61 -8.12 -11.73 23.75
N SER H 62 -8.28 -10.80 22.81
CA SER H 62 -9.06 -9.60 23.01
C SER H 62 -10.14 -9.50 21.92
N GLY H 63 -11.11 -8.62 22.15
CA GLY H 63 -12.18 -8.43 21.19
C GLY H 63 -12.71 -7.02 21.24
N SER H 64 -13.14 -6.53 20.09
CA SER H 64 -13.81 -5.24 20.00
C SER H 64 -15.05 -5.36 19.13
N ASN H 65 -15.88 -4.32 19.17
CA ASN H 65 -17.05 -4.23 18.32
C ASN H 65 -17.34 -2.75 18.13
N SER H 66 -17.34 -2.30 16.87
CA SER H 66 -17.60 -0.91 16.56
C SER H 66 -18.20 -0.82 15.17
N GLY H 67 -19.03 0.19 14.97
CA GLY H 67 -19.71 0.32 13.71
C GLY H 67 -20.55 -0.91 13.51
N ASN H 68 -20.30 -1.58 12.39
CA ASN H 68 -20.97 -2.83 12.07
C ASN H 68 -20.03 -4.03 12.09
N THR H 69 -18.85 -3.89 12.71
CA THR H 69 -17.83 -4.93 12.67
C THR H 69 -17.33 -5.23 14.08
N ALA H 70 -17.44 -6.50 14.48
CA ALA H 70 -16.72 -7.04 15.63
C ALA H 70 -15.42 -7.67 15.17
N THR H 71 -14.40 -7.59 16.01
CA THR H 71 -13.07 -8.09 15.66
C THR H 71 -12.46 -8.83 16.84
N LEU H 72 -12.13 -10.10 16.60
CA LEU H 72 -11.38 -10.93 17.54
C LEU H 72 -9.88 -10.83 17.22
N THR H 73 -9.08 -10.46 18.22
CA THR H 73 -7.64 -10.32 18.06
C THR H 73 -6.90 -11.27 18.98
N ILE H 74 -5.93 -12.00 18.42
CA ILE H 74 -5.05 -12.88 19.17
C ILE H 74 -3.63 -12.34 18.99
N SER H 75 -3.12 -11.65 20.01
CA SER H 75 -1.73 -11.23 20.00
C SER H 75 -0.83 -12.39 20.44
N GLY H 76 0.36 -12.45 19.86
CA GLY H 76 1.29 -13.51 20.18
C GLY H 76 0.70 -14.87 19.89
N THR H 77 0.19 -15.05 18.68
CA THR H 77 -0.50 -16.28 18.31
C THR H 77 0.42 -17.49 18.47
N GLN H 78 -0.13 -18.57 19.03
CA GLN H 78 0.62 -19.77 19.35
C GLN H 78 0.04 -20.97 18.62
N ALA H 79 0.85 -22.02 18.48
CA ALA H 79 0.43 -23.25 17.84
C ALA H 79 -0.94 -23.72 18.34
N MET H 80 -1.14 -23.71 19.65
CA MET H 80 -2.37 -24.22 20.23
C MET H 80 -3.58 -23.33 20.00
N ASP H 81 -3.43 -22.23 19.28
CA ASP H 81 -4.55 -21.37 18.91
C ASP H 81 -5.13 -21.71 17.55
N GLU H 82 -4.50 -22.60 16.78
CA GLU H 82 -5.02 -23.03 15.50
C GLU H 82 -6.38 -23.69 15.65
N ALA H 83 -7.41 -23.12 15.04
CA ALA H 83 -8.76 -23.62 15.25
C ALA H 83 -9.73 -22.89 14.33
N ASP H 84 -10.97 -23.36 14.32
CA ASP H 84 -12.05 -22.57 13.74
C ASP H 84 -12.59 -21.59 14.78
N TYR H 85 -12.85 -20.36 14.35
CA TYR H 85 -13.40 -19.33 15.22
C TYR H 85 -14.71 -18.83 14.64
N TYR H 86 -15.77 -18.83 15.46
CA TYR H 86 -17.08 -18.33 15.08
C TYR H 86 -17.47 -17.14 15.92
N CYS H 87 -18.02 -16.10 15.27
CA CYS H 87 -18.69 -15.04 16.02
C CYS H 87 -20.18 -15.34 16.15
N GLN H 88 -20.82 -14.67 17.10
CA GLN H 88 -22.23 -14.89 17.37
C GLN H 88 -22.83 -13.63 17.99
N ALA H 89 -24.09 -13.37 17.67
CA ALA H 89 -24.81 -12.23 18.23
C ALA H 89 -26.25 -12.60 18.56
N TRP H 90 -26.87 -11.74 19.37
CA TRP H 90 -28.22 -11.94 19.90
C TRP H 90 -28.95 -10.60 19.91
N ASP H 91 -30.25 -10.65 19.63
CA ASP H 91 -31.08 -9.47 19.35
C ASP H 91 -32.04 -9.20 20.51
N SER H 92 -31.75 -8.16 21.29
CA SER H 92 -32.58 -7.79 22.44
C SER H 92 -34.06 -7.62 22.10
N SER H 93 -34.42 -7.46 20.83
CA SER H 93 -35.82 -7.33 20.45
C SER H 93 -36.45 -8.62 19.97
N THR H 94 -35.76 -9.38 19.13
CA THR H 94 -36.32 -10.61 18.57
C THR H 94 -35.71 -11.87 19.15
N SER H 95 -34.95 -11.75 20.24
CA SER H 95 -34.30 -12.88 20.94
C SER H 95 -33.77 -13.93 19.96
N TYR H 96 -33.07 -13.46 18.93
CA TYR H 96 -32.67 -14.27 17.79
C TYR H 96 -31.15 -14.44 17.77
N VAL H 97 -30.69 -15.70 17.78
CA VAL H 97 -29.28 -16.04 17.81
C VAL H 97 -28.75 -16.18 16.39
N VAL H 98 -27.53 -15.70 16.15
CA VAL H 98 -26.95 -15.66 14.81
C VAL H 98 -25.45 -15.96 14.90
N PHE H 99 -25.01 -17.01 14.20
CA PHE H 99 -23.59 -17.33 14.10
C PHE H 99 -23.02 -16.79 12.79
N GLY H 100 -21.70 -16.62 12.78
CA GLY H 100 -20.98 -16.37 11.54
C GLY H 100 -20.62 -17.66 10.82
N GLY H 101 -20.16 -17.50 9.57
CA GLY H 101 -19.75 -18.65 8.80
C GLY H 101 -18.50 -19.34 9.30
N GLY H 102 -17.79 -18.73 10.24
CA GLY H 102 -16.59 -19.31 10.79
C GLY H 102 -15.34 -18.91 10.01
N THR H 103 -14.19 -19.06 10.67
CA THR H 103 -12.90 -18.70 10.11
C THR H 103 -11.88 -19.75 10.51
N LYS H 104 -11.19 -20.33 9.53
CA LYS H 104 -10.17 -21.34 9.78
C LYS H 104 -8.84 -20.65 10.05
N LEU H 105 -8.53 -20.43 11.32
CA LEU H 105 -7.24 -19.87 11.72
C LEU H 105 -6.18 -20.97 11.70
N THR H 106 -5.32 -20.89 10.70
CA THR H 106 -4.18 -21.81 10.50
C THR H 106 -2.95 -21.15 11.09
N VAL H 107 -2.17 -21.86 11.91
CA VAL H 107 -0.93 -21.27 12.47
C VAL H 107 0.22 -22.07 11.86
N LEU H 108 1.09 -21.41 11.11
CA LEU H 108 2.21 -22.14 10.47
C LEU H 108 3.30 -22.39 11.52
N GLY H 109 3.37 -23.61 12.06
CA GLY H 109 4.33 -23.96 13.11
C GLY H 109 5.47 -24.82 12.62
N GLN H 110 5.53 -25.05 11.29
CA GLN H 110 6.58 -25.88 10.65
C GLN H 110 6.85 -25.41 9.22
N PRO H 111 7.87 -25.96 8.52
CA PRO H 111 8.22 -25.57 7.14
C PRO H 111 7.38 -26.19 6.02
N LYS H 112 7.50 -25.64 4.81
CA LYS H 112 6.80 -26.11 3.57
C LYS H 112 7.19 -27.57 3.28
N ALA H 113 6.27 -28.34 2.70
CA ALA H 113 6.53 -29.76 2.45
C ALA H 113 5.67 -30.19 1.28
N ALA H 114 6.31 -30.58 0.19
CA ALA H 114 5.60 -31.03 -0.99
C ALA H 114 4.92 -32.36 -0.71
N PRO H 115 3.77 -32.62 -1.33
CA PRO H 115 3.05 -33.86 -1.07
C PRO H 115 3.72 -35.05 -1.73
N SER H 116 3.44 -36.22 -1.17
CA SER H 116 3.91 -37.50 -1.66
C SER H 116 2.68 -38.23 -2.17
N VAL H 117 2.59 -38.37 -3.50
CA VAL H 117 1.41 -38.88 -4.18
C VAL H 117 1.65 -40.31 -4.62
N THR H 118 0.70 -41.19 -4.29
CA THR H 118 0.75 -42.59 -4.71
C THR H 118 -0.60 -42.94 -5.32
N LEU H 119 -0.58 -43.37 -6.57
CA LEU H 119 -1.80 -43.71 -7.31
C LEU H 119 -1.90 -45.22 -7.43
N PHE H 120 -2.99 -45.79 -6.94
CA PHE H 120 -3.30 -47.21 -6.97
C PHE H 120 -4.32 -47.49 -8.06
N PRO H 121 -4.02 -48.42 -8.96
CA PRO H 121 -5.00 -48.85 -9.95
C PRO H 121 -5.98 -49.82 -9.31
N PRO H 122 -7.12 -50.10 -9.97
CA PRO H 122 -8.11 -50.99 -9.37
C PRO H 122 -7.55 -52.38 -9.10
N SER H 123 -7.84 -52.90 -7.92
CA SER H 123 -7.48 -54.27 -7.57
C SER H 123 -8.21 -55.26 -8.46
N SER H 124 -7.56 -56.40 -8.71
CA SER H 124 -8.20 -57.44 -9.51
C SER H 124 -9.39 -58.05 -8.80
N GLU H 125 -9.41 -58.00 -7.45
CA GLU H 125 -10.61 -58.39 -6.73
C GLU H 125 -11.78 -57.50 -7.10
N GLU H 126 -11.56 -56.18 -7.11
CA GLU H 126 -12.62 -55.24 -7.43
C GLU H 126 -13.05 -55.38 -8.88
N LEU H 127 -12.10 -55.62 -9.79
CA LEU H 127 -12.46 -55.88 -11.18
C LEU H 127 -13.32 -57.13 -11.29
N GLN H 128 -12.91 -58.22 -10.64
CA GLN H 128 -13.74 -59.43 -10.58
C GLN H 128 -15.11 -59.16 -9.97
N ALA H 129 -15.24 -58.10 -9.18
CA ALA H 129 -16.53 -57.69 -8.64
C ALA H 129 -17.26 -56.71 -9.54
N ASN H 130 -16.73 -56.46 -10.75
CA ASN H 130 -17.39 -55.67 -11.79
C ASN H 130 -17.46 -54.18 -11.45
N LYS H 131 -16.45 -53.67 -10.74
CA LYS H 131 -16.27 -52.25 -10.50
C LYS H 131 -14.80 -51.92 -10.61
N ALA H 132 -14.48 -50.63 -10.65
CA ALA H 132 -13.08 -50.22 -10.75
C ALA H 132 -12.91 -48.86 -10.07
N THR H 133 -12.00 -48.78 -9.10
CA THR H 133 -11.77 -47.54 -8.36
C THR H 133 -10.28 -47.23 -8.36
N LEU H 134 -9.92 -46.07 -8.90
CA LEU H 134 -8.57 -45.54 -8.77
C LEU H 134 -8.46 -44.76 -7.47
N VAL H 135 -7.36 -44.98 -6.75
CA VAL H 135 -7.17 -44.41 -5.42
C VAL H 135 -5.91 -43.57 -5.40
N CYS H 136 -6.04 -42.27 -5.16
CA CYS H 136 -4.93 -41.34 -5.17
C CYS H 136 -4.71 -40.87 -3.73
N LEU H 137 -3.59 -41.28 -3.13
CA LEU H 137 -3.29 -41.02 -1.73
C LEU H 137 -2.15 -40.01 -1.65
N ILE H 138 -2.39 -38.91 -0.93
CA ILE H 138 -1.49 -37.77 -0.83
C ILE H 138 -1.07 -37.65 0.63
N SER H 139 0.23 -37.60 0.89
CA SER H 139 0.70 -37.64 2.27
C SER H 139 1.85 -36.65 2.49
N ASP H 140 2.01 -36.24 3.75
CA ASP H 140 3.22 -35.54 4.20
C ASP H 140 3.39 -34.18 3.52
N PHE H 141 2.37 -33.32 3.65
CA PHE H 141 2.45 -31.94 3.11
C PHE H 141 1.95 -30.98 4.20
N TYR H 142 2.86 -30.20 4.80
CA TYR H 142 2.45 -29.36 5.97
C TYR H 142 1.41 -28.29 5.62
N PRO H 143 1.57 -27.46 4.56
CA PRO H 143 0.51 -26.55 4.16
C PRO H 143 -0.62 -27.53 3.83
N GLY H 144 -1.70 -27.50 4.61
CA GLY H 144 -2.75 -28.51 4.42
C GLY H 144 -3.43 -28.46 3.07
N ALA H 145 -3.70 -27.27 2.53
CA ALA H 145 -4.50 -27.21 1.28
C ALA H 145 -3.79 -27.88 0.10
N VAL H 146 -4.54 -28.66 -0.69
CA VAL H 146 -3.99 -29.30 -1.92
C VAL H 146 -5.12 -29.32 -2.95
N THR H 147 -4.79 -29.37 -4.25
CA THR H 147 -5.85 -29.50 -5.29
C THR H 147 -5.72 -30.85 -5.99
N VAL H 148 -6.83 -31.48 -6.35
CA VAL H 148 -6.72 -32.74 -7.09
C VAL H 148 -7.38 -32.60 -8.46
N ALA H 149 -6.78 -33.24 -9.47
CA ALA H 149 -7.32 -33.24 -10.83
C ALA H 149 -7.07 -34.59 -11.49
N TRP H 150 -8.11 -35.19 -12.05
CA TRP H 150 -8.00 -36.49 -12.72
C TRP H 150 -7.97 -36.33 -14.23
N LYS H 151 -7.27 -37.24 -14.90
CA LYS H 151 -7.14 -37.20 -16.35
C LYS H 151 -7.13 -38.61 -16.94
N ALA H 152 -7.76 -38.75 -18.11
CA ALA H 152 -7.66 -39.94 -18.95
C ALA H 152 -6.90 -39.58 -20.22
N ASP H 153 -5.59 -39.88 -20.23
CA ASP H 153 -4.71 -39.66 -21.38
C ASP H 153 -4.55 -38.17 -21.67
N SER H 154 -4.24 -37.41 -20.62
CA SER H 154 -4.07 -35.95 -20.64
C SER H 154 -5.36 -35.22 -20.95
N SER H 155 -6.48 -35.94 -21.04
CA SER H 155 -7.83 -35.38 -21.23
C SER H 155 -8.55 -35.38 -19.90
N PRO H 156 -9.10 -34.25 -19.45
CA PRO H 156 -9.52 -34.13 -18.05
C PRO H 156 -10.83 -34.85 -17.76
N VAL H 157 -10.83 -35.63 -16.68
CA VAL H 157 -12.00 -36.41 -16.27
C VAL H 157 -13.01 -35.49 -15.60
N LYS H 158 -14.28 -35.67 -15.94
CA LYS H 158 -15.36 -34.75 -15.54
C LYS H 158 -16.00 -35.14 -14.22
N ALA H 159 -16.50 -36.37 -14.10
CA ALA H 159 -17.28 -36.80 -12.96
C ALA H 159 -16.80 -38.17 -12.50
N GLY H 160 -17.36 -38.61 -11.37
CA GLY H 160 -16.91 -39.83 -10.72
C GLY H 160 -15.79 -39.61 -9.73
N VAL H 161 -15.54 -38.37 -9.34
CA VAL H 161 -14.45 -38.00 -8.45
C VAL H 161 -15.02 -37.61 -7.10
N GLU H 162 -14.50 -38.21 -6.03
CA GLU H 162 -14.75 -37.71 -4.68
C GLU H 162 -13.43 -37.49 -3.98
N THR H 163 -13.29 -36.36 -3.28
CA THR H 163 -12.01 -36.01 -2.67
C THR H 163 -12.19 -35.61 -1.23
N THR H 164 -11.31 -36.12 -0.37
CA THR H 164 -11.28 -35.81 1.04
C THR H 164 -10.65 -34.45 1.29
N THR H 165 -11.07 -33.78 2.38
CA THR H 165 -10.37 -32.58 2.84
C THR H 165 -9.17 -32.96 3.69
N PRO H 166 -8.05 -32.23 3.57
CA PRO H 166 -6.84 -32.55 4.36
C PRO H 166 -7.09 -32.84 5.83
N SER H 167 -6.36 -33.82 6.36
CA SER H 167 -6.48 -34.22 7.76
C SER H 167 -5.09 -34.44 8.34
N LYS H 168 -4.89 -33.97 9.57
CA LYS H 168 -3.61 -34.12 10.25
C LYS H 168 -3.23 -35.58 10.40
N GLN H 169 -1.96 -35.88 10.13
CA GLN H 169 -1.39 -37.18 10.42
C GLN H 169 -0.79 -37.15 11.82
N SER H 170 -0.11 -38.23 12.20
CA SER H 170 0.58 -38.25 13.49
C SER H 170 1.84 -37.40 13.48
N ASN H 171 2.43 -37.14 12.30
CA ASN H 171 3.61 -36.29 12.20
C ASN H 171 3.28 -34.81 12.13
N ASN H 172 2.05 -34.41 12.47
CA ASN H 172 1.60 -33.02 12.42
C ASN H 172 1.53 -32.47 11.00
N LYS H 173 1.86 -33.28 10.00
CA LYS H 173 1.61 -32.94 8.61
C LYS H 173 0.21 -33.41 8.22
N TYR H 174 -0.19 -33.13 6.97
CA TYR H 174 -1.53 -33.41 6.50
C TYR H 174 -1.51 -34.41 5.36
N ALA H 175 -2.66 -35.06 5.16
CA ALA H 175 -2.84 -36.06 4.12
C ALA H 175 -4.26 -35.97 3.56
N ALA H 176 -4.41 -36.35 2.30
CA ALA H 176 -5.71 -36.31 1.62
C ALA H 176 -5.85 -37.50 0.68
N SER H 177 -7.10 -37.81 0.32
CA SER H 177 -7.39 -38.89 -0.59
C SER H 177 -8.37 -38.44 -1.66
N SER H 178 -8.20 -38.93 -2.88
CA SER H 178 -9.19 -38.77 -3.94
C SER H 178 -9.47 -40.11 -4.61
N TYR H 179 -10.73 -40.34 -4.95
CA TYR H 179 -11.16 -41.58 -5.59
C TYR H 179 -11.83 -41.26 -6.92
N LEU H 180 -11.51 -42.08 -7.92
CA LEU H 180 -12.16 -42.01 -9.23
C LEU H 180 -12.85 -43.34 -9.52
N SER H 181 -14.17 -43.31 -9.69
CA SER H 181 -14.95 -44.50 -10.01
C SER H 181 -15.08 -44.70 -11.51
N LEU H 182 -14.89 -45.94 -11.96
CA LEU H 182 -15.05 -46.32 -13.35
C LEU H 182 -15.68 -47.70 -13.44
N THR H 183 -16.46 -47.90 -14.50
CA THR H 183 -16.78 -49.25 -14.92
C THR H 183 -15.52 -49.91 -15.50
N PRO H 184 -15.40 -51.23 -15.38
CA PRO H 184 -14.18 -51.88 -15.88
C PRO H 184 -13.96 -51.67 -17.37
N GLU H 185 -15.03 -51.55 -18.15
CA GLU H 185 -14.91 -51.16 -19.55
C GLU H 185 -14.05 -49.90 -19.71
N GLN H 186 -14.49 -48.79 -19.10
CA GLN H 186 -13.80 -47.52 -19.33
C GLN H 186 -12.44 -47.48 -18.63
N TRP H 187 -12.22 -48.29 -17.60
CA TRP H 187 -10.86 -48.50 -17.11
C TRP H 187 -9.97 -49.05 -18.22
N LYS H 188 -10.36 -50.19 -18.79
CA LYS H 188 -9.52 -50.86 -19.78
C LYS H 188 -9.47 -50.14 -21.12
N SER H 189 -10.34 -49.15 -21.34
CA SER H 189 -10.52 -48.55 -22.67
C SER H 189 -9.81 -47.19 -22.80
N HIS H 190 -8.85 -46.91 -21.95
CA HIS H 190 -7.98 -45.74 -22.09
C HIS H 190 -6.53 -46.16 -21.93
N ARG H 191 -5.63 -45.40 -22.55
CA ARG H 191 -4.20 -45.71 -22.49
C ARG H 191 -3.68 -45.62 -21.06
N SER H 192 -4.04 -44.56 -20.34
CA SER H 192 -3.59 -44.38 -18.97
C SER H 192 -4.52 -43.41 -18.25
N TYR H 193 -4.49 -43.47 -16.92
CA TYR H 193 -5.12 -42.45 -16.09
C TYR H 193 -4.06 -41.79 -15.21
N SER H 194 -4.32 -40.53 -14.85
CA SER H 194 -3.34 -39.73 -14.11
C SER H 194 -4.03 -38.90 -13.04
N CYS H 195 -3.36 -38.78 -11.89
CA CYS H 195 -3.79 -37.96 -10.76
C CYS H 195 -2.78 -36.83 -10.56
N GLN H 196 -3.25 -35.59 -10.65
CA GLN H 196 -2.44 -34.38 -10.53
C GLN H 196 -2.79 -33.67 -9.23
N VAL H 197 -1.78 -33.46 -8.39
CA VAL H 197 -1.93 -32.89 -7.06
C VAL H 197 -1.15 -31.58 -7.02
N THR H 198 -1.83 -30.49 -6.66
CA THR H 198 -1.26 -29.15 -6.70
C THR H 198 -1.18 -28.58 -5.29
N HIS H 199 0.00 -28.11 -4.92
CA HIS H 199 0.32 -27.67 -3.55
C HIS H 199 1.21 -26.44 -3.63
N GLU H 200 0.68 -25.29 -3.20
CA GLU H 200 1.44 -24.03 -3.18
C GLU H 200 2.07 -23.73 -4.54
N GLY H 201 1.24 -23.77 -5.58
CA GLY H 201 1.65 -23.41 -6.92
C GLY H 201 2.43 -24.47 -7.68
N SER H 202 2.72 -25.61 -7.05
CA SER H 202 3.54 -26.66 -7.64
C SER H 202 2.74 -27.94 -7.78
N THR H 203 2.69 -28.48 -9.00
CA THR H 203 1.91 -29.68 -9.32
C THR H 203 2.81 -30.89 -9.50
N VAL H 204 2.39 -32.03 -8.94
CA VAL H 204 3.03 -33.32 -9.16
C VAL H 204 1.95 -34.33 -9.55
N GLU H 205 2.26 -35.19 -10.52
CA GLU H 205 1.28 -36.18 -10.98
C GLU H 205 1.85 -37.59 -10.92
N LYS H 206 0.93 -38.56 -10.82
CA LYS H 206 1.26 -39.98 -10.94
C LYS H 206 0.26 -40.67 -11.86
N THR H 207 0.73 -41.67 -12.60
CA THR H 207 -0.03 -42.27 -13.68
C THR H 207 -0.02 -43.78 -13.59
N VAL H 208 -1.14 -44.40 -13.94
CA VAL H 208 -1.27 -45.85 -14.03
C VAL H 208 -1.90 -46.22 -15.37
N ALA H 209 -1.65 -47.44 -15.80
CA ALA H 209 -2.17 -47.97 -17.05
C ALA H 209 -2.84 -49.31 -16.83
N PRO H 210 -3.84 -49.65 -17.65
CA PRO H 210 -4.50 -50.96 -17.50
C PRO H 210 -3.55 -52.14 -17.63
N THR H 211 -2.44 -52.00 -18.36
CA THR H 211 -1.54 -53.12 -18.54
C THR H 211 -0.90 -53.55 -17.21
N GLU H 212 -0.30 -52.60 -16.50
CA GLU H 212 0.50 -52.93 -15.32
C GLU H 212 0.17 -51.99 -14.16
N ASN I 4 4.89 -20.06 -43.10
CA ASN I 4 4.42 -20.78 -44.27
C ASN I 4 3.87 -22.14 -43.85
N LEU I 5 3.47 -22.94 -44.82
CA LEU I 5 2.95 -24.27 -44.54
C LEU I 5 4.11 -25.25 -44.32
N CYS I 6 4.04 -26.03 -43.25
CA CYS I 6 5.10 -26.97 -42.95
C CYS I 6 5.25 -27.98 -44.08
N PRO I 7 6.49 -28.34 -44.46
CA PRO I 7 6.70 -29.14 -45.68
C PRO I 7 6.38 -30.63 -45.51
N PHE I 8 5.24 -30.93 -44.88
CA PHE I 8 4.83 -32.33 -44.74
C PHE I 8 4.69 -33.00 -46.10
N GLY I 9 4.24 -32.25 -47.11
CA GLY I 9 4.22 -32.78 -48.47
C GLY I 9 5.52 -33.46 -48.87
N GLU I 10 6.64 -32.83 -48.52
CA GLU I 10 7.93 -33.37 -48.92
C GLU I 10 8.27 -34.65 -48.17
N VAL I 11 7.70 -34.86 -46.99
CA VAL I 11 7.97 -36.06 -46.21
C VAL I 11 7.06 -37.21 -46.63
N PHE I 12 5.75 -36.97 -46.68
CA PHE I 12 4.80 -38.04 -46.93
C PHE I 12 4.75 -38.41 -48.41
N ASN I 13 4.63 -37.43 -49.29
CA ASN I 13 4.60 -37.67 -50.73
C ASN I 13 6.00 -37.81 -51.32
N ALA I 14 7.00 -38.06 -50.47
CA ALA I 14 8.38 -38.18 -50.92
C ALA I 14 8.53 -39.24 -51.99
N THR I 15 9.31 -38.90 -53.02
CA THR I 15 9.43 -39.77 -54.19
C THR I 15 10.07 -41.10 -53.83
N ARG I 16 11.17 -41.06 -53.09
CA ARG I 16 11.82 -42.27 -52.60
C ARG I 16 11.81 -42.29 -51.07
N PHE I 17 11.80 -43.49 -50.51
CA PHE I 17 11.80 -43.70 -49.06
C PHE I 17 13.05 -44.47 -48.64
N ALA I 18 13.29 -44.49 -47.33
CA ALA I 18 14.49 -45.08 -46.77
C ALA I 18 14.25 -46.50 -46.26
N SER I 19 15.31 -47.30 -46.27
CA SER I 19 15.30 -48.59 -45.59
C SER I 19 15.14 -48.37 -44.09
N VAL I 20 14.33 -49.23 -43.46
CA VAL I 20 14.06 -49.08 -42.02
C VAL I 20 15.35 -49.06 -41.21
N TYR I 21 16.33 -49.89 -41.58
CA TYR I 21 17.58 -49.92 -40.81
C TYR I 21 18.29 -48.58 -40.84
N ALA I 22 18.15 -47.82 -41.92
CA ALA I 22 18.73 -46.49 -42.04
C ALA I 22 17.62 -45.45 -42.08
N TRP I 23 16.68 -45.53 -41.13
CA TRP I 23 15.51 -44.66 -41.15
C TRP I 23 15.91 -43.18 -41.18
N ASN I 24 15.21 -42.43 -42.04
CA ASN I 24 15.50 -41.02 -42.29
C ASN I 24 14.66 -40.16 -41.37
N ARG I 25 15.31 -39.16 -40.75
CA ARG I 25 14.65 -38.21 -39.88
C ARG I 25 14.65 -36.84 -40.52
N LYS I 26 13.50 -36.17 -40.47
CA LYS I 26 13.41 -34.78 -40.87
C LYS I 26 12.92 -33.95 -39.69
N ARG I 27 13.76 -33.02 -39.23
CA ARG I 27 13.32 -32.02 -38.28
C ARG I 27 12.51 -30.96 -39.00
N ILE I 28 11.34 -30.66 -38.47
CA ILE I 28 10.42 -29.67 -39.03
C ILE I 28 10.31 -28.53 -38.06
N SER I 29 10.58 -27.30 -38.54
CA SER I 29 10.62 -26.16 -37.66
C SER I 29 10.29 -24.90 -38.44
N ASN I 30 9.70 -23.93 -37.73
CA ASN I 30 9.41 -22.60 -38.25
C ASN I 30 8.43 -22.65 -39.43
N CYS I 31 7.18 -22.99 -39.08
CA CYS I 31 6.11 -23.08 -40.06
C CYS I 31 4.81 -23.34 -39.31
N VAL I 32 3.70 -23.19 -40.03
CA VAL I 32 2.37 -23.49 -39.52
C VAL I 32 2.00 -24.90 -39.98
N ALA I 33 1.85 -25.81 -39.03
CA ALA I 33 1.55 -27.21 -39.33
C ALA I 33 0.04 -27.42 -39.33
N ASP I 34 -0.52 -27.63 -40.52
CA ASP I 34 -1.95 -27.93 -40.67
C ASP I 34 -2.13 -29.44 -40.55
N TYR I 35 -2.25 -29.92 -39.31
CA TYR I 35 -2.40 -31.35 -39.09
C TYR I 35 -3.70 -31.90 -39.67
N SER I 36 -4.70 -31.04 -39.88
CA SER I 36 -5.95 -31.50 -40.46
C SER I 36 -5.75 -32.10 -41.84
N VAL I 37 -4.79 -31.59 -42.61
CA VAL I 37 -4.51 -32.13 -43.93
C VAL I 37 -4.11 -33.60 -43.83
N LEU I 38 -3.50 -34.00 -42.72
CA LEU I 38 -3.14 -35.41 -42.56
C LEU I 38 -4.33 -36.27 -42.17
N TYR I 39 -4.90 -36.02 -40.98
CA TYR I 39 -5.97 -36.89 -40.51
C TYR I 39 -7.24 -36.81 -41.35
N ASN I 40 -7.31 -35.87 -42.30
CA ASN I 40 -8.44 -35.82 -43.23
C ASN I 40 -8.11 -36.39 -44.59
N SER I 41 -6.88 -36.86 -44.80
CA SER I 41 -6.60 -37.80 -45.88
C SER I 41 -6.91 -39.19 -45.35
N ALA I 42 -8.07 -39.72 -45.72
CA ALA I 42 -8.54 -40.99 -45.17
C ALA I 42 -7.96 -42.13 -46.00
N SER I 43 -6.71 -41.98 -46.44
CA SER I 43 -5.99 -43.02 -47.16
C SER I 43 -4.94 -43.70 -46.31
N PHE I 44 -4.89 -43.40 -45.01
CA PHE I 44 -3.87 -43.95 -44.13
C PHE I 44 -4.41 -45.21 -43.47
N SER I 45 -3.69 -46.32 -43.62
CA SER I 45 -4.12 -47.58 -43.04
C SER I 45 -3.87 -47.65 -41.54
N THR I 46 -2.81 -47.02 -41.06
CA THR I 46 -2.58 -46.88 -39.62
C THR I 46 -2.37 -45.42 -39.27
N PHE I 47 -2.97 -44.98 -38.16
CA PHE I 47 -2.85 -43.61 -37.69
C PHE I 47 -3.06 -43.57 -36.18
N LYS I 48 -2.16 -44.21 -35.43
CA LYS I 48 -2.29 -44.26 -33.97
C LYS I 48 -1.49 -43.14 -33.31
N CYS I 49 -2.16 -42.33 -32.49
CA CYS I 49 -1.51 -41.28 -31.73
C CYS I 49 -1.53 -41.61 -30.24
N TYR I 50 -0.40 -41.34 -29.57
CA TYR I 50 -0.21 -41.66 -28.16
C TYR I 50 0.06 -40.37 -27.39
N GLY I 51 -0.77 -40.11 -26.37
CA GLY I 51 -0.53 -39.03 -25.45
C GLY I 51 -1.03 -37.67 -25.90
N VAL I 52 -1.58 -37.56 -27.10
CA VAL I 52 -2.04 -36.29 -27.64
C VAL I 52 -3.47 -36.42 -28.12
N SER I 53 -4.11 -35.25 -28.29
CA SER I 53 -5.44 -35.22 -28.86
C SER I 53 -5.38 -35.51 -30.35
N PRO I 54 -6.50 -35.94 -30.95
CA PRO I 54 -6.50 -36.16 -32.40
C PRO I 54 -6.35 -34.85 -33.16
N THR I 55 -7.26 -33.91 -32.87
CA THR I 55 -7.35 -32.65 -33.58
C THR I 55 -6.80 -31.45 -32.83
N LYS I 56 -6.68 -31.53 -31.50
CA LYS I 56 -6.24 -30.34 -30.78
C LYS I 56 -4.75 -30.07 -30.97
N LEU I 57 -4.02 -30.99 -31.61
CA LEU I 57 -2.68 -30.67 -32.09
C LEU I 57 -2.73 -29.45 -32.99
N ASN I 58 -3.86 -29.26 -33.68
CA ASN I 58 -4.07 -28.11 -34.54
C ASN I 58 -4.10 -26.79 -33.77
N ASP I 59 -4.09 -26.82 -32.44
CA ASP I 59 -4.11 -25.60 -31.65
C ASP I 59 -2.84 -25.34 -30.89
N LEU I 60 -1.96 -26.34 -30.76
CA LEU I 60 -0.78 -26.25 -29.92
C LEU I 60 0.46 -25.90 -30.75
N CYS I 61 1.49 -25.44 -30.05
CA CYS I 61 2.77 -25.10 -30.63
C CYS I 61 3.86 -25.96 -30.02
N PHE I 62 4.91 -26.22 -30.80
CA PHE I 62 6.00 -27.07 -30.36
C PHE I 62 7.33 -26.47 -30.78
N THR I 63 8.35 -26.70 -29.94
CA THR I 63 9.71 -26.29 -30.30
C THR I 63 10.14 -26.96 -31.60
N ASN I 64 10.00 -28.28 -31.69
CA ASN I 64 10.31 -28.99 -32.93
C ASN I 64 9.33 -30.12 -33.16
N VAL I 65 9.20 -30.51 -34.43
CA VAL I 65 8.51 -31.73 -34.83
C VAL I 65 9.49 -32.55 -35.65
N TYR I 66 9.71 -33.80 -35.25
CA TYR I 66 10.60 -34.70 -35.96
C TYR I 66 9.78 -35.76 -36.67
N ALA I 67 10.07 -35.98 -37.95
CA ALA I 67 9.40 -36.98 -38.77
C ALA I 67 10.41 -38.04 -39.17
N ASP I 68 10.39 -39.19 -38.48
CA ASP I 68 11.15 -40.35 -38.94
C ASP I 68 10.32 -41.12 -39.97
N SER I 69 10.95 -41.54 -41.06
CA SER I 69 10.21 -42.24 -42.10
C SER I 69 11.02 -43.41 -42.64
N PHE I 70 10.30 -44.45 -43.08
CA PHE I 70 10.95 -45.67 -43.57
C PHE I 70 9.91 -46.58 -44.21
N VAL I 71 10.36 -47.76 -44.65
CA VAL I 71 9.52 -48.76 -45.28
C VAL I 71 9.73 -50.10 -44.58
N ILE I 72 8.63 -50.77 -44.22
CA ILE I 72 8.67 -52.12 -43.66
C ILE I 72 7.59 -52.94 -44.35
N ARG I 73 7.44 -54.20 -43.93
CA ARG I 73 6.32 -54.95 -44.45
C ARG I 73 5.13 -54.86 -43.50
N GLY I 74 3.94 -55.14 -44.04
CA GLY I 74 2.69 -54.81 -43.35
C GLY I 74 2.59 -55.41 -41.96
N ASP I 75 2.88 -56.70 -41.83
CA ASP I 75 2.71 -57.35 -40.53
C ASP I 75 3.72 -56.90 -39.50
N GLU I 76 4.74 -56.15 -39.91
CA GLU I 76 5.70 -55.56 -38.99
C GLU I 76 5.26 -54.18 -38.49
N VAL I 77 4.20 -53.60 -39.05
CA VAL I 77 3.73 -52.30 -38.61
C VAL I 77 3.38 -52.32 -37.13
N ARG I 78 2.79 -53.42 -36.66
CA ARG I 78 2.43 -53.53 -35.25
C ARG I 78 3.62 -53.35 -34.33
N GLN I 79 4.84 -53.42 -34.86
CA GLN I 79 6.05 -53.23 -34.05
C GLN I 79 6.41 -51.76 -33.87
N ILE I 80 5.82 -50.87 -34.67
CA ILE I 80 6.10 -49.44 -34.54
C ILE I 80 5.15 -48.89 -33.49
N ALA I 81 5.37 -49.30 -32.24
CA ALA I 81 4.55 -48.90 -31.11
C ALA I 81 5.38 -49.08 -29.85
N PRO I 82 4.99 -48.45 -28.74
CA PRO I 82 5.80 -48.54 -27.52
C PRO I 82 5.88 -49.97 -26.99
N GLY I 83 7.07 -50.33 -26.51
CA GLY I 83 7.29 -51.60 -25.83
C GLY I 83 6.87 -52.83 -26.61
N GLN I 84 7.16 -52.86 -27.90
CA GLN I 84 7.09 -54.10 -28.66
C GLN I 84 8.47 -54.76 -28.74
N THR I 85 8.46 -56.04 -29.08
CA THR I 85 9.68 -56.72 -29.54
C THR I 85 9.46 -57.27 -30.94
N GLY I 86 10.55 -57.75 -31.54
CA GLY I 86 10.53 -58.25 -32.90
C GLY I 86 11.75 -57.80 -33.65
N LYS I 87 11.95 -58.34 -34.86
CA LYS I 87 13.11 -57.96 -35.67
C LYS I 87 13.27 -56.45 -35.76
N ILE I 88 12.18 -55.73 -36.05
CA ILE I 88 12.27 -54.31 -36.35
C ILE I 88 12.52 -53.50 -35.08
N ALA I 89 11.64 -53.62 -34.10
CA ALA I 89 11.76 -52.83 -32.87
C ALA I 89 13.01 -53.16 -32.09
N ASP I 90 13.56 -54.36 -32.26
CA ASP I 90 14.78 -54.73 -31.54
C ASP I 90 16.04 -54.31 -32.30
N TYR I 91 16.03 -54.37 -33.63
CA TYR I 91 17.25 -54.20 -34.40
C TYR I 91 17.22 -53.05 -35.39
N ASN I 92 16.10 -52.31 -35.49
CA ASN I 92 15.96 -51.34 -36.58
C ASN I 92 15.43 -49.99 -36.11
N TYR I 93 14.25 -49.96 -35.49
CA TYR I 93 13.65 -48.68 -35.08
C TYR I 93 12.85 -48.93 -33.79
N LYS I 94 13.44 -48.52 -32.66
CA LYS I 94 12.80 -48.67 -31.36
C LYS I 94 12.17 -47.34 -30.93
N LEU I 95 10.91 -47.41 -30.52
CA LEU I 95 10.19 -46.31 -29.90
C LEU I 95 10.27 -46.39 -28.37
N PRO I 96 10.33 -45.26 -27.67
CA PRO I 96 10.39 -45.30 -26.22
C PRO I 96 9.04 -45.66 -25.60
N ASP I 97 9.09 -46.04 -24.33
CA ASP I 97 7.88 -46.47 -23.64
C ASP I 97 6.94 -45.30 -23.39
N ASP I 98 7.49 -44.13 -23.07
CA ASP I 98 6.72 -42.93 -22.77
C ASP I 98 6.37 -42.11 -24.01
N PHE I 99 6.24 -42.77 -25.16
CA PHE I 99 6.19 -42.08 -26.44
C PHE I 99 4.94 -41.22 -26.56
N THR I 100 5.12 -39.92 -26.78
CA THR I 100 4.06 -38.99 -27.11
C THR I 100 4.24 -38.59 -28.57
N GLY I 101 3.34 -39.03 -29.43
CA GLY I 101 3.44 -38.71 -30.84
C GLY I 101 2.56 -39.64 -31.66
N CYS I 102 2.76 -39.59 -32.98
CA CYS I 102 1.84 -40.30 -33.88
C CYS I 102 2.59 -41.20 -34.85
N VAL I 103 2.07 -42.42 -35.01
CA VAL I 103 2.55 -43.39 -36.00
C VAL I 103 1.55 -43.45 -37.15
N ILE I 104 2.04 -43.27 -38.37
CA ILE I 104 1.23 -43.21 -39.58
C ILE I 104 1.81 -44.20 -40.60
N ALA I 105 0.96 -45.06 -41.15
CA ALA I 105 1.43 -46.03 -42.15
C ALA I 105 0.40 -46.20 -43.26
N TRP I 106 0.91 -46.47 -44.46
CA TRP I 106 0.04 -46.77 -45.60
C TRP I 106 0.70 -47.76 -46.55
N ASN I 107 -0.13 -48.50 -47.29
CA ASN I 107 0.35 -49.51 -48.22
C ASN I 107 0.97 -48.87 -49.46
N SER I 108 2.20 -49.26 -49.77
CA SER I 108 2.94 -48.72 -50.90
C SER I 108 3.26 -49.80 -51.94
N ASN I 109 2.36 -50.78 -52.12
CA ASN I 109 2.63 -51.87 -53.05
C ASN I 109 2.81 -51.37 -54.48
N ASN I 110 1.99 -50.41 -54.90
CA ASN I 110 2.05 -49.88 -56.26
C ASN I 110 3.25 -48.96 -56.50
N LEU I 111 4.05 -48.68 -55.47
CA LEU I 111 5.21 -47.81 -55.62
C LEU I 111 6.53 -48.48 -55.29
N ASP I 112 6.55 -49.42 -54.34
CA ASP I 112 7.80 -50.01 -53.87
C ASP I 112 7.98 -51.46 -54.26
N SER I 113 6.90 -52.17 -54.64
CA SER I 113 7.03 -53.45 -55.32
C SER I 113 7.27 -53.22 -56.81
N LYS I 114 7.94 -54.17 -57.43
CA LYS I 114 8.07 -54.19 -58.88
C LYS I 114 8.05 -55.63 -59.38
N VAL I 115 7.54 -55.80 -60.61
CA VAL I 115 7.44 -57.13 -61.19
C VAL I 115 8.83 -57.75 -61.30
N GLY I 116 9.03 -58.86 -60.60
CA GLY I 116 10.32 -59.50 -60.48
C GLY I 116 10.96 -59.35 -59.11
N GLY I 117 10.64 -58.27 -58.42
CA GLY I 117 11.05 -58.08 -57.04
C GLY I 117 11.93 -56.87 -56.80
N ASN I 118 11.64 -56.16 -55.71
CA ASN I 118 12.43 -55.02 -55.28
C ASN I 118 13.29 -55.44 -54.11
N TYR I 119 14.62 -55.30 -54.26
CA TYR I 119 15.57 -55.69 -53.23
C TYR I 119 16.45 -54.51 -52.81
N ASN I 120 15.90 -53.30 -52.93
CA ASN I 120 16.57 -52.09 -52.44
C ASN I 120 16.25 -51.82 -50.98
N TYR I 121 15.00 -52.08 -50.57
CA TYR I 121 14.57 -51.85 -49.19
C TYR I 121 15.11 -52.97 -48.32
N LEU I 122 15.99 -52.64 -47.38
CA LEU I 122 16.63 -53.60 -46.51
C LEU I 122 16.11 -53.46 -45.08
N TYR I 123 16.59 -54.37 -44.22
CA TYR I 123 16.36 -54.33 -42.79
C TYR I 123 17.52 -55.06 -42.13
N ARG I 124 17.72 -54.81 -40.84
CA ARG I 124 18.79 -55.46 -40.10
C ARG I 124 18.27 -56.77 -39.52
N LEU I 125 18.99 -57.85 -39.78
CA LEU I 125 18.61 -59.19 -39.33
C LEU I 125 19.33 -59.61 -38.06
N PHE I 126 20.63 -59.34 -37.97
CA PHE I 126 21.45 -59.75 -36.84
C PHE I 126 22.03 -58.53 -36.15
N ARG I 127 21.95 -58.52 -34.81
CA ARG I 127 22.63 -57.51 -34.02
C ARG I 127 23.04 -58.12 -32.69
N LYS I 128 24.16 -57.64 -32.15
CA LYS I 128 24.70 -58.20 -30.90
C LYS I 128 23.83 -57.84 -29.70
N SER I 129 22.93 -56.86 -29.82
CA SER I 129 22.07 -56.43 -28.72
C SER I 129 21.00 -55.50 -29.28
N ASN I 130 20.06 -55.13 -28.42
CA ASN I 130 18.91 -54.32 -28.81
C ASN I 130 19.27 -52.85 -28.97
N LEU I 131 18.58 -52.20 -29.91
CA LEU I 131 18.65 -50.75 -30.02
C LEU I 131 17.95 -50.07 -28.85
N LYS I 132 18.47 -48.92 -28.48
CA LYS I 132 17.86 -48.03 -27.50
C LYS I 132 16.88 -47.10 -28.21
N PRO I 133 15.94 -46.50 -27.48
CA PRO I 133 14.93 -45.63 -28.13
C PRO I 133 15.54 -44.58 -29.04
N PHE I 134 14.97 -44.44 -30.24
CA PHE I 134 15.37 -43.48 -31.25
C PHE I 134 16.84 -43.63 -31.66
N GLU I 135 17.42 -44.81 -31.46
CA GLU I 135 18.74 -45.09 -31.99
C GLU I 135 18.64 -45.70 -33.39
N ARG I 136 19.68 -45.45 -34.20
CA ARG I 136 19.75 -45.96 -35.57
C ARG I 136 21.15 -46.52 -35.82
N ASP I 137 21.23 -47.67 -36.50
CA ASP I 137 22.48 -48.36 -36.75
C ASP I 137 22.55 -48.71 -38.23
N ILE I 138 23.63 -48.28 -38.90
CA ILE I 138 23.81 -48.53 -40.33
C ILE I 138 25.16 -49.20 -40.60
N SER I 139 25.76 -49.78 -39.57
CA SER I 139 27.02 -50.50 -39.76
C SER I 139 26.80 -51.77 -40.56
N THR I 140 27.76 -52.08 -41.43
CA THR I 140 27.78 -53.35 -42.16
C THR I 140 28.90 -54.25 -41.65
N GLU I 141 29.15 -54.21 -40.35
CA GLU I 141 30.15 -55.07 -39.73
C GLU I 141 29.69 -56.53 -39.79
N ILE I 142 30.63 -57.42 -40.10
CA ILE I 142 30.29 -58.83 -40.29
C ILE I 142 29.87 -59.44 -38.96
N TYR I 143 28.62 -59.90 -38.89
CA TYR I 143 28.09 -60.49 -37.69
C TYR I 143 28.71 -61.86 -37.43
N GLN I 144 29.19 -62.06 -36.20
CA GLN I 144 29.72 -63.35 -35.77
C GLN I 144 28.65 -64.06 -34.92
N ALA I 145 28.15 -65.17 -35.43
CA ALA I 145 27.34 -66.07 -34.62
C ALA I 145 28.13 -67.26 -34.08
N GLY I 146 29.20 -67.65 -34.79
CA GLY I 146 30.05 -68.74 -34.37
C GLY I 146 31.15 -68.29 -33.43
N SER I 147 32.07 -69.21 -33.16
CA SER I 147 33.13 -68.98 -32.20
C SER I 147 34.38 -68.36 -32.81
N THR I 148 34.65 -68.60 -34.09
CA THR I 148 35.91 -68.21 -34.72
C THR I 148 35.78 -66.85 -35.38
N PRO I 149 36.72 -65.94 -35.12
CA PRO I 149 36.63 -64.58 -35.69
C PRO I 149 36.55 -64.56 -37.20
N CYS I 150 35.79 -63.61 -37.72
CA CYS I 150 35.81 -63.29 -39.15
C CYS I 150 36.44 -61.92 -39.34
N ASN I 151 37.25 -61.79 -40.37
CA ASN I 151 37.84 -60.50 -40.75
C ASN I 151 37.75 -60.14 -42.23
N GLY I 152 37.22 -61.01 -43.08
CA GLY I 152 37.19 -60.71 -44.50
C GLY I 152 35.77 -60.60 -45.00
N VAL I 153 35.10 -61.72 -45.20
CA VAL I 153 33.73 -61.66 -45.71
C VAL I 153 32.87 -62.63 -44.90
N GLU I 154 33.22 -63.91 -44.93
CA GLU I 154 32.40 -64.92 -44.27
C GLU I 154 33.23 -66.14 -43.94
N GLY I 155 32.75 -66.86 -42.92
CA GLY I 155 33.41 -68.07 -42.46
C GLY I 155 32.37 -68.93 -41.75
N PHE I 156 32.77 -69.56 -40.64
CA PHE I 156 31.84 -70.37 -39.86
C PHE I 156 30.86 -69.44 -39.14
N ASN I 157 29.61 -69.40 -39.59
CA ASN I 157 28.60 -68.48 -39.03
C ASN I 157 29.03 -67.01 -38.99
N CYS I 158 29.25 -66.44 -40.17
CA CYS I 158 29.73 -65.06 -40.29
C CYS I 158 28.83 -64.35 -41.29
N TYR I 159 27.64 -63.94 -40.84
CA TYR I 159 26.64 -63.45 -41.76
C TYR I 159 26.74 -61.94 -41.91
N PHE I 160 26.48 -61.48 -43.13
CA PHE I 160 26.29 -60.06 -43.36
C PHE I 160 25.03 -59.63 -42.62
N PRO I 161 25.06 -58.52 -41.88
CA PRO I 161 23.96 -58.26 -40.94
C PRO I 161 22.66 -57.84 -41.61
N LEU I 162 22.72 -57.21 -42.78
CA LEU I 162 21.52 -56.72 -43.44
C LEU I 162 20.92 -57.78 -44.37
N GLN I 163 19.59 -57.79 -44.45
CA GLN I 163 18.85 -58.62 -45.38
C GLN I 163 17.90 -57.72 -46.16
N SER I 164 17.53 -58.14 -47.36
CA SER I 164 16.60 -57.38 -48.18
C SER I 164 15.19 -57.94 -48.08
N TYR I 165 14.21 -57.04 -47.98
CA TYR I 165 12.83 -57.40 -48.30
C TYR I 165 12.71 -57.72 -49.78
N GLY I 166 11.93 -58.74 -50.10
CA GLY I 166 11.62 -59.02 -51.48
C GLY I 166 10.21 -58.60 -51.84
N PHE I 167 10.06 -57.38 -52.36
CA PHE I 167 8.74 -56.76 -52.54
C PHE I 167 8.27 -56.98 -53.98
N GLN I 168 7.36 -57.94 -54.15
CA GLN I 168 6.71 -58.26 -55.43
C GLN I 168 5.23 -57.91 -55.37
N PRO I 169 4.67 -57.40 -56.46
CA PRO I 169 3.27 -56.92 -56.42
C PRO I 169 2.27 -58.01 -56.06
N THR I 170 2.65 -59.28 -56.15
CA THR I 170 1.76 -60.40 -55.92
C THR I 170 1.99 -61.06 -54.57
N ASN I 171 2.77 -60.43 -53.70
CA ASN I 171 2.93 -60.89 -52.33
C ASN I 171 1.62 -60.76 -51.56
N GLY I 172 1.50 -61.55 -50.49
CA GLY I 172 0.37 -61.40 -49.60
C GLY I 172 0.38 -60.02 -48.95
N VAL I 173 -0.81 -59.56 -48.57
CA VAL I 173 -0.98 -58.23 -47.98
C VAL I 173 0.00 -58.03 -46.81
N GLY I 174 0.15 -59.04 -45.96
CA GLY I 174 1.08 -58.97 -44.85
C GLY I 174 2.54 -58.84 -45.28
N TYR I 175 2.88 -59.25 -46.50
CA TYR I 175 4.24 -59.22 -46.99
C TYR I 175 4.48 -58.10 -47.99
N GLN I 176 3.51 -57.17 -48.16
CA GLN I 176 3.59 -56.01 -49.04
C GLN I 176 4.24 -54.82 -48.33
N PRO I 177 4.88 -53.92 -49.08
CA PRO I 177 5.58 -52.79 -48.44
C PRO I 177 4.62 -51.73 -47.94
N TYR I 178 4.82 -51.29 -46.70
CA TYR I 178 4.13 -50.17 -46.11
C TYR I 178 5.13 -49.06 -45.78
N ARG I 179 4.79 -47.84 -46.18
CA ARG I 179 5.54 -46.64 -45.80
C ARG I 179 5.04 -46.12 -44.46
N VAL I 180 6.00 -45.78 -43.58
CA VAL I 180 5.71 -45.34 -42.21
C VAL I 180 6.36 -43.98 -41.96
N VAL I 181 5.65 -43.13 -41.22
CA VAL I 181 6.08 -41.83 -40.75
C VAL I 181 5.71 -41.70 -39.27
N VAL I 182 6.69 -41.40 -38.44
CA VAL I 182 6.55 -41.28 -36.99
C VAL I 182 6.84 -39.83 -36.62
N LEU I 183 5.81 -39.13 -36.15
CA LEU I 183 5.93 -37.74 -35.70
C LEU I 183 6.16 -37.71 -34.20
N SER I 184 7.33 -37.22 -33.78
CA SER I 184 7.64 -36.95 -32.38
C SER I 184 7.62 -35.43 -32.15
N PHE I 185 7.00 -35.02 -31.04
CA PHE I 185 6.79 -33.61 -30.71
C PHE I 185 7.69 -33.18 -29.56
N GLU I 186 8.33 -32.03 -29.70
CA GLU I 186 9.34 -31.55 -28.76
C GLU I 186 8.97 -30.15 -28.30
N LEU I 187 8.75 -30.01 -27.00
CA LEU I 187 8.37 -28.71 -26.40
C LEU I 187 9.40 -28.35 -25.33
N LEU I 188 10.52 -27.81 -25.76
CA LEU I 188 11.60 -27.36 -24.85
C LEU I 188 11.27 -25.97 -24.33
N HIS I 189 12.03 -25.48 -23.35
CA HIS I 189 11.85 -24.10 -22.83
C HIS I 189 12.63 -23.15 -23.75
N ALA I 190 12.11 -22.92 -24.95
CA ALA I 190 12.68 -22.08 -26.02
C ALA I 190 11.56 -21.67 -26.97
N PRO I 191 11.80 -20.81 -27.97
CA PRO I 191 10.74 -20.34 -28.83
C PRO I 191 10.04 -21.52 -29.52
N ALA I 192 8.71 -21.55 -29.48
CA ALA I 192 7.93 -22.61 -30.15
C ALA I 192 7.81 -22.18 -31.61
N THR I 193 8.37 -22.97 -32.53
CA THR I 193 8.40 -22.54 -33.92
C THR I 193 7.39 -23.25 -34.81
N VAL I 194 6.85 -24.39 -34.39
CA VAL I 194 5.91 -25.17 -35.19
C VAL I 194 4.55 -25.06 -34.53
N CYS I 195 3.60 -24.42 -35.22
CA CYS I 195 2.34 -24.03 -34.62
C CYS I 195 1.19 -24.43 -35.52
N GLY I 196 0.06 -24.79 -34.91
CA GLY I 196 -1.17 -24.96 -35.64
C GLY I 196 -1.86 -23.64 -35.92
N PRO I 197 -2.69 -23.59 -36.95
CA PRO I 197 -3.39 -22.34 -37.29
C PRO I 197 -4.36 -21.86 -36.22
N GLY I 198 -4.82 -22.71 -35.30
CA GLY I 198 -5.79 -22.23 -34.34
C GLY I 198 -5.22 -21.81 -33.00
N SER I 199 -3.98 -21.34 -33.01
CA SER I 199 -3.23 -21.04 -31.79
C SER I 199 -3.44 -19.59 -31.35
N HIS I 200 -2.91 -19.27 -30.18
CA HIS I 200 -2.93 -17.90 -29.67
C HIS I 200 -2.03 -16.98 -30.49
N HIS I 201 -1.11 -17.54 -31.27
CA HIS I 201 -0.03 -16.75 -31.85
C HIS I 201 -0.49 -15.91 -33.05
N HIS I 202 -1.52 -16.35 -33.76
CA HIS I 202 -1.89 -15.71 -35.02
C HIS I 202 -3.16 -14.88 -34.93
N ASN J 4 -59.91 -13.27 31.39
CA ASN J 4 -59.48 -12.61 32.61
C ASN J 4 -58.85 -11.25 32.30
N LEU J 5 -58.94 -10.33 33.24
CA LEU J 5 -58.37 -8.99 33.06
C LEU J 5 -56.87 -9.00 33.31
N CYS J 6 -56.13 -8.40 32.39
CA CYS J 6 -54.67 -8.31 32.54
C CYS J 6 -54.33 -7.50 33.78
N PRO J 7 -53.34 -7.93 34.56
CA PRO J 7 -53.11 -7.30 35.87
C PRO J 7 -52.43 -5.94 35.81
N PHE J 8 -52.88 -5.08 34.88
CA PHE J 8 -52.31 -3.74 34.78
C PHE J 8 -52.47 -2.96 36.08
N GLY J 9 -53.58 -3.17 36.80
CA GLY J 9 -53.72 -2.60 38.13
C GLY J 9 -52.50 -2.79 38.99
N GLU J 10 -51.93 -4.00 38.96
CA GLU J 10 -50.79 -4.31 39.81
C GLU J 10 -49.55 -3.56 39.37
N VAL J 11 -49.47 -3.19 38.10
CA VAL J 11 -48.30 -2.51 37.57
C VAL J 11 -48.38 -1.01 37.79
N PHE J 12 -49.49 -0.39 37.36
CA PHE J 12 -49.61 1.06 37.38
C PHE J 12 -49.92 1.59 38.78
N ASN J 13 -50.91 0.99 39.45
CA ASN J 13 -51.32 1.43 40.79
C ASN J 13 -50.41 0.82 41.86
N ALA J 14 -49.25 0.29 41.47
CA ALA J 14 -48.33 -0.35 42.39
C ALA J 14 -47.89 0.58 43.50
N THR J 15 -47.82 0.04 44.72
CA THR J 15 -47.56 0.86 45.90
C THR J 15 -46.16 1.48 45.83
N ARG J 16 -45.15 0.68 45.53
CA ARG J 16 -43.80 1.19 45.27
C ARG J 16 -43.36 0.90 43.84
N PHE J 17 -42.41 1.72 43.39
CA PHE J 17 -41.80 1.60 42.08
C PHE J 17 -40.30 1.36 42.24
N ALA J 18 -39.65 0.98 41.16
CA ALA J 18 -38.25 0.61 41.17
C ALA J 18 -37.37 1.77 40.75
N SER J 19 -36.12 1.75 41.22
CA SER J 19 -35.11 2.66 40.70
C SER J 19 -34.86 2.36 39.23
N VAL J 20 -34.72 3.44 38.44
CA VAL J 20 -34.53 3.29 37.00
C VAL J 20 -33.35 2.39 36.67
N TYR J 21 -32.25 2.50 37.42
CA TYR J 21 -31.08 1.67 37.14
C TYR J 21 -31.42 0.18 37.26
N ALA J 22 -32.36 -0.16 38.15
CA ALA J 22 -32.80 -1.54 38.31
C ALA J 22 -34.25 -1.67 37.86
N TRP J 23 -34.56 -1.17 36.66
CA TRP J 23 -35.95 -1.13 36.17
C TRP J 23 -36.60 -2.50 36.20
N ASN J 24 -37.84 -2.54 36.68
CA ASN J 24 -38.54 -3.82 36.86
C ASN J 24 -39.38 -4.18 35.63
N ARG J 25 -39.25 -5.42 35.16
CA ARG J 25 -40.01 -5.91 34.03
C ARG J 25 -41.02 -6.96 34.49
N LYS J 26 -42.27 -6.82 34.05
CA LYS J 26 -43.29 -7.84 34.23
C LYS J 26 -43.78 -8.30 32.87
N ARG J 27 -43.60 -9.59 32.58
CA ARG J 27 -44.26 -10.17 31.41
C ARG J 27 -45.72 -10.43 31.72
N ILE J 28 -46.60 -10.00 30.83
CA ILE J 28 -48.04 -10.14 30.94
C ILE J 28 -48.51 -11.05 29.81
N SER J 29 -49.26 -12.08 30.17
CA SER J 29 -49.69 -13.09 29.22
C SER J 29 -50.99 -13.72 29.70
N ASN J 30 -51.80 -14.17 28.73
CA ASN J 30 -53.03 -14.92 28.99
C ASN J 30 -54.08 -14.07 29.73
N CYS J 31 -54.59 -13.06 29.03
CA CYS J 31 -55.61 -12.18 29.60
C CYS J 31 -56.15 -11.25 28.54
N VAL J 32 -57.26 -10.60 28.87
CA VAL J 32 -57.86 -9.56 28.04
C VAL J 32 -57.38 -8.21 28.55
N ALA J 33 -56.61 -7.51 27.72
CA ALA J 33 -56.04 -6.21 28.10
C ALA J 33 -57.00 -5.10 27.64
N ASP J 34 -57.65 -4.46 28.61
CA ASP J 34 -58.54 -3.33 28.32
C ASP J 34 -57.69 -2.06 28.30
N TYR J 35 -57.08 -1.81 27.14
CA TYR J 35 -56.21 -0.64 27.02
C TYR J 35 -56.98 0.66 27.15
N SER J 36 -58.30 0.63 26.90
CA SER J 36 -59.10 1.83 27.06
C SER J 36 -59.05 2.38 28.46
N VAL J 37 -58.97 1.49 29.46
CA VAL J 37 -58.89 1.95 30.84
C VAL J 37 -57.65 2.80 31.05
N LEU J 38 -56.59 2.56 30.26
CA LEU J 38 -55.39 3.37 30.38
C LEU J 38 -55.54 4.71 29.65
N TYR J 39 -55.69 4.68 28.33
CA TYR J 39 -55.71 5.94 27.58
C TYR J 39 -56.93 6.79 27.89
N ASN J 40 -57.91 6.28 28.65
CA ASN J 40 -59.05 7.09 29.08
C ASN J 40 -58.92 7.54 30.52
N SER J 41 -57.85 7.17 31.21
CA SER J 41 -57.43 7.86 32.43
C SER J 41 -56.59 9.05 32.00
N ALA J 42 -57.17 10.25 32.03
CA ALA J 42 -56.51 11.44 31.52
C ALA J 42 -55.67 12.01 32.65
N SER J 43 -54.90 11.15 33.32
CA SER J 43 -54.02 11.56 34.41
C SER J 43 -52.58 11.30 33.99
N PHE J 44 -52.36 10.87 32.75
CA PHE J 44 -51.02 10.53 32.26
C PHE J 44 -50.42 11.74 31.55
N SER J 45 -49.25 12.17 32.00
CA SER J 45 -48.60 13.32 31.39
C SER J 45 -47.93 12.98 30.06
N THR J 46 -47.42 11.76 29.92
CA THR J 46 -46.90 11.28 28.64
C THR J 46 -47.56 9.95 28.30
N PHE J 47 -47.93 9.78 27.03
CA PHE J 47 -48.55 8.57 26.53
C PHE J 47 -48.25 8.46 25.04
N LYS J 48 -46.96 8.32 24.71
CA LYS J 48 -46.51 8.28 23.32
C LYS J 48 -46.38 6.84 22.86
N CYS J 49 -47.09 6.48 21.79
CA CYS J 49 -47.00 5.14 21.21
C CYS J 49 -46.33 5.20 19.85
N TYR J 50 -45.47 4.22 19.58
CA TYR J 50 -44.71 4.14 18.35
C TYR J 50 -45.11 2.88 17.60
N GLY J 51 -45.56 3.07 16.36
CA GLY J 51 -45.93 2.02 15.45
C GLY J 51 -47.35 1.53 15.61
N VAL J 52 -48.04 1.96 16.67
CA VAL J 52 -49.43 1.58 16.89
C VAL J 52 -50.22 2.82 17.32
N SER J 53 -51.52 2.77 17.10
CA SER J 53 -52.35 3.67 17.88
C SER J 53 -52.92 2.89 19.05
N PRO J 54 -53.33 3.55 20.14
CA PRO J 54 -53.92 2.80 21.27
C PRO J 54 -55.24 2.12 20.93
N THR J 55 -56.16 2.90 20.38
CA THR J 55 -57.48 2.35 20.12
C THR J 55 -57.41 1.19 19.14
N LYS J 56 -56.38 1.16 18.29
CA LYS J 56 -56.22 0.03 17.38
C LYS J 56 -55.59 -1.16 18.09
N LEU J 57 -54.82 -0.87 19.15
CA LEU J 57 -54.36 -1.93 20.06
C LEU J 57 -55.52 -2.62 20.75
N ASN J 58 -56.62 -1.90 20.99
CA ASN J 58 -57.74 -2.56 21.66
C ASN J 58 -58.35 -3.69 20.84
N ASP J 59 -57.87 -3.91 19.61
CA ASP J 59 -58.38 -4.94 18.72
C ASP J 59 -57.42 -6.09 18.49
N LEU J 60 -56.15 -5.93 18.83
CA LEU J 60 -55.10 -6.85 18.43
C LEU J 60 -54.79 -7.85 19.54
N CYS J 61 -54.14 -8.95 19.17
CA CYS J 61 -53.68 -9.94 20.13
C CYS J 61 -52.16 -10.08 20.04
N PHE J 62 -51.55 -10.41 21.18
CA PHE J 62 -50.10 -10.54 21.26
C PHE J 62 -49.73 -11.74 22.11
N THR J 63 -48.63 -12.40 21.73
CA THR J 63 -48.09 -13.49 22.53
C THR J 63 -47.74 -13.01 23.94
N ASN J 64 -47.00 -11.91 24.05
CA ASN J 64 -46.71 -11.34 25.36
C ASN J 64 -46.73 -9.82 25.31
N VAL J 65 -46.98 -9.21 26.46
CA VAL J 65 -46.79 -7.78 26.64
C VAL J 65 -45.84 -7.58 27.82
N TYR J 66 -44.76 -6.85 27.61
CA TYR J 66 -43.80 -6.61 28.67
C TYR J 66 -43.96 -5.19 29.19
N ALA J 67 -44.04 -5.06 30.50
CA ALA J 67 -44.18 -3.77 31.17
C ALA J 67 -42.92 -3.51 31.98
N ASP J 68 -42.03 -2.68 31.44
CA ASP J 68 -40.92 -2.16 32.21
C ASP J 68 -41.38 -0.92 32.96
N SER J 69 -41.01 -0.82 34.24
CA SER J 69 -41.44 0.31 35.04
C SER J 69 -40.31 0.78 35.94
N PHE J 70 -40.34 2.09 36.22
CA PHE J 70 -39.30 2.74 37.02
C PHE J 70 -39.73 4.18 37.33
N VAL J 71 -38.84 4.91 38.01
CA VAL J 71 -39.06 6.31 38.38
C VAL J 71 -37.86 7.13 37.94
N ILE J 72 -38.11 8.26 37.28
CA ILE J 72 -37.06 9.22 36.91
C ILE J 72 -37.55 10.62 37.26
N ARG J 73 -36.74 11.63 36.95
CA ARG J 73 -37.23 12.98 37.12
C ARG J 73 -37.82 13.51 35.81
N GLY J 74 -38.68 14.52 35.94
CA GLY J 74 -39.53 14.92 34.82
C GLY J 74 -38.78 15.26 33.56
N ASP J 75 -37.73 16.08 33.67
CA ASP J 75 -37.02 16.51 32.46
C ASP J 75 -36.24 15.38 31.81
N GLU J 76 -36.10 14.25 32.47
CA GLU J 76 -35.47 13.08 31.88
C GLU J 76 -36.46 12.19 31.12
N VAL J 77 -37.77 12.46 31.24
CA VAL J 77 -38.76 11.66 30.54
C VAL J 77 -38.52 11.70 29.03
N ARG J 78 -38.10 12.85 28.50
CA ARG J 78 -37.82 12.97 27.08
C ARG J 78 -36.78 11.96 26.60
N GLN J 79 -36.04 11.33 27.52
CA GLN J 79 -35.04 10.34 27.17
C GLN J 79 -35.62 8.94 26.97
N ILE J 80 -36.86 8.70 27.42
CA ILE J 80 -37.48 7.40 27.25
C ILE J 80 -38.15 7.38 25.89
N ALA J 81 -37.33 7.40 24.84
CA ALA J 81 -37.80 7.42 23.47
C ALA J 81 -36.69 6.89 22.58
N PRO J 82 -37.00 6.46 21.35
CA PRO J 82 -35.95 5.90 20.48
C PRO J 82 -34.87 6.91 20.15
N GLY J 83 -33.64 6.44 20.12
CA GLY J 83 -32.49 7.22 19.67
C GLY J 83 -32.28 8.53 20.38
N GLN J 84 -32.47 8.55 21.70
CA GLN J 84 -32.01 9.65 22.53
C GLN J 84 -30.64 9.31 23.13
N THR J 85 -29.95 10.35 23.60
CA THR J 85 -28.82 10.18 24.50
C THR J 85 -29.09 10.93 25.80
N GLY J 86 -28.21 10.72 26.77
CA GLY J 86 -28.36 11.31 28.09
C GLY J 86 -28.01 10.33 29.18
N LYS J 87 -27.93 10.81 30.43
CA LYS J 87 -27.60 9.94 31.56
C LYS J 87 -28.46 8.68 31.56
N ILE J 88 -29.76 8.84 31.38
CA ILE J 88 -30.69 7.73 31.55
C ILE J 88 -30.60 6.76 30.38
N ALA J 89 -30.83 7.25 29.16
CA ALA J 89 -30.84 6.37 27.99
C ALA J 89 -29.48 5.74 27.73
N ASP J 90 -28.39 6.37 28.18
CA ASP J 90 -27.06 5.81 27.97
C ASP J 90 -26.66 4.84 29.07
N TYR J 91 -27.07 5.09 30.32
CA TYR J 91 -26.54 4.34 31.45
C TYR J 91 -27.61 3.59 32.25
N ASN J 92 -28.89 3.69 31.89
CA ASN J 92 -29.94 3.16 32.76
C ASN J 92 -30.98 2.35 32.01
N TYR J 93 -31.65 2.95 31.02
CA TYR J 93 -32.72 2.25 30.29
C TYR J 93 -32.71 2.76 28.85
N LYS J 94 -32.15 1.94 27.95
CA LYS J 94 -32.10 2.26 26.53
C LYS J 94 -33.23 1.57 25.78
N LEU J 95 -33.96 2.33 24.97
CA LEU J 95 -34.95 1.81 24.04
C LEU J 95 -34.33 1.59 22.66
N PRO J 96 -34.75 0.56 21.94
CA PRO J 96 -34.19 0.32 20.60
C PRO J 96 -34.73 1.32 19.60
N ASP J 97 -34.04 1.40 18.47
CA ASP J 97 -34.41 2.36 17.44
C ASP J 97 -35.72 1.96 16.76
N ASP J 98 -35.94 0.66 16.56
CA ASP J 98 -37.15 0.16 15.90
C ASP J 98 -38.31 -0.05 16.86
N PHE J 99 -38.38 0.73 17.94
CA PHE J 99 -39.28 0.41 19.05
C PHE J 99 -40.74 0.50 18.62
N THR J 100 -41.46 -0.61 18.76
CA THR J 100 -42.91 -0.65 18.61
C THR J 100 -43.50 -0.86 20.00
N GLY J 101 -44.18 0.15 20.53
CA GLY J 101 -44.75 0.04 21.85
C GLY J 101 -45.09 1.41 22.40
N CYS J 102 -45.39 1.45 23.69
CA CYS J 102 -45.91 2.67 24.29
C CYS J 102 -45.12 3.08 25.52
N VAL J 103 -44.79 4.37 25.60
CA VAL J 103 -44.18 4.98 26.77
C VAL J 103 -45.23 5.80 27.51
N ILE J 104 -45.40 5.54 28.81
CA ILE J 104 -46.42 6.16 29.64
C ILE J 104 -45.74 6.72 30.88
N ALA J 105 -45.98 7.99 31.19
CA ALA J 105 -45.40 8.60 32.38
C ALA J 105 -46.41 9.51 33.05
N TRP J 106 -46.31 9.61 34.37
CA TRP J 106 -47.15 10.54 35.13
C TRP J 106 -46.40 11.04 36.36
N ASN J 107 -46.79 12.23 36.81
CA ASN J 107 -46.14 12.86 37.95
C ASN J 107 -46.53 12.15 39.25
N SER J 108 -45.52 11.75 40.03
CA SER J 108 -45.72 11.03 41.27
C SER J 108 -45.17 11.81 42.47
N ASN J 109 -45.27 13.14 42.44
CA ASN J 109 -44.72 13.96 43.52
C ASN J 109 -45.37 13.63 44.86
N ASN J 110 -46.70 13.44 44.86
CA ASN J 110 -47.43 13.18 46.10
C ASN J 110 -47.20 11.78 46.66
N LEU J 111 -46.47 10.92 45.96
CA LEU J 111 -46.20 9.57 46.43
C LEU J 111 -44.72 9.26 46.64
N ASP J 112 -43.84 9.86 45.84
CA ASP J 112 -42.43 9.51 45.87
C ASP J 112 -41.55 10.62 46.45
N SER J 113 -42.05 11.85 46.52
CA SER J 113 -41.42 12.86 47.35
C SER J 113 -41.90 12.69 48.79
N LYS J 114 -41.05 13.09 49.74
CA LYS J 114 -41.46 13.08 51.13
C LYS J 114 -40.80 14.23 51.89
N VAL J 115 -41.47 14.64 52.97
CA VAL J 115 -40.95 15.73 53.80
C VAL J 115 -39.57 15.33 54.34
N GLY J 116 -38.55 16.10 53.95
CA GLY J 116 -37.18 15.81 54.28
C GLY J 116 -36.36 15.27 53.13
N GLY J 117 -37.01 14.58 52.20
CA GLY J 117 -36.36 14.13 50.98
C GLY J 117 -36.36 12.64 50.83
N ASN J 118 -36.62 12.16 49.62
CA ASN J 118 -36.59 10.73 49.32
C ASN J 118 -35.31 10.41 48.57
N TYR J 119 -34.50 9.52 49.14
CA TYR J 119 -33.24 9.12 48.57
C TYR J 119 -33.17 7.61 48.37
N ASN J 120 -34.33 6.99 48.16
CA ASN J 120 -34.42 5.58 47.80
C ASN J 120 -34.30 5.36 46.30
N TYR J 121 -34.89 6.26 45.51
CA TYR J 121 -34.86 6.17 44.05
C TYR J 121 -33.49 6.60 43.56
N LEU J 122 -32.74 5.67 42.98
CA LEU J 122 -31.40 5.93 42.49
C LEU J 122 -31.38 5.93 40.96
N TYR J 123 -30.21 6.25 40.43
CA TYR J 123 -29.91 6.15 39.00
C TYR J 123 -28.41 5.95 38.86
N ARG J 124 -28.01 5.44 37.69
CA ARG J 124 -26.59 5.22 37.43
C ARG J 124 -25.97 6.47 36.82
N LEU J 125 -24.88 6.93 37.42
CA LEU J 125 -24.19 8.14 36.98
C LEU J 125 -22.99 7.84 36.10
N PHE J 126 -22.19 6.83 36.45
CA PHE J 126 -20.98 6.49 35.72
C PHE J 126 -21.09 5.08 35.18
N ARG J 127 -20.72 4.91 33.91
CA ARG J 127 -20.58 3.60 33.31
C ARG J 127 -19.46 3.64 32.30
N LYS J 128 -18.78 2.49 32.15
CA LYS J 128 -17.64 2.39 31.25
C LYS J 128 -18.03 2.47 29.78
N SER J 129 -19.31 2.29 29.45
CA SER J 129 -19.81 2.34 28.09
C SER J 129 -21.34 2.35 28.13
N ASN J 130 -21.95 2.52 26.96
CA ASN J 130 -23.40 2.65 26.85
C ASN J 130 -24.09 1.29 26.96
N LEU J 131 -25.29 1.32 27.54
CA LEU J 131 -26.15 0.14 27.52
C LEU J 131 -26.68 -0.12 26.11
N LYS J 132 -26.88 -1.39 25.80
CA LYS J 132 -27.58 -1.83 24.61
C LYS J 132 -29.08 -1.83 24.87
N PRO J 133 -29.90 -1.80 23.82
CA PRO J 133 -31.36 -1.78 24.01
C PRO J 133 -31.86 -2.88 24.94
N PHE J 134 -32.76 -2.49 25.85
CA PHE J 134 -33.40 -3.38 26.82
C PHE J 134 -32.40 -4.10 27.72
N GLU J 135 -31.20 -3.57 27.87
CA GLU J 135 -30.25 -4.08 28.85
C GLU J 135 -30.43 -3.36 30.18
N ARG J 136 -30.17 -4.11 31.26
CA ARG J 136 -30.24 -3.55 32.62
C ARG J 136 -28.96 -3.92 33.37
N ASP J 137 -28.40 -3.00 34.14
CA ASP J 137 -27.17 -3.20 34.88
C ASP J 137 -27.42 -2.77 36.31
N ILE J 138 -27.18 -3.67 37.26
CA ILE J 138 -27.39 -3.39 38.67
C ILE J 138 -26.12 -3.64 39.47
N SER J 139 -24.98 -3.67 38.79
CA SER J 139 -23.72 -3.83 39.51
C SER J 139 -23.46 -2.59 40.34
N THR J 140 -22.97 -2.81 41.56
CA THR J 140 -22.52 -1.74 42.43
C THR J 140 -21.01 -1.74 42.58
N GLU J 141 -20.32 -2.18 41.53
CA GLU J 141 -18.86 -2.18 41.50
C GLU J 141 -18.34 -0.76 41.46
N ILE J 142 -17.31 -0.48 42.28
CA ILE J 142 -16.83 0.87 42.50
C ILE J 142 -16.29 1.45 41.19
N TYR J 143 -16.90 2.54 40.73
CA TYR J 143 -16.43 3.14 39.48
C TYR J 143 -15.07 3.79 39.72
N GLN J 144 -14.12 3.46 38.86
CA GLN J 144 -12.79 4.07 38.93
C GLN J 144 -12.68 5.16 37.85
N ALA J 145 -12.56 6.41 38.30
CA ALA J 145 -12.17 7.51 37.44
C ALA J 145 -10.68 7.84 37.56
N GLY J 146 -10.08 7.53 38.71
CA GLY J 146 -8.66 7.74 38.91
C GLY J 146 -7.84 6.57 38.40
N SER J 147 -6.54 6.62 38.69
CA SER J 147 -5.64 5.62 38.13
C SER J 147 -5.43 4.40 39.01
N THR J 148 -5.52 4.54 40.32
CA THR J 148 -5.14 3.43 41.20
C THR J 148 -6.36 2.62 41.59
N PRO J 149 -6.29 1.29 41.49
CA PRO J 149 -7.46 0.46 41.81
C PRO J 149 -7.99 0.71 43.21
N CYS J 150 -9.31 0.63 43.34
CA CYS J 150 -9.94 0.65 44.64
C CYS J 150 -10.51 -0.71 44.98
N ASN J 151 -10.47 -1.04 46.27
CA ASN J 151 -11.17 -2.20 46.80
C ASN J 151 -12.17 -1.81 47.87
N GLY J 152 -11.93 -0.69 48.54
CA GLY J 152 -12.85 -0.18 49.54
C GLY J 152 -13.84 0.76 48.87
N VAL J 153 -14.57 1.50 49.69
CA VAL J 153 -15.69 2.26 49.14
C VAL J 153 -15.29 3.68 48.71
N GLU J 154 -14.47 4.41 49.47
CA GLU J 154 -14.24 5.81 49.12
C GLU J 154 -12.77 6.15 48.93
N GLY J 155 -12.59 7.31 48.29
CA GLY J 155 -11.34 7.94 47.94
C GLY J 155 -11.63 8.93 46.84
N PHE J 156 -10.64 9.78 46.53
CA PHE J 156 -10.79 10.61 45.35
C PHE J 156 -10.93 9.69 44.13
N ASN J 157 -12.03 9.85 43.39
CA ASN J 157 -12.37 8.98 42.26
C ASN J 157 -12.41 7.50 42.66
N CYS J 158 -12.98 7.21 43.84
CA CYS J 158 -13.23 5.83 44.28
C CYS J 158 -14.56 5.80 45.02
N TYR J 159 -15.65 5.63 44.28
CA TYR J 159 -16.99 5.63 44.83
C TYR J 159 -17.87 4.76 43.95
N PHE J 160 -18.89 4.15 44.55
CA PHE J 160 -19.87 3.42 43.76
C PHE J 160 -20.63 4.37 42.85
N PRO J 161 -20.88 3.98 41.60
CA PRO J 161 -21.35 4.93 40.58
C PRO J 161 -22.78 5.40 40.76
N LEU J 162 -23.61 4.71 41.54
CA LEU J 162 -25.01 5.09 41.63
C LEU J 162 -25.16 6.37 42.45
N GLN J 163 -26.11 7.21 42.05
CA GLN J 163 -26.46 8.43 42.75
C GLN J 163 -27.95 8.42 43.04
N SER J 164 -28.36 9.12 44.09
CA SER J 164 -29.77 9.21 44.45
C SER J 164 -30.39 10.48 43.91
N TYR J 165 -31.59 10.35 43.36
CA TYR J 165 -32.47 11.51 43.21
C TYR J 165 -32.86 12.03 44.59
N GLY J 166 -32.90 13.34 44.73
CA GLY J 166 -33.42 13.92 45.95
C GLY J 166 -34.81 14.49 45.74
N PHE J 167 -35.83 13.70 46.04
CA PHE J 167 -37.21 14.04 45.69
C PHE J 167 -37.89 14.68 46.88
N GLN J 168 -37.97 16.02 46.87
CA GLN J 168 -38.67 16.75 47.90
C GLN J 168 -39.90 17.44 47.30
N PRO J 169 -41.00 17.53 48.07
CA PRO J 169 -42.27 18.00 47.48
C PRO J 169 -42.21 19.40 46.88
N THR J 170 -41.22 20.20 47.22
CA THR J 170 -41.14 21.58 46.75
C THR J 170 -40.07 21.76 45.69
N ASN J 171 -39.57 20.67 45.12
CA ASN J 171 -38.69 20.74 43.96
C ASN J 171 -39.45 21.29 42.76
N GLY J 172 -38.70 21.84 41.81
CA GLY J 172 -39.29 22.28 40.56
C GLY J 172 -39.87 21.11 39.78
N VAL J 173 -40.86 21.42 38.93
CA VAL J 173 -41.56 20.40 38.15
C VAL J 173 -40.58 19.49 37.42
N GLY J 174 -39.56 20.08 36.81
CA GLY J 174 -38.56 19.30 36.11
C GLY J 174 -37.76 18.37 37.00
N TYR J 175 -37.70 18.66 38.30
CA TYR J 175 -36.94 17.86 39.25
C TYR J 175 -37.82 17.00 40.14
N GLN J 176 -39.14 16.89 39.83
CA GLN J 176 -40.10 16.07 40.55
C GLN J 176 -40.13 14.65 40.00
N PRO J 177 -40.50 13.67 40.82
CA PRO J 177 -40.47 12.27 40.37
C PRO J 177 -41.64 11.95 39.45
N TYR J 178 -41.34 11.32 38.32
CA TYR J 178 -42.32 10.78 37.40
C TYR J 178 -42.17 9.26 37.34
N ARG J 179 -43.31 8.58 37.45
CA ARG J 179 -43.38 7.13 37.26
C ARG J 179 -43.57 6.81 35.79
N VAL J 180 -42.82 5.83 35.29
CA VAL J 180 -42.81 5.46 33.88
C VAL J 180 -43.11 3.96 33.75
N VAL J 181 -43.90 3.64 32.72
CA VAL J 181 -44.25 2.29 32.30
C VAL J 181 -44.10 2.20 30.79
N VAL J 182 -43.31 1.23 30.32
CA VAL J 182 -42.99 1.03 28.92
C VAL J 182 -43.55 -0.32 28.52
N LEU J 183 -44.55 -0.31 27.63
CA LEU J 183 -45.17 -1.53 27.10
C LEU J 183 -44.52 -1.92 25.78
N SER J 184 -43.90 -3.10 25.76
CA SER J 184 -43.38 -3.75 24.55
C SER J 184 -44.31 -4.90 24.15
N PHE J 185 -44.60 -5.02 22.86
CA PHE J 185 -45.52 -6.04 22.36
C PHE J 185 -44.75 -7.11 21.58
N GLU J 186 -45.01 -8.39 21.89
CA GLU J 186 -44.24 -9.51 21.39
C GLU J 186 -45.13 -10.59 20.77
N LEU J 187 -44.74 -11.02 19.57
CA LEU J 187 -45.49 -12.04 18.81
C LEU J 187 -44.55 -13.23 18.56
N LEU J 188 -44.67 -14.24 19.40
CA LEU J 188 -43.84 -15.47 19.30
C LEU J 188 -44.52 -16.46 18.37
N HIS J 189 -43.87 -17.58 18.10
CA HIS J 189 -44.51 -18.68 17.34
C HIS J 189 -45.23 -19.58 18.34
N ALA J 190 -46.29 -19.07 18.95
CA ALA J 190 -47.13 -19.75 19.95
C ALA J 190 -48.46 -19.01 20.04
N PRO J 191 -49.46 -19.53 20.76
CA PRO J 191 -50.73 -18.85 20.83
C PRO J 191 -50.62 -17.42 21.35
N ALA J 192 -51.17 -16.46 20.61
CA ALA J 192 -51.25 -15.09 21.09
C ALA J 192 -52.35 -15.02 22.15
N THR J 193 -51.96 -14.76 23.39
CA THR J 193 -52.86 -14.87 24.54
C THR J 193 -53.31 -13.54 25.12
N VAL J 194 -52.69 -12.42 24.77
CA VAL J 194 -53.05 -11.13 25.36
C VAL J 194 -53.85 -10.39 24.30
N CYS J 195 -55.13 -10.17 24.57
CA CYS J 195 -56.08 -9.76 23.56
C CYS J 195 -56.92 -8.59 24.07
N GLY J 196 -57.31 -7.73 23.14
CA GLY J 196 -58.26 -6.67 23.39
C GLY J 196 -59.70 -7.16 23.31
N PRO J 197 -60.64 -6.37 23.85
CA PRO J 197 -62.06 -6.77 23.79
C PRO J 197 -62.57 -6.94 22.37
N GLY J 198 -61.84 -6.43 21.38
CA GLY J 198 -62.23 -6.47 19.98
C GLY J 198 -61.58 -7.64 19.28
N SER J 199 -61.54 -8.80 19.94
CA SER J 199 -60.70 -9.89 19.49
C SER J 199 -61.28 -10.52 18.23
N HIS J 200 -60.36 -10.94 17.34
CA HIS J 200 -60.74 -11.36 16.00
C HIS J 200 -61.77 -12.50 16.02
N HIS J 201 -61.47 -13.56 16.77
CA HIS J 201 -62.25 -14.81 16.82
C HIS J 201 -63.17 -15.07 15.63
N ASN K 4 38.76 11.04 -31.38
CA ASN K 4 38.79 11.42 -32.79
C ASN K 4 37.43 11.27 -33.46
N LEU K 5 37.37 10.42 -34.46
CA LEU K 5 36.15 10.18 -35.21
C LEU K 5 35.24 9.26 -34.42
N CYS K 6 33.97 9.65 -34.25
CA CYS K 6 33.05 8.84 -33.48
C CYS K 6 32.90 7.47 -34.14
N PRO K 7 32.90 6.38 -33.36
CA PRO K 7 32.99 5.02 -33.91
C PRO K 7 31.69 4.48 -34.50
N PHE K 8 31.03 5.33 -35.31
CA PHE K 8 29.80 4.89 -35.97
C PHE K 8 30.02 3.65 -36.85
N GLY K 9 31.23 3.54 -37.45
CA GLY K 9 31.59 2.33 -38.15
C GLY K 9 31.31 1.07 -37.38
N GLU K 10 31.64 1.08 -36.09
CA GLU K 10 31.49 -0.12 -35.28
C GLU K 10 30.02 -0.46 -35.05
N VAL K 11 29.15 0.53 -35.10
CA VAL K 11 27.73 0.31 -34.85
C VAL K 11 27.01 -0.11 -36.13
N PHE K 12 27.17 0.67 -37.20
CA PHE K 12 26.39 0.42 -38.41
C PHE K 12 26.92 -0.78 -39.19
N ASN K 13 28.24 -0.83 -39.36
CA ASN K 13 28.85 -1.92 -40.17
C ASN K 13 29.12 -3.15 -39.30
N ALA K 14 28.54 -3.20 -38.10
CA ALA K 14 28.76 -4.33 -37.21
C ALA K 14 28.41 -5.64 -37.91
N THR K 15 29.25 -6.65 -37.72
CA THR K 15 29.11 -7.89 -38.48
C THR K 15 27.79 -8.58 -38.16
N ARG K 16 27.46 -8.71 -36.88
CA ARG K 16 26.14 -9.22 -36.49
C ARG K 16 25.40 -8.15 -35.69
N PHE K 17 24.08 -8.28 -35.67
CA PHE K 17 23.20 -7.37 -34.96
C PHE K 17 22.44 -8.12 -33.87
N ALA K 18 21.78 -7.35 -33.00
CA ALA K 18 21.09 -7.90 -31.84
C ALA K 18 19.61 -8.09 -32.12
N SER K 19 19.00 -9.04 -31.41
CA SER K 19 17.55 -9.18 -31.41
C SER K 19 16.90 -7.94 -30.81
N VAL K 20 15.79 -7.50 -31.42
CA VAL K 20 15.11 -6.29 -30.97
C VAL K 20 14.76 -6.37 -29.49
N TYR K 21 14.30 -7.54 -29.02
CA TYR K 21 13.94 -7.66 -27.61
C TYR K 21 15.12 -7.39 -26.70
N ALA K 22 16.33 -7.70 -27.17
CA ALA K 22 17.56 -7.41 -26.42
C ALA K 22 18.38 -6.35 -27.14
N TRP K 23 17.74 -5.24 -27.52
CA TRP K 23 18.39 -4.21 -28.31
C TRP K 23 19.67 -3.70 -27.65
N ASN K 24 20.72 -3.53 -28.45
CA ASN K 24 22.04 -3.17 -27.93
C ASN K 24 22.23 -1.66 -27.94
N ARG K 25 22.71 -1.12 -26.82
CA ARG K 25 22.98 0.32 -26.71
C ARG K 25 24.48 0.56 -26.58
N LYS K 26 25.00 1.50 -27.37
CA LYS K 26 26.36 2.04 -27.20
C LYS K 26 26.26 3.54 -26.94
N ARG K 27 26.79 3.97 -25.79
CA ARG K 27 26.95 5.40 -25.59
C ARG K 27 28.19 5.89 -26.33
N ILE K 28 28.04 6.98 -27.07
CA ILE K 28 29.08 7.63 -27.84
C ILE K 28 29.32 8.99 -27.21
N SER K 29 30.59 9.24 -26.87
CA SER K 29 30.99 10.46 -26.17
C SER K 29 32.45 10.74 -26.49
N ASN K 30 32.79 12.03 -26.48
CA ASN K 30 34.16 12.52 -26.64
C ASN K 30 34.72 12.15 -28.02
N CYS K 31 34.15 12.79 -29.04
CA CYS K 31 34.58 12.57 -30.42
C CYS K 31 33.88 13.56 -31.33
N VAL K 32 34.38 13.67 -32.55
CA VAL K 32 33.78 14.48 -33.60
C VAL K 32 32.91 13.57 -34.46
N ALA K 33 31.61 13.81 -34.43
CA ALA K 33 30.65 12.98 -35.15
C ALA K 33 30.43 13.57 -36.54
N ASP K 34 30.94 12.89 -37.56
CA ASP K 34 30.75 13.30 -38.95
C ASP K 34 29.45 12.68 -39.45
N TYR K 35 28.34 13.37 -39.15
CA TYR K 35 27.04 12.86 -39.55
C TYR K 35 26.88 12.82 -41.06
N SER K 36 27.66 13.61 -41.79
CA SER K 36 27.59 13.61 -43.25
C SER K 36 27.90 12.24 -43.83
N VAL K 37 28.80 11.49 -43.19
CA VAL K 37 29.12 10.15 -43.66
C VAL K 37 27.88 9.27 -43.67
N LEU K 38 26.93 9.54 -42.76
CA LEU K 38 25.70 8.76 -42.74
C LEU K 38 24.72 9.22 -43.81
N TYR K 39 24.23 10.46 -43.72
CA TYR K 39 23.20 10.90 -44.66
C TYR K 39 23.70 11.00 -46.10
N ASN K 40 24.99 10.76 -46.29
CA ASN K 40 25.60 10.78 -47.64
C ASN K 40 25.71 9.35 -48.17
N SER K 41 25.12 8.39 -47.46
CA SER K 41 25.23 6.97 -47.88
C SER K 41 24.23 6.67 -48.99
N ALA K 42 22.94 6.88 -48.69
CA ALA K 42 21.77 6.67 -49.59
C ALA K 42 21.44 5.19 -49.78
N SER K 43 22.03 4.32 -48.96
CA SER K 43 21.72 2.88 -48.96
C SER K 43 20.68 2.69 -47.86
N PHE K 44 20.50 3.75 -47.07
CA PHE K 44 19.49 3.84 -46.00
C PHE K 44 18.08 4.01 -46.55
N SER K 45 17.20 3.04 -46.26
CA SER K 45 15.80 3.08 -46.68
C SER K 45 14.96 3.97 -45.78
N THR K 46 15.30 4.07 -44.50
CA THR K 46 14.64 5.03 -43.62
C THR K 46 15.69 5.88 -42.93
N PHE K 47 15.42 7.18 -42.82
CA PHE K 47 16.30 8.14 -42.17
C PHE K 47 15.46 9.30 -41.65
N LYS K 48 14.58 9.01 -40.69
CA LYS K 48 13.67 10.03 -40.16
C LYS K 48 14.25 10.66 -38.90
N CYS K 49 14.40 11.98 -38.90
CA CYS K 49 14.90 12.71 -37.75
C CYS K 49 13.82 13.60 -37.16
N TYR K 50 13.76 13.65 -35.84
CA TYR K 50 12.78 14.39 -35.07
C TYR K 50 13.53 15.40 -34.20
N GLY K 51 13.17 16.68 -34.36
CA GLY K 51 13.73 17.73 -33.53
C GLY K 51 15.03 18.33 -34.02
N VAL K 52 15.60 17.80 -35.11
CA VAL K 52 16.85 18.28 -35.65
C VAL K 52 16.68 18.58 -37.13
N SER K 53 17.62 19.36 -37.67
CA SER K 53 17.68 19.70 -39.08
C SER K 53 18.12 18.49 -39.90
N PRO K 54 17.93 18.53 -41.23
CA PRO K 54 18.39 17.40 -42.05
C PRO K 54 19.89 17.22 -42.06
N THR K 55 20.65 18.28 -42.36
CA THR K 55 22.11 18.21 -42.47
C THR K 55 22.86 19.08 -41.48
N LYS K 56 22.18 20.05 -40.86
CA LYS K 56 22.81 20.95 -39.90
C LYS K 56 23.18 20.27 -38.57
N LEU K 57 22.83 19.00 -38.35
CA LEU K 57 23.35 18.29 -37.15
C LEU K 57 24.89 18.31 -37.19
N ASN K 58 25.51 18.39 -38.36
CA ASN K 58 26.96 18.44 -38.49
C ASN K 58 27.51 19.71 -37.85
N ASP K 59 26.63 20.59 -37.36
CA ASP K 59 27.02 21.84 -36.75
C ASP K 59 26.78 21.88 -35.25
N LEU K 60 26.03 20.91 -34.72
CA LEU K 60 25.60 20.95 -33.33
C LEU K 60 26.51 20.07 -32.47
N CYS K 61 26.48 20.32 -31.15
CA CYS K 61 27.20 19.52 -30.17
C CYS K 61 26.22 18.97 -29.16
N PHE K 62 26.54 17.81 -28.57
CA PHE K 62 25.63 17.18 -27.62
C PHE K 62 26.42 16.60 -26.45
N THR K 63 25.79 16.62 -25.27
CA THR K 63 26.40 16.01 -24.10
C THR K 63 26.70 14.54 -24.35
N ASN K 64 25.72 13.77 -24.83
CA ASN K 64 25.96 12.39 -25.20
C ASN K 64 25.15 12.03 -26.44
N VAL K 65 25.61 11.01 -27.16
CA VAL K 65 24.84 10.40 -28.23
C VAL K 65 24.69 8.92 -27.91
N TYR K 66 23.47 8.41 -27.94
CA TYR K 66 23.25 6.99 -27.69
C TYR K 66 22.82 6.31 -28.98
N ALA K 67 23.44 5.19 -29.31
CA ALA K 67 23.11 4.42 -30.50
C ALA K 67 22.53 3.09 -30.06
N ASP K 68 21.20 2.98 -30.10
CA ASP K 68 20.51 1.70 -29.95
C ASP K 68 20.41 1.02 -31.31
N SER K 69 20.67 -0.29 -31.35
CA SER K 69 20.62 -1.00 -32.61
C SER K 69 19.98 -2.37 -32.42
N PHE K 70 19.33 -2.84 -33.49
CA PHE K 70 18.60 -4.11 -33.47
C PHE K 70 18.15 -4.45 -34.88
N VAL K 71 17.42 -5.56 -35.01
CA VAL K 71 16.87 -6.04 -36.27
C VAL K 71 15.38 -6.32 -36.09
N ILE K 72 14.55 -5.83 -37.03
CA ILE K 72 13.12 -6.12 -37.05
C ILE K 72 12.73 -6.48 -38.49
N ARG K 73 11.45 -6.73 -38.71
CA ARG K 73 11.01 -6.92 -40.08
C ARG K 73 10.47 -5.61 -40.65
N GLY K 74 10.44 -5.54 -41.98
CA GLY K 74 10.23 -4.27 -42.66
C GLY K 74 8.96 -3.55 -42.24
N ASP K 75 7.84 -4.28 -42.21
CA ASP K 75 6.57 -3.62 -41.89
C ASP K 75 6.50 -3.15 -40.44
N GLU K 76 7.43 -3.58 -39.60
CA GLU K 76 7.52 -3.12 -38.23
C GLU K 76 8.36 -1.84 -38.09
N VAL K 77 9.05 -1.43 -39.16
CA VAL K 77 9.85 -0.20 -39.09
C VAL K 77 8.98 0.99 -38.71
N ARG K 78 7.75 1.05 -39.24
CA ARG K 78 6.84 2.15 -38.93
C ARG K 78 6.58 2.28 -37.43
N GLN K 79 6.94 1.27 -36.64
CA GLN K 79 6.76 1.32 -35.19
C GLN K 79 7.92 2.00 -34.48
N ILE K 80 9.06 2.18 -35.13
CA ILE K 80 10.19 2.84 -34.50
C ILE K 80 10.02 4.34 -34.71
N ALA K 81 9.01 4.90 -34.06
CA ALA K 81 8.68 6.32 -34.16
C ALA K 81 7.88 6.68 -32.91
N PRO K 82 7.78 7.98 -32.60
CA PRO K 82 7.09 8.36 -31.36
C PRO K 82 5.61 7.97 -31.38
N GLY K 83 5.14 7.50 -30.23
CA GLY K 83 3.72 7.24 -30.01
C GLY K 83 3.08 6.30 -31.01
N GLN K 84 3.77 5.24 -31.37
CA GLN K 84 3.14 4.12 -32.08
C GLN K 84 2.72 3.03 -31.10
N THR K 85 1.83 2.16 -31.56
CA THR K 85 1.58 0.88 -30.91
C THR K 85 1.88 -0.26 -31.88
N GLY K 86 1.88 -1.47 -31.33
CA GLY K 86 2.22 -2.66 -32.10
C GLY K 86 3.08 -3.60 -31.28
N LYS K 87 3.33 -4.80 -31.79
CA LYS K 87 4.16 -5.77 -31.09
C LYS K 87 5.47 -5.15 -30.60
N ILE K 88 6.15 -4.42 -31.49
CA ILE K 88 7.51 -3.97 -31.22
C ILE K 88 7.50 -2.81 -30.23
N ALA K 89 6.80 -1.72 -30.58
CA ALA K 89 6.79 -0.54 -29.73
C ALA K 89 6.17 -0.80 -28.36
N ASP K 90 5.29 -1.80 -28.25
CA ASP K 90 4.66 -2.11 -26.98
C ASP K 90 5.49 -3.07 -26.15
N TYR K 91 6.17 -4.03 -26.79
CA TYR K 91 6.80 -5.13 -26.05
C TYR K 91 8.31 -5.22 -26.24
N ASN K 92 8.92 -4.35 -27.04
CA ASN K 92 10.32 -4.55 -27.40
C ASN K 92 11.16 -3.29 -27.32
N TYR K 93 10.76 -2.23 -28.03
CA TYR K 93 11.56 -1.01 -28.06
C TYR K 93 10.60 0.16 -28.20
N LYS K 94 10.35 0.86 -27.10
CA LYS K 94 9.47 2.02 -27.07
C LYS K 94 10.27 3.31 -27.17
N LEU K 95 9.88 4.19 -28.09
CA LEU K 95 10.43 5.53 -28.14
C LEU K 95 9.53 6.50 -27.38
N PRO K 96 10.10 7.50 -26.71
CA PRO K 96 9.25 8.46 -25.99
C PRO K 96 8.55 9.39 -26.96
N ASP K 97 7.52 10.07 -26.45
CA ASP K 97 6.73 10.95 -27.29
C ASP K 97 7.53 12.20 -27.66
N ASP K 98 8.36 12.70 -26.74
CA ASP K 98 9.16 13.90 -26.96
C ASP K 98 10.50 13.60 -27.63
N PHE K 99 10.57 12.55 -28.45
CA PHE K 99 11.83 12.01 -28.92
C PHE K 99 12.56 13.01 -29.82
N THR K 100 13.78 13.39 -29.44
CA THR K 100 14.69 14.16 -30.28
C THR K 100 15.82 13.23 -30.71
N GLY K 101 15.86 12.91 -31.99
CA GLY K 101 16.91 12.04 -32.49
C GLY K 101 16.53 11.49 -33.85
N CYS K 102 17.29 10.51 -34.31
CA CYS K 102 17.13 10.00 -35.67
C CYS K 102 16.97 8.49 -35.67
N VAL K 103 16.01 8.01 -36.46
CA VAL K 103 15.81 6.59 -36.72
C VAL K 103 16.34 6.27 -38.12
N ILE K 104 17.21 5.27 -38.21
CA ILE K 104 17.89 4.90 -39.43
C ILE K 104 17.67 3.40 -39.66
N ALA K 105 17.20 3.03 -40.85
CA ALA K 105 16.95 1.63 -41.14
C ALA K 105 17.36 1.30 -42.56
N TRP K 106 17.81 0.06 -42.76
CA TRP K 106 18.12 -0.42 -44.10
C TRP K 106 17.82 -1.91 -44.20
N ASN K 107 17.54 -2.36 -45.43
CA ASN K 107 17.22 -3.75 -45.67
C ASN K 107 18.47 -4.63 -45.57
N SER K 108 18.39 -5.66 -44.73
CA SER K 108 19.51 -6.56 -44.49
C SER K 108 19.19 -7.99 -44.93
N ASN K 109 18.41 -8.13 -45.99
CA ASN K 109 18.02 -9.46 -46.47
C ASN K 109 19.26 -10.27 -46.86
N ASN K 110 20.21 -9.63 -47.52
CA ASN K 110 21.41 -10.31 -48.01
C ASN K 110 22.40 -10.66 -46.89
N LEU K 111 22.13 -10.24 -45.65
CA LEU K 111 23.01 -10.53 -44.52
C LEU K 111 22.35 -11.31 -43.41
N ASP K 112 21.05 -11.10 -43.16
CA ASP K 112 20.40 -11.71 -42.01
C ASP K 112 19.41 -12.80 -42.38
N SER K 113 18.95 -12.85 -43.62
CA SER K 113 18.29 -14.03 -44.13
C SER K 113 19.34 -15.05 -44.57
N LYS K 114 18.97 -16.32 -44.49
CA LYS K 114 19.79 -17.37 -45.07
C LYS K 114 18.89 -18.45 -45.65
N VAL K 115 19.40 -19.12 -46.70
CA VAL K 115 18.63 -20.15 -47.37
C VAL K 115 18.30 -21.25 -46.38
N GLY K 116 17.01 -21.44 -46.13
CA GLY K 116 16.52 -22.35 -45.11
C GLY K 116 15.95 -21.64 -43.89
N GLY K 117 16.44 -20.43 -43.60
CA GLY K 117 15.85 -19.61 -42.55
C GLY K 117 16.82 -19.27 -41.44
N ASN K 118 16.77 -18.02 -40.99
CA ASN K 118 17.58 -17.54 -39.88
C ASN K 118 16.70 -17.43 -38.64
N TYR K 119 17.10 -18.11 -37.59
CA TYR K 119 16.31 -18.14 -36.36
C TYR K 119 17.11 -17.68 -35.15
N ASN K 120 18.07 -16.78 -35.39
CA ASN K 120 18.80 -16.12 -34.31
C ASN K 120 18.03 -14.90 -33.81
N TYR K 121 17.45 -14.14 -34.74
CA TYR K 121 16.76 -12.90 -34.45
C TYR K 121 15.39 -13.20 -33.86
N LEU K 122 15.19 -12.83 -32.60
CA LEU K 122 13.93 -13.03 -31.90
C LEU K 122 13.25 -11.69 -31.65
N TYR K 123 12.04 -11.77 -31.09
CA TYR K 123 11.30 -10.62 -30.62
C TYR K 123 10.37 -11.10 -29.51
N ARG K 124 9.91 -10.16 -28.70
CA ARG K 124 9.00 -10.50 -27.61
C ARG K 124 7.57 -10.47 -28.13
N LEU K 125 6.85 -11.58 -27.92
CA LEU K 125 5.49 -11.72 -28.37
C LEU K 125 4.47 -11.41 -27.29
N PHE K 126 4.72 -11.85 -26.06
CA PHE K 126 3.80 -11.65 -24.96
C PHE K 126 4.47 -10.86 -23.84
N ARG K 127 3.76 -9.88 -23.31
CA ARG K 127 4.18 -9.19 -22.11
C ARG K 127 2.96 -8.79 -21.31
N LYS K 128 3.10 -8.78 -19.98
CA LYS K 128 1.98 -8.47 -19.12
C LYS K 128 1.56 -7.01 -19.19
N SER K 129 2.41 -6.15 -19.76
CA SER K 129 2.13 -4.73 -19.87
C SER K 129 3.15 -4.11 -20.82
N ASN K 130 2.94 -2.85 -21.14
CA ASN K 130 3.76 -2.15 -22.11
C ASN K 130 5.09 -1.74 -21.49
N LEU K 131 6.13 -1.74 -22.31
CA LEU K 131 7.42 -1.18 -21.89
C LEU K 131 7.33 0.32 -21.74
N LYS K 132 8.12 0.87 -20.82
CA LYS K 132 8.27 2.32 -20.75
C LYS K 132 9.33 2.76 -21.74
N PRO K 133 9.32 4.02 -22.17
CA PRO K 133 10.31 4.47 -23.15
C PRO K 133 11.74 4.15 -22.76
N PHE K 134 12.50 3.65 -23.74
CA PHE K 134 13.91 3.28 -23.58
C PHE K 134 14.12 2.22 -22.51
N GLU K 135 13.09 1.46 -22.17
CA GLU K 135 13.24 0.28 -21.32
C GLU K 135 13.51 -0.95 -22.17
N ARG K 136 14.23 -1.91 -21.60
CA ARG K 136 14.50 -3.15 -22.30
C ARG K 136 14.31 -4.33 -21.36
N ASP K 137 13.70 -5.39 -21.87
CA ASP K 137 13.32 -6.57 -21.09
C ASP K 137 13.82 -7.80 -21.82
N ILE K 138 14.62 -8.62 -21.13
CA ILE K 138 15.19 -9.81 -21.73
C ILE K 138 14.87 -11.04 -20.88
N SER K 139 13.87 -10.91 -20.01
CA SER K 139 13.45 -12.07 -19.21
C SER K 139 12.76 -13.09 -20.09
N THR K 140 13.05 -14.37 -19.82
CA THR K 140 12.35 -15.47 -20.47
C THR K 140 11.42 -16.18 -19.48
N GLU K 141 10.81 -15.39 -18.60
CA GLU K 141 9.87 -15.91 -17.60
CA GLU K 141 9.90 -15.97 -17.62
C GLU K 141 8.56 -16.31 -18.27
N ILE K 142 8.05 -17.49 -17.91
CA ILE K 142 6.93 -18.10 -18.63
C ILE K 142 5.69 -17.23 -18.56
N TYR K 143 5.23 -16.78 -19.72
CA TYR K 143 4.03 -15.96 -19.80
C TYR K 143 2.78 -16.80 -19.52
N GLN K 144 1.95 -16.33 -18.61
CA GLN K 144 0.66 -16.94 -18.31
C GLN K 144 -0.46 -16.12 -18.93
N ALA K 145 -1.17 -16.71 -19.90
CA ALA K 145 -2.43 -16.16 -20.38
C ALA K 145 -3.64 -16.82 -19.75
N GLY K 146 -3.50 -18.09 -19.32
CA GLY K 146 -4.57 -18.82 -18.70
C GLY K 146 -4.64 -18.58 -17.20
N SER K 147 -5.47 -19.38 -16.54
CA SER K 147 -5.73 -19.21 -15.11
C SER K 147 -4.79 -20.00 -14.22
N THR K 148 -4.28 -21.13 -14.66
CA THR K 148 -3.52 -22.04 -13.81
C THR K 148 -2.02 -21.79 -13.93
N PRO K 149 -1.32 -21.66 -12.79
CA PRO K 149 0.12 -21.37 -12.83
C PRO K 149 0.92 -22.39 -13.63
N CYS K 150 1.97 -21.89 -14.27
CA CYS K 150 2.97 -22.72 -14.91
C CYS K 150 4.26 -22.66 -14.11
N ASN K 151 4.98 -23.77 -14.11
CA ASN K 151 6.29 -23.86 -13.47
C ASN K 151 7.36 -24.26 -14.47
N GLY K 152 7.06 -24.11 -15.76
CA GLY K 152 7.95 -24.44 -16.85
C GLY K 152 7.17 -24.31 -18.14
N VAL K 153 7.87 -24.19 -19.28
CA VAL K 153 7.25 -23.92 -20.61
C VAL K 153 6.02 -24.78 -20.92
N GLU K 154 5.97 -26.00 -20.37
CA GLU K 154 4.88 -26.93 -20.66
C GLU K 154 3.51 -26.30 -20.45
N GLY K 155 2.63 -26.46 -21.44
CA GLY K 155 1.23 -26.10 -21.25
C GLY K 155 0.52 -25.24 -22.29
N PHE K 156 -0.78 -25.54 -22.48
CA PHE K 156 -1.68 -24.64 -23.19
C PHE K 156 -1.94 -23.42 -22.31
N ASN K 157 -1.84 -22.23 -22.91
CA ASN K 157 -1.88 -20.95 -22.19
C ASN K 157 -0.77 -20.86 -21.15
N CYS K 158 0.42 -21.37 -21.53
CA CYS K 158 1.67 -21.26 -20.78
C CYS K 158 2.73 -21.10 -21.88
N TYR K 159 2.88 -19.88 -22.39
CA TYR K 159 3.71 -19.68 -23.56
C TYR K 159 5.06 -19.06 -23.21
N PHE K 160 6.09 -19.53 -23.89
CA PHE K 160 7.38 -18.88 -23.84
C PHE K 160 7.24 -17.50 -24.48
N PRO K 161 7.77 -16.44 -23.85
CA PRO K 161 7.40 -15.10 -24.31
C PRO K 161 8.03 -14.70 -25.63
N LEU K 162 9.19 -15.24 -25.97
CA LEU K 162 9.89 -14.88 -27.19
C LEU K 162 9.46 -15.74 -28.37
N GLN K 163 9.44 -15.12 -29.55
CA GLN K 163 9.23 -15.81 -30.82
C GLN K 163 10.37 -15.43 -31.75
N SER K 164 10.67 -16.31 -32.70
CA SER K 164 11.72 -16.02 -33.66
C SER K 164 11.14 -15.49 -34.96
N TYR K 165 11.78 -14.47 -35.51
CA TYR K 165 11.58 -14.16 -36.92
C TYR K 165 12.15 -15.30 -37.75
N GLY K 166 11.42 -15.68 -38.80
CA GLY K 166 11.96 -16.64 -39.75
C GLY K 166 12.40 -15.96 -41.03
N PHE K 167 13.68 -15.60 -41.11
CA PHE K 167 14.18 -14.73 -42.19
C PHE K 167 14.76 -15.60 -43.30
N GLN K 168 13.98 -15.77 -44.37
CA GLN K 168 14.37 -16.49 -45.57
C GLN K 168 14.50 -15.52 -46.74
N PRO K 169 15.48 -15.73 -47.62
CA PRO K 169 15.73 -14.74 -48.68
C PRO K 169 14.56 -14.50 -49.61
N THR K 170 13.58 -15.41 -49.61
CA THR K 170 12.45 -15.34 -50.52
C THR K 170 11.18 -14.85 -49.85
N ASN K 171 11.29 -14.33 -48.64
CA ASN K 171 10.18 -13.68 -47.98
C ASN K 171 9.79 -12.40 -48.71
N GLY K 172 8.54 -11.99 -48.52
CA GLY K 172 8.09 -10.72 -49.04
C GLY K 172 8.83 -9.57 -48.40
N VAL K 173 8.90 -8.44 -49.12
CA VAL K 173 9.66 -7.29 -48.66
C VAL K 173 9.26 -6.91 -47.25
N GLY K 174 7.95 -6.90 -46.96
CA GLY K 174 7.46 -6.58 -45.64
C GLY K 174 7.92 -7.53 -44.56
N TYR K 175 8.29 -8.75 -44.94
CA TYR K 175 8.71 -9.77 -43.99
C TYR K 175 10.21 -10.01 -44.01
N GLN K 176 11.00 -9.14 -44.72
CA GLN K 176 12.45 -9.21 -44.79
C GLN K 176 13.10 -8.47 -43.62
N PRO K 177 14.30 -8.88 -43.21
CA PRO K 177 14.93 -8.23 -42.05
C PRO K 177 15.51 -6.86 -42.41
N TYR K 178 15.20 -5.88 -41.56
CA TYR K 178 15.79 -4.56 -41.62
C TYR K 178 16.60 -4.32 -40.36
N ARG K 179 17.82 -3.82 -40.55
CA ARG K 179 18.66 -3.38 -39.44
C ARG K 179 18.33 -1.93 -39.12
N VAL K 180 18.18 -1.63 -37.82
CA VAL K 180 17.78 -0.33 -37.34
C VAL K 180 18.82 0.18 -36.33
N VAL K 181 19.09 1.48 -36.41
CA VAL K 181 19.95 2.23 -35.49
C VAL K 181 19.22 3.50 -35.11
N VAL K 182 19.07 3.73 -33.81
CA VAL K 182 18.33 4.85 -33.26
C VAL K 182 19.33 5.70 -32.50
N LEU K 183 19.59 6.90 -33.00
CA LEU K 183 20.46 7.87 -32.36
C LEU K 183 19.63 8.79 -31.48
N SER K 184 19.87 8.75 -30.18
CA SER K 184 19.28 9.70 -29.24
C SER K 184 20.33 10.73 -28.88
N PHE K 185 19.93 12.00 -28.90
CA PHE K 185 20.83 13.11 -28.61
C PHE K 185 20.49 13.66 -27.23
N GLU K 186 21.51 13.86 -26.39
CA GLU K 186 21.32 14.24 -25.00
C GLU K 186 22.09 15.53 -24.75
N LEU K 187 21.38 16.55 -24.27
CA LEU K 187 21.90 17.88 -24.05
C LEU K 187 21.69 18.25 -22.58
N LEU K 188 22.77 18.24 -21.80
CA LEU K 188 22.73 18.61 -20.40
C LEU K 188 23.40 19.96 -20.21
N HIS K 189 23.13 20.61 -19.08
CA HIS K 189 23.96 21.75 -18.70
C HIS K 189 25.33 21.25 -18.24
N ALA K 190 26.10 20.73 -19.18
CA ALA K 190 27.41 20.17 -18.90
C ALA K 190 28.18 20.18 -20.21
N PRO K 191 29.50 19.98 -20.17
CA PRO K 191 30.27 19.99 -21.42
C PRO K 191 29.73 18.98 -22.43
N ALA K 192 29.40 19.47 -23.63
CA ALA K 192 28.99 18.60 -24.72
C ALA K 192 30.23 18.01 -25.37
N THR K 193 30.32 16.68 -25.37
CA THR K 193 31.53 15.99 -25.81
C THR K 193 31.44 15.46 -27.23
N VAL K 194 30.25 15.39 -27.82
CA VAL K 194 30.05 14.86 -29.16
C VAL K 194 29.67 16.02 -30.07
N CYS K 195 30.54 16.34 -31.03
CA CYS K 195 30.43 17.57 -31.81
C CYS K 195 30.56 17.28 -33.30
N GLY K 196 29.86 18.07 -34.11
CA GLY K 196 30.05 18.07 -35.54
C GLY K 196 31.26 18.92 -35.92
N PRO K 197 31.85 18.65 -37.08
CA PRO K 197 33.05 19.40 -37.50
C PRO K 197 32.79 20.87 -37.75
N GLY K 198 31.56 21.27 -38.05
CA GLY K 198 31.23 22.63 -38.39
C GLY K 198 30.60 23.45 -37.27
N SER K 199 31.02 23.21 -36.03
CA SER K 199 30.27 23.72 -34.87
C SER K 199 30.46 25.22 -34.68
N THR L 3 -13.54 79.08 -18.83
CA THR L 3 -13.62 80.41 -19.39
C THR L 3 -13.37 81.51 -18.35
N ASN L 4 -13.12 81.13 -17.09
CA ASN L 4 -12.92 82.13 -16.06
C ASN L 4 -11.76 81.77 -15.14
N LEU L 5 -11.41 82.75 -14.31
CA LEU L 5 -10.38 82.64 -13.30
C LEU L 5 -10.96 82.01 -12.03
N CYS L 6 -10.24 81.03 -11.49
CA CYS L 6 -10.69 80.37 -10.27
C CYS L 6 -10.85 81.40 -9.14
N PRO L 7 -11.95 81.28 -8.31
CA PRO L 7 -12.34 82.30 -7.33
C PRO L 7 -11.52 82.30 -6.05
N PHE L 8 -10.19 82.22 -6.20
CA PHE L 8 -9.29 82.28 -5.05
C PHE L 8 -9.51 83.55 -4.23
N GLY L 9 -9.86 84.65 -4.92
CA GLY L 9 -10.24 85.87 -4.22
C GLY L 9 -11.22 85.65 -3.09
N GLU L 10 -12.23 84.82 -3.33
CA GLU L 10 -13.28 84.63 -2.33
C GLU L 10 -12.76 83.87 -1.13
N VAL L 11 -11.73 83.05 -1.31
CA VAL L 11 -11.18 82.24 -0.22
C VAL L 11 -10.14 83.01 0.57
N PHE L 12 -9.14 83.58 -0.10
CA PHE L 12 -8.02 84.19 0.61
C PHE L 12 -8.39 85.56 1.19
N ASN L 13 -9.00 86.41 0.37
CA ASN L 13 -9.32 87.78 0.82
C ASN L 13 -10.70 87.81 1.48
N ALA L 14 -11.20 86.64 1.91
CA ALA L 14 -12.49 86.55 2.60
C ALA L 14 -12.49 87.40 3.85
N THR L 15 -13.59 88.13 4.06
CA THR L 15 -13.64 89.11 5.14
C THR L 15 -13.54 88.43 6.51
N ARG L 16 -14.30 87.36 6.72
CA ARG L 16 -14.20 86.60 7.94
C ARG L 16 -13.75 85.17 7.64
N PHE L 17 -13.11 84.55 8.63
CA PHE L 17 -12.61 83.19 8.54
C PHE L 17 -13.29 82.32 9.58
N ALA L 18 -13.11 81.01 9.44
CA ALA L 18 -13.78 80.04 10.29
C ALA L 18 -12.86 79.58 11.43
N SER L 19 -13.48 79.15 12.51
CA SER L 19 -12.75 78.47 13.57
C SER L 19 -12.17 77.16 13.03
N VAL L 20 -10.93 76.86 13.43
CA VAL L 20 -10.26 75.66 12.93
C VAL L 20 -11.10 74.41 13.15
N TYR L 21 -11.76 74.30 14.32
CA TYR L 21 -12.56 73.11 14.59
C TYR L 21 -13.68 72.95 13.57
N ALA L 22 -14.19 74.05 13.03
CA ALA L 22 -15.21 74.02 12.00
C ALA L 22 -14.65 74.54 10.68
N TRP L 23 -13.48 74.01 10.28
CA TRP L 23 -12.78 74.51 9.10
C TRP L 23 -13.65 74.48 7.86
N ASN L 24 -13.60 75.56 7.07
CA ASN L 24 -14.47 75.71 5.91
C ASN L 24 -13.80 75.21 4.64
N ARG L 25 -14.51 74.42 3.85
CA ARG L 25 -13.99 73.90 2.58
C ARG L 25 -14.75 74.51 1.41
N LYS L 26 -14.02 74.96 0.38
CA LYS L 26 -14.58 75.33 -0.90
C LYS L 26 -14.02 74.44 -1.99
N ARG L 27 -14.89 73.72 -2.69
CA ARG L 27 -14.44 73.04 -3.90
C ARG L 27 -14.34 74.04 -5.04
N ILE L 28 -13.22 73.99 -5.74
CA ILE L 28 -12.93 74.83 -6.89
C ILE L 28 -12.84 73.90 -8.10
N SER L 29 -13.64 74.21 -9.12
CA SER L 29 -13.77 73.38 -10.31
C SER L 29 -14.21 74.25 -11.48
N ASN L 30 -13.79 73.85 -12.68
CA ASN L 30 -14.18 74.49 -13.93
C ASN L 30 -13.71 75.94 -13.97
N CYS L 31 -12.40 76.11 -14.06
CA CYS L 31 -11.78 77.44 -14.14
C CYS L 31 -10.28 77.27 -14.39
N VAL L 32 -9.66 78.38 -14.77
CA VAL L 32 -8.21 78.46 -14.96
C VAL L 32 -7.61 79.02 -13.68
N ALA L 33 -6.82 78.21 -12.98
CA ALA L 33 -6.22 78.61 -11.71
C ALA L 33 -4.86 79.23 -11.98
N ASP L 34 -4.75 80.54 -11.81
CA ASP L 34 -3.49 81.25 -11.95
C ASP L 34 -2.77 81.21 -10.61
N TYR L 35 -2.05 80.11 -10.38
CA TYR L 35 -1.37 79.93 -9.11
C TYR L 35 -0.27 80.97 -8.91
N SER L 36 0.22 81.56 -10.00
CA SER L 36 1.26 82.58 -9.90
C SER L 36 0.79 83.77 -9.07
N VAL L 37 -0.50 84.11 -9.15
CA VAL L 37 -1.03 85.21 -8.36
C VAL L 37 -0.83 84.95 -6.88
N LEU L 38 -0.82 83.67 -6.48
CA LEU L 38 -0.60 83.36 -5.06
C LEU L 38 0.89 83.44 -4.69
N TYR L 39 1.71 82.56 -5.28
CA TYR L 39 3.11 82.51 -4.86
C TYR L 39 3.89 83.77 -5.22
N ASN L 40 3.23 84.66 -5.96
CA ASN L 40 3.86 85.94 -6.35
C ASN L 40 3.40 87.05 -5.41
N SER L 41 2.68 86.67 -4.36
CA SER L 41 2.31 87.66 -3.30
C SER L 41 3.22 87.31 -2.11
N ALA L 42 3.95 88.29 -1.60
CA ALA L 42 4.95 88.07 -0.52
C ALA L 42 4.33 88.18 0.86
N SER L 43 3.02 88.39 0.92
CA SER L 43 2.29 88.53 2.20
C SER L 43 2.41 87.24 3.00
N PHE L 44 2.34 86.08 2.34
CA PHE L 44 2.35 84.78 3.04
C PHE L 44 3.65 84.53 3.76
N SER L 45 3.56 84.16 5.04
CA SER L 45 4.74 83.84 5.87
C SER L 45 5.10 82.38 5.64
N THR L 46 4.11 81.56 5.33
CA THR L 46 4.33 80.12 5.09
C THR L 46 3.70 79.75 3.75
N PHE L 47 4.40 78.96 2.95
CA PHE L 47 3.87 78.51 1.63
C PHE L 47 4.60 77.23 1.28
N LYS L 48 4.32 76.16 2.02
CA LYS L 48 5.00 74.88 1.83
C LYS L 48 4.15 73.94 0.99
N CYS L 49 4.70 73.44 -0.11
CA CYS L 49 4.00 72.51 -0.99
C CYS L 49 4.63 71.12 -0.91
N TYR L 50 3.79 70.09 -0.90
CA TYR L 50 4.17 68.70 -0.76
C TYR L 50 3.70 67.93 -1.99
N GLY L 51 4.65 67.26 -2.66
CA GLY L 51 4.30 66.38 -3.76
C GLY L 51 4.14 67.04 -5.09
N VAL L 52 4.21 68.37 -5.15
CA VAL L 52 4.08 69.13 -6.38
C VAL L 52 5.27 70.07 -6.48
N SER L 53 5.52 70.54 -7.70
CA SER L 53 6.54 71.55 -7.89
C SER L 53 6.02 72.89 -7.36
N PRO L 54 6.91 73.83 -7.05
CA PRO L 54 6.44 75.13 -6.58
C PRO L 54 5.69 75.90 -7.66
N THR L 55 6.35 76.12 -8.80
CA THR L 55 5.82 76.94 -9.86
C THR L 55 5.29 76.17 -11.06
N LYS L 56 5.71 74.92 -11.26
CA LYS L 56 5.21 74.11 -12.38
C LYS L 56 3.76 73.71 -12.18
N LEU L 57 3.21 73.98 -10.99
CA LEU L 57 1.79 73.82 -10.74
C LEU L 57 0.96 74.58 -11.76
N ASN L 58 1.50 75.70 -12.26
CA ASN L 58 0.85 76.56 -13.25
C ASN L 58 0.70 75.88 -14.61
N ASP L 59 1.23 74.66 -14.75
CA ASP L 59 1.20 73.92 -16.01
C ASP L 59 0.30 72.70 -15.96
N LEU L 60 -0.13 72.28 -14.78
CA LEU L 60 -0.84 71.01 -14.61
C LEU L 60 -2.36 71.23 -14.53
N CYS L 61 -3.11 70.16 -14.75
CA CYS L 61 -4.55 70.17 -14.62
C CYS L 61 -5.00 69.16 -13.56
N PHE L 62 -6.13 69.44 -12.92
CA PHE L 62 -6.62 68.58 -11.85
C PHE L 62 -8.14 68.42 -11.95
N THR L 63 -8.62 67.24 -11.55
CA THR L 63 -10.06 67.00 -11.51
C THR L 63 -10.76 68.01 -10.60
N ASN L 64 -10.28 68.17 -9.37
CA ASN L 64 -10.81 69.20 -8.49
C ASN L 64 -9.69 69.81 -7.66
N VAL L 65 -9.93 71.02 -7.17
CA VAL L 65 -9.05 71.65 -6.18
C VAL L 65 -9.91 72.00 -4.98
N TYR L 66 -9.50 71.58 -3.79
CA TYR L 66 -10.23 71.91 -2.57
C TYR L 66 -9.43 72.91 -1.75
N ALA L 67 -10.09 73.97 -1.29
CA ALA L 67 -9.46 74.99 -0.45
C ALA L 67 -10.10 74.93 0.93
N ASP L 68 -9.42 74.29 1.88
CA ASP L 68 -9.80 74.37 3.27
C ASP L 68 -9.18 75.61 3.92
N SER L 69 -9.96 76.33 4.72
CA SER L 69 -9.45 77.54 5.34
C SER L 69 -9.95 77.64 6.77
N PHE L 70 -9.11 78.28 7.61
CA PHE L 70 -9.40 78.42 9.03
C PHE L 70 -8.37 79.36 9.67
N VAL L 71 -8.47 79.54 10.98
CA VAL L 71 -7.57 80.38 11.77
C VAL L 71 -7.04 79.58 12.96
N ILE L 72 -5.72 79.63 13.16
CA ILE L 72 -5.08 79.03 14.32
C ILE L 72 -4.09 80.05 14.90
N ARG L 73 -3.37 79.65 15.94
CA ARG L 73 -2.31 80.52 16.42
C ARG L 73 -0.98 80.11 15.81
N GLY L 74 -0.03 81.06 15.82
CA GLY L 74 1.18 80.92 15.03
C GLY L 74 1.95 79.64 15.30
N ASP L 75 2.17 79.33 16.58
CA ASP L 75 2.96 78.15 16.91
C ASP L 75 2.26 76.84 16.56
N GLU L 76 0.98 76.90 16.24
CA GLU L 76 0.23 75.74 15.78
C GLU L 76 0.34 75.53 14.27
N VAL L 77 0.89 76.50 13.55
CA VAL L 77 1.04 76.36 12.10
C VAL L 77 1.86 75.12 11.76
N ARG L 78 2.87 74.83 12.60
CA ARG L 78 3.75 73.65 12.34
C ARG L 78 2.91 72.38 12.25
N GLN L 79 1.70 72.40 12.80
CA GLN L 79 0.85 71.22 12.83
C GLN L 79 0.07 71.00 11.54
N ILE L 80 0.00 72.00 10.67
CA ILE L 80 -0.71 71.85 9.40
C ILE L 80 0.27 71.24 8.40
N ALA L 81 0.64 70.00 8.63
CA ALA L 81 1.61 69.29 7.79
C ALA L 81 1.38 67.80 7.97
N PRO L 82 1.89 66.97 7.05
CA PRO L 82 1.64 65.52 7.16
C PRO L 82 2.28 64.91 8.41
N GLY L 83 1.54 63.99 9.02
CA GLY L 83 2.06 63.22 10.14
C GLY L 83 2.60 64.03 11.30
N GLN L 84 1.90 65.11 11.65
CA GLN L 84 2.13 65.78 12.92
C GLN L 84 1.14 65.28 13.98
N THR L 85 1.50 65.53 15.24
CA THR L 85 0.54 65.45 16.33
C THR L 85 0.45 66.80 17.03
N GLY L 86 -0.52 66.89 17.94
CA GLY L 86 -0.78 68.13 18.64
C GLY L 86 -2.26 68.37 18.76
N LYS L 87 -2.66 69.37 19.54
CA LYS L 87 -4.07 69.68 19.73
C LYS L 87 -4.79 69.78 18.38
N ILE L 88 -4.19 70.49 17.43
CA ILE L 88 -4.88 70.84 16.19
C ILE L 88 -4.96 69.63 15.27
N ALA L 89 -3.80 69.06 14.91
CA ALA L 89 -3.79 67.95 13.96
C ALA L 89 -4.50 66.71 14.50
N ASP L 90 -4.59 66.56 15.82
CA ASP L 90 -5.25 65.40 16.40
C ASP L 90 -6.75 65.63 16.57
N TYR L 91 -7.17 66.85 16.90
CA TYR L 91 -8.55 67.09 17.30
C TYR L 91 -9.30 68.07 16.39
N ASN L 92 -8.65 68.62 15.36
CA ASN L 92 -9.27 69.72 14.62
C ASN L 92 -9.16 69.56 13.11
N TYR L 93 -7.93 69.44 12.59
CA TYR L 93 -7.73 69.36 11.15
C TYR L 93 -6.52 68.47 10.89
N LYS L 94 -6.80 67.25 10.43
CA LYS L 94 -5.72 66.26 10.19
C LYS L 94 -5.44 66.08 8.70
N LEU L 95 -4.20 66.30 8.29
CA LEU L 95 -3.74 66.07 6.93
C LEU L 95 -3.27 64.62 6.76
N PRO L 96 -3.50 64.02 5.60
CA PRO L 96 -3.04 62.64 5.39
C PRO L 96 -1.54 62.59 5.21
N ASP L 97 -0.99 61.37 5.35
CA ASP L 97 0.45 61.20 5.22
C ASP L 97 0.91 61.39 3.79
N ASP L 98 0.11 60.94 2.81
CA ASP L 98 0.46 61.04 1.40
C ASP L 98 0.03 62.37 0.78
N PHE L 99 -0.01 63.44 1.58
CA PHE L 99 -0.66 64.68 1.17
C PHE L 99 0.08 65.32 0.00
N THR L 100 -0.62 65.52 -1.11
CA THR L 100 -0.15 66.30 -2.24
C THR L 100 -0.95 67.59 -2.28
N GLY L 101 -0.30 68.70 -1.99
CA GLY L 101 -0.97 69.98 -1.99
C GLY L 101 -0.12 71.01 -1.26
N CYS L 102 -0.74 72.16 -1.01
CA CYS L 102 0.02 73.29 -0.49
C CYS L 102 -0.64 73.85 0.78
N VAL L 103 0.18 74.13 1.78
CA VAL L 103 -0.24 74.82 3.00
C VAL L 103 0.24 76.26 2.93
N ILE L 104 -0.69 77.20 3.12
CA ILE L 104 -0.46 78.62 2.98
C ILE L 104 -0.93 79.30 4.26
N ALA L 105 -0.07 80.11 4.87
CA ALA L 105 -0.46 80.78 6.10
C ALA L 105 0.10 82.20 6.14
N TRP L 106 -0.65 83.08 6.79
CA TRP L 106 -0.18 84.45 7.01
C TRP L 106 -0.70 84.99 8.33
N ASN L 107 0.05 85.92 8.90
CA ASN L 107 -0.32 86.52 10.18
C ASN L 107 -1.50 87.47 10.01
N SER L 108 -2.55 87.26 10.81
CA SER L 108 -3.76 88.06 10.74
C SER L 108 -4.01 88.83 12.03
N ASN L 109 -2.94 89.29 12.70
CA ASN L 109 -3.09 89.99 13.97
C ASN L 109 -3.91 91.26 13.81
N ASN L 110 -3.68 92.01 12.73
CA ASN L 110 -4.37 93.27 12.49
C ASN L 110 -5.83 93.09 12.08
N LEU L 111 -6.30 91.86 11.90
CA LEU L 111 -7.67 91.60 11.49
C LEU L 111 -8.46 90.76 12.48
N ASP L 112 -7.82 89.82 13.18
CA ASP L 112 -8.53 88.88 14.02
C ASP L 112 -8.30 89.11 15.51
N SER L 113 -7.24 89.81 15.89
CA SER L 113 -7.11 90.33 17.24
C SER L 113 -7.90 91.63 17.36
N LYS L 114 -8.36 91.92 18.57
CA LYS L 114 -8.90 93.24 18.87
C LYS L 114 -8.50 93.63 20.28
N VAL L 115 -8.40 94.94 20.50
CA VAL L 115 -8.03 95.46 21.82
C VAL L 115 -9.06 94.99 22.84
N GLY L 116 -8.60 94.21 23.81
CA GLY L 116 -9.45 93.58 24.81
C GLY L 116 -9.60 92.09 24.61
N GLY L 117 -9.48 91.61 23.37
CA GLY L 117 -9.45 90.18 23.10
C GLY L 117 -10.56 89.69 22.21
N ASN L 118 -10.21 88.83 21.26
CA ASN L 118 -11.17 88.18 20.38
C ASN L 118 -11.35 86.74 20.85
N TYR L 119 -12.59 86.38 21.18
CA TYR L 119 -12.91 85.04 21.67
C TYR L 119 -13.98 84.38 20.80
N ASN L 120 -14.01 84.75 19.52
CA ASN L 120 -14.87 84.10 18.54
C ASN L 120 -14.20 82.88 17.91
N TYR L 121 -12.91 82.97 17.65
CA TYR L 121 -12.17 81.85 17.05
C TYR L 121 -11.92 80.78 18.10
N LEU L 122 -12.50 79.60 17.90
CA LEU L 122 -12.39 78.49 18.82
C LEU L 122 -11.51 77.39 18.24
N TYR L 123 -11.27 76.37 19.08
CA TYR L 123 -10.61 75.13 18.69
C TYR L 123 -11.09 74.04 19.63
N ARG L 124 -10.92 72.78 19.21
CA ARG L 124 -11.32 71.65 20.03
C ARG L 124 -10.18 71.26 20.95
N LEU L 125 -10.48 71.15 22.24
CA LEU L 125 -9.48 70.84 23.26
C LEU L 125 -9.48 69.36 23.65
N PHE L 126 -10.65 68.76 23.80
CA PHE L 126 -10.79 67.38 24.23
C PHE L 126 -11.52 66.57 23.16
N ARG L 127 -10.99 65.39 22.87
CA ARG L 127 -11.69 64.44 22.01
C ARG L 127 -11.35 63.04 22.46
N LYS L 128 -12.32 62.13 22.31
CA LYS L 128 -12.16 60.74 22.73
C LYS L 128 -11.15 59.99 21.87
N SER L 129 -10.83 60.52 20.68
CA SER L 129 -9.90 59.86 19.78
C SER L 129 -9.54 60.86 18.67
N ASN L 130 -8.59 60.46 17.85
CA ASN L 130 -8.06 61.32 16.80
C ASN L 130 -9.00 61.39 15.61
N LEU L 131 -9.02 62.55 14.95
CA LEU L 131 -9.71 62.69 13.68
C LEU L 131 -9.01 61.91 12.59
N LYS L 132 -9.80 61.44 11.63
CA LYS L 132 -9.25 60.88 10.41
C LYS L 132 -8.92 62.00 9.43
N PRO L 133 -8.00 61.75 8.50
CA PRO L 133 -7.60 62.80 7.56
C PRO L 133 -8.80 63.42 6.86
N PHE L 134 -8.81 64.76 6.79
CA PHE L 134 -9.86 65.54 6.15
C PHE L 134 -11.24 65.31 6.76
N GLU L 135 -11.30 64.84 8.00
CA GLU L 135 -12.54 64.79 8.77
C GLU L 135 -12.73 66.08 9.56
N ARG L 136 -13.98 66.45 9.78
CA ARG L 136 -14.29 67.63 10.57
C ARG L 136 -15.42 67.32 11.54
N ASP L 137 -15.27 67.82 12.77
CA ASP L 137 -16.18 67.53 13.87
C ASP L 137 -16.56 68.84 14.54
N ILE L 138 -17.86 69.09 14.63
CA ILE L 138 -18.38 70.31 15.26
C ILE L 138 -19.38 69.96 16.35
N SER L 139 -19.35 68.72 16.80
CA SER L 139 -20.21 68.30 17.90
C SER L 139 -19.78 68.95 19.21
N THR L 140 -20.77 69.34 20.03
CA THR L 140 -20.47 69.81 21.37
C THR L 140 -20.92 68.78 22.39
N GLU L 141 -20.55 67.52 22.15
CA GLU L 141 -20.82 66.45 23.10
C GLU L 141 -19.97 66.66 24.35
N ILE L 142 -20.59 66.50 25.52
CA ILE L 142 -19.88 66.78 26.77
C ILE L 142 -18.79 65.73 26.97
N TYR L 143 -17.55 66.17 26.99
CA TYR L 143 -16.41 65.28 27.16
C TYR L 143 -16.36 64.72 28.58
N GLN L 144 -16.19 63.41 28.70
CA GLN L 144 -16.01 62.75 29.97
C GLN L 144 -14.52 62.51 30.16
N ALA L 145 -13.94 63.17 31.16
CA ALA L 145 -12.55 62.88 31.56
C ALA L 145 -12.46 61.94 32.74
N GLY L 146 -13.46 61.94 33.63
CA GLY L 146 -13.49 61.02 34.74
C GLY L 146 -14.19 59.72 34.36
N SER L 147 -14.43 58.90 35.37
CA SER L 147 -15.07 57.62 35.21
C SER L 147 -16.59 57.74 35.30
N THR L 148 -17.08 58.85 35.84
CA THR L 148 -18.49 58.98 36.15
C THR L 148 -19.24 59.56 34.97
N PRO L 149 -20.29 58.91 34.45
CA PRO L 149 -21.04 59.49 33.33
C PRO L 149 -21.68 60.80 33.73
N CYS L 150 -21.63 61.77 32.82
CA CYS L 150 -22.36 63.03 32.93
C CYS L 150 -23.35 63.24 31.80
N ASN L 151 -24.39 64.01 32.11
CA ASN L 151 -25.34 64.46 31.11
C ASN L 151 -25.39 65.98 31.06
N GLY L 152 -24.73 66.64 32.02
CA GLY L 152 -24.78 68.08 32.13
C GLY L 152 -23.36 68.60 32.14
N VAL L 153 -23.22 69.83 31.63
CA VAL L 153 -21.89 70.36 31.34
C VAL L 153 -21.22 70.89 32.60
N GLU L 154 -21.99 71.25 33.63
CA GLU L 154 -21.40 71.88 34.80
C GLU L 154 -20.49 70.97 35.61
N GLY L 155 -20.59 69.66 35.45
CA GLY L 155 -19.82 68.75 36.30
C GLY L 155 -18.32 68.87 36.06
N PHE L 156 -17.56 68.70 37.15
CA PHE L 156 -16.11 68.58 37.04
C PHE L 156 -15.76 67.22 36.45
N ASN L 157 -14.64 67.18 35.74
CA ASN L 157 -14.24 66.03 34.92
C ASN L 157 -15.33 65.72 33.90
N CYS L 158 -16.03 66.79 33.47
CA CYS L 158 -17.05 66.76 32.43
C CYS L 158 -16.90 68.10 31.72
N TYR L 159 -15.99 68.16 30.77
CA TYR L 159 -15.61 69.43 30.18
C TYR L 159 -16.30 69.65 28.84
N PHE L 160 -16.69 70.90 28.60
CA PHE L 160 -17.12 71.30 27.28
C PHE L 160 -15.94 71.19 26.33
N PRO L 161 -16.12 70.60 25.15
CA PRO L 161 -14.93 70.24 24.35
C PRO L 161 -14.22 71.41 23.71
N LEU L 162 -14.92 72.49 23.40
CA LEU L 162 -14.30 73.62 22.71
C LEU L 162 -13.72 74.64 23.68
N GLN L 163 -12.61 75.25 23.27
CA GLN L 163 -11.99 76.36 23.97
C GLN L 163 -11.78 77.49 22.98
N SER L 164 -11.72 78.73 23.48
CA SER L 164 -11.49 79.89 22.62
C SER L 164 -10.03 80.32 22.65
N TYR L 165 -9.49 80.65 21.48
CA TYR L 165 -8.29 81.47 21.43
C TYR L 165 -8.59 82.86 21.95
N GLY L 166 -7.66 83.42 22.71
CA GLY L 166 -7.77 84.81 23.12
C GLY L 166 -6.83 85.71 22.36
N PHE L 167 -7.30 86.30 21.26
CA PHE L 167 -6.43 87.00 20.31
C PHE L 167 -6.43 88.49 20.63
N GLN L 168 -5.36 88.94 21.26
CA GLN L 168 -5.07 90.31 21.66
C GLN L 168 -3.90 90.85 20.85
N PRO L 169 -3.95 92.11 20.42
CA PRO L 169 -2.91 92.62 19.51
C PRO L 169 -1.51 92.59 20.09
N THR L 170 -1.38 92.48 21.41
CA THR L 170 -0.10 92.53 22.08
C THR L 170 0.36 91.15 22.57
N ASN L 171 -0.31 90.09 22.12
CA ASN L 171 0.15 88.74 22.39
C ASN L 171 1.47 88.48 21.66
N GLY L 172 2.21 87.50 22.17
CA GLY L 172 3.43 87.08 21.51
C GLY L 172 3.15 86.53 20.12
N VAL L 173 4.18 86.61 19.27
CA VAL L 173 4.05 86.20 17.88
C VAL L 173 3.46 84.80 17.78
N GLY L 174 3.94 83.89 18.63
CA GLY L 174 3.41 82.54 18.66
C GLY L 174 1.96 82.44 19.05
N TYR L 175 1.43 83.45 19.74
CA TYR L 175 0.06 83.43 20.22
C TYR L 175 -0.86 84.33 19.40
N GLN L 176 -0.36 84.87 18.28
CA GLN L 176 -1.12 85.73 17.36
C GLN L 176 -1.87 84.88 16.33
N PRO L 177 -2.99 85.38 15.82
CA PRO L 177 -3.79 84.58 14.88
C PRO L 177 -3.17 84.55 13.50
N TYR L 178 -3.07 83.35 12.94
CA TYR L 178 -2.68 83.13 11.56
C TYR L 178 -3.83 82.50 10.79
N ARG L 179 -4.11 83.08 9.61
CA ARG L 179 -5.06 82.52 8.68
C ARG L 179 -4.36 81.49 7.78
N VAL L 180 -5.02 80.34 7.60
CA VAL L 180 -4.46 79.23 6.85
C VAL L 180 -5.43 78.82 5.75
N VAL L 181 -4.85 78.48 4.59
CA VAL L 181 -5.55 77.95 3.43
C VAL L 181 -4.74 76.74 2.94
N VAL L 182 -5.42 75.60 2.81
CA VAL L 182 -4.81 74.33 2.43
C VAL L 182 -5.44 73.93 1.11
N LEU L 183 -4.63 73.92 0.06
CA LEU L 183 -5.06 73.50 -1.27
C LEU L 183 -4.76 72.02 -1.44
N SER L 184 -5.81 71.22 -1.62
CA SER L 184 -5.71 69.81 -1.96
C SER L 184 -5.98 69.67 -3.45
N PHE L 185 -5.16 68.90 -4.14
CA PHE L 185 -5.31 68.69 -5.58
C PHE L 185 -5.80 67.27 -5.79
N GLU L 186 -6.85 67.11 -6.60
CA GLU L 186 -7.54 65.82 -6.75
C GLU L 186 -7.53 65.46 -8.24
N LEU L 187 -6.89 64.32 -8.53
CA LEU L 187 -6.72 63.79 -9.90
C LEU L 187 -7.49 62.48 -9.99
N LEU L 188 -8.46 62.40 -10.90
CA LEU L 188 -9.33 61.21 -11.05
C LEU L 188 -9.38 60.80 -12.52
N HIS L 189 -10.02 59.67 -12.80
CA HIS L 189 -10.24 59.20 -14.18
C HIS L 189 -11.51 59.87 -14.71
N ALA L 190 -11.44 61.18 -14.95
CA ALA L 190 -12.55 62.01 -15.44
C ALA L 190 -11.97 63.30 -16.01
N PRO L 191 -12.76 64.12 -16.69
CA PRO L 191 -12.22 65.33 -17.30
C PRO L 191 -11.60 66.25 -16.24
N ALA L 192 -10.39 66.71 -16.48
CA ALA L 192 -9.72 67.65 -15.56
C ALA L 192 -10.41 69.00 -15.73
N THR L 193 -10.89 69.61 -14.66
CA THR L 193 -11.61 70.88 -14.81
C THR L 193 -10.83 72.10 -14.31
N VAL L 194 -9.81 71.91 -13.47
CA VAL L 194 -9.05 73.03 -12.91
C VAL L 194 -7.65 72.98 -13.52
N CYS L 195 -7.30 74.01 -14.31
CA CYS L 195 -6.11 73.98 -15.14
C CYS L 195 -5.32 75.26 -14.97
N GLY L 196 -3.99 75.14 -15.10
CA GLY L 196 -3.13 76.30 -15.20
C GLY L 196 -3.11 76.83 -16.62
N PRO L 197 -2.78 78.11 -16.77
CA PRO L 197 -2.76 78.71 -18.12
C PRO L 197 -1.72 78.12 -19.05
N GLY L 198 -0.67 77.50 -18.53
CA GLY L 198 0.40 76.96 -19.36
C GLY L 198 0.29 75.47 -19.59
N SER L 199 -0.94 74.95 -19.69
CA SER L 199 -1.14 73.51 -19.63
C SER L 199 -0.72 72.80 -20.92
C1 NAG M . 31.03 0.90 -43.66
C2 NAG M . 31.05 2.34 -43.16
C3 NAG M . 31.57 3.34 -44.17
C4 NAG M . 32.82 2.80 -44.83
C5 NAG M . 32.47 1.50 -45.50
C6 NAG M . 33.64 0.96 -46.31
C7 NAG M . 29.47 3.71 -41.92
C8 NAG M . 29.26 3.34 -40.49
N2 NAG M . 29.70 2.70 -42.76
O3 NAG M . 31.86 4.59 -43.53
O4 NAG M . 33.38 3.73 -45.76
O5 NAG M . 32.16 0.57 -44.49
O6 NAG M . 34.86 1.24 -45.63
O7 NAG M . 29.43 4.87 -42.29
C1 BMA M . 32.41 4.20 -46.73
C2 BMA M . 32.71 5.67 -46.96
C3 BMA M . 31.98 6.22 -48.17
C4 BMA M . 32.33 5.34 -49.34
C5 BMA M . 31.78 3.97 -49.03
C6 BMA M . 31.90 3.01 -50.21
O2 BMA M . 34.11 5.82 -47.18
O3 BMA M . 32.38 7.57 -48.42
O4 BMA M . 31.82 5.87 -50.56
O5 BMA M . 32.52 3.45 -47.93
O6 BMA M . 31.03 3.44 -51.26
C1 BMA M . 32.86 6.12 -51.52
C2 BMA M . 34.19 6.60 -50.97
C3 BMA M . 34.95 7.21 -52.11
C4 BMA M . 35.14 6.14 -53.18
C5 BMA M . 33.80 5.52 -53.59
C6 BMA M . 34.02 4.37 -54.55
O2 BMA M . 34.99 5.53 -50.46
O3 BMA M . 36.23 7.67 -51.67
O4 BMA M . 35.77 6.71 -54.33
O5 BMA M . 33.09 5.06 -52.43
O6 BMA M . 32.78 3.67 -54.75
C1 NAG N . -6.05 89.82 -2.13
C2 NAG N . -5.97 89.23 -3.53
C3 NAG N . -4.78 89.83 -4.26
C4 NAG N . -4.97 91.32 -4.36
C5 NAG N . -5.32 91.96 -3.01
C6 NAG N . -6.70 92.61 -3.07
C7 NAG N . -6.70 86.99 -4.05
C8 NAG N . -6.57 85.54 -3.72
N2 NAG N . -5.83 87.79 -3.45
O3 NAG N . -4.68 89.26 -5.57
O4 NAG N . -3.77 91.91 -4.86
O5 NAG N . -5.26 91.00 -1.96
O6 NAG N . -6.86 93.27 -4.33
O7 NAG N . -7.53 87.41 -4.83
C1 NAG N . -4.13 92.58 -6.06
C2 NAG N . -3.63 94.01 -6.05
C3 NAG N . -3.53 94.54 -7.46
C4 NAG N . -2.53 93.71 -8.25
C5 NAG N . -2.55 92.22 -7.87
C6 NAG N . -1.36 91.84 -6.98
C7 NAG N . -4.21 95.15 -4.02
C8 NAG N . -5.12 96.13 -3.35
N2 NAG N . -4.53 94.83 -5.26
O3 NAG N . -3.11 95.91 -7.40
O4 NAG N . -2.82 93.82 -9.65
O5 NAG N . -3.80 91.87 -7.26
O6 NAG N . -0.51 92.98 -6.80
O7 NAG N . -3.25 94.66 -3.45
C1 BMA N . -2.12 94.95 -10.16
C2 BMA N . -0.67 94.92 -9.71
C3 BMA N . 0.03 96.20 -10.15
C4 BMA N . -0.18 96.43 -11.65
C5 BMA N . -1.66 96.29 -12.03
C6 BMA N . -1.83 96.38 -13.54
O2 BMA N . -0.02 93.79 -10.27
O3 BMA N . 1.43 96.10 -9.88
O4 BMA N . 0.26 97.74 -11.99
O5 BMA N . -2.15 95.03 -11.58
O6 BMA N . -1.62 97.73 -13.95
C1 NAG O . 0.19 -35.51 -51.52
C2 NAG O . -0.44 -34.21 -51.00
C3 NAG O . -1.95 -34.37 -50.90
C4 NAG O . -2.51 -34.73 -52.26
C5 NAG O . -1.83 -36.00 -52.80
C6 NAG O . -2.24 -36.31 -54.23
C7 NAG O . 0.26 -34.48 -48.64
C8 NAG O . 0.88 -33.79 -47.45
N2 NAG O . 0.14 -33.74 -49.74
O3 NAG O . -2.53 -33.15 -50.43
O4 NAG O . -3.92 -34.95 -52.19
O5 NAG O . -0.40 -35.85 -52.80
O6 NAG O . -3.65 -36.24 -54.40
O7 NAG O . -0.10 -35.65 -48.58
C1 NAG P . -56.06 1.76 39.10
C2 NAG P . -56.41 3.30 39.14
C3 NAG P . -56.99 3.82 37.81
C4 NAG P . -56.17 3.35 36.62
C5 NAG P . -56.16 1.84 36.63
C6 NAG P . -55.43 1.24 35.46
C7 NAG P . -58.57 3.36 40.48
C8 NAG P . -59.27 2.48 39.47
N2 NAG P . -57.27 3.67 40.27
O3 NAG P . -57.07 5.24 37.83
O4 NAG P . -56.73 3.82 35.41
O5 NAG P . -55.45 1.42 37.81
O6 NAG P . -56.05 0.04 35.01
O7 NAG P . -59.17 3.77 41.48
#